data_1NWD
#
_entry.id   1NWD
#
loop_
_entity.id
_entity.type
_entity.pdbx_description
1 polymer Calmodulin
2 polymer 'Glutamate decarboxylase'
3 non-polymer 'CALCIUM ION'
#
loop_
_entity_poly.entity_id
_entity_poly.type
_entity_poly.pdbx_seq_one_letter_code
_entity_poly.pdbx_strand_id
1 'polypeptide(L)'
;ADQLTEEQIAEFKEAFSLFDKDGDGTITTKELGTVMRSLGQNPTEAELQDMINEVDADGNGTIDFPEFLTMMARKMKDTD
SEEEIREAFRVFDKDGNGYISAAELRHVMTNLGEKLTDEEVDEMIREADIDGDGQVNYEEFVQMMTAK
;
A
2 'polypeptide(L)' GSHKKTDSEVQLEMITAWKKFVEEKKKK B,C
#
loop_
_chem_comp.id
_chem_comp.type
_chem_comp.name
_chem_comp.formula
CA non-polymer 'CALCIUM ION' 'Ca 2'
#
# COMPACT_ATOMS: atom_id res chain seq x y z
N ALA A 1 25.94 1.67 -3.25
CA ALA A 1 25.44 1.59 -1.86
C ALA A 1 26.32 0.65 -1.03
N ASP A 2 27.24 1.20 -0.22
CA ASP A 2 28.17 0.46 0.62
C ASP A 2 28.31 1.10 2.02
N GLN A 3 27.27 1.78 2.51
CA GLN A 3 27.21 2.43 3.82
C GLN A 3 25.77 2.79 4.16
N LEU A 4 25.33 2.46 5.38
CA LEU A 4 24.02 2.80 5.93
C LEU A 4 24.13 4.03 6.85
N THR A 5 23.02 4.77 7.01
CA THR A 5 22.91 5.96 7.85
C THR A 5 21.52 5.98 8.51
N GLU A 6 21.44 6.56 9.73
CA GLU A 6 20.25 6.58 10.58
C GLU A 6 19.08 7.43 10.05
N GLU A 7 19.24 8.12 8.90
CA GLU A 7 18.19 8.87 8.23
C GLU A 7 16.93 8.02 7.96
N GLN A 8 17.12 6.77 7.49
CA GLN A 8 16.05 5.80 7.27
C GLN A 8 15.25 5.55 8.57
N ILE A 9 15.95 5.28 9.68
CA ILE A 9 15.40 4.96 10.99
C ILE A 9 14.49 6.11 11.47
N ALA A 10 15.02 7.32 11.52
CA ALA A 10 14.31 8.54 11.90
C ALA A 10 13.06 8.78 11.05
N GLU A 11 13.15 8.54 9.73
CA GLU A 11 12.04 8.70 8.79
C GLU A 11 10.88 7.75 9.14
N PHE A 12 11.18 6.44 9.22
CA PHE A 12 10.23 5.39 9.62
C PHE A 12 9.62 5.65 11.00
N LYS A 13 10.43 6.10 11.97
CA LYS A 13 10.01 6.41 13.34
C LYS A 13 8.87 7.43 13.33
N GLU A 14 9.06 8.55 12.60
CA GLU A 14 8.08 9.63 12.48
C GLU A 14 6.82 9.17 11.73
N ALA A 15 6.99 8.50 10.59
CA ALA A 15 5.89 7.97 9.78
C ALA A 15 4.93 7.09 10.58
N PHE A 16 5.46 6.24 11.47
CA PHE A 16 4.67 5.46 12.44
C PHE A 16 3.95 6.39 13.43
N SER A 17 4.71 7.27 14.10
CA SER A 17 4.24 8.17 15.16
C SER A 17 3.04 9.03 14.72
N LEU A 18 3.00 9.44 13.44
CA LEU A 18 1.91 10.20 12.81
C LEU A 18 0.55 9.54 13.08
N PHE A 19 0.42 8.25 12.72
CA PHE A 19 -0.79 7.44 12.94
C PHE A 19 -0.99 7.12 14.43
N ASP A 20 0.06 6.71 15.16
CA ASP A 20 0.01 6.42 16.59
C ASP A 20 0.08 7.73 17.39
N LYS A 21 -1.02 8.50 17.39
CA LYS A 21 -1.19 9.70 18.21
C LYS A 21 -1.33 9.33 19.70
N ASP A 22 -1.94 8.17 19.99
CA ASP A 22 -2.18 7.65 21.35
C ASP A 22 -0.89 7.60 22.19
N GLY A 23 0.23 7.14 21.60
CA GLY A 23 1.54 7.07 22.26
C GLY A 23 1.95 5.63 22.59
N ASP A 24 0.99 4.78 22.98
CA ASP A 24 1.22 3.39 23.38
C ASP A 24 2.03 2.55 22.37
N GLY A 25 1.85 2.80 21.06
CA GLY A 25 2.59 2.16 19.99
C GLY A 25 1.86 0.94 19.42
N THR A 26 0.59 1.09 19.03
CA THR A 26 -0.20 0.09 18.29
C THR A 26 -1.15 0.81 17.30
N ILE A 27 -1.28 0.26 16.08
CA ILE A 27 -2.24 0.68 15.07
C ILE A 27 -3.33 -0.39 14.96
N THR A 28 -4.30 -0.33 15.88
CA THR A 28 -5.46 -1.22 15.97
C THR A 28 -6.62 -0.73 15.07
N THR A 29 -7.68 -1.54 14.91
CA THR A 29 -8.86 -1.19 14.13
C THR A 29 -9.59 0.06 14.66
N LYS A 30 -9.61 0.27 16.00
CA LYS A 30 -10.10 1.49 16.63
C LYS A 30 -9.29 2.71 16.16
N GLU A 31 -7.95 2.60 16.11
CA GLU A 31 -7.03 3.64 15.68
C GLU A 31 -7.38 4.10 14.25
N LEU A 32 -7.53 3.12 13.34
CA LEU A 32 -7.95 3.30 11.95
C LEU A 32 -9.31 4.02 11.88
N GLY A 33 -10.28 3.56 12.67
CA GLY A 33 -11.65 4.09 12.73
C GLY A 33 -11.68 5.57 13.12
N THR A 34 -11.03 5.93 14.23
CA THR A 34 -10.98 7.29 14.79
C THR A 34 -10.45 8.31 13.76
N VAL A 35 -9.38 7.97 13.03
CA VAL A 35 -8.78 8.81 12.00
C VAL A 35 -9.81 9.16 10.91
N MET A 36 -10.44 8.15 10.29
CA MET A 36 -11.51 8.33 9.30
C MET A 36 -12.70 9.13 9.85
N ARG A 37 -13.09 8.87 11.12
CA ARG A 37 -14.20 9.53 11.83
C ARG A 37 -13.96 11.05 11.95
N SER A 38 -12.79 11.45 12.47
CA SER A 38 -12.38 12.84 12.65
C SER A 38 -12.54 13.64 11.36
N LEU A 39 -11.98 13.13 10.25
CA LEU A 39 -12.09 13.69 8.91
C LEU A 39 -13.57 13.84 8.51
N GLY A 40 -14.28 12.73 8.31
CA GLY A 40 -15.72 12.72 8.08
C GLY A 40 -16.19 11.51 7.26
N GLN A 41 -15.85 10.29 7.70
CA GLN A 41 -16.33 9.02 7.17
C GLN A 41 -16.43 8.00 8.32
N ASN A 42 -17.38 7.07 8.22
CA ASN A 42 -17.68 6.07 9.25
C ASN A 42 -17.53 4.66 8.64
N PRO A 43 -16.33 4.05 8.73
CA PRO A 43 -16.05 2.71 8.20
C PRO A 43 -16.95 1.60 8.76
N THR A 44 -16.93 0.44 8.09
CA THR A 44 -17.54 -0.81 8.53
C THR A 44 -16.43 -1.70 9.14
N GLU A 45 -16.55 -2.01 10.44
CA GLU A 45 -15.52 -2.64 11.27
C GLU A 45 -14.97 -3.97 10.72
N ALA A 46 -15.82 -4.79 10.10
CA ALA A 46 -15.46 -6.04 9.43
C ALA A 46 -14.32 -5.85 8.43
N GLU A 47 -14.44 -4.84 7.56
CA GLU A 47 -13.47 -4.50 6.52
C GLU A 47 -12.15 -4.01 7.14
N LEU A 48 -12.20 -3.17 8.18
CA LEU A 48 -11.03 -2.71 8.93
C LEU A 48 -10.19 -3.87 9.47
N GLN A 49 -10.82 -5.00 9.86
CA GLN A 49 -10.12 -6.20 10.31
C GLN A 49 -9.37 -6.84 9.13
N ASP A 50 -10.10 -7.25 8.08
CA ASP A 50 -9.60 -7.90 6.87
C ASP A 50 -8.35 -7.20 6.30
N MET A 51 -8.50 -5.93 5.88
CA MET A 51 -7.49 -5.12 5.21
C MET A 51 -6.11 -5.12 5.91
N ILE A 52 -6.09 -5.22 7.25
CA ILE A 52 -4.89 -5.42 8.07
C ILE A 52 -4.44 -6.89 8.04
N ASN A 53 -5.38 -7.81 8.35
CA ASN A 53 -5.12 -9.23 8.65
C ASN A 53 -4.55 -10.04 7.47
N GLU A 54 -4.80 -9.65 6.21
CA GLU A 54 -4.12 -10.23 5.04
C GLU A 54 -2.60 -10.27 5.25
N VAL A 55 -2.00 -9.14 5.64
CA VAL A 55 -0.56 -8.96 5.80
C VAL A 55 -0.07 -9.43 7.17
N ASP A 56 -0.78 -9.06 8.26
CA ASP A 56 -0.34 -9.23 9.64
C ASP A 56 0.16 -10.67 9.92
N ALA A 57 1.44 -10.79 10.29
CA ALA A 57 2.12 -12.06 10.60
C ALA A 57 1.43 -12.81 11.74
N ASP A 58 1.17 -12.11 12.86
CA ASP A 58 0.43 -12.64 14.02
C ASP A 58 -1.03 -12.96 13.65
N GLY A 59 -1.67 -12.09 12.84
CA GLY A 59 -3.10 -12.07 12.63
C GLY A 59 -3.85 -11.69 13.92
N ASN A 60 -3.30 -10.73 14.69
CA ASN A 60 -3.80 -10.29 15.99
C ASN A 60 -4.62 -8.99 15.94
N GLY A 61 -4.39 -8.12 14.94
CA GLY A 61 -5.11 -6.87 14.75
C GLY A 61 -4.37 -5.65 15.31
N THR A 62 -3.68 -5.81 16.45
CA THR A 62 -2.87 -4.78 17.10
C THR A 62 -1.47 -4.76 16.44
N ILE A 63 -1.22 -3.76 15.59
CA ILE A 63 -0.03 -3.65 14.74
C ILE A 63 0.98 -2.70 15.40
N ASP A 64 1.92 -3.25 16.17
CA ASP A 64 3.02 -2.53 16.83
C ASP A 64 3.98 -1.87 15.83
N PHE A 65 4.97 -1.11 16.32
CA PHE A 65 6.08 -0.54 15.55
C PHE A 65 6.64 -1.50 14.50
N PRO A 66 7.28 -2.62 14.88
CA PRO A 66 7.90 -3.57 13.94
C PRO A 66 6.87 -4.20 12.98
N GLU A 67 5.68 -4.56 13.47
CA GLU A 67 4.61 -5.15 12.65
C GLU A 67 4.03 -4.16 11.62
N PHE A 68 4.04 -2.85 11.92
CA PHE A 68 3.65 -1.78 10.99
C PHE A 68 4.74 -1.61 9.92
N LEU A 69 6.01 -1.45 10.34
CA LEU A 69 7.15 -1.35 9.44
C LEU A 69 7.34 -2.63 8.60
N THR A 70 6.84 -3.79 9.07
CA THR A 70 6.68 -4.99 8.24
C THR A 70 5.66 -4.67 7.13
N MET A 71 4.42 -4.32 7.50
CA MET A 71 3.32 -3.99 6.57
C MET A 71 3.74 -2.97 5.49
N MET A 72 4.55 -1.97 5.86
CA MET A 72 5.11 -0.97 4.96
C MET A 72 6.17 -1.60 4.02
N ALA A 73 7.28 -2.11 4.57
CA ALA A 73 8.46 -2.52 3.82
C ALA A 73 8.41 -3.99 3.39
N ARG A 74 8.47 -4.92 4.36
CA ARG A 74 8.57 -6.36 4.13
C ARG A 74 7.30 -6.91 3.47
N LYS A 75 6.15 -6.85 4.17
CA LYS A 75 4.82 -7.16 3.66
C LYS A 75 4.59 -8.66 3.46
N MET A 76 3.31 -9.09 3.55
CA MET A 76 2.84 -10.48 3.61
C MET A 76 3.14 -11.10 4.98
N LYS A 77 2.32 -12.11 5.36
CA LYS A 77 2.47 -12.91 6.58
C LYS A 77 3.62 -13.93 6.44
N ASP A 78 4.83 -13.43 6.16
CA ASP A 78 6.10 -14.17 6.13
C ASP A 78 7.17 -13.36 6.89
N THR A 79 8.35 -13.97 7.10
CA THR A 79 9.41 -13.43 7.93
C THR A 79 10.20 -12.35 7.16
N ASP A 80 11.23 -12.75 6.40
CA ASP A 80 12.18 -11.85 5.73
C ASP A 80 11.64 -11.53 4.34
N SER A 81 10.55 -10.75 4.29
CA SER A 81 9.69 -10.66 3.12
C SER A 81 10.09 -9.53 2.14
N GLU A 82 11.32 -9.02 2.25
CA GLU A 82 11.95 -8.19 1.23
C GLU A 82 12.14 -9.01 -0.07
N GLU A 83 12.48 -10.30 0.08
CA GLU A 83 12.53 -11.27 -1.00
C GLU A 83 11.15 -11.48 -1.65
N GLU A 84 10.08 -11.59 -0.85
CA GLU A 84 8.70 -11.74 -1.34
C GLU A 84 8.26 -10.52 -2.18
N ILE A 85 8.74 -9.31 -1.84
CA ILE A 85 8.57 -8.08 -2.63
C ILE A 85 9.39 -8.17 -3.92
N ARG A 86 10.68 -8.53 -3.84
CA ARG A 86 11.54 -8.78 -5.01
C ARG A 86 10.93 -9.81 -5.98
N GLU A 87 10.23 -10.82 -5.46
CA GLU A 87 9.50 -11.83 -6.24
C GLU A 87 8.22 -11.23 -6.85
N ALA A 88 7.42 -10.49 -6.08
CA ALA A 88 6.24 -9.77 -6.54
C ALA A 88 6.55 -8.86 -7.74
N PHE A 89 7.69 -8.14 -7.69
CA PHE A 89 8.21 -7.32 -8.79
C PHE A 89 8.40 -8.16 -10.06
N ARG A 90 8.98 -9.38 -9.96
CA ARG A 90 9.27 -10.24 -11.09
C ARG A 90 8.01 -10.85 -11.72
N VAL A 91 6.94 -11.08 -10.94
CA VAL A 91 5.63 -11.50 -11.45
C VAL A 91 5.03 -10.36 -12.30
N PHE A 92 4.95 -9.16 -11.72
CA PHE A 92 4.42 -7.95 -12.36
C PHE A 92 5.20 -7.60 -13.64
N ASP A 93 6.55 -7.60 -13.56
CA ASP A 93 7.44 -7.35 -14.70
C ASP A 93 7.49 -8.55 -15.65
N LYS A 94 8.08 -8.33 -16.82
CA LYS A 94 8.44 -9.34 -17.81
C LYS A 94 9.95 -9.24 -18.09
N ASP A 95 10.75 -9.07 -17.01
CA ASP A 95 12.20 -8.93 -16.99
C ASP A 95 12.70 -8.99 -15.54
N GLY A 96 12.31 -8.00 -14.72
CA GLY A 96 12.71 -7.88 -13.32
C GLY A 96 14.13 -7.34 -13.21
N ASN A 97 14.26 -6.00 -13.19
CA ASN A 97 15.54 -5.28 -13.11
C ASN A 97 15.53 -4.25 -11.97
N GLY A 98 15.03 -4.64 -10.79
CA GLY A 98 14.87 -3.79 -9.61
C GLY A 98 14.03 -2.54 -9.92
N TYR A 99 12.88 -2.73 -10.57
CA TYR A 99 12.01 -1.70 -11.13
C TYR A 99 10.65 -2.32 -11.52
N ILE A 100 9.64 -1.45 -11.78
CA ILE A 100 8.34 -1.82 -12.34
C ILE A 100 7.92 -0.67 -13.27
N SER A 101 7.87 -0.92 -14.58
CA SER A 101 7.46 0.05 -15.59
C SER A 101 5.93 0.19 -15.66
N ALA A 102 5.45 1.35 -16.13
CA ALA A 102 4.04 1.69 -16.31
C ALA A 102 3.32 0.72 -17.26
N ALA A 103 3.97 0.35 -18.37
CA ALA A 103 3.46 -0.63 -19.33
C ALA A 103 3.25 -2.00 -18.67
N GLU A 104 4.25 -2.50 -17.93
CA GLU A 104 4.20 -3.77 -17.19
C GLU A 104 3.03 -3.80 -16.18
N LEU A 105 2.76 -2.69 -15.49
CA LEU A 105 1.59 -2.52 -14.63
C LEU A 105 0.29 -2.67 -15.42
N ARG A 106 0.16 -1.98 -16.57
CA ARG A 106 -1.03 -2.06 -17.43
C ARG A 106 -1.29 -3.50 -17.91
N HIS A 107 -0.23 -4.22 -18.35
CA HIS A 107 -0.29 -5.60 -18.83
C HIS A 107 -0.88 -6.53 -17.75
N VAL A 108 -0.19 -6.67 -16.60
CA VAL A 108 -0.56 -7.63 -15.56
C VAL A 108 -1.96 -7.38 -14.99
N MET A 109 -2.40 -6.11 -14.91
CA MET A 109 -3.75 -5.72 -14.51
C MET A 109 -4.77 -6.15 -15.58
N THR A 110 -4.66 -5.60 -16.80
CA THR A 110 -5.59 -5.85 -17.92
C THR A 110 -5.71 -7.34 -18.28
N ASN A 111 -4.68 -8.16 -17.99
CA ASN A 111 -4.67 -9.61 -18.19
C ASN A 111 -5.89 -10.28 -17.56
N LEU A 112 -6.30 -9.85 -16.35
CA LEU A 112 -7.51 -10.29 -15.67
C LEU A 112 -8.74 -9.90 -16.52
N GLY A 113 -8.94 -8.60 -16.74
CA GLY A 113 -10.02 -8.06 -17.57
C GLY A 113 -10.37 -6.64 -17.12
N GLU A 114 -9.54 -5.66 -17.49
CA GLU A 114 -9.71 -4.26 -17.11
C GLU A 114 -9.01 -3.32 -18.10
N LYS A 115 -9.71 -3.00 -19.21
CA LYS A 115 -9.36 -1.96 -20.17
C LYS A 115 -9.54 -0.58 -19.52
N LEU A 116 -8.49 -0.09 -18.86
CA LEU A 116 -8.41 1.25 -18.27
C LEU A 116 -7.12 1.95 -18.74
N THR A 117 -7.18 3.29 -18.83
CA THR A 117 -6.10 4.15 -19.33
C THR A 117 -4.89 4.16 -18.39
N ASP A 118 -3.69 4.34 -18.96
CA ASP A 118 -2.42 4.27 -18.25
C ASP A 118 -2.20 5.49 -17.33
N GLU A 119 -2.67 6.68 -17.74
CA GLU A 119 -2.53 7.94 -17.00
C GLU A 119 -3.00 7.86 -15.54
N GLU A 120 -4.05 7.07 -15.25
CA GLU A 120 -4.54 6.80 -13.90
C GLU A 120 -3.47 6.10 -13.03
N VAL A 121 -2.74 5.12 -13.58
CA VAL A 121 -1.56 4.54 -12.94
C VAL A 121 -0.48 5.61 -12.72
N ASP A 122 -0.15 6.36 -13.78
CA ASP A 122 0.94 7.35 -13.80
C ASP A 122 0.74 8.46 -12.75
N GLU A 123 -0.48 8.96 -12.55
CA GLU A 123 -0.84 9.87 -11.45
C GLU A 123 -0.30 9.36 -10.11
N MET A 124 -0.62 8.10 -9.75
CA MET A 124 -0.16 7.45 -8.51
C MET A 124 1.23 6.79 -8.63
N ILE A 125 2.05 7.17 -9.62
CA ILE A 125 3.50 6.96 -9.65
C ILE A 125 4.15 8.30 -9.26
N ARG A 126 3.93 9.34 -10.09
CA ARG A 126 4.45 10.68 -9.88
C ARG A 126 3.66 11.49 -8.83
N GLU A 127 2.93 10.81 -7.93
CA GLU A 127 2.56 11.35 -6.62
C GLU A 127 3.80 11.40 -5.71
N ALA A 128 4.70 10.42 -5.84
CA ALA A 128 5.93 10.27 -5.07
C ALA A 128 6.90 9.37 -5.83
N ASP A 129 7.43 9.89 -6.96
CA ASP A 129 8.46 9.25 -7.78
C ASP A 129 9.80 9.95 -7.49
N ILE A 130 10.70 9.25 -6.78
CA ILE A 130 12.02 9.75 -6.37
C ILE A 130 12.93 9.84 -7.61
N ASP A 131 13.19 8.68 -8.25
CA ASP A 131 14.17 8.51 -9.31
C ASP A 131 13.84 9.37 -10.54
N GLY A 132 12.57 9.33 -11.00
CA GLY A 132 12.06 10.12 -12.11
C GLY A 132 12.52 9.57 -13.44
N ASP A 133 12.04 8.36 -13.79
CA ASP A 133 12.33 7.67 -15.05
C ASP A 133 11.19 6.72 -15.48
N GLY A 134 9.94 6.99 -15.05
CA GLY A 134 8.75 6.22 -15.40
C GLY A 134 8.81 4.75 -14.98
N GLN A 135 9.39 4.46 -13.81
CA GLN A 135 9.45 3.13 -13.19
C GLN A 135 9.27 3.26 -11.66
N VAL A 136 9.24 2.11 -10.94
CA VAL A 136 9.08 2.05 -9.49
C VAL A 136 10.02 0.98 -8.91
N ASN A 137 11.23 1.37 -8.46
CA ASN A 137 12.17 0.50 -7.76
C ASN A 137 11.74 0.21 -6.32
N TYR A 138 12.55 -0.61 -5.61
CA TYR A 138 12.30 -1.08 -4.26
C TYR A 138 12.05 0.10 -3.29
N GLU A 139 13.01 1.02 -3.20
CA GLU A 139 12.96 2.19 -2.34
C GLU A 139 11.74 3.09 -2.64
N GLU A 140 11.48 3.40 -3.92
CA GLU A 140 10.37 4.24 -4.37
C GLU A 140 9.01 3.60 -4.03
N PHE A 141 8.87 2.27 -4.22
CA PHE A 141 7.67 1.49 -3.91
C PHE A 141 7.30 1.63 -2.43
N VAL A 142 8.26 1.36 -1.52
CA VAL A 142 8.06 1.46 -0.07
C VAL A 142 7.77 2.91 0.33
N GLN A 143 8.66 3.85 -0.01
CA GLN A 143 8.59 5.27 0.36
C GLN A 143 7.28 5.94 -0.10
N MET A 144 6.75 5.57 -1.27
CA MET A 144 5.46 6.06 -1.79
C MET A 144 4.28 5.55 -0.94
N MET A 145 4.30 4.27 -0.54
CA MET A 145 3.37 3.71 0.44
C MET A 145 3.61 4.23 1.87
N THR A 146 4.81 4.72 2.18
CA THR A 146 5.21 5.25 3.49
C THR A 146 5.61 6.73 3.35
N ALA A 147 4.70 7.55 2.81
CA ALA A 147 5.00 8.93 2.43
C ALA A 147 5.10 9.81 3.68
N LYS A 148 6.31 10.32 3.95
CA LYS A 148 6.58 11.27 5.02
C LYS A 148 7.67 12.23 4.52
N GLY B 1 -0.56 -27.11 -8.10
CA GLY B 1 -1.51 -26.11 -8.58
C GLY B 1 -1.64 -24.92 -7.62
N SER B 2 -2.85 -24.69 -7.08
CA SER B 2 -3.19 -23.54 -6.25
C SER B 2 -4.50 -23.78 -5.48
N HIS B 3 -4.62 -23.17 -4.29
CA HIS B 3 -5.80 -23.19 -3.43
C HIS B 3 -5.87 -21.89 -2.63
N LYS B 4 -4.91 -21.67 -1.71
CA LYS B 4 -4.74 -20.41 -0.99
C LYS B 4 -4.01 -19.38 -1.88
N LYS B 5 -4.31 -18.09 -1.67
CA LYS B 5 -3.78 -16.98 -2.45
C LYS B 5 -2.55 -16.34 -1.78
N THR B 6 -1.46 -16.18 -2.55
CA THR B 6 -0.18 -15.60 -2.13
C THR B 6 -0.20 -14.06 -2.21
N ASP B 7 0.95 -13.44 -1.91
CA ASP B 7 1.19 -12.00 -1.98
C ASP B 7 0.78 -11.39 -3.33
N SER B 8 1.19 -12.00 -4.45
CA SER B 8 0.92 -11.57 -5.82
C SER B 8 -0.57 -11.24 -6.07
N GLU B 9 -1.48 -12.10 -5.59
CA GLU B 9 -2.92 -11.94 -5.73
C GLU B 9 -3.43 -10.76 -4.89
N VAL B 10 -3.03 -10.68 -3.60
CA VAL B 10 -3.33 -9.57 -2.71
C VAL B 10 -2.86 -8.22 -3.30
N GLN B 11 -1.69 -8.21 -3.96
CA GLN B 11 -1.10 -7.05 -4.60
C GLN B 11 -1.87 -6.63 -5.86
N LEU B 12 -2.42 -7.60 -6.64
CA LEU B 12 -3.34 -7.31 -7.75
C LEU B 12 -4.66 -6.70 -7.24
N GLU B 13 -5.19 -7.23 -6.14
CA GLU B 13 -6.37 -6.68 -5.47
C GLU B 13 -6.15 -5.22 -5.04
N MET B 14 -5.04 -4.94 -4.33
CA MET B 14 -4.66 -3.59 -3.93
C MET B 14 -4.51 -2.66 -5.14
N ILE B 15 -3.63 -2.99 -6.11
CA ILE B 15 -3.26 -2.11 -7.23
C ILE B 15 -4.49 -1.68 -8.06
N THR B 16 -5.51 -2.56 -8.21
CA THR B 16 -6.78 -2.25 -8.85
C THR B 16 -7.55 -1.19 -8.04
N ALA B 17 -7.76 -1.44 -6.74
CA ALA B 17 -8.40 -0.50 -5.81
C ALA B 17 -7.65 0.83 -5.68
N TRP B 18 -6.32 0.82 -5.85
CA TRP B 18 -5.42 1.96 -5.78
C TRP B 18 -5.71 2.91 -6.95
N LYS B 19 -5.80 2.34 -8.17
CA LYS B 19 -6.25 3.00 -9.39
C LYS B 19 -7.67 3.57 -9.24
N LYS B 20 -8.54 2.87 -8.49
CA LYS B 20 -9.90 3.30 -8.17
C LYS B 20 -9.93 4.61 -7.37
N PHE B 21 -9.00 4.84 -6.41
CA PHE B 21 -8.97 6.11 -5.66
C PHE B 21 -8.68 7.29 -6.59
N VAL B 22 -7.77 7.12 -7.57
CA VAL B 22 -7.47 8.13 -8.58
C VAL B 22 -8.72 8.50 -9.40
N GLU B 23 -9.58 7.50 -9.72
CA GLU B 23 -10.85 7.69 -10.42
C GLU B 23 -11.86 8.44 -9.55
N GLU B 24 -12.15 7.92 -8.34
CA GLU B 24 -13.06 8.51 -7.36
C GLU B 24 -12.71 9.98 -7.09
N LYS B 25 -11.46 10.23 -6.68
CA LYS B 25 -10.93 11.53 -6.29
C LYS B 25 -10.83 12.49 -7.48
N LYS B 26 -10.13 12.06 -8.54
CA LYS B 26 -9.58 12.91 -9.60
C LYS B 26 -10.03 12.38 -10.97
N LYS B 27 -11.33 12.53 -11.26
CA LYS B 27 -11.95 12.29 -12.57
C LYS B 27 -13.22 13.15 -12.62
N LYS B 28 -13.19 14.27 -13.37
CA LYS B 28 -14.27 15.23 -13.45
C LYS B 28 -15.21 14.84 -14.61
N GLY C 1 -8.54 21.63 -8.03
CA GLY C 1 -7.47 22.64 -8.07
C GLY C 1 -6.37 22.39 -7.04
N SER C 2 -5.75 21.19 -7.09
CA SER C 2 -4.70 20.77 -6.18
C SER C 2 -3.39 21.48 -6.53
N HIS C 3 -2.84 22.23 -5.58
CA HIS C 3 -1.55 22.92 -5.69
C HIS C 3 -0.39 21.92 -5.59
N LYS C 4 -0.38 21.12 -4.51
CA LYS C 4 0.69 20.20 -4.15
C LYS C 4 0.11 19.06 -3.29
N LYS C 5 0.55 17.82 -3.55
CA LYS C 5 0.22 16.64 -2.74
C LYS C 5 0.83 16.76 -1.34
N THR C 6 0.03 16.47 -0.30
CA THR C 6 0.51 16.32 1.07
C THR C 6 0.73 14.83 1.36
N ASP C 7 1.88 14.51 1.97
CA ASP C 7 2.37 13.16 2.23
C ASP C 7 1.36 12.28 3.01
N SER C 8 0.75 12.85 4.05
CA SER C 8 -0.27 12.22 4.89
C SER C 8 -1.47 11.72 4.07
N GLU C 9 -1.98 12.57 3.15
CA GLU C 9 -3.13 12.28 2.31
C GLU C 9 -2.87 11.08 1.37
N VAL C 10 -1.66 10.96 0.79
CA VAL C 10 -1.27 9.83 -0.07
C VAL C 10 -1.42 8.50 0.69
N GLN C 11 -0.83 8.41 1.90
CA GLN C 11 -0.98 7.24 2.77
C GLN C 11 -2.46 6.92 3.05
N LEU C 12 -3.25 7.92 3.46
CA LEU C 12 -4.65 7.75 3.83
C LEU C 12 -5.51 7.23 2.66
N GLU C 13 -5.32 7.76 1.45
CA GLU C 13 -5.99 7.32 0.21
C GLU C 13 -5.56 5.89 -0.19
N MET C 14 -4.28 5.56 0.00
CA MET C 14 -3.71 4.22 -0.21
C MET C 14 -4.23 3.20 0.83
N ILE C 15 -4.57 3.65 2.04
CA ILE C 15 -5.25 2.88 3.08
C ILE C 15 -6.75 2.72 2.75
N THR C 16 -7.39 3.74 2.16
CA THR C 16 -8.76 3.68 1.66
C THR C 16 -8.90 2.62 0.56
N ALA C 17 -7.89 2.52 -0.34
CA ALA C 17 -7.79 1.50 -1.38
C ALA C 17 -7.79 0.08 -0.79
N TRP C 18 -7.08 -0.15 0.32
CA TRP C 18 -7.08 -1.45 1.02
C TRP C 18 -8.51 -1.87 1.39
N LYS C 19 -9.29 -0.94 1.96
CA LYS C 19 -10.69 -1.11 2.34
C LYS C 19 -11.57 -1.44 1.12
N LYS C 20 -11.32 -0.76 -0.01
CA LYS C 20 -12.05 -0.89 -1.27
C LYS C 20 -11.96 -2.31 -1.86
N PHE C 21 -10.74 -2.89 -1.98
CA PHE C 21 -10.56 -4.20 -2.60
C PHE C 21 -11.34 -5.31 -1.88
N VAL C 22 -11.36 -5.28 -0.53
CA VAL C 22 -12.10 -6.22 0.29
C VAL C 22 -13.61 -6.05 0.07
N GLU C 23 -14.10 -4.80 0.19
CA GLU C 23 -15.49 -4.39 0.00
C GLU C 23 -16.07 -4.93 -1.31
N GLU C 24 -15.36 -4.72 -2.42
CA GLU C 24 -15.76 -5.13 -3.78
C GLU C 24 -15.95 -6.66 -3.90
N LYS C 25 -14.98 -7.48 -3.44
CA LYS C 25 -15.09 -8.93 -3.43
C LYS C 25 -16.24 -9.37 -2.51
N LYS C 26 -16.10 -9.12 -1.20
CA LYS C 26 -17.10 -9.44 -0.19
C LYS C 26 -18.21 -8.39 -0.21
N LYS C 27 -19.18 -8.57 -1.13
CA LYS C 27 -20.35 -7.70 -1.28
C LYS C 27 -21.63 -8.55 -1.28
N LYS C 28 -21.76 -9.44 -0.28
CA LYS C 28 -22.88 -10.36 -0.10
C LYS C 28 -23.37 -10.24 1.34
CA CA D . -3.81 2.33 20.35
CA CA E . 1.98 -7.11 16.38
CA CA F . 11.04 -2.37 -14.89
CA CA G . 11.26 6.21 -11.51
N ALA A 1 31.03 -0.96 -2.58
CA ALA A 1 30.63 -2.36 -2.37
C ALA A 1 29.30 -2.47 -1.60
N ASP A 2 29.28 -1.97 -0.36
CA ASP A 2 28.09 -1.95 0.51
C ASP A 2 28.25 -0.84 1.56
N GLN A 3 27.17 -0.11 1.82
CA GLN A 3 27.12 0.98 2.80
C GLN A 3 25.68 1.23 3.27
N LEU A 4 25.54 1.70 4.52
CA LEU A 4 24.27 2.02 5.16
C LEU A 4 24.43 3.24 6.09
N THR A 5 23.28 3.84 6.47
CA THR A 5 23.19 5.08 7.23
C THR A 5 21.96 5.06 8.16
N GLU A 6 21.95 5.97 9.14
CA GLU A 6 20.94 6.11 10.19
C GLU A 6 19.70 6.90 9.72
N GLU A 7 19.75 7.56 8.55
CA GLU A 7 18.65 8.29 7.93
C GLU A 7 17.42 7.39 7.75
N GLN A 8 17.62 6.18 7.20
CA GLN A 8 16.60 5.14 7.00
C GLN A 8 15.84 4.80 8.30
N ILE A 9 16.58 4.62 9.41
CA ILE A 9 16.02 4.28 10.73
C ILE A 9 15.07 5.38 11.20
N ALA A 10 15.56 6.63 11.23
CA ALA A 10 14.79 7.82 11.59
C ALA A 10 13.53 7.96 10.73
N GLU A 11 13.66 7.77 9.42
CA GLU A 11 12.57 7.87 8.44
C GLU A 11 11.41 6.92 8.79
N PHE A 12 11.73 5.65 9.08
CA PHE A 12 10.76 4.61 9.42
C PHE A 12 10.07 4.92 10.76
N LYS A 13 10.84 5.32 11.79
CA LYS A 13 10.31 5.78 13.08
C LYS A 13 9.29 6.90 12.91
N GLU A 14 9.64 7.96 12.16
CA GLU A 14 8.79 9.10 11.85
C GLU A 14 7.49 8.66 11.16
N ALA A 15 7.59 7.83 10.12
CA ALA A 15 6.45 7.29 9.38
C ALA A 15 5.46 6.53 10.30
N PHE A 16 5.98 5.64 11.15
CA PHE A 16 5.18 4.89 12.14
C PHE A 16 4.53 5.83 13.16
N SER A 17 5.25 6.84 13.65
CA SER A 17 4.82 7.77 14.69
C SER A 17 3.60 8.61 14.27
N LEU A 18 3.55 9.04 13.00
CA LEU A 18 2.45 9.82 12.43
C LEU A 18 1.13 9.01 12.40
N PHE A 19 1.20 7.68 12.19
CA PHE A 19 0.09 6.75 12.44
C PHE A 19 -0.17 6.66 13.96
N ASP A 20 0.87 6.33 14.73
CA ASP A 20 0.82 5.97 16.15
C ASP A 20 0.89 7.24 17.03
N LYS A 21 -0.13 8.09 16.95
CA LYS A 21 -0.25 9.33 17.72
C LYS A 21 -0.44 9.07 19.22
N ASP A 22 -1.20 8.03 19.59
CA ASP A 22 -1.46 7.64 20.98
C ASP A 22 -0.16 7.34 21.75
N GLY A 23 0.82 6.69 21.11
CA GLY A 23 2.16 6.44 21.64
C GLY A 23 2.42 4.97 21.95
N ASP A 24 1.41 4.23 22.45
CA ASP A 24 1.50 2.86 22.94
C ASP A 24 2.35 1.90 22.08
N GLY A 25 2.21 1.96 20.75
CA GLY A 25 3.01 1.19 19.78
C GLY A 25 2.20 0.12 19.03
N THR A 26 0.85 0.25 18.99
CA THR A 26 -0.06 -0.52 18.13
C THR A 26 -1.14 0.42 17.59
N ILE A 27 -1.73 0.06 16.43
CA ILE A 27 -2.83 0.76 15.80
C ILE A 27 -3.93 -0.27 15.48
N THR A 28 -5.07 -0.21 16.18
CA THR A 28 -6.23 -1.08 16.02
C THR A 28 -7.35 -0.38 15.22
N THR A 29 -8.37 -1.16 14.83
CA THR A 29 -9.55 -0.72 14.06
C THR A 29 -10.20 0.57 14.56
N LYS A 30 -10.21 0.79 15.89
CA LYS A 30 -10.77 1.97 16.53
C LYS A 30 -10.02 3.25 16.10
N GLU A 31 -8.68 3.22 16.17
CA GLU A 31 -7.81 4.31 15.78
C GLU A 31 -8.00 4.68 14.30
N LEU A 32 -8.08 3.67 13.41
CA LEU A 32 -8.44 3.85 12.00
C LEU A 32 -9.79 4.60 11.89
N GLY A 33 -10.83 4.10 12.57
CA GLY A 33 -12.15 4.71 12.62
C GLY A 33 -12.09 6.20 12.99
N THR A 34 -11.44 6.50 14.13
CA THR A 34 -11.26 7.85 14.68
C THR A 34 -10.60 8.79 13.66
N VAL A 35 -9.46 8.38 13.08
CA VAL A 35 -8.69 9.18 12.13
C VAL A 35 -9.55 9.57 10.91
N MET A 36 -10.15 8.56 10.25
CA MET A 36 -10.96 8.71 9.06
C MET A 36 -12.23 9.55 9.34
N ARG A 37 -12.85 9.39 10.53
CA ARG A 37 -14.01 10.17 11.01
C ARG A 37 -13.66 11.65 11.17
N SER A 38 -12.58 11.97 11.90
CA SER A 38 -12.11 13.33 12.17
C SER A 38 -12.06 14.18 10.90
N LEU A 39 -11.50 13.62 9.83
CA LEU A 39 -11.47 14.18 8.48
C LEU A 39 -12.89 14.24 7.90
N GLY A 40 -13.48 13.08 7.58
CA GLY A 40 -14.90 12.99 7.20
C GLY A 40 -15.22 11.72 6.40
N GLN A 41 -15.03 10.54 7.00
CA GLN A 41 -15.32 9.23 6.41
C GLN A 41 -15.70 8.23 7.52
N ASN A 42 -16.70 7.37 7.25
CA ASN A 42 -17.31 6.45 8.21
C ASN A 42 -17.14 4.99 7.75
N PRO A 43 -15.96 4.37 7.94
CA PRO A 43 -15.62 3.03 7.45
C PRO A 43 -16.24 1.90 8.30
N THR A 44 -16.33 0.69 7.72
CA THR A 44 -16.84 -0.53 8.35
C THR A 44 -15.71 -1.24 9.11
N GLU A 45 -15.97 -1.60 10.38
CA GLU A 45 -15.00 -2.22 11.29
C GLU A 45 -14.43 -3.54 10.76
N ALA A 46 -15.29 -4.43 10.26
CA ALA A 46 -14.91 -5.71 9.64
C ALA A 46 -13.88 -5.51 8.51
N GLU A 47 -14.14 -4.53 7.64
CA GLU A 47 -13.29 -4.16 6.51
C GLU A 47 -11.96 -3.54 6.99
N LEU A 48 -11.97 -2.74 8.07
CA LEU A 48 -10.77 -2.22 8.72
C LEU A 48 -9.90 -3.33 9.32
N GLN A 49 -10.51 -4.38 9.92
CA GLN A 49 -9.82 -5.47 10.57
C GLN A 49 -9.06 -6.32 9.53
N ASP A 50 -9.83 -6.96 8.64
CA ASP A 50 -9.37 -7.94 7.66
C ASP A 50 -8.23 -7.40 6.78
N MET A 51 -8.37 -6.18 6.22
CA MET A 51 -7.38 -5.58 5.32
C MET A 51 -5.96 -5.49 5.95
N ILE A 52 -5.89 -5.19 7.27
CA ILE A 52 -4.66 -5.18 8.05
C ILE A 52 -4.21 -6.62 8.34
N ASN A 53 -5.15 -7.47 8.79
CA ASN A 53 -4.94 -8.86 9.18
C ASN A 53 -4.37 -9.74 8.06
N GLU A 54 -4.64 -9.41 6.78
CA GLU A 54 -3.99 -10.00 5.60
C GLU A 54 -2.48 -10.06 5.78
N VAL A 55 -1.87 -8.95 6.23
CA VAL A 55 -0.42 -8.78 6.37
C VAL A 55 0.02 -9.01 7.83
N ASP A 56 -0.60 -9.99 8.53
CA ASP A 56 -0.26 -10.40 9.89
C ASP A 56 -0.28 -11.94 9.95
N ALA A 57 0.91 -12.56 9.97
CA ALA A 57 1.10 -14.00 10.11
C ALA A 57 0.54 -14.49 11.45
N ASP A 58 0.94 -13.84 12.55
CA ASP A 58 0.37 -14.00 13.89
C ASP A 58 -1.16 -13.85 13.88
N GLY A 59 -1.67 -12.84 13.17
CA GLY A 59 -3.08 -12.59 12.93
C GLY A 59 -3.85 -12.26 14.22
N ASN A 60 -3.31 -11.34 15.03
CA ASN A 60 -3.95 -10.84 16.25
C ASN A 60 -5.03 -9.80 15.91
N GLY A 61 -4.67 -8.81 15.07
CA GLY A 61 -5.47 -7.66 14.68
C GLY A 61 -4.96 -6.38 15.34
N THR A 62 -3.63 -6.22 15.40
CA THR A 62 -2.91 -5.10 16.00
C THR A 62 -1.58 -4.97 15.24
N ILE A 63 -1.43 -3.93 14.40
CA ILE A 63 -0.21 -3.70 13.64
C ILE A 63 0.84 -3.05 14.56
N ASP A 64 1.74 -3.87 15.12
CA ASP A 64 2.81 -3.41 16.02
C ASP A 64 3.92 -2.68 15.23
N PHE A 65 4.89 -2.10 15.96
CA PHE A 65 6.02 -1.37 15.41
C PHE A 65 6.80 -2.23 14.39
N PRO A 66 7.23 -3.47 14.75
CA PRO A 66 7.86 -4.39 13.80
C PRO A 66 6.96 -4.71 12.59
N GLU A 67 5.68 -5.06 12.84
CA GLU A 67 4.72 -5.48 11.83
C GLU A 67 4.44 -4.40 10.77
N PHE A 68 4.42 -3.12 11.14
CA PHE A 68 4.19 -2.00 10.22
C PHE A 68 5.38 -1.81 9.27
N LEU A 69 6.59 -1.70 9.85
CA LEU A 69 7.85 -1.60 9.12
C LEU A 69 8.04 -2.82 8.18
N THR A 70 7.68 -4.02 8.64
CA THR A 70 7.63 -5.24 7.83
C THR A 70 6.64 -5.05 6.67
N MET A 71 5.34 -4.90 6.95
CA MET A 71 4.23 -4.72 6.00
C MET A 71 4.63 -3.92 4.76
N MET A 72 5.19 -2.71 4.95
CA MET A 72 5.54 -1.79 3.88
C MET A 72 6.80 -2.26 3.12
N ALA A 73 7.89 -2.61 3.83
CA ALA A 73 9.19 -2.95 3.24
C ALA A 73 9.27 -4.43 2.83
N ARG A 74 9.31 -5.36 3.80
CA ARG A 74 9.51 -6.79 3.58
C ARG A 74 8.19 -7.47 3.19
N LYS A 75 7.17 -7.38 4.06
CA LYS A 75 5.78 -7.79 3.90
C LYS A 75 5.55 -9.20 4.45
N MET A 76 4.61 -9.31 5.41
CA MET A 76 4.18 -10.55 6.07
C MET A 76 5.18 -10.92 7.18
N LYS A 77 4.70 -11.22 8.41
CA LYS A 77 5.54 -11.38 9.59
C LYS A 77 6.09 -12.81 9.67
N ASP A 78 7.09 -13.13 8.84
CA ASP A 78 7.76 -14.44 8.76
C ASP A 78 9.28 -14.26 8.69
N THR A 79 9.98 -15.26 8.13
CA THR A 79 11.43 -15.31 7.94
C THR A 79 11.79 -14.68 6.59
N ASP A 80 11.42 -15.38 5.50
CA ASP A 80 11.61 -14.96 4.12
C ASP A 80 10.41 -14.08 3.71
N SER A 81 10.31 -12.91 4.35
CA SER A 81 9.23 -11.94 4.23
C SER A 81 9.39 -11.10 2.96
N GLU A 82 10.60 -10.55 2.75
CA GLU A 82 10.99 -9.81 1.54
C GLU A 82 10.80 -10.62 0.24
N GLU A 83 10.88 -11.95 0.32
CA GLU A 83 10.60 -12.88 -0.78
C GLU A 83 9.20 -12.67 -1.38
N GLU A 84 8.20 -12.29 -0.55
CA GLU A 84 6.81 -12.07 -0.98
C GLU A 84 6.69 -10.86 -1.92
N ILE A 85 7.29 -9.73 -1.53
CA ILE A 85 7.44 -8.52 -2.34
C ILE A 85 8.21 -8.83 -3.64
N ARG A 86 9.30 -9.63 -3.56
CA ARG A 86 10.11 -10.00 -4.72
C ARG A 86 9.31 -10.86 -5.71
N GLU A 87 8.60 -11.88 -5.20
CA GLU A 87 7.69 -12.76 -5.94
C GLU A 87 6.62 -11.95 -6.69
N ALA A 88 6.00 -10.97 -6.01
CA ALA A 88 5.06 -10.04 -6.62
C ALA A 88 5.69 -9.27 -7.78
N PHE A 89 6.94 -8.80 -7.63
CA PHE A 89 7.69 -8.14 -8.71
C PHE A 89 8.03 -9.07 -9.88
N ARG A 90 8.10 -10.40 -9.70
CA ARG A 90 8.23 -11.32 -10.83
C ARG A 90 6.96 -11.34 -11.69
N VAL A 91 5.77 -11.31 -11.06
CA VAL A 91 4.48 -11.23 -11.72
C VAL A 91 4.29 -9.86 -12.40
N PHE A 92 4.55 -8.76 -11.67
CA PHE A 92 4.34 -7.39 -12.12
C PHE A 92 5.43 -7.00 -13.14
N ASP A 93 6.68 -6.89 -12.68
CA ASP A 93 7.82 -6.46 -13.49
C ASP A 93 8.40 -7.65 -14.26
N LYS A 94 8.37 -7.60 -15.60
CA LYS A 94 8.94 -8.65 -16.44
C LYS A 94 10.47 -8.71 -16.30
N ASP A 95 11.12 -7.56 -16.10
CA ASP A 95 12.55 -7.42 -15.86
C ASP A 95 12.93 -8.02 -14.49
N GLY A 96 12.45 -7.42 -13.40
CA GLY A 96 12.82 -7.77 -12.03
C GLY A 96 14.21 -7.23 -11.72
N ASN A 97 14.33 -5.90 -11.58
CA ASN A 97 15.61 -5.18 -11.43
C ASN A 97 15.46 -3.93 -10.52
N GLY A 98 14.46 -3.91 -9.64
CA GLY A 98 14.13 -2.77 -8.78
C GLY A 98 13.79 -1.50 -9.57
N TYR A 99 13.13 -1.65 -10.72
CA TYR A 99 12.60 -0.59 -11.56
C TYR A 99 11.41 -1.16 -12.34
N ILE A 100 10.19 -0.94 -11.83
CA ILE A 100 8.94 -1.39 -12.42
C ILE A 100 8.40 -0.26 -13.29
N SER A 101 8.51 -0.40 -14.62
CA SER A 101 8.03 0.60 -15.58
C SER A 101 6.50 0.70 -15.58
N ALA A 102 5.97 1.88 -15.92
CA ALA A 102 4.54 2.14 -16.06
C ALA A 102 3.87 1.20 -17.06
N ALA A 103 4.54 0.91 -18.19
CA ALA A 103 4.10 -0.04 -19.20
C ALA A 103 3.93 -1.47 -18.62
N GLU A 104 4.93 -1.96 -17.89
CA GLU A 104 4.93 -3.27 -17.25
C GLU A 104 3.84 -3.37 -16.16
N LEU A 105 3.61 -2.29 -15.40
CA LEU A 105 2.58 -2.18 -14.37
C LEU A 105 1.17 -2.27 -15.01
N ARG A 106 0.96 -1.54 -16.12
CA ARG A 106 -0.25 -1.63 -16.95
C ARG A 106 -0.45 -3.04 -17.52
N HIS A 107 0.65 -3.74 -17.90
CA HIS A 107 0.62 -5.04 -18.54
C HIS A 107 -0.07 -6.08 -17.64
N VAL A 108 0.41 -6.26 -16.40
CA VAL A 108 -0.17 -7.18 -15.41
C VAL A 108 -1.65 -6.87 -15.12
N MET A 109 -2.02 -5.58 -14.97
CA MET A 109 -3.39 -5.10 -14.83
C MET A 109 -4.30 -5.65 -15.96
N THR A 110 -3.93 -5.36 -17.22
CA THR A 110 -4.64 -5.79 -18.43
C THR A 110 -4.71 -7.32 -18.55
N ASN A 111 -3.65 -8.05 -18.16
CA ASN A 111 -3.52 -9.50 -18.28
C ASN A 111 -4.71 -10.24 -17.62
N LEU A 112 -5.16 -9.76 -16.46
CA LEU A 112 -6.34 -10.27 -15.75
C LEU A 112 -7.59 -10.21 -16.65
N GLY A 113 -7.90 -9.00 -17.17
CA GLY A 113 -9.03 -8.69 -18.02
C GLY A 113 -9.70 -7.41 -17.54
N GLU A 114 -8.90 -6.36 -17.32
CA GLU A 114 -9.33 -5.05 -16.82
C GLU A 114 -8.64 -3.97 -17.67
N LYS A 115 -9.19 -3.71 -18.86
CA LYS A 115 -8.68 -2.72 -19.81
C LYS A 115 -9.16 -1.34 -19.36
N LEU A 116 -8.36 -0.68 -18.51
CA LEU A 116 -8.60 0.66 -17.98
C LEU A 116 -7.49 1.62 -18.44
N THR A 117 -7.78 2.93 -18.39
CA THR A 117 -6.89 3.99 -18.85
C THR A 117 -5.69 4.15 -17.91
N ASP A 118 -4.48 4.00 -18.45
CA ASP A 118 -3.21 4.02 -17.71
C ASP A 118 -2.79 5.40 -17.19
N GLU A 119 -3.59 6.45 -17.40
CA GLU A 119 -3.33 7.80 -16.88
C GLU A 119 -3.33 7.81 -15.34
N GLU A 120 -4.32 7.17 -14.69
CA GLU A 120 -4.33 6.98 -13.23
C GLU A 120 -3.11 6.16 -12.77
N VAL A 121 -2.69 5.15 -13.54
CA VAL A 121 -1.49 4.35 -13.27
C VAL A 121 -0.25 5.24 -13.22
N ASP A 122 -0.12 6.21 -14.16
CA ASP A 122 0.95 7.19 -14.16
C ASP A 122 0.84 8.17 -12.97
N GLU A 123 -0.38 8.58 -12.56
CA GLU A 123 -0.59 9.47 -11.42
C GLU A 123 -0.02 8.88 -10.13
N MET A 124 -0.45 7.67 -9.73
CA MET A 124 0.12 6.98 -8.55
C MET A 124 1.45 6.26 -8.82
N ILE A 125 2.26 6.77 -9.77
CA ILE A 125 3.70 6.63 -9.82
C ILE A 125 4.27 8.04 -9.53
N ARG A 126 3.96 9.00 -10.42
CA ARG A 126 4.41 10.39 -10.43
C ARG A 126 4.26 11.11 -9.08
N GLU A 127 3.14 10.91 -8.37
CA GLU A 127 2.84 11.55 -7.09
C GLU A 127 3.95 11.35 -6.05
N ALA A 128 4.63 10.19 -6.08
CA ALA A 128 5.83 9.89 -5.32
C ALA A 128 6.80 9.06 -6.17
N ASP A 129 7.38 9.69 -7.21
CA ASP A 129 8.49 9.18 -8.01
C ASP A 129 9.68 10.11 -7.78
N ILE A 130 10.59 9.72 -6.86
CA ILE A 130 11.78 10.49 -6.48
C ILE A 130 12.69 10.73 -7.69
N ASP A 131 13.09 9.66 -8.39
CA ASP A 131 14.00 9.72 -9.54
C ASP A 131 13.41 10.56 -10.69
N GLY A 132 12.11 10.41 -10.98
CA GLY A 132 11.42 11.13 -12.03
C GLY A 132 11.88 10.62 -13.39
N ASP A 133 11.46 9.40 -13.73
CA ASP A 133 11.98 8.61 -14.86
C ASP A 133 10.94 7.67 -15.48
N GLY A 134 9.65 7.78 -15.09
CA GLY A 134 8.58 6.88 -15.51
C GLY A 134 8.80 5.43 -15.06
N GLN A 135 9.41 5.23 -13.87
CA GLN A 135 9.65 3.93 -13.25
C GLN A 135 9.44 4.04 -11.73
N VAL A 136 9.28 2.87 -11.08
CA VAL A 136 9.11 2.72 -9.65
C VAL A 136 10.34 2.03 -9.08
N ASN A 137 11.21 2.79 -8.40
CA ASN A 137 12.32 2.24 -7.62
C ASN A 137 11.80 1.49 -6.38
N TYR A 138 12.68 0.72 -5.71
CA TYR A 138 12.36 -0.04 -4.51
C TYR A 138 11.89 0.87 -3.37
N GLU A 139 12.67 1.92 -3.06
CA GLU A 139 12.30 2.97 -2.11
C GLU A 139 10.97 3.63 -2.49
N GLU A 140 10.83 4.04 -3.76
CA GLU A 140 9.60 4.63 -4.30
C GLU A 140 8.38 3.75 -4.01
N PHE A 141 8.45 2.43 -4.22
CA PHE A 141 7.37 1.50 -3.92
C PHE A 141 6.94 1.59 -2.44
N VAL A 142 7.90 1.57 -1.50
CA VAL A 142 7.65 1.72 -0.08
C VAL A 142 6.94 3.06 0.19
N GLN A 143 7.53 4.19 -0.21
CA GLN A 143 7.02 5.54 0.03
C GLN A 143 5.76 5.91 -0.78
N MET A 144 5.42 5.18 -1.85
CA MET A 144 4.14 5.30 -2.56
C MET A 144 3.00 4.81 -1.65
N MET A 145 3.18 3.66 -1.01
CA MET A 145 2.27 3.13 0.01
C MET A 145 2.48 3.79 1.40
N THR A 146 3.64 4.44 1.65
CA THR A 146 4.00 5.08 2.92
C THR A 146 4.32 6.55 2.66
N ALA A 147 3.37 7.30 2.08
CA ALA A 147 3.45 8.74 1.89
C ALA A 147 2.79 9.41 3.10
N LYS A 148 3.55 10.20 3.87
CA LYS A 148 3.06 10.84 5.09
C LYS A 148 3.69 12.23 5.25
N GLY B 1 -11.92 -26.43 -7.55
CA GLY B 1 -12.33 -25.23 -6.81
C GLY B 1 -12.32 -23.95 -7.65
N SER B 2 -12.94 -22.88 -7.11
CA SER B 2 -13.00 -21.54 -7.71
C SER B 2 -12.81 -20.50 -6.62
N HIS B 3 -11.61 -20.49 -6.00
CA HIS B 3 -11.24 -19.61 -4.89
C HIS B 3 -9.74 -19.83 -4.60
N LYS B 4 -8.93 -18.76 -4.63
CA LYS B 4 -7.47 -18.86 -4.77
C LYS B 4 -6.76 -17.83 -3.88
N LYS B 5 -6.75 -18.07 -2.55
CA LYS B 5 -6.14 -17.19 -1.55
C LYS B 5 -4.61 -17.22 -1.70
N THR B 6 -4.03 -16.11 -2.21
CA THR B 6 -2.58 -15.94 -2.46
C THR B 6 -2.15 -14.50 -2.17
N ASP B 7 -0.88 -14.31 -1.80
CA ASP B 7 -0.23 -13.00 -1.64
C ASP B 7 -0.38 -12.13 -2.90
N SER B 8 -0.21 -12.74 -4.08
CA SER B 8 -0.40 -12.10 -5.39
C SER B 8 -1.83 -11.55 -5.53
N GLU B 9 -2.86 -12.41 -5.37
CA GLU B 9 -4.27 -12.04 -5.43
C GLU B 9 -4.59 -10.83 -4.52
N VAL B 10 -4.12 -10.86 -3.26
CA VAL B 10 -4.29 -9.76 -2.31
C VAL B 10 -3.70 -8.46 -2.86
N GLN B 11 -2.40 -8.42 -3.17
CA GLN B 11 -1.69 -7.21 -3.59
C GLN B 11 -2.15 -6.65 -4.95
N LEU B 12 -2.55 -7.54 -5.88
CA LEU B 12 -3.18 -7.18 -7.15
C LEU B 12 -4.48 -6.38 -6.94
N GLU B 13 -5.33 -6.81 -5.98
CA GLU B 13 -6.50 -6.04 -5.55
C GLU B 13 -6.09 -4.70 -4.91
N MET B 14 -5.00 -4.65 -4.13
CA MET B 14 -4.41 -3.40 -3.61
C MET B 14 -3.63 -2.61 -4.67
N ILE B 15 -3.86 -2.88 -5.97
CA ILE B 15 -3.45 -2.10 -7.13
C ILE B 15 -4.71 -1.67 -7.92
N THR B 16 -5.71 -2.57 -8.01
CA THR B 16 -7.00 -2.36 -8.69
C THR B 16 -7.83 -1.31 -7.93
N ALA B 17 -8.17 -1.60 -6.67
CA ALA B 17 -8.86 -0.69 -5.75
C ALA B 17 -8.08 0.62 -5.52
N TRP B 18 -6.74 0.55 -5.61
CA TRP B 18 -5.80 1.64 -5.39
C TRP B 18 -5.85 2.66 -6.54
N LYS B 19 -5.82 2.19 -7.79
CA LYS B 19 -6.11 2.97 -9.00
C LYS B 19 -7.46 3.69 -8.87
N LYS B 20 -8.47 3.02 -8.29
CA LYS B 20 -9.82 3.54 -8.09
C LYS B 20 -9.85 4.82 -7.23
N PHE B 21 -9.13 4.88 -6.10
CA PHE B 21 -9.07 6.09 -5.26
C PHE B 21 -8.57 7.31 -6.04
N VAL B 22 -7.51 7.11 -6.83
CA VAL B 22 -6.89 8.12 -7.69
C VAL B 22 -7.89 8.61 -8.74
N GLU B 23 -8.60 7.67 -9.40
CA GLU B 23 -9.66 7.92 -10.37
C GLU B 23 -10.71 8.84 -9.75
N GLU B 24 -11.42 8.37 -8.70
CA GLU B 24 -12.45 9.09 -7.95
C GLU B 24 -12.02 10.53 -7.62
N LYS B 25 -10.91 10.66 -6.89
CA LYS B 25 -10.34 11.92 -6.42
C LYS B 25 -9.94 12.87 -7.56
N LYS B 26 -9.46 12.33 -8.70
CA LYS B 26 -9.03 13.10 -9.87
C LYS B 26 -9.87 12.71 -11.11
N LYS B 27 -11.18 12.98 -11.05
CA LYS B 27 -12.15 12.77 -12.12
C LYS B 27 -13.39 13.60 -11.80
N LYS B 28 -13.59 14.70 -12.55
CA LYS B 28 -14.61 15.71 -12.28
C LYS B 28 -15.24 16.16 -13.61
N GLY C 1 -4.68 19.04 -9.33
CA GLY C 1 -3.43 19.81 -9.32
C GLY C 1 -2.18 18.94 -9.16
N SER C 2 -1.14 19.49 -8.53
CA SER C 2 0.15 18.86 -8.29
C SER C 2 0.76 19.42 -7.00
N HIS C 3 0.96 20.74 -6.95
CA HIS C 3 1.43 21.46 -5.76
C HIS C 3 0.44 21.33 -4.60
N LYS C 4 -0.87 21.43 -4.88
CA LYS C 4 -1.95 21.25 -3.91
C LYS C 4 -2.21 19.74 -3.75
N LYS C 5 -1.28 19.04 -3.12
CA LYS C 5 -1.30 17.59 -2.95
C LYS C 5 -0.37 17.21 -1.79
N THR C 6 -0.94 16.84 -0.63
CA THR C 6 -0.19 16.42 0.56
C THR C 6 -0.06 14.89 0.61
N ASP C 7 1.14 14.41 0.94
CA ASP C 7 1.51 13.00 1.10
C ASP C 7 0.57 12.26 2.04
N SER C 8 0.23 12.87 3.19
CA SER C 8 -0.72 12.36 4.18
C SER C 8 -2.09 12.04 3.56
N GLU C 9 -2.70 13.03 2.88
CA GLU C 9 -4.03 12.94 2.27
C GLU C 9 -4.09 11.85 1.18
N VAL C 10 -3.09 11.85 0.27
CA VAL C 10 -2.91 10.83 -0.76
C VAL C 10 -3.00 9.40 -0.16
N GLN C 11 -2.22 9.15 0.91
CA GLN C 11 -2.09 7.85 1.55
C GLN C 11 -3.36 7.45 2.32
N LEU C 12 -4.08 8.42 2.92
CA LEU C 12 -5.35 8.20 3.63
C LEU C 12 -6.37 7.50 2.73
N GLU C 13 -6.60 8.04 1.53
CA GLU C 13 -7.49 7.44 0.53
C GLU C 13 -6.98 6.11 -0.03
N MET C 14 -5.72 5.75 0.27
CA MET C 14 -5.10 4.44 0.01
C MET C 14 -5.43 3.45 1.13
N ILE C 15 -5.72 3.92 2.37
CA ILE C 15 -6.34 3.11 3.42
C ILE C 15 -7.81 2.81 3.00
N THR C 16 -8.50 3.80 2.42
CA THR C 16 -9.82 3.61 1.81
C THR C 16 -9.77 2.58 0.66
N ALA C 17 -8.69 2.56 -0.14
CA ALA C 17 -8.47 1.54 -1.16
C ALA C 17 -8.32 0.13 -0.56
N TRP C 18 -7.55 -0.02 0.53
CA TRP C 18 -7.45 -1.26 1.30
C TRP C 18 -8.84 -1.74 1.79
N LYS C 19 -9.67 -0.81 2.28
CA LYS C 19 -11.03 -1.08 2.71
C LYS C 19 -11.91 -1.57 1.53
N LYS C 20 -11.86 -0.85 0.40
CA LYS C 20 -12.62 -1.09 -0.83
C LYS C 20 -12.34 -2.49 -1.39
N PHE C 21 -11.05 -2.86 -1.53
CA PHE C 21 -10.56 -4.22 -1.79
C PHE C 21 -11.38 -5.28 -1.05
N VAL C 22 -11.47 -5.16 0.29
CA VAL C 22 -12.18 -6.13 1.12
C VAL C 22 -13.70 -6.08 0.88
N GLU C 23 -14.30 -4.89 0.74
CA GLU C 23 -15.74 -4.72 0.46
C GLU C 23 -16.19 -5.59 -0.71
N GLU C 24 -15.47 -5.51 -1.84
CA GLU C 24 -15.72 -6.28 -3.06
C GLU C 24 -15.56 -7.79 -2.82
N LYS C 25 -14.45 -8.20 -2.16
CA LYS C 25 -14.08 -9.61 -1.96
C LYS C 25 -15.01 -10.35 -0.98
N LYS C 26 -15.48 -9.66 0.07
CA LYS C 26 -16.36 -10.16 1.12
C LYS C 26 -17.63 -10.83 0.56
N LYS C 27 -18.23 -10.23 -0.48
CA LYS C 27 -19.24 -10.88 -1.32
C LYS C 27 -18.59 -12.02 -2.11
N LYS C 28 -19.12 -13.25 -1.97
CA LYS C 28 -18.63 -14.45 -2.66
C LYS C 28 -18.73 -14.25 -4.19
CA CA D . -1.20 4.56 18.47
CA CA E . -1.36 -8.40 14.27
CA CA F . 12.80 -1.65 -16.02
CA CA G . 12.26 5.10 -10.36
N ALA A 1 29.28 1.04 -3.74
CA ALA A 1 28.76 0.70 -2.40
C ALA A 1 28.15 1.93 -1.71
N ASP A 2 27.08 1.71 -0.93
CA ASP A 2 26.22 2.75 -0.37
C ASP A 2 26.01 2.48 1.13
N GLN A 3 26.76 3.21 1.97
CA GLN A 3 26.76 3.08 3.43
C GLN A 3 25.40 3.48 4.02
N LEU A 4 24.85 2.63 4.90
CA LEU A 4 23.57 2.85 5.59
C LEU A 4 23.66 4.02 6.59
N THR A 5 22.52 4.68 6.86
CA THR A 5 22.44 5.86 7.72
C THR A 5 21.12 5.86 8.53
N GLU A 6 21.16 6.51 9.70
CA GLU A 6 20.05 6.70 10.62
C GLU A 6 18.93 7.65 10.10
N GLU A 7 19.09 8.22 8.90
CA GLU A 7 18.07 9.02 8.21
C GLU A 7 16.78 8.22 8.02
N GLN A 8 16.88 7.00 7.48
CA GLN A 8 15.77 6.07 7.32
C GLN A 8 15.08 5.77 8.66
N ILE A 9 15.85 5.53 9.73
CA ILE A 9 15.35 5.17 11.06
C ILE A 9 14.39 6.27 11.58
N ALA A 10 14.83 7.53 11.55
CA ALA A 10 14.04 8.70 11.92
C ALA A 10 12.76 8.82 11.06
N GLU A 11 12.91 8.72 9.72
CA GLU A 11 11.82 8.80 8.75
C GLU A 11 10.75 7.73 9.00
N PHE A 12 11.17 6.50 9.38
CA PHE A 12 10.27 5.37 9.62
C PHE A 12 9.54 5.50 10.97
N LYS A 13 10.27 5.92 12.02
CA LYS A 13 9.68 6.22 13.33
C LYS A 13 8.59 7.31 13.21
N GLU A 14 8.83 8.37 12.42
CA GLU A 14 7.84 9.38 12.07
C GLU A 14 6.59 8.73 11.45
N ALA A 15 6.78 7.87 10.43
CA ALA A 15 5.70 7.17 9.72
C ALA A 15 4.74 6.43 10.67
N PHE A 16 5.28 5.65 11.62
CA PHE A 16 4.51 4.87 12.58
C PHE A 16 3.92 5.74 13.70
N SER A 17 4.76 6.57 14.35
CA SER A 17 4.41 7.36 15.53
C SER A 17 3.29 8.36 15.27
N LEU A 18 3.32 9.07 14.13
CA LEU A 18 2.26 9.95 13.65
C LEU A 18 0.91 9.21 13.67
N PHE A 19 0.89 8.00 13.09
CA PHE A 19 -0.28 7.12 13.04
C PHE A 19 -0.76 6.71 14.44
N ASP A 20 0.16 6.24 15.32
CA ASP A 20 -0.10 5.95 16.72
C ASP A 20 -0.23 7.27 17.50
N LYS A 21 -1.37 7.96 17.30
CA LYS A 21 -1.71 9.22 17.97
C LYS A 21 -1.83 9.00 19.48
N ASP A 22 -2.45 7.88 19.90
CA ASP A 22 -2.49 7.40 21.27
C ASP A 22 -1.07 7.22 21.85
N GLY A 23 -0.16 6.61 21.07
CA GLY A 23 1.25 6.44 21.43
C GLY A 23 1.60 5.05 21.99
N ASP A 24 0.60 4.25 22.38
CA ASP A 24 0.78 2.91 22.96
C ASP A 24 1.64 1.97 22.11
N GLY A 25 1.53 2.05 20.77
CA GLY A 25 2.33 1.29 19.81
C GLY A 25 1.56 0.15 19.14
N THR A 26 0.25 0.34 18.91
CA THR A 26 -0.62 -0.51 18.09
C THR A 26 -1.67 0.39 17.42
N ILE A 27 -2.00 0.12 16.14
CA ILE A 27 -3.09 0.78 15.43
C ILE A 27 -4.20 -0.25 15.18
N THR A 28 -4.99 -0.54 16.22
CA THR A 28 -6.20 -1.35 16.13
C THR A 28 -7.28 -0.64 15.28
N THR A 29 -8.40 -1.35 15.04
CA THR A 29 -9.53 -0.90 14.24
C THR A 29 -10.04 0.48 14.67
N LYS A 30 -10.21 0.71 15.98
CA LYS A 30 -10.76 1.95 16.53
C LYS A 30 -9.90 3.17 16.15
N GLU A 31 -8.58 3.13 16.38
CA GLU A 31 -7.66 4.20 16.03
C GLU A 31 -7.65 4.46 14.50
N LEU A 32 -7.70 3.40 13.69
CA LEU A 32 -7.90 3.48 12.24
C LEU A 32 -9.17 4.30 11.91
N GLY A 33 -10.25 4.07 12.67
CA GLY A 33 -11.52 4.77 12.60
C GLY A 33 -11.41 6.27 12.89
N THR A 34 -10.87 6.63 14.07
CA THR A 34 -10.77 8.00 14.57
C THR A 34 -10.02 8.93 13.59
N VAL A 35 -8.92 8.46 12.98
CA VAL A 35 -8.13 9.18 12.00
C VAL A 35 -8.99 9.61 10.79
N MET A 36 -9.72 8.65 10.21
CA MET A 36 -10.64 8.88 9.08
C MET A 36 -11.84 9.76 9.48
N ARG A 37 -12.41 9.56 10.68
CA ARG A 37 -13.55 10.31 11.22
C ARG A 37 -13.22 11.80 11.38
N SER A 38 -12.07 12.11 11.99
CA SER A 38 -11.56 13.46 12.21
C SER A 38 -11.52 14.28 10.91
N LEU A 39 -11.04 13.67 9.81
CA LEU A 39 -11.02 14.29 8.49
C LEU A 39 -12.45 14.46 7.96
N GLY A 40 -13.21 13.36 7.85
CA GLY A 40 -14.64 13.38 7.53
C GLY A 40 -15.07 12.17 6.71
N GLN A 41 -14.79 10.95 7.20
CA GLN A 41 -15.26 9.68 6.65
C GLN A 41 -15.50 8.69 7.79
N ASN A 42 -16.64 7.97 7.73
CA ASN A 42 -17.10 7.01 8.73
C ASN A 42 -16.91 5.58 8.22
N PRO A 43 -15.71 4.97 8.37
CA PRO A 43 -15.45 3.59 7.95
C PRO A 43 -16.24 2.56 8.77
N THR A 44 -16.43 1.37 8.19
CA THR A 44 -17.15 0.24 8.78
C THR A 44 -16.12 -0.75 9.37
N GLU A 45 -16.31 -1.14 10.64
CA GLU A 45 -15.32 -1.87 11.45
C GLU A 45 -14.88 -3.21 10.82
N ALA A 46 -15.78 -3.94 10.15
CA ALA A 46 -15.47 -5.19 9.45
C ALA A 46 -14.32 -5.00 8.45
N GLU A 47 -14.40 -3.97 7.60
CA GLU A 47 -13.37 -3.59 6.65
C GLU A 47 -12.07 -3.21 7.36
N LEU A 48 -12.14 -2.38 8.41
CA LEU A 48 -10.99 -1.91 9.20
C LEU A 48 -10.10 -3.05 9.71
N GLN A 49 -10.66 -4.21 10.05
CA GLN A 49 -9.89 -5.39 10.45
C GLN A 49 -9.16 -5.99 9.24
N ASP A 50 -9.93 -6.39 8.21
CA ASP A 50 -9.44 -7.11 7.03
C ASP A 50 -8.25 -6.42 6.36
N MET A 51 -8.36 -5.09 6.08
CA MET A 51 -7.30 -4.28 5.47
C MET A 51 -5.90 -4.50 6.08
N ILE A 52 -5.83 -4.67 7.40
CA ILE A 52 -4.62 -4.97 8.16
C ILE A 52 -4.32 -6.49 8.06
N ASN A 53 -5.34 -7.33 8.28
CA ASN A 53 -5.27 -8.78 8.37
C ASN A 53 -4.55 -9.43 7.16
N GLU A 54 -4.80 -8.92 5.94
CA GLU A 54 -4.19 -9.35 4.68
C GLU A 54 -2.71 -9.72 4.84
N VAL A 55 -1.89 -8.73 5.23
CA VAL A 55 -0.44 -8.86 5.35
C VAL A 55 -0.04 -9.52 6.68
N ASP A 56 -0.76 -9.27 7.78
CA ASP A 56 -0.47 -9.80 9.11
C ASP A 56 -0.63 -11.33 9.13
N ALA A 57 0.50 -12.06 9.15
CA ALA A 57 0.56 -13.51 9.23
C ALA A 57 -0.14 -14.02 10.50
N ASP A 58 0.31 -13.52 11.65
CA ASP A 58 -0.30 -13.73 12.97
C ASP A 58 -1.81 -13.39 12.94
N GLY A 59 -2.17 -12.26 12.33
CA GLY A 59 -3.54 -11.85 12.06
C GLY A 59 -4.35 -11.62 13.35
N ASN A 60 -3.76 -10.91 14.31
CA ASN A 60 -4.35 -10.57 15.60
C ASN A 60 -5.44 -9.51 15.42
N GLY A 61 -5.09 -8.42 14.72
CA GLY A 61 -5.87 -7.19 14.60
C GLY A 61 -4.92 -6.00 14.79
N THR A 62 -4.28 -5.93 15.97
CA THR A 62 -3.24 -4.97 16.31
C THR A 62 -2.04 -5.09 15.34
N ILE A 63 -1.73 -3.99 14.65
CA ILE A 63 -0.50 -3.83 13.86
C ILE A 63 0.53 -3.12 14.75
N ASP A 64 1.35 -3.91 15.45
CA ASP A 64 2.31 -3.42 16.44
C ASP A 64 3.51 -2.73 15.76
N PHE A 65 4.43 -2.19 16.58
CA PHE A 65 5.71 -1.62 16.15
C PHE A 65 6.44 -2.51 15.12
N PRO A 66 6.89 -3.73 15.49
CA PRO A 66 7.59 -4.63 14.59
C PRO A 66 6.75 -4.98 13.35
N GLU A 67 5.44 -5.22 13.51
CA GLU A 67 4.55 -5.62 12.41
C GLU A 67 4.46 -4.56 11.30
N PHE A 68 4.23 -3.27 11.64
CA PHE A 68 4.16 -2.19 10.65
C PHE A 68 5.50 -1.99 9.94
N LEU A 69 6.62 -2.01 10.68
CA LEU A 69 7.98 -1.95 10.14
C LEU A 69 8.21 -3.08 9.12
N THR A 70 7.74 -4.31 9.37
CA THR A 70 7.85 -5.45 8.45
C THR A 70 6.90 -5.27 7.24
N MET A 71 5.60 -5.04 7.48
CA MET A 71 4.50 -4.84 6.51
C MET A 71 4.96 -4.11 5.24
N MET A 72 5.41 -2.86 5.40
CA MET A 72 5.76 -1.95 4.31
C MET A 72 7.16 -2.28 3.75
N ALA A 73 8.20 -2.09 4.56
CA ALA A 73 9.60 -2.21 4.15
C ALA A 73 9.91 -3.62 3.61
N ARG A 74 9.68 -4.66 4.43
CA ARG A 74 9.86 -6.07 4.05
C ARG A 74 8.55 -6.55 3.40
N LYS A 75 7.82 -7.49 4.03
CA LYS A 75 6.53 -7.98 3.52
C LYS A 75 5.66 -8.47 4.70
N MET A 76 5.05 -9.66 4.63
CA MET A 76 4.24 -10.24 5.72
C MET A 76 5.08 -10.63 6.94
N LYS A 77 4.42 -10.93 8.06
CA LYS A 77 5.03 -11.08 9.38
C LYS A 77 5.66 -12.47 9.53
N ASP A 78 6.83 -12.68 8.92
CA ASP A 78 7.66 -13.89 9.02
C ASP A 78 9.16 -13.52 9.03
N THR A 79 10.04 -14.53 8.95
CA THR A 79 11.49 -14.38 8.98
C THR A 79 11.99 -13.82 7.65
N ASP A 80 12.10 -14.66 6.62
CA ASP A 80 12.56 -14.33 5.27
C ASP A 80 11.42 -13.63 4.51
N SER A 81 11.25 -12.32 4.77
CA SER A 81 10.15 -11.50 4.28
C SER A 81 10.54 -10.70 3.03
N GLU A 82 11.74 -10.09 2.99
CA GLU A 82 12.19 -9.27 1.86
C GLU A 82 12.29 -10.04 0.53
N GLU A 83 12.38 -11.38 0.55
CA GLU A 83 12.29 -12.23 -0.64
C GLU A 83 10.88 -12.19 -1.25
N GLU A 84 9.83 -12.13 -0.42
CA GLU A 84 8.43 -12.15 -0.87
C GLU A 84 8.05 -10.93 -1.72
N ILE A 85 8.73 -9.79 -1.53
CA ILE A 85 8.67 -8.63 -2.43
C ILE A 85 9.16 -9.03 -3.83
N ARG A 86 10.26 -9.79 -3.93
CA ARG A 86 10.78 -10.30 -5.20
C ARG A 86 9.83 -11.32 -5.84
N GLU A 87 9.17 -12.20 -5.04
CA GLU A 87 8.13 -13.09 -5.53
C GLU A 87 6.96 -12.29 -6.16
N ALA A 88 6.61 -11.13 -5.59
CA ALA A 88 5.61 -10.21 -6.14
C ALA A 88 6.12 -9.49 -7.41
N PHE A 89 7.40 -9.06 -7.42
CA PHE A 89 7.99 -8.27 -8.49
C PHE A 89 8.21 -9.09 -9.77
N ARG A 90 8.71 -10.34 -9.68
CA ARG A 90 8.91 -11.19 -10.86
C ARG A 90 7.61 -11.43 -11.65
N VAL A 91 6.46 -11.46 -10.96
CA VAL A 91 5.14 -11.47 -11.56
C VAL A 91 4.86 -10.12 -12.22
N PHE A 92 4.92 -9.02 -11.46
CA PHE A 92 4.51 -7.68 -11.92
C PHE A 92 5.54 -7.10 -12.91
N ASP A 93 6.71 -6.72 -12.40
CA ASP A 93 7.88 -6.29 -13.18
C ASP A 93 8.44 -7.51 -13.93
N LYS A 94 8.15 -7.60 -15.23
CA LYS A 94 8.59 -8.69 -16.09
C LYS A 94 10.12 -8.80 -16.11
N ASP A 95 10.82 -7.65 -16.14
CA ASP A 95 12.29 -7.57 -16.03
C ASP A 95 12.77 -8.08 -14.66
N GLY A 96 12.33 -7.41 -13.58
CA GLY A 96 12.75 -7.69 -12.21
C GLY A 96 14.17 -7.15 -11.97
N ASN A 97 14.33 -5.82 -12.05
CA ASN A 97 15.60 -5.10 -12.03
C ASN A 97 15.56 -3.83 -11.15
N GLY A 98 14.51 -3.67 -10.31
CA GLY A 98 14.28 -2.48 -9.50
C GLY A 98 14.00 -1.23 -10.35
N TYR A 99 13.11 -1.36 -11.35
CA TYR A 99 12.67 -0.32 -12.27
C TYR A 99 11.37 -0.82 -12.93
N ILE A 100 10.21 -0.50 -12.32
CA ILE A 100 8.90 -0.97 -12.76
C ILE A 100 8.22 0.12 -13.58
N SER A 101 8.11 -0.10 -14.90
CA SER A 101 7.52 0.84 -15.85
C SER A 101 5.98 0.86 -15.78
N ALA A 102 5.40 2.00 -16.20
CA ALA A 102 3.96 2.19 -16.42
C ALA A 102 3.36 1.12 -17.35
N ALA A 103 4.13 0.67 -18.36
CA ALA A 103 3.71 -0.35 -19.33
C ALA A 103 3.54 -1.72 -18.67
N GLU A 104 4.55 -2.20 -17.94
CA GLU A 104 4.53 -3.47 -17.20
C GLU A 104 3.43 -3.51 -16.14
N LEU A 105 3.12 -2.37 -15.49
CA LEU A 105 2.01 -2.23 -14.55
C LEU A 105 0.68 -2.43 -15.28
N ARG A 106 0.40 -1.61 -16.30
CA ARG A 106 -0.81 -1.68 -17.12
C ARG A 106 -1.06 -3.11 -17.66
N HIS A 107 -0.04 -3.72 -18.27
CA HIS A 107 -0.07 -5.05 -18.89
C HIS A 107 -0.72 -6.11 -17.98
N VAL A 108 -0.12 -6.35 -16.80
CA VAL A 108 -0.58 -7.37 -15.85
C VAL A 108 -2.04 -7.12 -15.42
N MET A 109 -2.38 -5.87 -15.06
CA MET A 109 -3.75 -5.45 -14.73
C MET A 109 -4.74 -5.71 -15.88
N THR A 110 -4.34 -5.48 -17.14
CA THR A 110 -5.14 -5.76 -18.32
C THR A 110 -5.40 -7.27 -18.49
N ASN A 111 -4.35 -8.11 -18.40
CA ASN A 111 -4.41 -9.57 -18.53
C ASN A 111 -5.47 -10.19 -17.61
N LEU A 112 -5.50 -9.75 -16.34
CA LEU A 112 -6.45 -10.21 -15.33
C LEU A 112 -7.90 -9.94 -15.76
N GLY A 113 -8.24 -8.67 -16.03
CA GLY A 113 -9.60 -8.28 -16.39
C GLY A 113 -9.79 -6.77 -16.49
N GLU A 114 -9.37 -6.02 -15.46
CA GLU A 114 -9.69 -4.62 -15.27
C GLU A 114 -9.12 -3.73 -16.39
N LYS A 115 -9.97 -3.31 -17.34
CA LYS A 115 -9.65 -2.38 -18.42
C LYS A 115 -9.94 -0.93 -17.97
N LEU A 116 -9.32 -0.55 -16.85
CA LEU A 116 -9.34 0.80 -16.29
C LEU A 116 -8.28 1.66 -17.00
N THR A 117 -8.52 2.98 -17.10
CA THR A 117 -7.75 3.88 -17.96
C THR A 117 -6.30 4.05 -17.46
N ASP A 118 -5.34 4.03 -18.40
CA ASP A 118 -3.90 4.04 -18.13
C ASP A 118 -3.42 5.32 -17.41
N GLU A 119 -4.07 6.47 -17.64
CA GLU A 119 -3.72 7.74 -17.00
C GLU A 119 -3.67 7.66 -15.47
N GLU A 120 -4.49 6.78 -14.87
CA GLU A 120 -4.50 6.48 -13.44
C GLU A 120 -3.17 5.85 -12.98
N VAL A 121 -2.62 4.90 -13.77
CA VAL A 121 -1.37 4.20 -13.51
C VAL A 121 -0.22 5.20 -13.38
N ASP A 122 -0.07 6.09 -14.38
CA ASP A 122 0.86 7.21 -14.41
C ASP A 122 0.69 8.14 -13.20
N GLU A 123 -0.55 8.44 -12.80
CA GLU A 123 -0.88 9.39 -11.74
C GLU A 123 -0.16 9.03 -10.43
N MET A 124 -0.33 7.79 -9.94
CA MET A 124 0.24 7.31 -8.67
C MET A 124 1.76 7.47 -8.63
N ILE A 125 2.44 7.14 -9.75
CA ILE A 125 3.88 7.28 -9.91
C ILE A 125 4.25 8.75 -9.64
N ARG A 126 3.67 9.69 -10.41
CA ARG A 126 3.92 11.13 -10.32
C ARG A 126 3.54 11.77 -8.98
N GLU A 127 2.62 11.19 -8.19
CA GLU A 127 2.35 11.64 -6.82
C GLU A 127 3.62 11.60 -5.94
N ALA A 128 4.50 10.60 -6.15
CA ALA A 128 5.81 10.53 -5.49
C ALA A 128 6.80 9.76 -6.38
N ASP A 129 7.29 10.41 -7.45
CA ASP A 129 8.37 9.92 -8.30
C ASP A 129 9.63 10.72 -7.95
N ILE A 130 10.46 10.16 -7.06
CA ILE A 130 11.69 10.77 -6.57
C ILE A 130 12.74 10.82 -7.69
N ASP A 131 12.99 9.67 -8.33
CA ASP A 131 13.99 9.48 -9.37
C ASP A 131 13.69 10.32 -10.62
N GLY A 132 12.49 10.17 -11.20
CA GLY A 132 12.02 10.93 -12.35
C GLY A 132 12.59 10.39 -13.67
N ASP A 133 12.16 9.17 -14.04
CA ASP A 133 12.47 8.53 -15.33
C ASP A 133 11.33 7.62 -15.82
N GLY A 134 10.09 7.89 -15.41
CA GLY A 134 8.89 7.16 -15.83
C GLY A 134 8.84 5.69 -15.39
N GLN A 135 9.55 5.34 -14.30
CA GLN A 135 9.54 4.00 -13.70
C GLN A 135 9.48 4.13 -12.16
N VAL A 136 9.63 3.00 -11.44
CA VAL A 136 9.54 2.95 -9.98
C VAL A 136 10.65 2.02 -9.43
N ASN A 137 11.59 2.61 -8.67
CA ASN A 137 12.68 1.94 -7.97
C ASN A 137 12.19 1.29 -6.65
N TYR A 138 13.09 0.62 -5.91
CA TYR A 138 12.81 0.06 -4.59
C TYR A 138 12.37 1.15 -3.60
N GLU A 139 13.29 2.10 -3.31
CA GLU A 139 13.07 3.25 -2.42
C GLU A 139 11.79 4.00 -2.78
N GLU A 140 11.59 4.28 -4.08
CA GLU A 140 10.40 4.92 -4.63
C GLU A 140 9.13 4.10 -4.32
N PHE A 141 9.13 2.80 -4.66
CA PHE A 141 8.00 1.88 -4.51
C PHE A 141 7.42 1.90 -3.09
N VAL A 142 8.29 1.67 -2.10
CA VAL A 142 7.94 1.70 -0.68
C VAL A 142 7.28 3.05 -0.34
N GLN A 143 7.95 4.15 -0.70
CA GLN A 143 7.55 5.51 -0.37
C GLN A 143 6.28 6.00 -1.10
N MET A 144 5.89 5.41 -2.26
CA MET A 144 4.59 5.68 -2.90
C MET A 144 3.46 5.38 -1.91
N MET A 145 3.47 4.14 -1.41
CA MET A 145 2.47 3.56 -0.52
C MET A 145 2.60 4.12 0.90
N THR A 146 3.86 4.27 1.37
CA THR A 146 4.23 4.77 2.70
C THR A 146 4.76 6.20 2.55
N ALA A 147 3.90 7.10 2.03
CA ALA A 147 4.22 8.50 1.78
C ALA A 147 4.17 9.32 3.07
N LYS A 148 5.32 9.48 3.73
CA LYS A 148 5.63 10.57 4.65
C LYS A 148 6.87 11.29 4.09
N GLY B 1 -5.76 -28.30 -0.05
CA GLY B 1 -6.90 -28.66 0.80
C GLY B 1 -8.24 -28.50 0.08
N SER B 2 -8.65 -27.23 -0.12
CA SER B 2 -9.82 -26.84 -0.90
C SER B 2 -9.48 -25.55 -1.66
N HIS B 3 -9.46 -24.41 -0.93
CA HIS B 3 -8.99 -23.12 -1.43
C HIS B 3 -7.49 -22.93 -1.12
N LYS B 4 -6.88 -21.88 -1.69
CA LYS B 4 -5.47 -21.53 -1.47
C LYS B 4 -5.23 -20.06 -1.83
N LYS B 5 -4.31 -19.41 -1.11
CA LYS B 5 -4.00 -17.98 -1.18
C LYS B 5 -2.48 -17.74 -1.27
N THR B 6 -2.11 -16.60 -1.87
CA THR B 6 -0.74 -16.20 -2.19
C THR B 6 -0.56 -14.69 -1.97
N ASP B 7 0.67 -14.26 -1.62
CA ASP B 7 1.09 -12.86 -1.59
C ASP B 7 0.83 -12.16 -2.94
N SER B 8 0.99 -12.89 -4.06
CA SER B 8 0.68 -12.42 -5.41
C SER B 8 -0.77 -11.95 -5.49
N GLU B 9 -1.74 -12.84 -5.23
CA GLU B 9 -3.18 -12.55 -5.22
C GLU B 9 -3.51 -11.29 -4.41
N VAL B 10 -2.96 -11.17 -3.20
CA VAL B 10 -3.15 -10.02 -2.30
C VAL B 10 -2.70 -8.71 -2.98
N GLN B 11 -1.44 -8.63 -3.43
CA GLN B 11 -0.86 -7.42 -4.03
C GLN B 11 -1.48 -7.06 -5.39
N LEU B 12 -1.88 -8.05 -6.20
CA LEU B 12 -2.59 -7.87 -7.47
C LEU B 12 -3.96 -7.22 -7.23
N GLU B 13 -4.73 -7.74 -6.26
CA GLU B 13 -5.99 -7.16 -5.81
C GLU B 13 -5.80 -5.78 -5.16
N MET B 14 -4.69 -5.57 -4.43
CA MET B 14 -4.36 -4.31 -3.76
C MET B 14 -4.24 -3.18 -4.78
N ILE B 15 -3.35 -3.34 -5.77
CA ILE B 15 -3.05 -2.33 -6.79
C ILE B 15 -4.20 -2.12 -7.79
N THR B 16 -5.07 -3.13 -7.98
CA THR B 16 -6.35 -2.99 -8.67
C THR B 16 -7.27 -2.02 -7.90
N ALA B 17 -7.49 -2.28 -6.59
CA ALA B 17 -8.28 -1.41 -5.71
C ALA B 17 -7.67 0.00 -5.56
N TRP B 18 -6.34 0.12 -5.58
CA TRP B 18 -5.59 1.36 -5.53
C TRP B 18 -6.01 2.32 -6.66
N LYS B 19 -6.20 1.76 -7.86
CA LYS B 19 -6.68 2.45 -9.06
C LYS B 19 -8.10 3.03 -8.90
N LYS B 20 -8.94 2.43 -8.04
CA LYS B 20 -10.28 2.93 -7.72
C LYS B 20 -10.23 4.26 -6.95
N PHE B 21 -9.31 4.40 -5.97
CA PHE B 21 -9.19 5.62 -5.15
C PHE B 21 -8.93 6.86 -6.02
N VAL B 22 -7.94 6.76 -6.92
CA VAL B 22 -7.53 7.83 -7.81
C VAL B 22 -8.67 8.22 -8.77
N GLU B 23 -9.39 7.23 -9.31
CA GLU B 23 -10.52 7.43 -10.22
C GLU B 23 -11.64 8.21 -9.51
N GLU B 24 -12.02 7.77 -8.30
CA GLU B 24 -12.99 8.44 -7.42
C GLU B 24 -12.59 9.89 -7.12
N LYS B 25 -11.33 10.10 -6.71
CA LYS B 25 -10.77 11.40 -6.37
C LYS B 25 -10.85 12.38 -7.55
N LYS B 26 -10.46 11.91 -8.75
CA LYS B 26 -10.33 12.70 -9.96
C LYS B 26 -11.36 12.21 -11.01
N LYS B 27 -12.60 12.72 -10.89
CA LYS B 27 -13.68 12.52 -11.86
C LYS B 27 -14.61 13.75 -11.90
N LYS B 28 -14.05 14.91 -12.27
CA LYS B 28 -14.79 16.14 -12.51
C LYS B 28 -15.35 16.13 -13.93
N GLY C 1 -6.80 22.03 -13.63
CA GLY C 1 -6.34 23.30 -13.05
C GLY C 1 -5.21 23.09 -12.05
N SER C 2 -5.54 23.02 -10.75
CA SER C 2 -4.59 22.82 -9.65
C SER C 2 -5.32 22.27 -8.41
N HIS C 3 -4.57 21.54 -7.57
CA HIS C 3 -4.98 21.06 -6.25
C HIS C 3 -3.76 20.93 -5.33
N LYS C 4 -3.93 21.30 -4.06
CA LYS C 4 -2.96 21.06 -2.98
C LYS C 4 -3.10 19.61 -2.52
N LYS C 5 -1.97 18.87 -2.50
CA LYS C 5 -1.90 17.46 -2.11
C LYS C 5 -0.57 17.19 -1.40
N THR C 6 -0.62 16.33 -0.36
CA THR C 6 0.48 16.06 0.57
C THR C 6 0.87 14.57 0.53
N ASP C 7 2.02 14.25 1.14
CA ASP C 7 2.47 12.87 1.37
C ASP C 7 1.44 12.12 2.24
N SER C 8 1.05 12.71 3.37
CA SER C 8 0.04 12.21 4.29
C SER C 8 -1.29 11.87 3.61
N GLU C 9 -1.75 12.73 2.67
CA GLU C 9 -2.95 12.52 1.87
C GLU C 9 -2.86 11.22 1.07
N VAL C 10 -1.79 11.06 0.29
CA VAL C 10 -1.52 9.91 -0.58
C VAL C 10 -1.52 8.59 0.22
N GLN C 11 -0.73 8.52 1.31
CA GLN C 11 -0.64 7.30 2.12
C GLN C 11 -1.96 6.92 2.79
N LEU C 12 -2.80 7.91 3.14
CA LEU C 12 -4.10 7.68 3.77
C LEU C 12 -5.11 7.11 2.77
N GLU C 13 -5.13 7.62 1.54
CA GLU C 13 -5.98 7.14 0.46
C GLU C 13 -5.53 5.77 -0.08
N MET C 14 -4.24 5.44 0.03
CA MET C 14 -3.73 4.08 -0.20
C MET C 14 -4.35 3.08 0.81
N ILE C 15 -4.44 3.48 2.09
CA ILE C 15 -5.06 2.68 3.15
C ILE C 15 -6.58 2.61 2.98
N THR C 16 -7.23 3.69 2.51
CA THR C 16 -8.64 3.69 2.11
C THR C 16 -8.91 2.61 1.07
N ALA C 17 -8.08 2.52 0.01
CA ALA C 17 -8.20 1.56 -1.09
C ALA C 17 -8.32 0.10 -0.60
N TRP C 18 -7.63 -0.26 0.49
CA TRP C 18 -7.71 -1.58 1.12
C TRP C 18 -9.16 -1.95 1.51
N LYS C 19 -9.97 -0.98 1.97
CA LYS C 19 -11.41 -1.19 2.19
C LYS C 19 -12.11 -1.66 0.91
N LYS C 20 -11.81 -1.04 -0.24
CA LYS C 20 -12.45 -1.29 -1.53
C LYS C 20 -12.22 -2.73 -2.04
N PHE C 21 -10.97 -3.22 -1.98
CA PHE C 21 -10.60 -4.62 -2.23
C PHE C 21 -11.53 -5.56 -1.45
N VAL C 22 -11.59 -5.39 -0.13
CA VAL C 22 -12.41 -6.20 0.76
C VAL C 22 -13.91 -6.06 0.42
N GLU C 23 -14.39 -4.85 0.09
CA GLU C 23 -15.79 -4.57 -0.27
C GLU C 23 -16.25 -5.39 -1.48
N GLU C 24 -15.36 -5.61 -2.46
CA GLU C 24 -15.60 -6.48 -3.62
C GLU C 24 -15.50 -7.96 -3.23
N LYS C 25 -14.38 -8.34 -2.58
CA LYS C 25 -14.04 -9.71 -2.18
C LYS C 25 -15.07 -10.33 -1.21
N LYS C 26 -15.78 -9.49 -0.43
CA LYS C 26 -16.97 -9.83 0.37
C LYS C 26 -17.92 -10.73 -0.42
N LYS C 27 -18.38 -10.24 -1.58
CA LYS C 27 -19.22 -10.97 -2.51
C LYS C 27 -18.41 -12.10 -3.17
N LYS C 28 -18.97 -13.31 -3.20
CA LYS C 28 -18.33 -14.52 -3.70
C LYS C 28 -17.96 -14.43 -5.19
CA CA D . -4.46 2.48 19.66
CA CA E . -1.59 -8.73 13.96
CA CA F . 12.97 -2.22 -16.48
CA CA G . 12.09 5.73 -11.65
N ALA A 1 21.83 -5.32 1.78
CA ALA A 1 22.52 -4.05 2.08
C ALA A 1 22.55 -3.76 3.59
N ASP A 2 23.75 -3.69 4.18
CA ASP A 2 23.96 -3.44 5.61
C ASP A 2 23.61 -2.00 6.00
N GLN A 3 23.39 -1.77 7.31
CA GLN A 3 23.12 -0.46 7.88
C GLN A 3 24.41 0.37 7.92
N LEU A 4 24.58 1.25 6.92
CA LEU A 4 25.72 2.16 6.81
C LEU A 4 25.56 3.32 7.79
N THR A 5 24.57 4.20 7.52
CA THR A 5 24.28 5.42 8.27
C THR A 5 23.05 5.22 9.16
N GLU A 6 23.02 5.91 10.31
CA GLU A 6 21.94 5.84 11.30
C GLU A 6 20.69 6.66 10.92
N GLU A 7 20.63 7.23 9.70
CA GLU A 7 19.52 8.07 9.23
C GLU A 7 18.24 7.25 9.03
N GLN A 8 18.31 6.15 8.28
CA GLN A 8 17.18 5.26 7.98
C GLN A 8 16.44 4.80 9.26
N ILE A 9 17.18 4.60 10.36
CA ILE A 9 16.65 4.28 11.69
C ILE A 9 15.65 5.37 12.13
N ALA A 10 16.08 6.64 12.10
CA ALA A 10 15.25 7.80 12.40
C ALA A 10 14.00 7.86 11.50
N GLU A 11 14.19 7.79 10.17
CA GLU A 11 13.10 7.85 9.18
C GLU A 11 12.01 6.80 9.43
N PHE A 12 12.38 5.55 9.77
CA PHE A 12 11.45 4.45 10.03
C PHE A 12 10.63 4.69 11.31
N LYS A 13 11.27 5.19 12.38
CA LYS A 13 10.60 5.64 13.60
C LYS A 13 9.58 6.73 13.29
N GLU A 14 10.00 7.79 12.58
CA GLU A 14 9.16 8.93 12.19
C GLU A 14 7.89 8.47 11.42
N ALA A 15 8.05 7.58 10.44
CA ALA A 15 6.94 7.00 9.66
C ALA A 15 5.92 6.28 10.56
N PHE A 16 6.39 5.37 11.43
CA PHE A 16 5.56 4.62 12.37
C PHE A 16 4.80 5.55 13.34
N SER A 17 5.52 6.48 13.97
CA SER A 17 5.02 7.47 14.93
C SER A 17 3.86 8.32 14.40
N LEU A 18 3.78 8.54 13.08
CA LEU A 18 2.70 9.28 12.41
C LEU A 18 1.33 8.64 12.68
N PHE A 19 1.24 7.30 12.58
CA PHE A 19 0.06 6.51 12.92
C PHE A 19 -0.15 6.48 14.44
N ASP A 20 0.92 6.18 15.19
CA ASP A 20 0.90 6.00 16.64
C ASP A 20 0.97 7.36 17.34
N LYS A 21 -0.19 8.03 17.48
CA LYS A 21 -0.37 9.21 18.31
C LYS A 21 -0.29 8.83 19.78
N ASP A 22 -0.99 7.74 20.16
CA ASP A 22 -1.03 7.17 21.52
C ASP A 22 0.36 6.96 22.13
N GLY A 23 1.33 6.48 21.32
CA GLY A 23 2.68 6.14 21.78
C GLY A 23 2.81 4.72 22.34
N ASP A 24 1.71 3.96 22.43
CA ASP A 24 1.71 2.56 22.87
C ASP A 24 2.47 1.62 21.90
N GLY A 25 2.55 1.98 20.61
CA GLY A 25 3.19 1.21 19.57
C GLY A 25 2.38 -0.02 19.14
N THR A 26 1.04 0.12 19.06
CA THR A 26 0.10 -0.92 18.64
C THR A 26 -1.03 -0.26 17.85
N ILE A 27 -0.97 -0.36 16.51
CA ILE A 27 -1.92 0.24 15.57
C ILE A 27 -3.12 -0.71 15.44
N THR A 28 -4.26 -0.31 16.04
CA THR A 28 -5.51 -1.08 16.03
C THR A 28 -6.53 -0.45 15.07
N THR A 29 -7.58 -1.23 14.75
CA THR A 29 -8.72 -0.89 13.91
C THR A 29 -9.35 0.47 14.29
N LYS A 30 -9.49 0.72 15.60
CA LYS A 30 -10.08 1.94 16.15
C LYS A 30 -9.20 3.19 15.88
N GLU A 31 -7.87 3.06 15.91
CA GLU A 31 -6.95 4.18 15.64
C GLU A 31 -7.10 4.68 14.20
N LEU A 32 -7.19 3.76 13.22
CA LEU A 32 -7.52 4.09 11.84
C LEU A 32 -8.89 4.78 11.75
N GLY A 33 -9.88 4.29 12.53
CA GLY A 33 -11.20 4.89 12.65
C GLY A 33 -11.14 6.39 13.00
N THR A 34 -10.44 6.73 14.10
CA THR A 34 -10.29 8.09 14.61
C THR A 34 -9.52 9.00 13.63
N VAL A 35 -8.42 8.50 13.05
CA VAL A 35 -7.63 9.20 12.03
C VAL A 35 -8.52 9.65 10.86
N MET A 36 -9.26 8.70 10.26
CA MET A 36 -10.25 8.95 9.22
C MET A 36 -11.35 9.93 9.67
N ARG A 37 -11.84 9.83 10.92
CA ARG A 37 -12.85 10.73 11.50
C ARG A 37 -12.38 12.20 11.50
N SER A 38 -11.20 12.45 12.08
CA SER A 38 -10.60 13.78 12.23
C SER A 38 -10.49 14.54 10.89
N LEU A 39 -10.25 13.80 9.80
CA LEU A 39 -10.05 14.33 8.45
C LEU A 39 -11.38 14.43 7.69
N GLY A 40 -12.25 13.41 7.76
CA GLY A 40 -13.66 13.48 7.36
C GLY A 40 -14.14 12.23 6.60
N GLN A 41 -14.06 11.07 7.25
CA GLN A 41 -14.55 9.77 6.79
C GLN A 41 -14.99 8.93 8.00
N ASN A 42 -16.13 8.23 7.88
CA ASN A 42 -16.70 7.34 8.89
C ASN A 42 -16.67 5.88 8.39
N PRO A 43 -15.51 5.19 8.46
CA PRO A 43 -15.36 3.82 7.96
C PRO A 43 -16.02 2.76 8.86
N THR A 44 -16.22 1.56 8.31
CA THR A 44 -16.94 0.44 8.93
C THR A 44 -15.97 -0.56 9.60
N GLU A 45 -16.39 -1.09 10.76
CA GLU A 45 -15.62 -1.99 11.62
C GLU A 45 -15.08 -3.24 10.92
N ALA A 46 -15.89 -3.87 10.05
CA ALA A 46 -15.54 -5.08 9.30
C ALA A 46 -14.38 -4.82 8.33
N GLU A 47 -14.50 -3.78 7.50
CA GLU A 47 -13.49 -3.40 6.50
C GLU A 47 -12.18 -2.91 7.17
N LEU A 48 -12.27 -2.21 8.30
CA LEU A 48 -11.13 -1.81 9.14
C LEU A 48 -10.26 -3.00 9.58
N GLN A 49 -10.87 -4.17 9.83
CA GLN A 49 -10.15 -5.39 10.22
C GLN A 49 -9.51 -6.06 8.98
N ASP A 50 -10.32 -6.37 7.96
CA ASP A 50 -9.91 -7.13 6.77
C ASP A 50 -8.77 -6.45 5.97
N MET A 51 -8.76 -5.11 5.88
CA MET A 51 -7.70 -4.34 5.22
C MET A 51 -6.32 -4.52 5.87
N ILE A 52 -6.27 -4.90 7.16
CA ILE A 52 -5.06 -5.13 7.95
C ILE A 52 -4.68 -6.62 7.89
N ASN A 53 -5.63 -7.51 8.22
CA ASN A 53 -5.44 -8.95 8.38
C ASN A 53 -5.00 -9.67 7.09
N GLU A 54 -5.21 -9.08 5.90
CA GLU A 54 -4.61 -9.52 4.64
C GLU A 54 -3.09 -9.75 4.76
N VAL A 55 -2.39 -8.87 5.49
CA VAL A 55 -0.97 -8.94 5.77
C VAL A 55 -0.72 -9.71 7.07
N ASP A 56 -1.37 -9.28 8.17
CA ASP A 56 -1.08 -9.75 9.52
C ASP A 56 -1.43 -11.24 9.66
N ALA A 57 -0.40 -12.11 9.61
CA ALA A 57 -0.49 -13.57 9.56
C ALA A 57 -1.19 -14.14 10.79
N ASP A 58 -0.70 -13.79 11.99
CA ASP A 58 -1.29 -14.13 13.29
C ASP A 58 -2.71 -13.60 13.45
N GLY A 59 -3.02 -12.44 12.85
CA GLY A 59 -4.38 -11.91 12.72
C GLY A 59 -5.00 -11.50 14.05
N ASN A 60 -4.25 -10.77 14.89
CA ASN A 60 -4.69 -10.29 16.20
C ASN A 60 -5.49 -8.98 16.09
N GLY A 61 -5.26 -8.16 15.04
CA GLY A 61 -5.87 -6.85 14.84
C GLY A 61 -4.89 -5.73 15.21
N THR A 62 -4.31 -5.81 16.41
CA THR A 62 -3.25 -4.93 16.91
C THR A 62 -1.96 -5.19 16.12
N ILE A 63 -1.44 -4.17 15.43
CA ILE A 63 -0.22 -4.23 14.63
C ILE A 63 0.90 -3.52 15.40
N ASP A 64 1.77 -4.31 16.05
CA ASP A 64 2.89 -3.84 16.85
C ASP A 64 3.99 -3.21 15.97
N PHE A 65 5.07 -2.74 16.60
CA PHE A 65 6.19 -2.04 15.97
C PHE A 65 6.81 -2.83 14.80
N PRO A 66 7.34 -4.05 14.99
CA PRO A 66 7.87 -4.88 13.90
C PRO A 66 6.82 -5.22 12.84
N GLU A 67 5.55 -5.43 13.25
CA GLU A 67 4.46 -5.83 12.36
C GLU A 67 4.12 -4.74 11.31
N PHE A 68 4.19 -3.45 11.69
CA PHE A 68 3.96 -2.33 10.77
C PHE A 68 5.16 -2.11 9.84
N LEU A 69 6.39 -2.14 10.40
CA LEU A 69 7.64 -2.09 9.65
C LEU A 69 7.73 -3.22 8.60
N THR A 70 7.24 -4.42 8.93
CA THR A 70 7.03 -5.51 8.00
C THR A 70 6.06 -5.08 6.90
N MET A 71 4.80 -4.77 7.28
CA MET A 71 3.67 -4.44 6.39
C MET A 71 4.06 -3.72 5.09
N MET A 72 4.77 -2.59 5.20
CA MET A 72 5.21 -1.79 4.07
C MET A 72 6.41 -2.42 3.36
N ALA A 73 7.53 -2.61 4.10
CA ALA A 73 8.83 -2.93 3.53
C ALA A 73 8.94 -4.40 3.08
N ARG A 74 8.76 -5.35 4.01
CA ARG A 74 8.94 -6.79 3.76
C ARG A 74 7.64 -7.47 3.31
N LYS A 75 6.54 -7.25 4.06
CA LYS A 75 5.18 -7.75 3.86
C LYS A 75 5.03 -9.20 4.35
N MET A 76 4.02 -9.43 5.20
CA MET A 76 3.56 -10.72 5.72
C MET A 76 4.51 -11.20 6.82
N LYS A 77 4.01 -11.33 8.05
CA LYS A 77 4.79 -11.69 9.22
C LYS A 77 5.37 -13.11 9.06
N ASP A 78 6.66 -13.18 8.71
CA ASP A 78 7.42 -14.37 8.34
C ASP A 78 8.92 -14.09 8.47
N THR A 79 9.74 -15.15 8.54
CA THR A 79 11.19 -15.07 8.64
C THR A 79 11.78 -14.43 7.38
N ASP A 80 11.62 -15.10 6.22
CA ASP A 80 12.03 -14.59 4.92
C ASP A 80 10.88 -13.78 4.29
N SER A 81 10.31 -12.83 5.03
CA SER A 81 9.25 -11.92 4.61
C SER A 81 9.66 -11.07 3.39
N GLU A 82 10.91 -10.57 3.36
CA GLU A 82 11.42 -9.68 2.32
C GLU A 82 11.36 -10.27 0.91
N GLU A 83 11.56 -11.60 0.77
CA GLU A 83 11.53 -12.30 -0.51
C GLU A 83 10.12 -12.34 -1.11
N GLU A 84 9.06 -12.33 -0.29
CA GLU A 84 7.66 -12.24 -0.74
C GLU A 84 7.48 -11.05 -1.70
N ILE A 85 7.96 -9.86 -1.29
CA ILE A 85 7.98 -8.64 -2.10
C ILE A 85 8.77 -8.82 -3.41
N ARG A 86 9.90 -9.57 -3.40
CA ARG A 86 10.67 -9.87 -4.61
C ARG A 86 9.91 -10.79 -5.59
N GLU A 87 9.16 -11.79 -5.08
CA GLU A 87 8.26 -12.62 -5.90
C GLU A 87 7.15 -11.76 -6.53
N ALA A 88 6.50 -10.89 -5.74
CA ALA A 88 5.48 -9.96 -6.19
C ALA A 88 6.00 -9.00 -7.29
N PHE A 89 7.22 -8.48 -7.12
CA PHE A 89 7.89 -7.62 -8.10
C PHE A 89 8.19 -8.38 -9.40
N ARG A 90 8.62 -9.65 -9.32
CA ARG A 90 8.85 -10.52 -10.48
C ARG A 90 7.60 -10.62 -11.36
N VAL A 91 6.41 -10.77 -10.75
CA VAL A 91 5.12 -10.79 -11.43
C VAL A 91 4.81 -9.44 -12.12
N PHE A 92 5.14 -8.31 -11.49
CA PHE A 92 4.88 -6.97 -12.03
C PHE A 92 5.95 -6.60 -13.07
N ASP A 93 7.18 -6.31 -12.62
CA ASP A 93 8.35 -6.00 -13.43
C ASP A 93 8.93 -7.30 -14.00
N LYS A 94 8.97 -7.40 -15.34
CA LYS A 94 9.41 -8.58 -16.08
C LYS A 94 10.93 -8.77 -16.04
N ASP A 95 11.70 -7.68 -16.07
CA ASP A 95 13.16 -7.69 -16.11
C ASP A 95 13.78 -7.87 -14.71
N GLY A 96 13.31 -7.10 -13.71
CA GLY A 96 13.81 -7.16 -12.34
C GLY A 96 15.15 -6.42 -12.21
N ASN A 97 15.08 -5.08 -12.23
CA ASN A 97 16.23 -4.16 -12.13
C ASN A 97 16.04 -3.07 -11.06
N GLY A 98 14.98 -3.15 -10.23
CA GLY A 98 14.58 -2.10 -9.31
C GLY A 98 14.08 -0.84 -10.04
N TYR A 99 13.21 -1.05 -11.04
CA TYR A 99 12.52 -0.02 -11.80
C TYR A 99 11.29 -0.65 -12.47
N ILE A 100 10.14 -0.57 -11.77
CA ILE A 100 8.86 -1.12 -12.19
C ILE A 100 8.20 -0.09 -13.11
N SER A 101 8.15 -0.36 -14.42
CA SER A 101 7.60 0.56 -15.42
C SER A 101 6.08 0.68 -15.31
N ALA A 102 5.54 1.83 -15.71
CA ALA A 102 4.11 2.10 -15.81
C ALA A 102 3.43 1.15 -16.82
N ALA A 103 4.10 0.91 -17.96
CA ALA A 103 3.70 -0.06 -18.99
C ALA A 103 3.55 -1.48 -18.41
N GLU A 104 4.51 -1.92 -17.59
CA GLU A 104 4.52 -3.24 -16.95
C GLU A 104 3.34 -3.40 -15.98
N LEU A 105 3.03 -2.36 -15.19
CA LEU A 105 1.89 -2.32 -14.28
C LEU A 105 0.55 -2.40 -15.03
N ARG A 106 0.41 -1.72 -16.18
CA ARG A 106 -0.71 -1.88 -17.09
C ARG A 106 -0.81 -3.33 -17.60
N HIS A 107 0.30 -3.89 -18.05
CA HIS A 107 0.41 -5.20 -18.71
C HIS A 107 -0.05 -6.36 -17.82
N VAL A 108 0.38 -6.39 -16.54
CA VAL A 108 0.03 -7.42 -15.57
C VAL A 108 -1.44 -7.34 -15.11
N MET A 109 -2.02 -6.14 -14.99
CA MET A 109 -3.46 -5.98 -14.73
C MET A 109 -4.28 -6.52 -15.92
N THR A 110 -3.88 -6.17 -17.14
CA THR A 110 -4.52 -6.63 -18.39
C THR A 110 -4.41 -8.15 -18.58
N ASN A 111 -3.34 -8.79 -18.07
CA ASN A 111 -3.12 -10.24 -18.09
C ASN A 111 -4.31 -11.01 -17.50
N LEU A 112 -4.90 -10.51 -16.39
CA LEU A 112 -6.12 -11.06 -15.78
C LEU A 112 -7.26 -11.01 -16.82
N GLY A 113 -7.57 -9.79 -17.30
CA GLY A 113 -8.56 -9.53 -18.34
C GLY A 113 -9.34 -8.25 -18.02
N GLU A 114 -8.61 -7.16 -17.72
CA GLU A 114 -9.17 -5.86 -17.32
C GLU A 114 -8.33 -4.74 -17.96
N LYS A 115 -8.71 -4.35 -19.19
CA LYS A 115 -8.25 -3.14 -19.85
C LYS A 115 -8.97 -1.94 -19.21
N LEU A 116 -8.32 -1.31 -18.22
CA LEU A 116 -8.77 -0.07 -17.57
C LEU A 116 -7.76 1.04 -17.86
N THR A 117 -8.26 2.28 -18.03
CA THR A 117 -7.56 3.45 -18.57
C THR A 117 -6.23 3.72 -17.83
N ASP A 118 -5.10 3.39 -18.48
CA ASP A 118 -3.76 3.34 -17.91
C ASP A 118 -3.24 4.66 -17.33
N GLU A 119 -3.75 5.81 -17.80
CA GLU A 119 -3.34 7.15 -17.35
C GLU A 119 -3.42 7.34 -15.83
N GLU A 120 -4.34 6.65 -15.15
CA GLU A 120 -4.52 6.71 -13.69
C GLU A 120 -3.31 6.09 -12.94
N VAL A 121 -2.70 5.03 -13.49
CA VAL A 121 -1.46 4.43 -12.97
C VAL A 121 -0.36 5.50 -12.87
N ASP A 122 -0.10 6.20 -13.97
CA ASP A 122 0.86 7.31 -14.03
C ASP A 122 0.56 8.38 -12.97
N GLU A 123 -0.72 8.68 -12.71
CA GLU A 123 -1.14 9.68 -11.73
C GLU A 123 -0.69 9.27 -10.32
N MET A 124 -1.07 8.06 -9.85
CA MET A 124 -0.71 7.55 -8.52
C MET A 124 0.73 7.06 -8.41
N ILE A 125 1.49 6.98 -9.51
CA ILE A 125 2.95 6.90 -9.50
C ILE A 125 3.52 8.28 -9.12
N ARG A 126 3.19 9.32 -9.91
CA ARG A 126 3.78 10.66 -9.83
C ARG A 126 3.68 11.33 -8.45
N GLU A 127 2.65 11.03 -7.65
CA GLU A 127 2.50 11.58 -6.29
C GLU A 127 3.71 11.30 -5.38
N ALA A 128 4.50 10.25 -5.66
CA ALA A 128 5.77 9.97 -5.00
C ALA A 128 6.74 9.24 -5.95
N ASP A 129 6.93 9.79 -7.16
CA ASP A 129 7.99 9.40 -8.10
C ASP A 129 9.17 10.37 -7.91
N ILE A 130 10.06 10.03 -6.97
CA ILE A 130 11.17 10.87 -6.53
C ILE A 130 12.18 11.10 -7.66
N ASP A 131 12.71 10.02 -8.25
CA ASP A 131 13.69 10.06 -9.34
C ASP A 131 13.10 10.73 -10.60
N GLY A 132 11.99 10.17 -11.12
CA GLY A 132 11.29 10.68 -12.29
C GLY A 132 11.96 10.20 -13.58
N ASP A 133 11.73 8.93 -13.94
CA ASP A 133 12.11 8.35 -15.23
C ASP A 133 11.08 7.32 -15.71
N GLY A 134 9.78 7.66 -15.57
CA GLY A 134 8.62 6.85 -15.94
C GLY A 134 8.59 5.46 -15.29
N GLN A 135 9.20 5.31 -14.10
CA GLN A 135 9.48 4.05 -13.42
C GLN A 135 9.36 4.21 -11.90
N VAL A 136 9.44 3.09 -11.16
CA VAL A 136 9.27 3.05 -9.70
C VAL A 136 10.39 2.17 -9.10
N ASN A 137 11.34 2.80 -8.41
CA ASN A 137 12.41 2.16 -7.63
C ASN A 137 11.88 1.68 -6.27
N TYR A 138 12.71 0.99 -5.46
CA TYR A 138 12.36 0.58 -4.10
C TYR A 138 12.04 1.78 -3.20
N GLU A 139 12.92 2.79 -3.19
CA GLU A 139 12.75 4.05 -2.45
C GLU A 139 11.48 4.85 -2.86
N GLU A 140 10.80 4.45 -3.94
CA GLU A 140 9.56 5.03 -4.44
C GLU A 140 8.37 4.13 -4.09
N PHE A 141 8.46 2.81 -4.38
CA PHE A 141 7.42 1.81 -4.16
C PHE A 141 6.90 1.84 -2.73
N VAL A 142 7.81 1.67 -1.75
CA VAL A 142 7.50 1.76 -0.33
C VAL A 142 6.91 3.14 0.01
N GLN A 143 7.50 4.23 -0.53
CA GLN A 143 7.13 5.61 -0.23
C GLN A 143 5.77 6.04 -0.80
N MET A 144 5.27 5.39 -1.86
CA MET A 144 3.91 5.58 -2.39
C MET A 144 2.89 5.19 -1.31
N MET A 145 3.03 3.99 -0.73
CA MET A 145 2.22 3.49 0.38
C MET A 145 2.65 4.04 1.75
N THR A 146 3.83 4.70 1.84
CA THR A 146 4.32 5.37 3.05
C THR A 146 4.61 6.83 2.69
N ALA A 147 3.58 7.55 2.22
CA ALA A 147 3.67 8.97 1.90
C ALA A 147 3.61 9.80 3.19
N LYS A 148 4.70 9.73 4.00
CA LYS A 148 4.89 10.46 5.24
C LYS A 148 4.96 11.96 4.92
N GLY B 1 -12.14 -26.16 -0.77
CA GLY B 1 -11.28 -25.29 -1.58
C GLY B 1 -11.92 -23.92 -1.82
N SER B 2 -13.02 -23.91 -2.59
CA SER B 2 -13.83 -22.75 -2.97
C SER B 2 -13.07 -21.87 -3.98
N HIS B 3 -12.04 -21.16 -3.52
CA HIS B 3 -11.20 -20.27 -4.33
C HIS B 3 -9.86 -20.04 -3.60
N LYS B 4 -8.74 -20.10 -4.35
CA LYS B 4 -7.40 -19.88 -3.80
C LYS B 4 -7.14 -18.39 -3.52
N LYS B 5 -6.13 -18.11 -2.67
CA LYS B 5 -5.76 -16.77 -2.23
C LYS B 5 -4.36 -16.79 -1.60
N THR B 6 -3.45 -15.95 -2.13
CA THR B 6 -2.04 -15.81 -1.74
C THR B 6 -1.65 -14.32 -1.68
N ASP B 7 -0.46 -14.02 -1.17
CA ASP B 7 0.09 -12.66 -1.07
C ASP B 7 0.17 -11.95 -2.43
N SER B 8 0.42 -12.69 -3.53
CA SER B 8 0.42 -12.17 -4.89
C SER B 8 -0.99 -11.67 -5.29
N GLU B 9 -2.01 -12.50 -5.05
CA GLU B 9 -3.42 -12.17 -5.32
C GLU B 9 -3.89 -10.98 -4.48
N VAL B 10 -3.54 -10.94 -3.19
CA VAL B 10 -3.78 -9.82 -2.29
C VAL B 10 -3.18 -8.53 -2.88
N GLN B 11 -1.90 -8.56 -3.28
CA GLN B 11 -1.19 -7.40 -3.81
C GLN B 11 -1.73 -6.94 -5.18
N LEU B 12 -2.27 -7.87 -6.00
CA LEU B 12 -3.03 -7.56 -7.22
C LEU B 12 -4.35 -6.84 -6.87
N GLU B 13 -5.11 -7.36 -5.89
CA GLU B 13 -6.33 -6.73 -5.37
C GLU B 13 -6.07 -5.30 -4.87
N MET B 14 -4.94 -5.08 -4.15
CA MET B 14 -4.50 -3.75 -3.71
C MET B 14 -4.28 -2.83 -4.91
N ILE B 15 -3.37 -3.18 -5.84
CA ILE B 15 -2.98 -2.30 -6.95
C ILE B 15 -4.17 -1.96 -7.88
N THR B 16 -5.10 -2.91 -8.05
CA THR B 16 -6.34 -2.74 -8.82
C THR B 16 -7.25 -1.71 -8.15
N ALA B 17 -7.61 -1.92 -6.87
CA ALA B 17 -8.47 -1.00 -6.12
C ALA B 17 -7.81 0.35 -5.80
N TRP B 18 -6.46 0.41 -5.81
CA TRP B 18 -5.71 1.66 -5.71
C TRP B 18 -6.04 2.60 -6.89
N LYS B 19 -6.26 2.03 -8.08
CA LYS B 19 -6.78 2.71 -9.27
C LYS B 19 -8.18 3.31 -9.01
N LYS B 20 -9.07 2.58 -8.31
CA LYS B 20 -10.42 3.03 -7.98
C LYS B 20 -10.42 4.29 -7.11
N PHE B 21 -9.43 4.48 -6.22
CA PHE B 21 -9.24 5.74 -5.50
C PHE B 21 -9.09 6.90 -6.50
N VAL B 22 -8.18 6.75 -7.48
CA VAL B 22 -7.89 7.77 -8.47
C VAL B 22 -9.13 8.12 -9.30
N GLU B 23 -9.91 7.12 -9.73
CA GLU B 23 -11.19 7.33 -10.43
C GLU B 23 -12.16 8.12 -9.54
N GLU B 24 -12.43 7.63 -8.31
CA GLU B 24 -13.37 8.23 -7.36
C GLU B 24 -13.06 9.70 -7.09
N LYS B 25 -11.79 10.01 -6.73
CA LYS B 25 -11.30 11.36 -6.48
C LYS B 25 -11.38 12.20 -7.76
N LYS B 26 -10.72 11.72 -8.83
CA LYS B 26 -10.48 12.43 -10.08
C LYS B 26 -11.16 11.70 -11.25
N LYS B 27 -12.45 11.97 -11.47
CA LYS B 27 -13.20 11.60 -12.67
C LYS B 27 -14.43 12.51 -12.74
N LYS B 28 -14.34 13.57 -13.56
CA LYS B 28 -15.21 14.73 -13.56
C LYS B 28 -15.52 15.15 -15.00
N GLY C 1 -3.05 28.80 -2.73
CA GLY C 1 -3.09 27.93 -1.55
C GLY C 1 -4.51 27.79 -1.00
N SER C 2 -5.19 26.69 -1.35
CA SER C 2 -6.59 26.42 -0.98
C SER C 2 -6.86 24.91 -0.94
N HIS C 3 -6.90 24.24 -2.11
CA HIS C 3 -7.18 22.81 -2.25
C HIS C 3 -6.07 21.99 -1.55
N LYS C 4 -6.46 21.16 -0.58
CA LYS C 4 -5.56 20.34 0.21
C LYS C 4 -5.07 19.13 -0.64
N LYS C 5 -3.76 19.09 -0.93
CA LYS C 5 -3.08 18.00 -1.64
C LYS C 5 -1.79 17.66 -0.90
N THR C 6 -1.91 17.09 0.30
CA THR C 6 -0.80 16.67 1.15
C THR C 6 -0.43 15.21 0.90
N ASP C 7 0.73 14.80 1.45
CA ASP C 7 1.22 13.43 1.43
C ASP C 7 0.30 12.49 2.24
N SER C 8 -0.17 12.95 3.41
CA SER C 8 -1.10 12.24 4.29
C SER C 8 -2.43 11.87 3.62
N GLU C 9 -3.01 12.79 2.83
CA GLU C 9 -4.25 12.56 2.09
C GLU C 9 -4.15 11.34 1.15
N VAL C 10 -3.01 11.15 0.46
CA VAL C 10 -2.77 9.98 -0.38
C VAL C 10 -2.86 8.68 0.45
N GLN C 11 -2.18 8.63 1.61
CA GLN C 11 -2.27 7.48 2.52
C GLN C 11 -3.72 7.19 2.94
N LEU C 12 -4.52 8.23 3.21
CA LEU C 12 -5.91 8.11 3.61
C LEU C 12 -6.74 7.36 2.55
N GLU C 13 -6.63 7.80 1.28
CA GLU C 13 -7.31 7.18 0.14
C GLU C 13 -6.73 5.79 -0.21
N MET C 14 -5.44 5.55 0.06
CA MET C 14 -4.76 4.28 -0.18
C MET C 14 -5.22 3.20 0.84
N ILE C 15 -5.48 3.60 2.09
CA ILE C 15 -6.15 2.77 3.10
C ILE C 15 -7.61 2.49 2.67
N THR C 16 -8.35 3.54 2.25
CA THR C 16 -9.71 3.39 1.69
C THR C 16 -9.74 2.41 0.50
N ALA C 17 -8.72 2.44 -0.37
CA ALA C 17 -8.57 1.53 -1.50
C ALA C 17 -8.47 0.05 -1.07
N TRP C 18 -7.86 -0.22 0.09
CA TRP C 18 -7.82 -1.57 0.66
C TRP C 18 -9.24 -2.04 1.03
N LYS C 19 -9.95 -1.23 1.81
CA LYS C 19 -11.37 -1.41 2.16
C LYS C 19 -12.26 -1.60 0.92
N LYS C 20 -11.89 -1.00 -0.22
CA LYS C 20 -12.62 -1.12 -1.49
C LYS C 20 -12.47 -2.54 -2.08
N PHE C 21 -11.25 -3.09 -2.20
CA PHE C 21 -11.09 -4.47 -2.68
C PHE C 21 -11.79 -5.46 -1.74
N VAL C 22 -11.70 -5.27 -0.41
CA VAL C 22 -12.39 -6.06 0.60
C VAL C 22 -13.90 -6.13 0.28
N GLU C 23 -14.53 -4.96 0.05
CA GLU C 23 -15.93 -4.83 -0.35
C GLU C 23 -16.23 -5.58 -1.67
N GLU C 24 -15.38 -5.40 -2.69
CA GLU C 24 -15.57 -5.97 -4.03
C GLU C 24 -15.46 -7.50 -4.04
N LYS C 25 -14.41 -8.06 -3.40
CA LYS C 25 -14.16 -9.49 -3.26
C LYS C 25 -15.31 -10.12 -2.46
N LYS C 26 -15.48 -9.69 -1.21
CA LYS C 26 -16.57 -10.09 -0.32
C LYS C 26 -17.76 -9.15 -0.55
N LYS C 27 -18.43 -9.31 -1.70
CA LYS C 27 -19.69 -8.65 -2.06
C LYS C 27 -20.80 -9.69 -2.00
N LYS C 28 -21.77 -9.53 -1.10
CA LYS C 28 -22.94 -10.40 -0.97
C LYS C 28 -23.92 -10.13 -2.12
CA CA D . -0.94 3.65 18.66
CA CA E . -0.84 -9.03 15.32
CA CA F . 12.55 -0.55 -16.20
CA CA G . 11.51 6.80 -11.11
N ALA A 1 34.89 2.09 4.27
CA ALA A 1 34.67 2.92 5.48
C ALA A 1 33.32 3.64 5.41
N ASP A 2 32.23 2.91 5.71
CA ASP A 2 30.85 3.41 5.64
C ASP A 2 30.55 4.39 6.78
N GLN A 3 29.62 5.33 6.53
CA GLN A 3 29.20 6.38 7.46
C GLN A 3 27.72 6.17 7.81
N LEU A 4 27.46 5.59 8.99
CA LEU A 4 26.13 5.55 9.60
C LEU A 4 25.68 6.98 9.93
N THR A 5 24.41 7.29 9.65
CA THR A 5 23.84 8.64 9.70
C THR A 5 22.44 8.61 10.33
N GLU A 6 22.10 9.65 11.11
CA GLU A 6 20.94 9.71 11.99
C GLU A 6 19.60 9.97 11.26
N GLU A 7 19.62 10.45 10.00
CA GLU A 7 18.41 10.84 9.26
C GLU A 7 17.48 9.65 8.97
N GLN A 8 18.02 8.48 8.60
CA GLN A 8 17.21 7.29 8.26
C GLN A 8 16.53 6.70 9.50
N ILE A 9 17.25 6.46 10.60
CA ILE A 9 16.65 6.01 11.86
C ILE A 9 15.52 6.95 12.33
N ALA A 10 15.67 8.27 12.10
CA ALA A 10 14.66 9.29 12.37
C ALA A 10 13.45 9.18 11.41
N GLU A 11 13.68 8.93 10.12
CA GLU A 11 12.64 8.68 9.11
C GLU A 11 11.65 7.61 9.60
N PHE A 12 12.16 6.40 9.91
CA PHE A 12 11.36 5.25 10.32
C PHE A 12 10.56 5.51 11.61
N LYS A 13 11.16 6.14 12.63
CA LYS A 13 10.46 6.54 13.86
C LYS A 13 9.26 7.43 13.54
N GLU A 14 9.51 8.58 12.89
CA GLU A 14 8.48 9.55 12.51
C GLU A 14 7.37 8.92 11.66
N ALA A 15 7.72 8.08 10.67
CA ALA A 15 6.79 7.36 9.80
C ALA A 15 5.74 6.58 10.61
N PHE A 16 6.18 5.77 11.59
CA PHE A 16 5.33 5.05 12.52
C PHE A 16 4.49 6.00 13.39
N SER A 17 5.13 7.03 13.98
CA SER A 17 4.54 7.98 14.92
C SER A 17 3.33 8.73 14.34
N LEU A 18 3.32 9.04 13.03
CA LEU A 18 2.21 9.69 12.34
C LEU A 18 0.90 8.89 12.47
N PHE A 19 0.96 7.55 12.35
CA PHE A 19 -0.15 6.64 12.63
C PHE A 19 -0.42 6.60 14.13
N ASP A 20 0.61 6.28 14.92
CA ASP A 20 0.55 6.11 16.37
C ASP A 20 0.63 7.47 17.06
N LYS A 21 -0.45 8.27 16.91
CA LYS A 21 -0.64 9.56 17.56
C LYS A 21 -0.52 9.44 19.09
N ASP A 22 -1.14 8.40 19.67
CA ASP A 22 -1.10 8.07 21.08
C ASP A 22 0.34 7.92 21.60
N GLY A 23 1.20 7.19 20.87
CA GLY A 23 2.61 7.02 21.20
C GLY A 23 2.95 5.61 21.71
N ASP A 24 2.04 4.97 22.46
CA ASP A 24 2.17 3.62 23.00
C ASP A 24 2.66 2.60 21.96
N GLY A 25 2.20 2.73 20.70
CA GLY A 25 2.66 1.98 19.56
C GLY A 25 1.81 0.71 19.33
N THR A 26 0.52 0.89 19.02
CA THR A 26 -0.39 -0.17 18.57
C THR A 26 -1.39 0.43 17.57
N ILE A 27 -1.17 0.22 16.26
CA ILE A 27 -2.10 0.58 15.19
C ILE A 27 -3.19 -0.50 15.13
N THR A 28 -4.46 -0.11 15.26
CA THR A 28 -5.60 -1.04 15.28
C THR A 28 -6.82 -0.45 14.55
N THR A 29 -7.87 -1.25 14.40
CA THR A 29 -9.09 -0.91 13.68
C THR A 29 -9.76 0.35 14.25
N LYS A 30 -9.75 0.50 15.58
CA LYS A 30 -10.23 1.68 16.30
C LYS A 30 -9.43 2.94 15.92
N GLU A 31 -8.09 2.84 15.87
CA GLU A 31 -7.18 3.93 15.53
C GLU A 31 -7.49 4.47 14.12
N LEU A 32 -7.49 3.59 13.10
CA LEU A 32 -7.90 3.92 11.73
C LEU A 32 -9.30 4.55 11.70
N GLY A 33 -10.23 4.03 12.51
CA GLY A 33 -11.58 4.58 12.67
C GLY A 33 -11.54 6.07 13.03
N THR A 34 -10.89 6.40 14.14
CA THR A 34 -10.78 7.75 14.70
C THR A 34 -10.10 8.74 13.74
N VAL A 35 -8.98 8.35 13.12
CA VAL A 35 -8.24 9.17 12.15
C VAL A 35 -9.16 9.59 10.99
N MET A 36 -9.85 8.63 10.35
CA MET A 36 -10.86 8.87 9.33
C MET A 36 -11.98 9.80 9.83
N ARG A 37 -12.53 9.52 11.04
CA ARG A 37 -13.60 10.28 11.68
C ARG A 37 -13.24 11.77 11.80
N SER A 38 -12.10 12.09 12.45
CA SER A 38 -11.55 13.43 12.62
C SER A 38 -11.59 14.24 11.33
N LEU A 39 -10.94 13.72 10.27
CA LEU A 39 -10.91 14.30 8.93
C LEU A 39 -12.33 14.54 8.41
N GLY A 40 -13.06 13.46 8.07
CA GLY A 40 -14.47 13.53 7.68
C GLY A 40 -14.89 12.31 6.85
N GLN A 41 -14.69 11.10 7.40
CA GLN A 41 -15.16 9.82 6.85
C GLN A 41 -15.50 8.87 8.00
N ASN A 42 -16.50 8.00 7.80
CA ASN A 42 -16.97 7.02 8.79
C ASN A 42 -16.81 5.60 8.22
N PRO A 43 -15.68 4.91 8.47
CA PRO A 43 -15.39 3.58 7.95
C PRO A 43 -16.39 2.48 8.34
N THR A 44 -16.26 1.33 7.66
CA THR A 44 -16.90 0.06 8.01
C THR A 44 -15.87 -0.79 8.77
N GLU A 45 -16.17 -1.09 10.04
CA GLU A 45 -15.29 -1.74 11.00
C GLU A 45 -14.72 -3.09 10.50
N ALA A 46 -15.55 -3.90 9.81
CA ALA A 46 -15.17 -5.20 9.26
C ALA A 46 -13.99 -5.09 8.29
N GLU A 47 -14.07 -4.17 7.31
CA GLU A 47 -13.05 -3.94 6.30
C GLU A 47 -11.71 -3.53 6.90
N LEU A 48 -11.72 -2.73 7.99
CA LEU A 48 -10.53 -2.35 8.75
C LEU A 48 -9.81 -3.56 9.38
N GLN A 49 -10.55 -4.60 9.81
CA GLN A 49 -9.96 -5.84 10.34
C GLN A 49 -9.39 -6.69 9.20
N ASP A 50 -10.20 -6.95 8.16
CA ASP A 50 -9.85 -7.76 6.99
C ASP A 50 -8.55 -7.29 6.34
N MET A 51 -8.46 -6.00 5.97
CA MET A 51 -7.31 -5.44 5.27
C MET A 51 -5.99 -5.62 6.05
N ILE A 52 -6.02 -5.52 7.39
CA ILE A 52 -4.85 -5.74 8.25
C ILE A 52 -4.42 -7.21 8.16
N ASN A 53 -5.35 -8.14 8.44
CA ASN A 53 -5.10 -9.59 8.50
C ASN A 53 -4.66 -10.20 7.15
N GLU A 54 -4.94 -9.52 6.02
CA GLU A 54 -4.41 -9.85 4.70
C GLU A 54 -2.89 -9.63 4.64
N VAL A 55 -2.44 -8.44 5.05
CA VAL A 55 -1.05 -7.98 4.98
C VAL A 55 -0.19 -8.55 6.14
N ASP A 56 -0.80 -8.83 7.31
CA ASP A 56 -0.18 -9.27 8.56
C ASP A 56 -0.43 -10.77 8.78
N ALA A 57 0.61 -11.52 9.18
CA ALA A 57 0.57 -12.98 9.34
C ALA A 57 -0.32 -13.41 10.51
N ASP A 58 0.08 -13.08 11.75
CA ASP A 58 -0.59 -13.55 12.97
C ASP A 58 -2.05 -13.07 13.12
N GLY A 59 -2.38 -11.90 12.53
CA GLY A 59 -3.74 -11.40 12.38
C GLY A 59 -4.46 -11.19 13.71
N ASN A 60 -3.82 -10.48 14.65
CA ASN A 60 -4.36 -10.18 15.97
C ASN A 60 -5.34 -9.00 15.89
N GLY A 61 -4.89 -7.88 15.28
CA GLY A 61 -5.61 -6.61 15.21
C GLY A 61 -4.66 -5.46 15.58
N THR A 62 -3.98 -5.57 16.73
CA THR A 62 -2.93 -4.65 17.17
C THR A 62 -1.66 -4.89 16.33
N ILE A 63 -1.15 -3.83 15.68
CA ILE A 63 0.05 -3.81 14.84
C ILE A 63 1.06 -2.88 15.52
N ASP A 64 2.05 -3.47 16.22
CA ASP A 64 3.11 -2.77 16.94
C ASP A 64 4.18 -2.21 15.99
N PHE A 65 5.29 -1.70 16.54
CA PHE A 65 6.48 -1.23 15.82
C PHE A 65 6.97 -2.24 14.76
N PRO A 66 7.52 -3.41 15.13
CA PRO A 66 8.04 -4.39 14.18
C PRO A 66 6.98 -4.83 13.16
N GLU A 67 5.74 -5.03 13.60
CA GLU A 67 4.61 -5.46 12.78
C GLU A 67 4.29 -4.46 11.66
N PHE A 68 4.32 -3.14 11.93
CA PHE A 68 4.11 -2.11 10.91
C PHE A 68 5.32 -2.05 9.95
N LEU A 69 6.54 -1.91 10.49
CA LEU A 69 7.80 -1.90 9.74
C LEU A 69 7.92 -3.13 8.84
N THR A 70 7.37 -4.29 9.25
CA THR A 70 7.16 -5.47 8.41
C THR A 70 6.19 -5.12 7.28
N MET A 71 4.90 -4.87 7.59
CA MET A 71 3.81 -4.63 6.63
C MET A 71 4.23 -3.77 5.43
N MET A 72 4.96 -2.68 5.69
CA MET A 72 5.45 -1.73 4.70
C MET A 72 6.52 -2.35 3.78
N ALA A 73 7.65 -2.80 4.36
CA ALA A 73 8.83 -3.27 3.62
C ALA A 73 8.82 -4.78 3.38
N ARG A 74 8.90 -5.56 4.47
CA ARG A 74 9.12 -7.01 4.43
C ARG A 74 7.83 -7.77 4.06
N LYS A 75 6.73 -7.53 4.80
CA LYS A 75 5.36 -7.99 4.58
C LYS A 75 5.16 -9.40 5.15
N MET A 76 4.20 -9.54 6.09
CA MET A 76 3.87 -10.73 6.86
C MET A 76 4.99 -11.08 7.86
N LYS A 77 4.59 -11.44 9.09
CA LYS A 77 5.50 -11.65 10.22
C LYS A 77 6.10 -13.06 10.16
N ASP A 78 7.10 -13.25 9.28
CA ASP A 78 7.75 -14.53 8.97
C ASP A 78 9.26 -14.35 8.75
N THR A 79 9.95 -15.41 8.31
CA THR A 79 11.40 -15.45 8.15
C THR A 79 11.85 -14.67 6.90
N ASP A 80 11.87 -15.33 5.73
CA ASP A 80 12.34 -14.78 4.45
C ASP A 80 11.26 -13.90 3.79
N SER A 81 10.81 -12.87 4.53
CA SER A 81 9.73 -11.96 4.16
C SER A 81 10.16 -10.99 3.05
N GLU A 82 11.39 -10.43 3.12
CA GLU A 82 11.96 -9.63 2.04
C GLU A 82 12.04 -10.41 0.71
N GLU A 83 12.43 -11.69 0.78
CA GLU A 83 12.46 -12.59 -0.37
C GLU A 83 11.07 -12.85 -0.95
N GLU A 84 10.02 -12.84 -0.11
CA GLU A 84 8.62 -12.96 -0.54
C GLU A 84 8.28 -11.80 -1.49
N ILE A 85 8.48 -10.54 -1.05
CA ILE A 85 8.30 -9.34 -1.87
C ILE A 85 9.08 -9.42 -3.19
N ARG A 86 10.29 -10.00 -3.18
CA ARG A 86 11.13 -10.16 -4.37
C ARG A 86 10.47 -11.03 -5.45
N GLU A 87 9.69 -12.05 -5.04
CA GLU A 87 8.82 -12.82 -5.94
C GLU A 87 7.71 -11.92 -6.51
N ALA A 88 6.99 -11.17 -5.65
CA ALA A 88 5.92 -10.25 -6.04
C ALA A 88 6.38 -9.22 -7.10
N PHE A 89 7.62 -8.71 -7.01
CA PHE A 89 8.26 -7.89 -8.05
C PHE A 89 8.18 -8.61 -9.41
N ARG A 90 8.89 -9.74 -9.58
CA ARG A 90 9.04 -10.41 -10.87
C ARG A 90 7.74 -10.94 -11.50
N VAL A 91 6.65 -11.13 -10.72
CA VAL A 91 5.33 -11.44 -11.27
C VAL A 91 4.81 -10.24 -12.06
N PHE A 92 4.81 -9.05 -11.45
CA PHE A 92 4.37 -7.79 -12.06
C PHE A 92 5.35 -7.32 -13.15
N ASP A 93 6.65 -7.50 -12.92
CA ASP A 93 7.76 -6.99 -13.71
C ASP A 93 8.26 -8.09 -14.63
N LYS A 94 8.09 -7.93 -15.95
CA LYS A 94 8.46 -8.93 -16.96
C LYS A 94 9.94 -8.76 -17.36
N ASP A 95 10.83 -8.70 -16.35
CA ASP A 95 12.28 -8.51 -16.43
C ASP A 95 12.88 -8.55 -15.01
N GLY A 96 12.38 -7.70 -14.10
CA GLY A 96 12.76 -7.66 -12.69
C GLY A 96 14.14 -7.03 -12.47
N ASN A 97 14.32 -5.78 -12.90
CA ASN A 97 15.53 -4.97 -12.67
C ASN A 97 15.35 -3.92 -11.55
N GLY A 98 14.25 -3.97 -10.79
CA GLY A 98 13.94 -3.04 -9.71
C GLY A 98 13.57 -1.65 -10.22
N TYR A 99 12.66 -1.59 -11.22
CA TYR A 99 12.15 -0.37 -11.83
C TYR A 99 10.80 -0.73 -12.47
N ILE A 100 9.70 -0.60 -11.70
CA ILE A 100 8.36 -0.97 -12.11
C ILE A 100 7.80 0.13 -13.04
N SER A 101 7.86 -0.09 -14.36
CA SER A 101 7.31 0.83 -15.36
C SER A 101 5.77 0.89 -15.27
N ALA A 102 5.20 2.03 -15.67
CA ALA A 102 3.76 2.22 -15.85
C ALA A 102 3.18 1.17 -16.81
N ALA A 103 3.94 0.83 -17.87
CA ALA A 103 3.67 -0.26 -18.80
C ALA A 103 3.52 -1.60 -18.07
N GLU A 104 4.54 -2.00 -17.30
CA GLU A 104 4.60 -3.27 -16.55
C GLU A 104 3.37 -3.47 -15.64
N LEU A 105 2.96 -2.42 -14.92
CA LEU A 105 1.76 -2.42 -14.10
C LEU A 105 0.51 -2.64 -14.98
N ARG A 106 0.28 -1.74 -15.96
CA ARG A 106 -0.83 -1.85 -16.91
C ARG A 106 -0.91 -3.23 -17.59
N HIS A 107 0.24 -3.87 -17.83
CA HIS A 107 0.35 -5.19 -18.43
C HIS A 107 -0.34 -6.23 -17.53
N VAL A 108 0.15 -6.43 -16.30
CA VAL A 108 -0.39 -7.43 -15.37
C VAL A 108 -1.86 -7.17 -14.99
N MET A 109 -2.28 -5.88 -14.94
CA MET A 109 -3.68 -5.47 -14.79
C MET A 109 -4.54 -6.02 -15.93
N THR A 110 -4.16 -5.73 -17.19
CA THR A 110 -4.89 -6.12 -18.40
C THR A 110 -4.95 -7.64 -18.58
N ASN A 111 -3.89 -8.38 -18.20
CA ASN A 111 -3.83 -9.84 -18.22
C ASN A 111 -5.04 -10.50 -17.51
N LEU A 112 -5.53 -9.91 -16.42
CA LEU A 112 -6.77 -10.33 -15.75
C LEU A 112 -7.98 -10.07 -16.67
N GLY A 113 -8.11 -8.82 -17.14
CA GLY A 113 -9.15 -8.33 -18.03
C GLY A 113 -9.72 -7.02 -17.48
N GLU A 114 -8.84 -6.03 -17.31
CA GLU A 114 -9.14 -4.71 -16.76
C GLU A 114 -8.46 -3.67 -17.63
N LYS A 115 -9.19 -3.18 -18.64
CA LYS A 115 -8.73 -2.20 -19.62
C LYS A 115 -8.97 -0.78 -19.07
N LEU A 116 -8.42 -0.50 -17.88
CA LEU A 116 -8.46 0.80 -17.21
C LEU A 116 -7.33 1.68 -17.79
N THR A 117 -7.67 2.94 -18.14
CA THR A 117 -6.78 3.88 -18.82
C THR A 117 -5.53 4.21 -17.97
N ASP A 118 -4.38 4.39 -18.65
CA ASP A 118 -3.07 4.55 -18.02
C ASP A 118 -2.89 5.88 -17.26
N GLU A 119 -3.73 6.89 -17.51
CA GLU A 119 -3.73 8.15 -16.78
C GLU A 119 -3.99 7.97 -15.27
N GLU A 120 -4.68 6.89 -14.85
CA GLU A 120 -4.83 6.54 -13.44
C GLU A 120 -3.46 6.23 -12.82
N VAL A 121 -2.77 5.19 -13.32
CA VAL A 121 -1.52 4.69 -12.75
C VAL A 121 -0.39 5.74 -12.77
N ASP A 122 -0.23 6.47 -13.88
CA ASP A 122 0.71 7.58 -14.02
C ASP A 122 0.60 8.60 -12.87
N GLU A 123 -0.65 8.95 -12.50
CA GLU A 123 -0.98 9.93 -11.49
C GLU A 123 -0.56 9.46 -10.08
N MET A 124 -1.01 8.26 -9.67
CA MET A 124 -0.71 7.69 -8.35
C MET A 124 0.75 7.24 -8.18
N ILE A 125 1.48 6.96 -9.28
CA ILE A 125 2.94 6.87 -9.28
C ILE A 125 3.50 8.23 -8.82
N ARG A 126 3.21 9.31 -9.57
CA ARG A 126 3.70 10.67 -9.36
C ARG A 126 3.50 11.21 -7.93
N GLU A 127 2.50 10.72 -7.18
CA GLU A 127 2.23 11.15 -5.80
C GLU A 127 3.42 10.90 -4.86
N ALA A 128 4.14 9.77 -5.01
CA ALA A 128 5.37 9.47 -4.26
C ALA A 128 6.31 8.59 -5.09
N ASP A 129 6.80 9.16 -6.21
CA ASP A 129 7.85 8.60 -7.08
C ASP A 129 8.95 9.66 -7.15
N ILE A 130 9.95 9.55 -6.25
CA ILE A 130 10.92 10.59 -5.93
C ILE A 130 11.85 10.89 -7.11
N ASP A 131 12.60 9.88 -7.60
CA ASP A 131 13.57 10.00 -8.68
C ASP A 131 12.95 10.63 -9.95
N GLY A 132 11.85 10.04 -10.45
CA GLY A 132 11.14 10.52 -11.63
C GLY A 132 11.87 10.09 -12.90
N ASP A 133 11.50 8.91 -13.43
CA ASP A 133 11.98 8.38 -14.71
C ASP A 133 10.97 7.43 -15.35
N GLY A 134 9.66 7.68 -15.16
CA GLY A 134 8.57 6.76 -15.52
C GLY A 134 8.43 5.66 -14.47
N GLN A 135 9.49 4.85 -14.29
CA GLN A 135 9.53 3.66 -13.46
C GLN A 135 9.51 3.97 -11.96
N VAL A 136 9.40 2.93 -11.12
CA VAL A 136 9.33 3.01 -9.66
C VAL A 136 10.40 2.06 -9.06
N ASN A 137 11.47 2.64 -8.49
CA ASN A 137 12.56 1.92 -7.82
C ASN A 137 12.13 1.41 -6.43
N TYR A 138 13.06 0.82 -5.66
CA TYR A 138 12.84 0.31 -4.31
C TYR A 138 12.54 1.45 -3.32
N GLU A 139 13.40 2.48 -3.30
CA GLU A 139 13.21 3.70 -2.51
C GLU A 139 12.03 4.58 -3.00
N GLU A 140 11.20 4.08 -3.93
CA GLU A 140 9.99 4.73 -4.42
C GLU A 140 8.77 3.85 -4.15
N PHE A 141 8.88 2.53 -4.40
CA PHE A 141 7.83 1.52 -4.28
C PHE A 141 7.48 1.23 -2.83
N VAL A 142 8.49 0.89 -2.01
CA VAL A 142 8.32 0.68 -0.57
C VAL A 142 7.90 2.00 0.09
N GLN A 143 8.68 3.06 -0.17
CA GLN A 143 8.45 4.43 0.28
C GLN A 143 7.03 4.94 -0.04
N MET A 144 6.38 4.41 -1.10
CA MET A 144 4.99 4.70 -1.48
C MET A 144 4.03 4.52 -0.29
N MET A 145 4.17 3.38 0.41
CA MET A 145 3.31 2.97 1.52
C MET A 145 3.63 3.70 2.83
N THR A 146 4.88 4.16 3.02
CA THR A 146 5.36 4.79 4.26
C THR A 146 5.96 6.18 3.97
N ALA A 147 5.27 6.99 3.14
CA ALA A 147 5.76 8.30 2.72
C ALA A 147 5.55 9.34 3.82
N LYS A 148 6.56 10.18 4.07
CA LYS A 148 6.52 11.25 5.06
C LYS A 148 7.41 12.43 4.67
N GLY B 1 -8.80 -22.94 -9.15
CA GLY B 1 -8.87 -22.00 -8.02
C GLY B 1 -9.98 -22.39 -7.04
N SER B 2 -9.74 -23.43 -6.23
CA SER B 2 -10.68 -23.94 -5.23
C SER B 2 -10.79 -22.97 -4.04
N HIS B 3 -9.78 -22.96 -3.16
CA HIS B 3 -9.69 -22.02 -2.04
C HIS B 3 -8.22 -21.88 -1.63
N LYS B 4 -7.42 -21.27 -2.50
CA LYS B 4 -6.02 -20.92 -2.32
C LYS B 4 -5.86 -19.40 -2.37
N LYS B 5 -4.85 -18.87 -1.66
CA LYS B 5 -4.48 -17.47 -1.64
C LYS B 5 -2.95 -17.30 -1.64
N THR B 6 -2.49 -16.15 -2.16
CA THR B 6 -1.09 -15.82 -2.39
C THR B 6 -0.88 -14.32 -2.25
N ASP B 7 0.34 -13.91 -1.86
CA ASP B 7 0.76 -12.51 -1.76
C ASP B 7 0.61 -11.77 -3.09
N SER B 8 0.89 -12.45 -4.22
CA SER B 8 0.67 -11.92 -5.56
C SER B 8 -0.80 -11.50 -5.74
N GLU B 9 -1.75 -12.41 -5.47
CA GLU B 9 -3.18 -12.12 -5.51
C GLU B 9 -3.57 -10.95 -4.59
N VAL B 10 -3.15 -10.97 -3.31
CA VAL B 10 -3.42 -9.90 -2.34
C VAL B 10 -2.95 -8.53 -2.88
N GLN B 11 -1.71 -8.46 -3.39
CA GLN B 11 -1.13 -7.24 -3.96
C GLN B 11 -1.90 -6.79 -5.22
N LEU B 12 -2.32 -7.73 -6.08
CA LEU B 12 -3.16 -7.44 -7.25
C LEU B 12 -4.49 -6.79 -6.84
N GLU B 13 -5.13 -7.28 -5.76
CA GLU B 13 -6.35 -6.70 -5.21
C GLU B 13 -6.12 -5.27 -4.70
N MET B 14 -5.03 -5.02 -3.96
CA MET B 14 -4.65 -3.67 -3.49
C MET B 14 -4.47 -2.71 -4.67
N ILE B 15 -3.52 -3.00 -5.58
CA ILE B 15 -3.12 -2.13 -6.68
C ILE B 15 -4.27 -1.87 -7.68
N THR B 16 -5.09 -2.89 -7.99
CA THR B 16 -6.29 -2.76 -8.82
C THR B 16 -7.26 -1.74 -8.23
N ALA B 17 -7.56 -1.85 -6.93
CA ALA B 17 -8.40 -0.90 -6.20
C ALA B 17 -7.74 0.49 -6.09
N TRP B 18 -6.40 0.58 -6.20
CA TRP B 18 -5.64 1.81 -6.16
C TRP B 18 -5.93 2.68 -7.41
N LYS B 19 -5.97 2.08 -8.61
CA LYS B 19 -6.52 2.72 -9.81
C LYS B 19 -7.94 3.26 -9.56
N LYS B 20 -8.80 2.45 -8.91
CA LYS B 20 -10.19 2.76 -8.61
C LYS B 20 -10.33 4.03 -7.75
N PHE B 21 -9.40 4.27 -6.80
CA PHE B 21 -9.36 5.51 -6.03
C PHE B 21 -9.14 6.73 -6.94
N VAL B 22 -8.13 6.69 -7.83
CA VAL B 22 -7.82 7.80 -8.74
C VAL B 22 -9.02 8.13 -9.62
N GLU B 23 -9.66 7.10 -10.19
CA GLU B 23 -10.93 7.19 -10.91
C GLU B 23 -11.97 7.93 -10.06
N GLU B 24 -12.24 7.45 -8.83
CA GLU B 24 -13.18 8.04 -7.87
C GLU B 24 -12.88 9.52 -7.58
N LYS B 25 -11.59 9.90 -7.50
CA LYS B 25 -11.15 11.27 -7.23
C LYS B 25 -11.48 12.19 -8.41
N LYS B 26 -11.04 11.81 -9.62
CA LYS B 26 -11.36 12.49 -10.89
C LYS B 26 -12.49 11.74 -11.61
N LYS B 27 -13.72 11.79 -11.08
CA LYS B 27 -14.91 11.13 -11.65
C LYS B 27 -15.91 12.19 -12.18
N LYS B 28 -15.39 13.26 -12.80
CA LYS B 28 -16.15 14.38 -13.34
C LYS B 28 -16.46 14.10 -14.81
N GLY C 1 3.43 17.33 -9.23
CA GLY C 1 4.07 17.98 -10.39
C GLY C 1 3.82 19.49 -10.41
N SER C 2 2.62 19.89 -10.86
CA SER C 2 2.20 21.28 -10.97
C SER C 2 1.71 21.78 -9.59
N HIS C 3 0.58 21.25 -9.11
CA HIS C 3 -0.02 21.58 -7.82
C HIS C 3 0.60 20.71 -6.71
N LYS C 4 0.82 21.31 -5.53
CA LYS C 4 1.44 20.66 -4.37
C LYS C 4 0.60 19.48 -3.85
N LYS C 5 1.28 18.42 -3.40
CA LYS C 5 0.70 17.19 -2.87
C LYS C 5 1.26 16.89 -1.47
N THR C 6 0.41 16.41 -0.56
CA THR C 6 0.76 16.01 0.81
C THR C 6 1.03 14.50 0.90
N ASP C 7 1.82 14.09 1.90
CA ASP C 7 2.20 12.69 2.17
C ASP C 7 1.04 11.90 2.80
N SER C 8 0.28 12.53 3.72
CA SER C 8 -0.84 11.96 4.44
C SER C 8 -1.86 11.30 3.49
N GLU C 9 -2.31 12.05 2.48
CA GLU C 9 -3.26 11.63 1.46
C GLU C 9 -2.85 10.34 0.74
N VAL C 10 -1.55 10.13 0.48
CA VAL C 10 -1.06 8.92 -0.20
C VAL C 10 -1.49 7.67 0.56
N GLN C 11 -1.18 7.60 1.87
CA GLN C 11 -1.60 6.51 2.74
C GLN C 11 -3.13 6.47 2.93
N LEU C 12 -3.79 7.63 3.11
CA LEU C 12 -5.22 7.68 3.39
C LEU C 12 -6.05 7.05 2.26
N GLU C 13 -5.75 7.46 1.02
CA GLU C 13 -6.36 6.98 -0.21
C GLU C 13 -5.94 5.55 -0.57
N MET C 14 -4.72 5.12 -0.18
CA MET C 14 -4.28 3.73 -0.28
C MET C 14 -5.12 2.83 0.65
N ILE C 15 -5.37 3.28 1.89
CA ILE C 15 -6.22 2.59 2.86
C ILE C 15 -7.66 2.49 2.33
N THR C 16 -8.19 3.57 1.70
CA THR C 16 -9.48 3.55 1.02
C THR C 16 -9.54 2.43 -0.04
N ALA C 17 -8.50 2.30 -0.87
CA ALA C 17 -8.35 1.23 -1.86
C ALA C 17 -8.32 -0.16 -1.22
N TRP C 18 -7.58 -0.33 -0.11
CA TRP C 18 -7.53 -1.57 0.66
C TRP C 18 -8.93 -2.01 1.11
N LYS C 19 -9.67 -1.11 1.76
CA LYS C 19 -11.07 -1.28 2.13
C LYS C 19 -11.93 -1.69 0.92
N LYS C 20 -11.72 -1.02 -0.22
CA LYS C 20 -12.51 -1.16 -1.44
C LYS C 20 -12.43 -2.57 -2.04
N PHE C 21 -11.23 -3.20 -2.12
CA PHE C 21 -11.13 -4.56 -2.65
C PHE C 21 -11.95 -5.57 -1.83
N VAL C 22 -11.97 -5.43 -0.49
CA VAL C 22 -12.78 -6.25 0.40
C VAL C 22 -14.28 -5.98 0.16
N GLU C 23 -14.68 -4.70 0.10
CA GLU C 23 -16.04 -4.25 -0.21
C GLU C 23 -16.60 -4.94 -1.47
N GLU C 24 -15.82 -4.94 -2.57
CA GLU C 24 -16.19 -5.50 -3.86
C GLU C 24 -16.24 -7.04 -3.81
N LYS C 25 -15.11 -7.67 -3.46
CA LYS C 25 -14.89 -9.12 -3.44
C LYS C 25 -15.84 -9.85 -2.49
N LYS C 26 -15.86 -9.44 -1.22
CA LYS C 26 -16.64 -10.02 -0.13
C LYS C 26 -17.61 -8.95 0.38
N LYS C 27 -18.75 -8.81 -0.30
CA LYS C 27 -19.71 -7.72 -0.17
C LYS C 27 -20.79 -8.07 0.86
N LYS C 28 -20.65 -7.52 2.08
CA LYS C 28 -21.61 -7.63 3.18
C LYS C 28 -22.32 -6.29 3.34
CA CA D . -0.79 3.94 19.11
CA CA E . -1.61 -8.35 14.55
CA CA F . 11.42 -4.20 -13.65
CA CA G . 11.50 7.12 -10.90
N ALA A 1 25.20 -4.42 2.75
CA ALA A 1 25.28 -5.76 3.36
C ALA A 1 24.82 -5.76 4.82
N ASP A 2 25.55 -5.03 5.69
CA ASP A 2 25.24 -4.87 7.11
C ASP A 2 25.90 -3.58 7.64
N GLN A 3 25.19 -2.89 8.55
CA GLN A 3 25.58 -1.64 9.21
C GLN A 3 25.67 -0.49 8.18
N LEU A 4 24.58 0.29 8.07
CA LEU A 4 24.37 1.36 7.09
C LEU A 4 23.99 2.68 7.77
N THR A 5 23.83 3.74 6.96
CA THR A 5 23.46 5.09 7.39
C THR A 5 22.05 5.12 7.98
N GLU A 6 21.83 5.95 9.01
CA GLU A 6 20.64 5.95 9.87
C GLU A 6 19.45 6.75 9.28
N GLU A 7 19.42 7.00 7.97
CA GLU A 7 18.32 7.70 7.30
C GLU A 7 17.05 6.84 7.28
N GLN A 8 17.15 5.59 6.78
CA GLN A 8 16.05 4.63 6.73
C GLN A 8 15.40 4.42 8.11
N ILE A 9 16.22 4.21 9.15
CA ILE A 9 15.81 4.07 10.55
C ILE A 9 14.93 5.26 10.95
N ALA A 10 15.47 6.48 10.88
CA ALA A 10 14.79 7.73 11.23
C ALA A 10 13.47 7.92 10.46
N GLU A 11 13.44 7.55 9.17
CA GLU A 11 12.30 7.69 8.27
C GLU A 11 11.16 6.73 8.63
N PHE A 12 11.45 5.44 8.85
CA PHE A 12 10.46 4.45 9.28
C PHE A 12 9.94 4.72 10.69
N LYS A 13 10.79 5.23 11.59
CA LYS A 13 10.39 5.74 12.91
C LYS A 13 9.39 6.88 12.75
N GLU A 14 9.70 7.90 11.93
CA GLU A 14 8.82 9.04 11.61
C GLU A 14 7.46 8.55 11.07
N ALA A 15 7.50 7.69 10.03
CA ALA A 15 6.34 7.15 9.32
C ALA A 15 5.35 6.46 10.27
N PHE A 16 5.84 5.59 11.16
CA PHE A 16 5.04 4.93 12.18
C PHE A 16 4.54 5.93 13.24
N SER A 17 5.41 6.82 13.73
CA SER A 17 5.11 7.81 14.78
C SER A 17 3.95 8.73 14.39
N LEU A 18 3.98 9.31 13.19
CA LEU A 18 2.92 10.17 12.64
C LEU A 18 1.55 9.49 12.75
N PHE A 19 1.43 8.25 12.25
CA PHE A 19 0.18 7.49 12.25
C PHE A 19 -0.25 7.14 13.68
N ASP A 20 0.69 6.66 14.51
CA ASP A 20 0.48 6.22 15.89
C ASP A 20 0.39 7.45 16.81
N LYS A 21 -0.80 8.07 16.87
CA LYS A 21 -1.09 9.31 17.59
C LYS A 21 -0.87 9.19 19.10
N ASP A 22 -1.33 8.08 19.71
CA ASP A 22 -1.28 7.85 21.16
C ASP A 22 0.17 7.82 21.66
N GLY A 23 1.00 6.92 21.10
CA GLY A 23 2.39 6.69 21.50
C GLY A 23 2.67 5.22 21.82
N ASP A 24 1.68 4.50 22.39
CA ASP A 24 1.77 3.11 22.84
C ASP A 24 2.39 2.13 21.83
N GLY A 25 2.20 2.38 20.52
CA GLY A 25 2.76 1.57 19.44
C GLY A 25 1.85 0.39 19.08
N THR A 26 0.55 0.67 18.87
CA THR A 26 -0.46 -0.21 18.28
C THR A 26 -1.48 0.69 17.57
N ILE A 27 -1.75 0.42 16.29
CA ILE A 27 -2.68 1.19 15.46
C ILE A 27 -3.89 0.29 15.17
N THR A 28 -4.75 0.08 16.19
CA THR A 28 -5.91 -0.81 16.11
C THR A 28 -7.02 -0.21 15.21
N THR A 29 -7.99 -1.06 14.82
CA THR A 29 -9.11 -0.73 13.94
C THR A 29 -9.95 0.48 14.42
N LYS A 30 -10.02 0.69 15.74
CA LYS A 30 -10.70 1.83 16.37
C LYS A 30 -9.96 3.13 16.02
N GLU A 31 -8.63 3.16 16.18
CA GLU A 31 -7.77 4.30 15.84
C GLU A 31 -7.91 4.67 14.35
N LEU A 32 -7.96 3.68 13.44
CA LEU A 32 -8.29 3.89 12.02
C LEU A 32 -9.63 4.62 11.88
N GLY A 33 -10.67 4.11 12.56
CA GLY A 33 -12.01 4.69 12.58
C GLY A 33 -12.00 6.18 12.99
N THR A 34 -11.25 6.51 14.06
CA THR A 34 -11.09 7.87 14.56
C THR A 34 -10.52 8.80 13.49
N VAL A 35 -9.35 8.44 12.91
CA VAL A 35 -8.64 9.22 11.90
C VAL A 35 -9.53 9.47 10.67
N MET A 36 -10.14 8.41 10.12
CA MET A 36 -11.02 8.48 8.95
C MET A 36 -12.22 9.41 9.21
N ARG A 37 -12.94 9.20 10.34
CA ARG A 37 -14.12 9.96 10.73
C ARG A 37 -13.81 11.46 10.89
N SER A 38 -12.74 11.78 11.62
CA SER A 38 -12.28 13.15 11.90
C SER A 38 -12.25 14.03 10.64
N LEU A 39 -11.66 13.52 9.55
CA LEU A 39 -11.71 14.13 8.22
C LEU A 39 -13.18 14.31 7.79
N GLY A 40 -13.86 13.19 7.53
CA GLY A 40 -15.28 13.13 7.16
C GLY A 40 -15.58 11.86 6.35
N GLN A 41 -15.15 10.70 6.84
CA GLN A 41 -15.35 9.38 6.22
C GLN A 41 -15.56 8.34 7.33
N ASN A 42 -16.72 7.68 7.35
CA ASN A 42 -17.11 6.71 8.37
C ASN A 42 -16.98 5.28 7.84
N PRO A 43 -15.84 4.58 8.03
CA PRO A 43 -15.64 3.20 7.58
C PRO A 43 -16.36 2.19 8.49
N THR A 44 -16.64 1.00 7.93
CA THR A 44 -17.19 -0.15 8.61
C THR A 44 -16.04 -1.03 9.12
N GLU A 45 -16.04 -1.35 10.43
CA GLU A 45 -14.91 -1.96 11.15
C GLU A 45 -14.43 -3.30 10.55
N ALA A 46 -15.35 -4.17 10.11
CA ALA A 46 -15.06 -5.46 9.50
C ALA A 46 -14.01 -5.40 8.38
N GLU A 47 -14.02 -4.31 7.61
CA GLU A 47 -13.09 -4.06 6.51
C GLU A 47 -11.70 -3.70 7.03
N LEU A 48 -11.64 -2.76 7.98
CA LEU A 48 -10.42 -2.34 8.68
C LEU A 48 -9.74 -3.54 9.37
N GLN A 49 -10.54 -4.46 9.94
CA GLN A 49 -10.07 -5.68 10.58
C GLN A 49 -9.37 -6.59 9.56
N ASP A 50 -10.09 -7.01 8.51
CA ASP A 50 -9.60 -7.94 7.51
C ASP A 50 -8.35 -7.42 6.77
N MET A 51 -8.39 -6.19 6.23
CA MET A 51 -7.29 -5.61 5.44
C MET A 51 -5.92 -5.70 6.14
N ILE A 52 -5.90 -5.52 7.47
CA ILE A 52 -4.72 -5.68 8.34
C ILE A 52 -4.38 -7.17 8.50
N ASN A 53 -5.37 -8.00 8.86
CA ASN A 53 -5.24 -9.44 9.09
C ASN A 53 -4.81 -10.25 7.86
N GLU A 54 -4.85 -9.68 6.64
CA GLU A 54 -4.15 -10.26 5.47
C GLU A 54 -2.65 -10.37 5.76
N VAL A 55 -1.99 -9.22 5.98
CA VAL A 55 -0.54 -9.13 6.13
C VAL A 55 -0.09 -9.69 7.50
N ASP A 56 -0.79 -9.36 8.59
CA ASP A 56 -0.57 -9.99 9.90
C ASP A 56 -1.05 -11.45 9.81
N ALA A 57 -0.13 -12.37 9.53
CA ALA A 57 -0.36 -13.80 9.42
C ALA A 57 -0.93 -14.38 10.73
N ASP A 58 -0.33 -13.98 11.86
CA ASP A 58 -0.85 -14.17 13.21
C ASP A 58 -2.28 -13.59 13.35
N GLY A 59 -2.47 -12.33 12.93
CA GLY A 59 -3.78 -11.71 12.79
C GLY A 59 -4.46 -11.48 14.14
N ASN A 60 -3.85 -10.64 14.99
CA ASN A 60 -4.39 -10.21 16.27
C ASN A 60 -5.46 -9.13 16.02
N GLY A 61 -5.07 -8.03 15.36
CA GLY A 61 -5.88 -6.83 15.16
C GLY A 61 -4.99 -5.60 15.23
N THR A 62 -4.20 -5.50 16.32
CA THR A 62 -3.11 -4.55 16.47
C THR A 62 -2.04 -4.77 15.39
N ILE A 63 -1.43 -3.67 14.93
CA ILE A 63 -0.25 -3.66 14.07
C ILE A 63 0.85 -2.94 14.87
N ASP A 64 1.56 -3.72 15.71
CA ASP A 64 2.55 -3.21 16.67
C ASP A 64 3.76 -2.60 15.94
N PHE A 65 4.68 -2.00 16.71
CA PHE A 65 5.89 -1.35 16.17
C PHE A 65 6.64 -2.26 15.19
N PRO A 66 7.14 -3.46 15.58
CA PRO A 66 7.84 -4.36 14.66
C PRO A 66 6.93 -4.86 13.54
N GLU A 67 5.62 -5.06 13.78
CA GLU A 67 4.67 -5.55 12.79
C GLU A 67 4.45 -4.54 11.64
N PHE A 68 4.44 -3.23 11.93
CA PHE A 68 4.29 -2.16 10.93
C PHE A 68 5.55 -2.05 10.06
N LEU A 69 6.73 -2.01 10.71
CA LEU A 69 8.06 -2.13 10.11
C LEU A 69 8.14 -3.36 9.18
N THR A 70 7.60 -4.52 9.60
CA THR A 70 7.46 -5.70 8.75
C THR A 70 6.54 -5.37 7.57
N MET A 71 5.22 -5.28 7.81
CA MET A 71 4.12 -4.98 6.88
C MET A 71 4.55 -4.18 5.65
N MET A 72 5.13 -3.00 5.86
CA MET A 72 5.58 -2.13 4.79
C MET A 72 6.83 -2.69 4.09
N ALA A 73 7.97 -2.73 4.77
CA ALA A 73 9.28 -3.04 4.17
C ALA A 73 9.39 -4.52 3.74
N ARG A 74 9.29 -5.45 4.71
CA ARG A 74 9.36 -6.89 4.51
C ARG A 74 8.07 -7.42 3.86
N LYS A 75 6.94 -7.23 4.55
CA LYS A 75 5.59 -7.70 4.26
C LYS A 75 5.42 -9.17 4.63
N MET A 76 4.54 -9.42 5.61
CA MET A 76 4.12 -10.72 6.13
C MET A 76 5.17 -11.31 7.08
N LYS A 77 4.68 -12.04 8.09
CA LYS A 77 5.44 -12.43 9.27
C LYS A 77 6.20 -13.74 9.01
N ASP A 78 7.21 -13.68 8.11
CA ASP A 78 8.00 -14.81 7.64
C ASP A 78 9.50 -14.47 7.68
N THR A 79 10.36 -15.43 7.28
CA THR A 79 11.81 -15.27 7.20
C THR A 79 12.17 -14.49 5.93
N ASP A 80 12.07 -15.15 4.76
CA ASP A 80 12.39 -14.60 3.45
C ASP A 80 11.18 -13.80 2.95
N SER A 81 10.94 -12.65 3.61
CA SER A 81 9.82 -11.76 3.39
C SER A 81 10.16 -10.67 2.37
N GLU A 82 11.43 -10.20 2.35
CA GLU A 82 11.96 -9.39 1.26
C GLU A 82 11.90 -10.15 -0.07
N GLU A 83 12.11 -11.49 -0.04
CA GLU A 83 11.94 -12.39 -1.17
C GLU A 83 10.45 -12.54 -1.56
N GLU A 84 9.54 -12.56 -0.57
CA GLU A 84 8.09 -12.60 -0.79
C GLU A 84 7.62 -11.42 -1.66
N ILE A 85 8.15 -10.21 -1.41
CA ILE A 85 7.92 -9.03 -2.26
C ILE A 85 8.49 -9.26 -3.67
N ARG A 86 9.75 -9.73 -3.79
CA ARG A 86 10.43 -9.98 -5.06
C ARG A 86 9.68 -10.94 -6.01
N GLU A 87 8.88 -11.88 -5.47
CA GLU A 87 7.95 -12.69 -6.25
C GLU A 87 6.93 -11.79 -6.96
N ALA A 88 6.11 -11.07 -6.19
CA ALA A 88 5.11 -10.11 -6.70
C ALA A 88 5.72 -9.07 -7.66
N PHE A 89 6.96 -8.63 -7.38
CA PHE A 89 7.73 -7.69 -8.19
C PHE A 89 8.02 -8.25 -9.60
N ARG A 90 8.42 -9.53 -9.67
CA ARG A 90 8.63 -10.29 -10.90
C ARG A 90 7.32 -10.66 -11.62
N VAL A 91 6.20 -10.86 -10.90
CA VAL A 91 4.87 -11.01 -11.50
C VAL A 91 4.49 -9.76 -12.32
N PHE A 92 4.85 -8.55 -11.83
CA PHE A 92 4.64 -7.30 -12.54
C PHE A 92 5.54 -7.21 -13.78
N ASP A 93 6.86 -7.35 -13.56
CA ASP A 93 7.91 -7.03 -14.53
C ASP A 93 8.25 -8.21 -15.43
N LYS A 94 8.42 -7.94 -16.74
CA LYS A 94 8.90 -8.89 -17.74
C LYS A 94 10.44 -8.93 -17.83
N ASP A 95 11.15 -8.36 -16.84
CA ASP A 95 12.60 -8.47 -16.68
C ASP A 95 13.00 -8.36 -15.19
N GLY A 96 12.50 -7.32 -14.49
CA GLY A 96 12.67 -7.12 -13.06
C GLY A 96 14.10 -6.73 -12.71
N ASN A 97 14.44 -5.45 -12.89
CA ASN A 97 15.77 -4.87 -12.69
C ASN A 97 15.76 -3.87 -11.52
N GLY A 98 15.18 -4.25 -10.38
CA GLY A 98 14.96 -3.38 -9.21
C GLY A 98 14.25 -2.06 -9.58
N TYR A 99 13.29 -2.15 -10.51
CA TYR A 99 12.63 -1.04 -11.16
C TYR A 99 11.36 -1.56 -11.88
N ILE A 100 10.21 -0.91 -11.66
CA ILE A 100 8.92 -1.23 -12.30
C ILE A 100 8.59 -0.09 -13.27
N SER A 101 8.68 -0.34 -14.59
CA SER A 101 8.24 0.59 -15.62
C SER A 101 6.70 0.65 -15.69
N ALA A 102 6.16 1.80 -16.14
CA ALA A 102 4.74 1.98 -16.40
C ALA A 102 4.18 0.91 -17.35
N ALA A 103 4.90 0.60 -18.44
CA ALA A 103 4.55 -0.43 -19.43
C ALA A 103 4.31 -1.81 -18.80
N GLU A 104 5.16 -2.22 -17.84
CA GLU A 104 5.00 -3.46 -17.07
C GLU A 104 3.79 -3.39 -16.14
N LEU A 105 3.57 -2.22 -15.51
CA LEU A 105 2.53 -1.99 -14.51
C LEU A 105 1.12 -2.06 -15.12
N ARG A 106 0.90 -1.43 -16.30
CA ARG A 106 -0.35 -1.54 -17.04
C ARG A 106 -0.57 -2.95 -17.62
N HIS A 107 0.49 -3.69 -18.00
CA HIS A 107 0.37 -5.05 -18.55
C HIS A 107 -0.26 -6.01 -17.53
N VAL A 108 0.30 -6.11 -16.31
CA VAL A 108 -0.19 -7.00 -15.27
C VAL A 108 -1.65 -6.70 -14.85
N MET A 109 -2.06 -5.43 -14.88
CA MET A 109 -3.44 -4.99 -14.65
C MET A 109 -4.34 -5.45 -15.81
N THR A 110 -3.98 -5.10 -17.05
CA THR A 110 -4.70 -5.42 -18.29
C THR A 110 -4.91 -6.94 -18.47
N ASN A 111 -3.93 -7.76 -18.05
CA ASN A 111 -3.97 -9.22 -18.10
C ASN A 111 -5.29 -9.77 -17.52
N LEU A 112 -5.63 -9.36 -16.29
CA LEU A 112 -6.88 -9.73 -15.61
C LEU A 112 -8.02 -8.83 -16.09
N GLY A 113 -7.90 -7.51 -15.85
CA GLY A 113 -8.95 -6.52 -16.01
C GLY A 113 -9.45 -6.41 -17.46
N GLU A 114 -8.58 -5.97 -18.37
CA GLU A 114 -8.82 -5.76 -19.80
C GLU A 114 -9.53 -4.43 -20.03
N LYS A 115 -8.82 -3.47 -20.63
CA LYS A 115 -9.24 -2.09 -20.90
C LYS A 115 -9.55 -1.36 -19.59
N LEU A 116 -8.53 -0.71 -19.02
CA LEU A 116 -8.59 0.05 -17.77
C LEU A 116 -7.67 1.28 -17.86
N THR A 117 -8.01 2.35 -17.13
CA THR A 117 -7.45 3.69 -17.29
C THR A 117 -5.95 3.75 -16.90
N ASP A 118 -5.11 4.21 -17.82
CA ASP A 118 -3.66 4.38 -17.67
C ASP A 118 -3.26 5.70 -16.99
N GLU A 119 -4.05 6.78 -17.16
CA GLU A 119 -3.80 8.07 -16.54
C GLU A 119 -3.83 7.99 -15.01
N GLU A 120 -4.66 7.10 -14.44
CA GLU A 120 -4.64 6.73 -13.03
C GLU A 120 -3.32 6.05 -12.65
N VAL A 121 -2.84 5.09 -13.47
CA VAL A 121 -1.58 4.37 -13.25
C VAL A 121 -0.35 5.31 -13.29
N ASP A 122 -0.40 6.37 -14.11
CA ASP A 122 0.62 7.43 -14.16
C ASP A 122 0.53 8.38 -12.96
N GLU A 123 -0.69 8.73 -12.52
CA GLU A 123 -0.94 9.52 -11.31
C GLU A 123 -0.33 8.87 -10.07
N MET A 124 -0.50 7.54 -9.88
CA MET A 124 0.08 6.79 -8.77
C MET A 124 1.58 7.09 -8.57
N ILE A 125 2.32 7.16 -9.68
CA ILE A 125 3.75 7.41 -9.70
C ILE A 125 4.02 8.86 -9.26
N ARG A 126 3.48 9.84 -10.00
CA ARG A 126 3.65 11.29 -9.76
C ARG A 126 3.31 11.69 -8.30
N GLU A 127 2.22 11.13 -7.73
CA GLU A 127 1.77 11.35 -6.35
C GLU A 127 2.90 11.18 -5.32
N ALA A 128 3.89 10.31 -5.58
CA ALA A 128 5.13 10.24 -4.80
C ALA A 128 6.28 9.78 -5.69
N ASP A 129 6.65 10.60 -6.69
CA ASP A 129 7.81 10.39 -7.56
C ASP A 129 9.02 11.14 -7.00
N ILE A 130 10.20 10.48 -7.04
CA ILE A 130 11.48 11.00 -6.58
C ILE A 130 12.43 11.14 -7.78
N ASP A 131 12.69 10.04 -8.51
CA ASP A 131 13.64 9.97 -9.62
C ASP A 131 13.29 10.93 -10.76
N GLY A 132 12.25 10.62 -11.55
CA GLY A 132 11.76 11.49 -12.61
C GLY A 132 10.83 10.78 -13.59
N ASP A 133 9.86 10.01 -13.06
CA ASP A 133 8.82 9.30 -13.82
C ASP A 133 9.41 8.51 -15.00
N GLY A 134 10.39 7.63 -14.71
CA GLY A 134 11.05 6.74 -15.66
C GLY A 134 10.63 5.30 -15.35
N GLN A 135 11.28 4.70 -14.35
CA GLN A 135 10.85 3.47 -13.68
C GLN A 135 10.80 3.70 -12.17
N VAL A 136 9.93 2.95 -11.49
CA VAL A 136 9.62 3.07 -10.08
C VAL A 136 10.58 2.18 -9.28
N ASN A 137 11.59 2.80 -8.62
CA ASN A 137 12.60 2.11 -7.82
C ASN A 137 11.98 1.53 -6.53
N TYR A 138 12.72 0.67 -5.82
CA TYR A 138 12.29 0.07 -4.55
C TYR A 138 11.97 1.15 -3.51
N GLU A 139 12.89 2.12 -3.34
CA GLU A 139 12.75 3.30 -2.48
C GLU A 139 11.41 4.00 -2.72
N GLU A 140 11.13 4.37 -3.97
CA GLU A 140 9.88 5.01 -4.38
C GLU A 140 8.67 4.11 -4.08
N PHE A 141 8.75 2.81 -4.40
CA PHE A 141 7.69 1.83 -4.22
C PHE A 141 7.24 1.73 -2.75
N VAL A 142 8.20 1.71 -1.82
CA VAL A 142 7.94 1.78 -0.37
C VAL A 142 7.26 3.11 -0.06
N GLN A 143 7.85 4.25 -0.47
CA GLN A 143 7.31 5.60 -0.23
C GLN A 143 6.14 5.99 -1.17
N MET A 144 5.39 5.01 -1.70
CA MET A 144 4.10 5.16 -2.35
C MET A 144 3.03 4.58 -1.40
N MET A 145 3.28 3.36 -0.91
CA MET A 145 2.46 2.67 0.09
C MET A 145 2.84 3.06 1.54
N THR A 146 3.81 3.97 1.75
CA THR A 146 4.32 4.42 3.05
C THR A 146 4.75 5.90 2.94
N ALA A 147 3.90 6.74 2.34
CA ALA A 147 4.12 8.17 2.18
C ALA A 147 3.60 8.88 3.43
N LYS A 148 4.52 9.32 4.30
CA LYS A 148 4.21 9.99 5.57
C LYS A 148 5.13 11.21 5.72
N GLY B 1 -6.91 -20.31 -13.63
CA GLY B 1 -7.95 -21.36 -13.58
C GLY B 1 -8.66 -21.38 -12.23
N SER B 2 -8.06 -22.07 -11.24
CA SER B 2 -8.55 -22.17 -9.87
C SER B 2 -8.28 -20.88 -9.08
N HIS B 3 -9.03 -20.68 -7.98
CA HIS B 3 -8.91 -19.55 -7.07
C HIS B 3 -8.10 -19.97 -5.82
N LYS B 4 -7.33 -19.02 -5.27
CA LYS B 4 -6.47 -19.23 -4.11
C LYS B 4 -6.09 -17.89 -3.45
N LYS B 5 -5.80 -17.96 -2.14
CA LYS B 5 -5.49 -16.83 -1.27
C LYS B 5 -3.98 -16.85 -0.97
N THR B 6 -3.21 -16.04 -1.70
CA THR B 6 -1.75 -15.93 -1.63
C THR B 6 -1.33 -14.47 -1.37
N ASP B 7 -0.08 -14.26 -0.93
CA ASP B 7 0.54 -12.95 -0.77
C ASP B 7 0.50 -12.14 -2.09
N SER B 8 0.72 -12.81 -3.23
CA SER B 8 0.65 -12.24 -4.57
C SER B 8 -0.78 -11.76 -4.89
N GLU B 9 -1.79 -12.60 -4.62
CA GLU B 9 -3.21 -12.28 -4.78
C GLU B 9 -3.62 -11.05 -3.95
N VAL B 10 -3.22 -10.98 -2.67
CA VAL B 10 -3.44 -9.82 -1.80
C VAL B 10 -2.87 -8.54 -2.42
N GLN B 11 -1.62 -8.59 -2.92
CA GLN B 11 -0.94 -7.45 -3.54
C GLN B 11 -1.60 -7.02 -4.85
N LEU B 12 -2.15 -7.96 -5.62
CA LEU B 12 -2.88 -7.70 -6.86
C LEU B 12 -4.23 -7.03 -6.55
N GLU B 13 -5.00 -7.56 -5.58
CA GLU B 13 -6.24 -6.98 -5.07
C GLU B 13 -6.03 -5.51 -4.64
N MET B 14 -4.96 -5.24 -3.87
CA MET B 14 -4.54 -3.90 -3.48
C MET B 14 -4.37 -3.01 -4.72
N ILE B 15 -3.42 -3.34 -5.60
CA ILE B 15 -3.01 -2.50 -6.72
C ILE B 15 -4.17 -2.19 -7.69
N THR B 16 -5.10 -3.14 -7.86
CA THR B 16 -6.32 -2.98 -8.66
C THR B 16 -7.23 -1.91 -8.02
N ALA B 17 -7.59 -2.09 -6.75
CA ALA B 17 -8.40 -1.16 -5.96
C ALA B 17 -7.73 0.21 -5.79
N TRP B 18 -6.40 0.27 -5.90
CA TRP B 18 -5.60 1.49 -5.85
C TRP B 18 -5.95 2.44 -7.01
N LYS B 19 -6.32 1.89 -8.17
CA LYS B 19 -6.82 2.62 -9.33
C LYS B 19 -8.13 3.35 -9.00
N LYS B 20 -9.08 2.64 -8.36
CA LYS B 20 -10.39 3.16 -7.99
C LYS B 20 -10.29 4.43 -7.11
N PHE B 21 -9.38 4.49 -6.12
CA PHE B 21 -9.24 5.68 -5.26
C PHE B 21 -8.94 6.93 -6.11
N VAL B 22 -7.91 6.84 -6.96
CA VAL B 22 -7.45 7.93 -7.83
C VAL B 22 -8.58 8.36 -8.76
N GLU B 23 -9.20 7.39 -9.46
CA GLU B 23 -10.37 7.57 -10.32
C GLU B 23 -11.50 8.35 -9.63
N GLU B 24 -11.85 8.00 -8.38
CA GLU B 24 -12.85 8.74 -7.58
C GLU B 24 -12.42 10.19 -7.33
N LYS B 25 -11.14 10.43 -7.03
CA LYS B 25 -10.56 11.77 -6.88
C LYS B 25 -10.44 12.53 -8.22
N LYS B 26 -10.49 11.81 -9.36
CA LYS B 26 -10.18 12.30 -10.70
C LYS B 26 -11.29 11.88 -11.68
N LYS B 27 -12.45 12.52 -11.54
CA LYS B 27 -13.58 12.49 -12.47
C LYS B 27 -14.33 13.83 -12.39
N LYS B 28 -13.57 14.94 -12.42
CA LYS B 28 -14.03 16.28 -12.09
C LYS B 28 -13.56 17.26 -13.18
N GLY C 1 -0.88 26.21 -5.14
CA GLY C 1 -1.27 27.18 -6.18
C GLY C 1 -2.35 26.62 -7.10
N SER C 2 -1.93 25.84 -8.12
CA SER C 2 -2.80 25.20 -9.09
C SER C 2 -3.51 24.00 -8.46
N HIS C 3 -2.75 22.95 -8.12
CA HIS C 3 -3.23 21.75 -7.42
C HIS C 3 -2.01 21.06 -6.78
N LYS C 4 -1.96 21.04 -5.44
CA LYS C 4 -0.90 20.42 -4.65
C LYS C 4 -1.38 19.09 -4.01
N LYS C 5 -0.43 18.39 -3.39
CA LYS C 5 -0.58 17.13 -2.69
C LYS C 5 0.35 17.10 -1.46
N THR C 6 0.14 16.12 -0.57
CA THR C 6 0.99 15.83 0.58
C THR C 6 1.22 14.31 0.70
N ASP C 7 2.31 13.91 1.37
CA ASP C 7 2.69 12.51 1.56
C ASP C 7 1.60 11.74 2.33
N SER C 8 1.21 12.22 3.52
CA SER C 8 0.22 11.63 4.40
C SER C 8 -1.11 11.34 3.69
N GLU C 9 -1.59 12.29 2.88
CA GLU C 9 -2.80 12.16 2.06
C GLU C 9 -2.76 10.89 1.19
N VAL C 10 -1.71 10.73 0.37
CA VAL C 10 -1.54 9.61 -0.55
C VAL C 10 -1.70 8.25 0.15
N GLN C 11 -1.02 8.07 1.30
CA GLN C 11 -1.00 6.84 2.08
C GLN C 11 -2.34 6.56 2.79
N LEU C 12 -3.00 7.60 3.30
CA LEU C 12 -4.35 7.52 3.84
C LEU C 12 -5.37 7.11 2.75
N GLU C 13 -5.23 7.66 1.53
CA GLU C 13 -6.02 7.26 0.37
C GLU C 13 -5.64 5.85 -0.16
N MET C 14 -4.43 5.35 0.16
CA MET C 14 -4.03 3.96 -0.06
C MET C 14 -4.76 3.03 0.93
N ILE C 15 -4.96 3.45 2.19
CA ILE C 15 -5.81 2.76 3.16
C ILE C 15 -7.28 2.72 2.71
N THR C 16 -7.78 3.75 1.99
CA THR C 16 -9.12 3.74 1.41
C THR C 16 -9.26 2.60 0.39
N ALA C 17 -8.26 2.42 -0.48
CA ALA C 17 -8.18 1.33 -1.46
C ALA C 17 -8.13 -0.06 -0.80
N TRP C 18 -7.43 -0.19 0.35
CA TRP C 18 -7.42 -1.41 1.16
C TRP C 18 -8.85 -1.80 1.58
N LYS C 19 -9.55 -0.89 2.28
CA LYS C 19 -10.95 -1.03 2.64
C LYS C 19 -11.82 -1.38 1.42
N LYS C 20 -11.50 -0.82 0.24
CA LYS C 20 -12.25 -0.99 -1.00
C LYS C 20 -12.19 -2.45 -1.52
N PHE C 21 -10.99 -3.05 -1.66
CA PHE C 21 -10.85 -4.39 -2.22
C PHE C 21 -11.60 -5.45 -1.39
N VAL C 22 -11.54 -5.32 -0.05
CA VAL C 22 -12.26 -6.19 0.87
C VAL C 22 -13.78 -5.99 0.72
N GLU C 23 -14.25 -4.74 0.67
CA GLU C 23 -15.65 -4.36 0.50
C GLU C 23 -16.25 -5.02 -0.74
N GLU C 24 -15.50 -5.00 -1.85
CA GLU C 24 -15.85 -5.65 -3.12
C GLU C 24 -15.91 -7.17 -3.00
N LYS C 25 -14.96 -7.81 -2.27
CA LYS C 25 -14.89 -9.26 -2.10
C LYS C 25 -16.04 -9.79 -1.22
N LYS C 26 -16.36 -9.09 -0.12
CA LYS C 26 -17.45 -9.39 0.81
C LYS C 26 -18.78 -9.57 0.08
N LYS C 27 -19.24 -8.54 -0.65
CA LYS C 27 -20.44 -8.60 -1.48
C LYS C 27 -20.18 -9.50 -2.71
N LYS C 28 -21.21 -10.25 -3.13
CA LYS C 28 -21.15 -11.33 -4.13
C LYS C 28 -20.35 -12.54 -3.60
CA CA D . -1.42 4.34 19.04
CA CA E . -1.27 -8.82 14.49
CA CA F . 11.67 -4.44 -14.69
CA CA G . 9.15 6.46 -11.62
N ALA A 1 32.72 1.52 3.28
CA ALA A 1 32.08 2.01 2.05
C ALA A 1 30.59 1.65 2.04
N ASP A 2 29.78 2.46 2.73
CA ASP A 2 28.34 2.25 2.92
C ASP A 2 27.60 3.59 2.86
N GLN A 3 27.95 4.52 3.76
CA GLN A 3 27.38 5.86 3.86
C GLN A 3 25.89 5.78 4.22
N LEU A 4 25.60 5.61 5.53
CA LEU A 4 24.26 5.61 6.09
C LEU A 4 24.17 6.59 7.27
N THR A 5 22.95 6.94 7.68
CA THR A 5 22.67 7.91 8.75
C THR A 5 21.35 7.54 9.45
N GLU A 6 21.22 7.95 10.72
CA GLU A 6 20.06 7.72 11.58
C GLU A 6 18.81 8.54 11.21
N GLU A 7 18.83 9.28 10.08
CA GLU A 7 17.70 10.06 9.59
C GLU A 7 16.50 9.15 9.24
N GLN A 8 16.75 8.07 8.48
CA GLN A 8 15.72 7.11 8.07
C GLN A 8 15.10 6.36 9.26
N ILE A 9 15.88 6.07 10.32
CA ILE A 9 15.40 5.48 11.57
C ILE A 9 14.35 6.41 12.21
N ALA A 10 14.66 7.71 12.30
CA ALA A 10 13.75 8.74 12.80
C ALA A 10 12.48 8.84 11.95
N GLU A 11 12.63 8.72 10.62
CA GLU A 11 11.55 8.76 9.63
C GLU A 11 10.50 7.68 9.92
N PHE A 12 10.93 6.41 10.03
CA PHE A 12 10.04 5.28 10.36
C PHE A 12 9.40 5.43 11.75
N LYS A 13 10.10 6.02 12.73
CA LYS A 13 9.54 6.38 14.03
C LYS A 13 8.30 7.28 13.84
N GLU A 14 8.50 8.42 13.16
CA GLU A 14 7.49 9.42 12.86
C GLU A 14 6.30 8.83 12.08
N ALA A 15 6.57 8.00 11.06
CA ALA A 15 5.57 7.35 10.22
C ALA A 15 4.51 6.62 11.06
N PHE A 16 4.96 5.76 11.99
CA PHE A 16 4.10 5.06 12.94
C PHE A 16 3.41 6.04 13.90
N SER A 17 4.19 6.93 14.55
CA SER A 17 3.74 7.84 15.60
C SER A 17 2.58 8.77 15.17
N LEU A 18 2.61 9.24 13.90
CA LEU A 18 1.59 10.12 13.31
C LEU A 18 0.19 9.50 13.42
N PHE A 19 0.06 8.19 13.13
CA PHE A 19 -1.15 7.41 13.35
C PHE A 19 -1.32 7.10 14.86
N ASP A 20 -0.27 6.59 15.50
CA ASP A 20 -0.27 6.13 16.90
C ASP A 20 -0.09 7.33 17.86
N LYS A 21 -1.15 8.13 18.03
CA LYS A 21 -1.24 9.16 19.08
C LYS A 21 -1.41 8.50 20.46
N ASP A 22 -2.28 7.48 20.54
CA ASP A 22 -2.65 6.76 21.75
C ASP A 22 -1.43 6.32 22.60
N GLY A 23 -0.29 6.01 21.96
CA GLY A 23 1.00 5.91 22.62
C GLY A 23 1.41 4.47 22.96
N ASP A 24 0.46 3.65 23.45
CA ASP A 24 0.69 2.30 23.95
C ASP A 24 1.48 1.38 22.99
N GLY A 25 1.37 1.61 21.66
CA GLY A 25 2.17 0.99 20.62
C GLY A 25 1.43 -0.11 19.87
N THR A 26 0.13 0.10 19.62
CA THR A 26 -0.73 -0.71 18.75
C THR A 26 -1.70 0.22 18.01
N ILE A 27 -2.17 -0.19 16.83
CA ILE A 27 -3.14 0.55 16.02
C ILE A 27 -4.25 -0.42 15.61
N THR A 28 -5.20 -0.70 16.53
CA THR A 28 -6.34 -1.60 16.26
C THR A 28 -7.38 -0.92 15.36
N THR A 29 -8.46 -1.66 15.02
CA THR A 29 -9.57 -1.23 14.15
C THR A 29 -10.13 0.13 14.59
N LYS A 30 -10.41 0.29 15.90
CA LYS A 30 -10.86 1.52 16.53
C LYS A 30 -9.88 2.67 16.25
N GLU A 31 -8.60 2.51 16.65
CA GLU A 31 -7.54 3.51 16.53
C GLU A 31 -7.33 3.97 15.08
N LEU A 32 -7.21 3.03 14.13
CA LEU A 32 -7.09 3.27 12.69
C LEU A 32 -8.26 4.15 12.20
N GLY A 33 -9.50 3.75 12.52
CA GLY A 33 -10.71 4.50 12.24
C GLY A 33 -10.67 5.94 12.79
N THR A 34 -10.20 6.11 14.04
CA THR A 34 -10.07 7.41 14.72
C THR A 34 -9.11 8.34 13.96
N VAL A 35 -7.96 7.84 13.50
CA VAL A 35 -7.02 8.60 12.67
C VAL A 35 -7.75 9.17 11.43
N MET A 36 -8.47 8.32 10.70
CA MET A 36 -9.26 8.69 9.52
C MET A 36 -10.48 9.59 9.84
N ARG A 37 -11.04 9.53 11.05
CA ARG A 37 -12.25 10.25 11.44
C ARG A 37 -12.04 11.77 11.34
N SER A 38 -11.05 12.30 12.07
CA SER A 38 -10.64 13.70 12.08
C SER A 38 -10.43 14.23 10.66
N LEU A 39 -9.61 13.52 9.88
CA LEU A 39 -9.19 13.88 8.54
C LEU A 39 -10.38 13.97 7.57
N GLY A 40 -11.23 12.94 7.53
CA GLY A 40 -12.46 12.96 6.74
C GLY A 40 -13.14 11.59 6.71
N GLN A 41 -13.64 11.13 7.87
CA GLN A 41 -14.52 9.98 8.03
C GLN A 41 -13.90 8.63 7.63
N ASN A 42 -14.63 7.54 7.91
CA ASN A 42 -14.23 6.17 7.60
C ASN A 42 -15.50 5.27 7.51
N PRO A 43 -15.71 4.52 6.41
CA PRO A 43 -16.75 3.50 6.27
C PRO A 43 -16.74 2.39 7.34
N THR A 44 -17.49 1.31 7.08
CA THR A 44 -17.71 0.18 7.99
C THR A 44 -16.38 -0.43 8.48
N GLU A 45 -16.26 -0.59 9.81
CA GLU A 45 -15.03 -0.99 10.49
C GLU A 45 -14.62 -2.47 10.31
N ALA A 46 -15.48 -3.31 9.73
CA ALA A 46 -15.14 -4.67 9.33
C ALA A 46 -13.96 -4.69 8.35
N GLU A 47 -13.96 -3.75 7.39
CA GLU A 47 -12.93 -3.57 6.37
C GLU A 47 -11.55 -3.29 7.01
N LEU A 48 -11.52 -2.49 8.09
CA LEU A 48 -10.32 -2.15 8.85
C LEU A 48 -9.62 -3.37 9.47
N GLN A 49 -10.36 -4.44 9.81
CA GLN A 49 -9.78 -5.68 10.31
C GLN A 49 -9.08 -6.41 9.15
N ASP A 50 -9.86 -6.79 8.12
CA ASP A 50 -9.44 -7.56 6.96
C ASP A 50 -8.11 -7.05 6.37
N MET A 51 -8.07 -5.77 5.95
CA MET A 51 -6.89 -5.13 5.34
C MET A 51 -5.59 -5.36 6.13
N ILE A 52 -5.65 -5.31 7.48
CA ILE A 52 -4.52 -5.57 8.35
C ILE A 52 -4.18 -7.08 8.32
N ASN A 53 -5.14 -7.93 8.67
CA ASN A 53 -4.98 -9.37 8.84
C ASN A 53 -4.60 -10.11 7.54
N GLU A 54 -4.81 -9.51 6.35
CA GLU A 54 -4.29 -10.01 5.08
C GLU A 54 -2.75 -10.09 5.14
N VAL A 55 -2.08 -8.92 5.29
CA VAL A 55 -0.64 -8.77 5.24
C VAL A 55 0.04 -9.23 6.54
N ASP A 56 -0.57 -8.96 7.71
CA ASP A 56 -0.02 -9.28 9.02
C ASP A 56 -0.11 -10.79 9.25
N ALA A 57 1.05 -11.48 9.24
CA ALA A 57 1.18 -12.93 9.31
C ALA A 57 0.41 -13.55 10.49
N ASP A 58 0.67 -13.08 11.73
CA ASP A 58 0.03 -13.59 12.95
C ASP A 58 -1.49 -13.38 12.95
N GLY A 59 -1.97 -12.26 12.39
CA GLY A 59 -3.38 -11.95 12.24
C GLY A 59 -4.13 -11.94 13.57
N ASN A 60 -3.62 -11.17 14.56
CA ASN A 60 -4.26 -10.99 15.87
C ASN A 60 -5.39 -9.97 15.74
N GLY A 61 -5.07 -8.79 15.15
CA GLY A 61 -5.91 -7.62 15.03
C GLY A 61 -5.30 -6.41 15.75
N THR A 62 -3.97 -6.34 15.84
CA THR A 62 -3.19 -5.29 16.49
C THR A 62 -1.85 -5.14 15.75
N ILE A 63 -1.79 -4.21 14.79
CA ILE A 63 -0.55 -3.90 14.08
C ILE A 63 0.36 -3.06 15.00
N ASP A 64 1.30 -3.72 15.68
CA ASP A 64 2.23 -3.13 16.65
C ASP A 64 3.30 -2.29 15.93
N PHE A 65 4.22 -1.68 16.71
CA PHE A 65 5.35 -0.90 16.21
C PHE A 65 6.23 -1.73 15.26
N PRO A 66 6.73 -2.92 15.67
CA PRO A 66 7.51 -3.81 14.81
C PRO A 66 6.71 -4.27 13.59
N GLU A 67 5.46 -4.71 13.81
CA GLU A 67 4.59 -5.30 12.81
C GLU A 67 4.22 -4.29 11.70
N PHE A 68 4.07 -3.00 12.04
CA PHE A 68 3.76 -1.93 11.09
C PHE A 68 4.97 -1.60 10.19
N LEU A 69 6.15 -1.41 10.79
CA LEU A 69 7.41 -1.15 10.06
C LEU A 69 7.63 -2.28 9.05
N THR A 70 7.46 -3.54 9.49
CA THR A 70 7.41 -4.73 8.65
C THR A 70 6.39 -4.59 7.51
N MET A 71 5.09 -4.39 7.85
CA MET A 71 3.97 -4.27 6.89
C MET A 71 4.33 -3.40 5.68
N MET A 72 4.95 -2.24 5.93
CA MET A 72 5.41 -1.29 4.93
C MET A 72 6.68 -1.77 4.22
N ALA A 73 7.79 -1.91 4.96
CA ALA A 73 9.12 -2.17 4.42
C ALA A 73 9.30 -3.64 4.02
N ARG A 74 9.38 -4.57 5.01
CA ARG A 74 9.71 -5.98 4.78
C ARG A 74 8.55 -6.73 4.09
N LYS A 75 7.39 -6.84 4.77
CA LYS A 75 6.12 -7.46 4.38
C LYS A 75 5.98 -8.87 4.98
N MET A 76 4.94 -9.08 5.80
CA MET A 76 4.68 -10.30 6.59
C MET A 76 5.71 -10.48 7.71
N LYS A 77 5.23 -10.82 8.92
CA LYS A 77 6.05 -11.06 10.10
C LYS A 77 6.62 -12.49 10.01
N ASP A 78 7.73 -12.60 9.26
CA ASP A 78 8.44 -13.84 8.90
C ASP A 78 9.93 -13.53 8.61
N THR A 79 10.71 -14.56 8.27
CA THR A 79 12.15 -14.47 8.02
C THR A 79 12.43 -13.81 6.66
N ASP A 80 12.23 -14.55 5.56
CA ASP A 80 12.45 -14.09 4.19
C ASP A 80 11.24 -13.25 3.75
N SER A 81 11.30 -11.94 4.02
CA SER A 81 10.21 -10.98 3.88
C SER A 81 10.51 -9.95 2.79
N GLU A 82 11.71 -9.35 2.80
CA GLU A 82 12.21 -8.52 1.71
C GLU A 82 12.28 -9.30 0.38
N GLU A 83 12.48 -10.62 0.43
CA GLU A 83 12.44 -11.52 -0.73
C GLU A 83 11.01 -11.72 -1.25
N GLU A 84 9.99 -11.76 -0.35
CA GLU A 84 8.59 -11.84 -0.72
C GLU A 84 8.16 -10.68 -1.65
N ILE A 85 8.67 -9.47 -1.39
CA ILE A 85 8.55 -8.30 -2.28
C ILE A 85 9.19 -8.60 -3.65
N ARG A 86 10.46 -9.06 -3.67
CA ARG A 86 11.22 -9.33 -4.90
C ARG A 86 10.56 -10.39 -5.79
N GLU A 87 9.96 -11.42 -5.18
CA GLU A 87 9.14 -12.42 -5.86
C GLU A 87 7.90 -11.77 -6.49
N ALA A 88 7.21 -10.90 -5.73
CA ALA A 88 6.06 -10.16 -6.21
C ALA A 88 6.41 -9.15 -7.32
N PHE A 89 7.66 -8.66 -7.40
CA PHE A 89 8.16 -7.91 -8.56
C PHE A 89 8.16 -8.81 -9.80
N ARG A 90 8.77 -10.01 -9.72
CA ARG A 90 8.79 -10.99 -10.82
C ARG A 90 7.39 -11.32 -11.35
N VAL A 91 6.42 -11.56 -10.44
CA VAL A 91 5.01 -11.81 -10.80
C VAL A 91 4.41 -10.59 -11.50
N PHE A 92 4.48 -9.41 -10.86
CA PHE A 92 3.77 -8.21 -11.29
C PHE A 92 4.46 -7.58 -12.51
N ASP A 93 5.69 -7.07 -12.31
CA ASP A 93 6.55 -6.52 -13.35
C ASP A 93 7.17 -7.65 -14.19
N LYS A 94 7.27 -7.45 -15.51
CA LYS A 94 7.82 -8.44 -16.44
C LYS A 94 9.36 -8.47 -16.48
N ASP A 95 10.05 -7.65 -15.67
CA ASP A 95 11.52 -7.67 -15.52
C ASP A 95 11.88 -8.05 -14.08
N GLY A 96 11.51 -7.19 -13.11
CA GLY A 96 11.81 -7.36 -11.69
C GLY A 96 13.30 -7.15 -11.41
N ASN A 97 13.77 -5.90 -11.58
CA ASN A 97 15.18 -5.50 -11.52
C ASN A 97 15.34 -4.17 -10.76
N GLY A 98 14.56 -3.96 -9.69
CA GLY A 98 14.47 -2.71 -8.95
C GLY A 98 14.11 -1.52 -9.84
N TYR A 99 13.12 -1.72 -10.73
CA TYR A 99 12.63 -0.80 -11.76
C TYR A 99 11.38 -1.44 -12.38
N ILE A 100 10.25 -0.72 -12.37
CA ILE A 100 8.95 -1.17 -12.89
C ILE A 100 8.42 -0.10 -13.84
N SER A 101 8.49 -0.35 -15.16
CA SER A 101 8.01 0.56 -16.20
C SER A 101 6.47 0.62 -16.21
N ALA A 102 5.90 1.79 -16.55
CA ALA A 102 4.47 2.04 -16.67
C ALA A 102 3.79 1.09 -17.68
N ALA A 103 4.48 0.76 -18.79
CA ALA A 103 4.05 -0.22 -19.78
C ALA A 103 3.84 -1.63 -19.18
N GLU A 104 4.73 -2.04 -18.27
CA GLU A 104 4.67 -3.33 -17.58
C GLU A 104 3.55 -3.37 -16.52
N LEU A 105 3.26 -2.24 -15.85
CA LEU A 105 2.14 -2.09 -14.92
C LEU A 105 0.80 -2.43 -15.60
N ARG A 106 0.43 -1.67 -16.65
CA ARG A 106 -0.83 -1.86 -17.38
C ARG A 106 -0.99 -3.28 -17.95
N HIS A 107 0.12 -3.96 -18.31
CA HIS A 107 0.12 -5.28 -18.91
C HIS A 107 -0.52 -6.31 -17.96
N VAL A 108 0.04 -6.47 -16.75
CA VAL A 108 -0.47 -7.42 -15.76
C VAL A 108 -1.86 -7.04 -15.22
N MET A 109 -2.24 -5.76 -15.22
CA MET A 109 -3.58 -5.31 -14.89
C MET A 109 -4.59 -5.81 -15.94
N THR A 110 -4.26 -5.65 -17.24
CA THR A 110 -5.04 -6.14 -18.37
C THR A 110 -5.11 -7.68 -18.42
N ASN A 111 -4.03 -8.38 -18.01
CA ASN A 111 -3.91 -9.85 -18.01
C ASN A 111 -5.11 -10.54 -17.33
N LEU A 112 -5.64 -9.94 -16.26
CA LEU A 112 -6.85 -10.37 -15.55
C LEU A 112 -8.04 -10.50 -16.52
N GLY A 113 -8.37 -9.40 -17.22
CA GLY A 113 -9.47 -9.33 -18.19
C GLY A 113 -10.21 -8.01 -18.03
N GLU A 114 -9.52 -6.89 -18.33
CA GLU A 114 -10.05 -5.54 -18.15
C GLU A 114 -9.27 -4.51 -18.99
N LYS A 115 -9.88 -3.33 -19.17
CA LYS A 115 -9.28 -2.17 -19.82
C LYS A 115 -9.79 -0.89 -19.15
N LEU A 116 -8.97 -0.34 -18.23
CA LEU A 116 -9.11 0.98 -17.64
C LEU A 116 -7.85 1.81 -17.99
N THR A 117 -8.00 3.14 -18.07
CA THR A 117 -7.02 4.02 -18.71
C THR A 117 -5.74 4.18 -17.85
N ASP A 118 -4.57 4.01 -18.50
CA ASP A 118 -3.24 4.06 -17.90
C ASP A 118 -2.88 5.44 -17.29
N GLU A 119 -3.54 6.53 -17.70
CA GLU A 119 -3.36 7.86 -17.10
C GLU A 119 -3.67 7.86 -15.59
N GLU A 120 -4.58 6.99 -15.13
CA GLU A 120 -4.86 6.76 -13.72
C GLU A 120 -3.61 6.25 -12.97
N VAL A 121 -2.86 5.31 -13.59
CA VAL A 121 -1.62 4.77 -13.05
C VAL A 121 -0.55 5.87 -13.04
N ASP A 122 -0.33 6.53 -14.18
CA ASP A 122 0.66 7.59 -14.35
C ASP A 122 0.52 8.71 -13.29
N GLU A 123 -0.72 9.04 -12.88
CA GLU A 123 -1.00 9.96 -11.78
C GLU A 123 -0.45 9.42 -10.45
N MET A 124 -0.86 8.21 -10.02
CA MET A 124 -0.40 7.64 -8.75
C MET A 124 1.10 7.27 -8.71
N ILE A 125 1.77 7.18 -9.88
CA ILE A 125 3.24 7.22 -9.96
C ILE A 125 3.70 8.63 -9.54
N ARG A 126 3.23 9.66 -10.28
CA ARG A 126 3.53 11.08 -10.08
C ARG A 126 3.27 11.59 -8.65
N GLU A 127 2.26 11.07 -7.96
CA GLU A 127 1.90 11.42 -6.57
C GLU A 127 3.13 11.47 -5.66
N ALA A 128 3.96 10.41 -5.70
CA ALA A 128 5.21 10.31 -4.95
C ALA A 128 6.37 9.86 -5.85
N ASP A 129 6.49 10.44 -7.06
CA ASP A 129 7.61 10.23 -7.97
C ASP A 129 8.80 11.11 -7.55
N ILE A 130 9.94 10.47 -7.24
CA ILE A 130 11.20 11.11 -6.88
C ILE A 130 12.01 11.36 -8.17
N ASP A 131 12.28 10.29 -8.93
CA ASP A 131 13.14 10.28 -10.11
C ASP A 131 12.64 11.23 -11.22
N GLY A 132 11.66 10.81 -12.03
CA GLY A 132 11.15 11.62 -13.13
C GLY A 132 10.26 10.81 -14.09
N ASP A 133 9.30 10.07 -13.53
CA ASP A 133 8.27 9.30 -14.23
C ASP A 133 8.89 8.38 -15.31
N GLY A 134 9.88 7.58 -14.92
CA GLY A 134 10.61 6.66 -15.77
C GLY A 134 10.20 5.23 -15.42
N GLN A 135 10.90 4.63 -14.45
CA GLN A 135 10.60 3.31 -13.88
C GLN A 135 10.56 3.39 -12.35
N VAL A 136 9.57 2.74 -11.74
CA VAL A 136 9.32 2.73 -10.30
C VAL A 136 10.35 1.80 -9.62
N ASN A 137 11.48 2.38 -9.19
CA ASN A 137 12.52 1.72 -8.40
C ASN A 137 12.05 1.43 -6.96
N TYR A 138 12.85 0.66 -6.19
CA TYR A 138 12.52 0.28 -4.81
C TYR A 138 12.22 1.50 -3.92
N GLU A 139 13.05 2.56 -3.97
CA GLU A 139 12.86 3.77 -3.16
C GLU A 139 11.49 4.40 -3.40
N GLU A 140 11.10 4.58 -4.68
CA GLU A 140 9.76 5.06 -5.06
C GLU A 140 8.67 4.05 -4.65
N PHE A 141 8.86 2.75 -4.91
CA PHE A 141 7.90 1.67 -4.68
C PHE A 141 7.49 1.59 -3.19
N VAL A 142 8.46 1.70 -2.28
CA VAL A 142 8.25 1.80 -0.85
C VAL A 142 7.43 3.06 -0.54
N GLN A 143 7.95 4.24 -0.91
CA GLN A 143 7.40 5.55 -0.52
C GLN A 143 6.02 5.86 -1.09
N MET A 144 5.64 5.36 -2.28
CA MET A 144 4.29 5.53 -2.83
C MET A 144 3.24 4.73 -2.03
N MET A 145 3.65 3.59 -1.46
CA MET A 145 2.86 2.80 -0.50
C MET A 145 3.05 3.29 0.96
N THR A 146 4.12 4.04 1.25
CA THR A 146 4.53 4.48 2.58
C THR A 146 4.88 5.99 2.51
N ALA A 147 3.90 6.81 2.08
CA ALA A 147 4.06 8.25 1.92
C ALA A 147 3.75 8.91 3.26
N LYS A 148 4.80 9.40 3.94
CA LYS A 148 4.81 9.96 5.30
C LYS A 148 4.88 8.82 6.33
N GLY B 1 -15.74 -22.66 -4.46
CA GLY B 1 -15.78 -23.81 -3.54
C GLY B 1 -14.50 -23.92 -2.71
N SER B 2 -13.37 -24.20 -3.37
CA SER B 2 -12.06 -24.33 -2.76
C SER B 2 -11.51 -22.94 -2.41
N HIS B 3 -11.34 -22.07 -3.42
CA HIS B 3 -10.80 -20.72 -3.34
C HIS B 3 -9.27 -20.73 -3.11
N LYS B 4 -8.60 -19.65 -3.56
CA LYS B 4 -7.16 -19.41 -3.42
C LYS B 4 -6.95 -18.02 -2.81
N LYS B 5 -6.08 -17.92 -1.79
CA LYS B 5 -5.78 -16.68 -1.08
C LYS B 5 -4.27 -16.61 -0.82
N THR B 6 -3.51 -15.97 -1.74
CA THR B 6 -2.04 -15.87 -1.72
C THR B 6 -1.58 -14.42 -1.62
N ASP B 7 -0.32 -14.22 -1.19
CA ASP B 7 0.36 -12.91 -1.10
C ASP B 7 0.33 -12.15 -2.44
N SER B 8 0.39 -12.87 -3.57
CA SER B 8 0.25 -12.33 -4.91
C SER B 8 -1.16 -11.72 -5.09
N GLU B 9 -2.22 -12.53 -4.91
CA GLU B 9 -3.61 -12.10 -4.97
C GLU B 9 -3.88 -10.84 -4.12
N VAL B 10 -3.32 -10.77 -2.90
CA VAL B 10 -3.45 -9.62 -2.01
C VAL B 10 -2.85 -8.35 -2.67
N GLN B 11 -1.66 -8.45 -3.29
CA GLN B 11 -1.02 -7.35 -4.02
C GLN B 11 -1.84 -6.92 -5.26
N LEU B 12 -2.37 -7.88 -6.02
CA LEU B 12 -3.21 -7.64 -7.20
C LEU B 12 -4.49 -6.87 -6.81
N GLU B 13 -5.21 -7.33 -5.78
CA GLU B 13 -6.41 -6.69 -5.22
C GLU B 13 -6.10 -5.26 -4.74
N MET B 14 -5.01 -5.10 -3.96
CA MET B 14 -4.48 -3.83 -3.48
C MET B 14 -4.32 -2.82 -4.63
N ILE B 15 -3.46 -3.14 -5.60
CA ILE B 15 -3.03 -2.22 -6.66
C ILE B 15 -4.18 -1.93 -7.65
N THR B 16 -5.05 -2.91 -7.93
CA THR B 16 -6.29 -2.72 -8.69
C THR B 16 -7.13 -1.60 -8.05
N ALA B 17 -7.43 -1.71 -6.76
CA ALA B 17 -8.17 -0.68 -6.02
C ALA B 17 -7.37 0.62 -5.82
N TRP B 18 -6.03 0.57 -5.90
CA TRP B 18 -5.16 1.75 -5.87
C TRP B 18 -5.37 2.60 -7.13
N LYS B 19 -5.41 1.97 -8.31
CA LYS B 19 -5.85 2.58 -9.56
C LYS B 19 -7.24 3.20 -9.41
N LYS B 20 -8.17 2.47 -8.78
CA LYS B 20 -9.53 2.88 -8.49
C LYS B 20 -9.62 4.10 -7.57
N PHE B 21 -8.64 4.31 -6.65
CA PHE B 21 -8.59 5.51 -5.79
C PHE B 21 -8.55 6.78 -6.66
N VAL B 22 -7.69 6.80 -7.68
CA VAL B 22 -7.56 7.90 -8.64
C VAL B 22 -8.87 8.08 -9.44
N GLU B 23 -9.54 6.97 -9.78
CA GLU B 23 -10.86 6.96 -10.43
C GLU B 23 -11.95 7.62 -9.57
N GLU B 24 -11.78 7.68 -8.24
CA GLU B 24 -12.64 8.45 -7.33
C GLU B 24 -12.20 9.92 -7.30
N LYS B 25 -10.99 10.19 -6.79
CA LYS B 25 -10.41 11.51 -6.56
C LYS B 25 -10.46 12.41 -7.81
N LYS B 26 -9.97 11.89 -8.94
CA LYS B 26 -9.66 12.63 -10.15
C LYS B 26 -10.58 12.16 -11.29
N LYS B 27 -11.86 12.60 -11.22
CA LYS B 27 -12.91 12.24 -12.17
C LYS B 27 -14.09 13.23 -12.00
N LYS B 28 -14.89 13.41 -13.07
CA LYS B 28 -16.07 14.28 -13.14
C LYS B 28 -15.71 15.78 -13.15
N GLY C 1 5.68 18.94 -12.71
CA GLY C 1 4.86 18.14 -11.78
C GLY C 1 4.81 18.76 -10.38
N SER C 2 4.02 19.83 -10.22
CA SER C 2 3.89 20.60 -8.99
C SER C 2 2.43 21.05 -8.81
N HIS C 3 1.66 20.28 -8.03
CA HIS C 3 0.22 20.49 -7.81
C HIS C 3 -0.19 20.18 -6.36
N LYS C 4 0.63 20.63 -5.39
CA LYS C 4 0.37 20.59 -3.95
C LYS C 4 -0.10 19.20 -3.48
N LYS C 5 0.75 18.17 -3.68
CA LYS C 5 0.50 16.79 -3.27
C LYS C 5 1.33 16.48 -2.03
N THR C 6 0.74 16.68 -0.83
CA THR C 6 1.32 16.28 0.44
C THR C 6 1.40 14.76 0.53
N ASP C 7 2.50 14.25 1.09
CA ASP C 7 2.80 12.82 1.28
C ASP C 7 1.70 12.13 2.09
N SER C 8 1.13 12.82 3.09
CA SER C 8 0.07 12.33 3.96
C SER C 8 -1.09 11.73 3.16
N GLU C 9 -1.68 12.51 2.23
CA GLU C 9 -2.80 12.12 1.38
C GLU C 9 -2.55 10.80 0.64
N VAL C 10 -1.36 10.60 0.07
CA VAL C 10 -1.05 9.46 -0.79
C VAL C 10 -1.23 8.12 -0.04
N GLN C 11 -0.65 7.98 1.16
CA GLN C 11 -0.80 6.80 2.02
C GLN C 11 -2.24 6.70 2.58
N LEU C 12 -2.85 7.85 2.92
CA LEU C 12 -4.22 7.94 3.42
C LEU C 12 -5.24 7.36 2.42
N GLU C 13 -5.08 7.65 1.12
CA GLU C 13 -5.88 7.09 0.03
C GLU C 13 -5.46 5.66 -0.34
N MET C 14 -4.24 5.23 0.03
CA MET C 14 -3.78 3.85 -0.11
C MET C 14 -4.48 2.91 0.90
N ILE C 15 -4.92 3.45 2.05
CA ILE C 15 -5.81 2.78 3.01
C ILE C 15 -7.25 2.74 2.47
N THR C 16 -7.74 3.82 1.84
CA THR C 16 -9.05 3.84 1.16
C THR C 16 -9.13 2.68 0.14
N ALA C 17 -8.11 2.55 -0.70
CA ALA C 17 -7.96 1.46 -1.67
C ALA C 17 -8.07 0.07 -1.02
N TRP C 18 -7.40 -0.14 0.13
CA TRP C 18 -7.45 -1.41 0.87
C TRP C 18 -8.89 -1.84 1.18
N LYS C 19 -9.62 -1.03 1.96
CA LYS C 19 -11.01 -1.25 2.31
C LYS C 19 -11.89 -1.55 1.07
N LYS C 20 -11.63 -0.85 -0.04
CA LYS C 20 -12.43 -0.90 -1.26
C LYS C 20 -12.38 -2.29 -1.90
N PHE C 21 -11.18 -2.88 -2.10
CA PHE C 21 -11.06 -4.25 -2.63
C PHE C 21 -11.75 -5.29 -1.74
N VAL C 22 -11.61 -5.15 -0.41
CA VAL C 22 -12.24 -6.02 0.57
C VAL C 22 -13.77 -5.97 0.43
N GLU C 23 -14.36 -4.77 0.23
CA GLU C 23 -15.81 -4.58 0.15
C GLU C 23 -16.46 -5.38 -1.00
N GLU C 24 -15.76 -5.53 -2.12
CA GLU C 24 -16.17 -6.38 -3.24
C GLU C 24 -16.09 -7.86 -2.84
N LYS C 25 -14.94 -8.29 -2.32
CA LYS C 25 -14.67 -9.64 -1.79
C LYS C 25 -15.73 -10.11 -0.77
N LYS C 26 -16.13 -9.23 0.15
CA LYS C 26 -17.11 -9.48 1.21
C LYS C 26 -18.44 -9.99 0.64
N LYS C 27 -18.93 -9.36 -0.45
CA LYS C 27 -20.11 -9.78 -1.20
C LYS C 27 -19.80 -11.08 -1.95
N LYS C 28 -20.77 -12.01 -1.98
CA LYS C 28 -20.59 -13.36 -2.51
C LYS C 28 -20.58 -13.31 -4.04
CA CA D . -1.20 3.21 20.71
CA CA E . -1.69 -8.34 14.93
CA CA F . 11.59 -2.15 -15.73
CA CA G . 9.02 6.19 -12.31
N ALA A 1 19.01 -1.65 -0.73
CA ALA A 1 19.29 -0.98 0.56
C ALA A 1 18.81 -1.84 1.74
N ASP A 2 19.68 -2.75 2.20
CA ASP A 2 19.36 -3.79 3.17
C ASP A 2 19.28 -3.18 4.59
N GLN A 3 20.43 -2.94 5.22
CA GLN A 3 20.57 -2.27 6.52
C GLN A 3 22.02 -1.77 6.62
N LEU A 4 22.26 -0.53 6.17
CA LEU A 4 23.57 0.10 6.10
C LEU A 4 23.66 1.27 7.09
N THR A 5 22.82 2.30 6.92
CA THR A 5 22.79 3.54 7.70
C THR A 5 21.46 3.59 8.46
N GLU A 6 21.49 4.16 9.68
CA GLU A 6 20.33 4.31 10.56
C GLU A 6 19.31 5.36 10.08
N GLU A 7 19.48 5.93 8.87
CA GLU A 7 18.49 6.77 8.19
C GLU A 7 17.18 5.99 8.03
N GLN A 8 17.27 4.78 7.46
CA GLN A 8 16.15 3.84 7.25
C GLN A 8 15.37 3.61 8.55
N ILE A 9 16.09 3.19 9.63
CA ILE A 9 15.54 2.93 10.95
C ILE A 9 14.77 4.15 11.44
N ALA A 10 15.47 5.29 11.61
CA ALA A 10 14.94 6.58 12.08
C ALA A 10 13.64 6.98 11.34
N GLU A 11 13.62 6.86 10.01
CA GLU A 11 12.46 7.16 9.16
C GLU A 11 11.23 6.33 9.58
N PHE A 12 11.41 5.01 9.75
CA PHE A 12 10.36 4.07 10.14
C PHE A 12 9.84 4.30 11.58
N LYS A 13 10.69 4.79 12.51
CA LYS A 13 10.26 5.11 13.87
C LYS A 13 9.36 6.37 13.89
N GLU A 14 9.73 7.41 13.13
CA GLU A 14 8.88 8.57 12.84
C GLU A 14 7.54 8.15 12.21
N ALA A 15 7.57 7.18 11.27
CA ALA A 15 6.39 6.68 10.57
C ALA A 15 5.37 6.05 11.53
N PHE A 16 5.81 5.10 12.34
CA PHE A 16 5.00 4.41 13.35
C PHE A 16 4.34 5.39 14.32
N SER A 17 5.13 6.31 14.90
CA SER A 17 4.69 7.28 15.88
C SER A 17 3.57 8.22 15.39
N LEU A 18 3.53 8.52 14.07
CA LEU A 18 2.54 9.43 13.49
C LEU A 18 1.11 8.89 13.64
N PHE A 19 0.88 7.63 13.29
CA PHE A 19 -0.39 6.93 13.55
C PHE A 19 -0.69 6.82 15.05
N ASP A 20 0.31 6.40 15.84
CA ASP A 20 0.17 6.13 17.27
C ASP A 20 0.38 7.43 18.08
N LYS A 21 -0.67 8.27 18.11
CA LYS A 21 -0.75 9.44 19.01
C LYS A 21 -0.72 9.00 20.48
N ASP A 22 -1.38 7.88 20.79
CA ASP A 22 -1.54 7.29 22.14
C ASP A 22 -0.21 7.21 22.90
N GLY A 23 0.81 6.59 22.30
CA GLY A 23 2.14 6.41 22.89
C GLY A 23 2.49 4.93 23.11
N ASP A 24 1.55 4.13 23.63
CA ASP A 24 1.76 2.73 24.01
C ASP A 24 2.28 1.85 22.85
N GLY A 25 1.81 2.08 21.61
CA GLY A 25 2.33 1.48 20.40
C GLY A 25 1.57 0.21 20.00
N THR A 26 0.29 0.36 19.63
CA THR A 26 -0.54 -0.68 19.01
C THR A 26 -1.51 -0.03 18.02
N ILE A 27 -1.14 0.01 16.73
CA ILE A 27 -1.98 0.52 15.65
C ILE A 27 -3.11 -0.52 15.41
N THR A 28 -4.37 -0.12 15.64
CA THR A 28 -5.54 -0.99 15.69
C THR A 28 -6.71 -0.39 14.88
N THR A 29 -7.85 -1.11 14.85
CA THR A 29 -9.08 -0.78 14.12
C THR A 29 -9.65 0.59 14.50
N LYS A 30 -9.90 0.80 15.80
CA LYS A 30 -10.42 2.03 16.39
C LYS A 30 -9.51 3.23 16.07
N GLU A 31 -8.19 3.06 16.26
CA GLU A 31 -7.18 4.08 15.98
C GLU A 31 -7.15 4.45 14.48
N LEU A 32 -7.25 3.45 13.59
CA LEU A 32 -7.45 3.64 12.14
C LEU A 32 -8.71 4.49 11.87
N GLY A 33 -9.79 4.19 12.61
CA GLY A 33 -11.07 4.88 12.54
C GLY A 33 -10.97 6.36 12.91
N THR A 34 -10.21 6.69 13.97
CA THR A 34 -10.07 8.06 14.50
C THR A 34 -9.51 9.02 13.44
N VAL A 35 -8.47 8.62 12.71
CA VAL A 35 -7.85 9.35 11.61
C VAL A 35 -8.90 9.77 10.57
N MET A 36 -9.60 8.77 10.00
CA MET A 36 -10.70 8.94 9.04
C MET A 36 -11.80 9.88 9.58
N ARG A 37 -12.22 9.69 10.85
CA ARG A 37 -13.22 10.51 11.53
C ARG A 37 -12.81 11.99 11.57
N SER A 38 -11.56 12.27 11.96
CA SER A 38 -10.99 13.61 12.11
C SER A 38 -10.55 14.20 10.74
N LEU A 39 -11.29 13.91 9.67
CA LEU A 39 -11.14 14.47 8.32
C LEU A 39 -12.54 14.62 7.71
N GLY A 40 -13.24 13.50 7.47
CA GLY A 40 -14.62 13.49 6.99
C GLY A 40 -15.01 12.14 6.35
N GLN A 41 -14.77 11.03 7.08
CA GLN A 41 -15.07 9.66 6.67
C GLN A 41 -15.44 8.83 7.91
N ASN A 42 -16.27 7.79 7.73
CA ASN A 42 -16.72 6.91 8.82
C ASN A 42 -17.11 5.52 8.27
N PRO A 43 -16.14 4.65 7.91
CA PRO A 43 -16.40 3.34 7.33
C PRO A 43 -16.96 2.31 8.32
N THR A 44 -17.17 1.09 7.82
CA THR A 44 -17.62 -0.09 8.56
C THR A 44 -16.45 -0.74 9.31
N GLU A 45 -16.68 -1.12 10.58
CA GLU A 45 -15.70 -1.72 11.49
C GLU A 45 -15.00 -2.94 10.89
N ALA A 46 -15.79 -3.91 10.38
CA ALA A 46 -15.31 -5.15 9.77
C ALA A 46 -14.27 -4.89 8.68
N GLU A 47 -14.55 -3.95 7.76
CA GLU A 47 -13.63 -3.50 6.72
C GLU A 47 -12.29 -3.03 7.32
N LEU A 48 -12.34 -2.16 8.34
CA LEU A 48 -11.17 -1.63 9.04
C LEU A 48 -10.33 -2.72 9.72
N GLN A 49 -10.91 -3.87 10.09
CA GLN A 49 -10.16 -5.02 10.60
C GLN A 49 -9.44 -5.77 9.48
N ASP A 50 -10.20 -6.20 8.45
CA ASP A 50 -9.71 -7.02 7.36
C ASP A 50 -8.47 -6.42 6.68
N MET A 51 -8.51 -5.12 6.30
CA MET A 51 -7.40 -4.41 5.67
C MET A 51 -6.09 -4.54 6.46
N ILE A 52 -6.16 -4.45 7.79
CA ILE A 52 -5.03 -4.62 8.72
C ILE A 52 -4.58 -6.08 8.71
N ASN A 53 -5.50 -7.01 8.99
CA ASN A 53 -5.22 -8.43 9.24
C ASN A 53 -4.78 -9.22 7.99
N GLU A 54 -4.97 -8.67 6.77
CA GLU A 54 -4.32 -9.12 5.54
C GLU A 54 -2.78 -9.18 5.67
N VAL A 55 -2.19 -8.43 6.62
CA VAL A 55 -0.75 -8.28 6.82
C VAL A 55 -0.29 -8.84 8.18
N ASP A 56 -1.18 -8.92 9.18
CA ASP A 56 -0.87 -9.39 10.52
C ASP A 56 -0.74 -10.91 10.50
N ALA A 57 0.51 -11.43 10.55
CA ALA A 57 0.84 -12.85 10.50
C ALA A 57 0.09 -13.64 11.59
N ASP A 58 0.21 -13.18 12.83
CA ASP A 58 -0.52 -13.69 14.00
C ASP A 58 -2.05 -13.56 13.83
N GLY A 59 -2.53 -12.41 13.33
CA GLY A 59 -3.95 -12.17 13.06
C GLY A 59 -4.76 -12.01 14.36
N ASN A 60 -4.36 -11.06 15.21
CA ASN A 60 -5.02 -10.72 16.47
C ASN A 60 -6.01 -9.56 16.23
N GLY A 61 -5.50 -8.43 15.70
CA GLY A 61 -6.22 -7.18 15.50
C GLY A 61 -5.48 -5.96 16.08
N THR A 62 -4.21 -6.13 16.50
CA THR A 62 -3.33 -5.09 17.05
C THR A 62 -1.95 -5.24 16.40
N ILE A 63 -1.37 -4.13 15.93
CA ILE A 63 -0.08 -4.08 15.23
C ILE A 63 0.95 -3.37 16.12
N ASP A 64 1.82 -4.15 16.75
CA ASP A 64 2.95 -3.69 17.57
C ASP A 64 4.02 -2.99 16.70
N PHE A 65 5.09 -2.49 17.34
CA PHE A 65 6.19 -1.83 16.65
C PHE A 65 6.86 -2.77 15.62
N PRO A 66 7.35 -3.97 16.02
CA PRO A 66 7.93 -4.95 15.10
C PRO A 66 6.97 -5.30 13.95
N GLU A 67 5.68 -5.51 14.27
CA GLU A 67 4.63 -5.86 13.33
C GLU A 67 4.34 -4.73 12.32
N PHE A 68 4.58 -3.45 12.67
CA PHE A 68 4.42 -2.31 11.75
C PHE A 68 5.64 -2.11 10.84
N LEU A 69 6.86 -2.32 11.38
CA LEU A 69 8.09 -2.43 10.59
C LEU A 69 7.93 -3.51 9.50
N THR A 70 7.33 -4.66 9.86
CA THR A 70 6.88 -5.68 8.93
C THR A 70 5.84 -5.11 7.95
N MET A 71 4.78 -4.44 8.45
CA MET A 71 3.63 -4.00 7.67
C MET A 71 4.01 -3.18 6.44
N MET A 72 4.83 -2.13 6.62
CA MET A 72 5.24 -1.22 5.57
C MET A 72 6.28 -1.88 4.65
N ALA A 73 7.45 -2.24 5.19
CA ALA A 73 8.62 -2.69 4.42
C ALA A 73 8.39 -4.07 3.77
N ARG A 74 8.16 -5.10 4.58
CA ARG A 74 7.99 -6.49 4.12
C ARG A 74 6.62 -6.63 3.43
N LYS A 75 5.53 -6.51 4.18
CA LYS A 75 4.13 -6.41 3.71
C LYS A 75 3.60 -7.78 3.24
N MET A 76 2.34 -8.09 3.63
CA MET A 76 1.63 -9.36 3.46
C MET A 76 1.97 -10.35 4.60
N LYS A 77 0.95 -11.10 5.06
CA LYS A 77 0.92 -11.94 6.26
C LYS A 77 1.76 -13.23 6.18
N ASP A 78 3.07 -13.09 5.96
CA ASP A 78 4.08 -14.11 6.25
C ASP A 78 5.29 -13.46 6.95
N THR A 79 6.21 -14.31 7.44
CA THR A 79 7.41 -13.89 8.16
C THR A 79 8.36 -13.14 7.20
N ASP A 80 9.07 -13.89 6.34
CA ASP A 80 10.07 -13.36 5.40
C ASP A 80 9.39 -12.86 4.12
N SER A 81 8.50 -11.85 4.25
CA SER A 81 7.81 -11.25 3.11
C SER A 81 8.65 -10.14 2.43
N GLU A 82 9.99 -10.13 2.61
CA GLU A 82 10.94 -9.30 1.88
C GLU A 82 11.14 -9.85 0.45
N GLU A 83 11.34 -11.18 0.32
CA GLU A 83 11.38 -11.87 -0.96
C GLU A 83 10.02 -11.82 -1.69
N GLU A 84 8.89 -11.66 -0.96
CA GLU A 84 7.56 -11.53 -1.54
C GLU A 84 7.38 -10.20 -2.30
N ILE A 85 8.07 -9.11 -1.89
CA ILE A 85 8.16 -7.89 -2.68
C ILE A 85 8.98 -8.14 -3.95
N ARG A 86 10.21 -8.64 -3.81
CA ARG A 86 11.09 -8.94 -4.95
C ARG A 86 10.41 -9.88 -5.97
N GLU A 87 9.58 -10.82 -5.49
CA GLU A 87 8.75 -11.70 -6.28
C GLU A 87 7.67 -10.89 -7.03
N ALA A 88 6.84 -10.13 -6.29
CA ALA A 88 5.78 -9.27 -6.83
C ALA A 88 6.27 -8.36 -7.98
N PHE A 89 7.46 -7.75 -7.83
CA PHE A 89 8.12 -6.97 -8.88
C PHE A 89 8.20 -7.76 -10.20
N ARG A 90 8.69 -9.01 -10.15
CA ARG A 90 8.84 -9.88 -11.31
C ARG A 90 7.53 -10.56 -11.79
N VAL A 91 6.45 -10.54 -11.00
CA VAL A 91 5.10 -10.87 -11.48
C VAL A 91 4.62 -9.74 -12.41
N PHE A 92 4.74 -8.48 -11.95
CA PHE A 92 4.32 -7.29 -12.67
C PHE A 92 5.16 -7.08 -13.95
N ASP A 93 6.49 -7.17 -13.81
CA ASP A 93 7.47 -6.97 -14.86
C ASP A 93 7.73 -8.25 -15.65
N LYS A 94 8.21 -8.07 -16.89
CA LYS A 94 8.72 -9.10 -17.77
C LYS A 94 10.27 -9.11 -17.81
N ASP A 95 10.93 -8.06 -17.29
CA ASP A 95 12.39 -7.96 -17.16
C ASP A 95 12.85 -8.13 -15.70
N GLY A 96 12.30 -7.34 -14.77
CA GLY A 96 12.65 -7.35 -13.37
C GLY A 96 14.04 -6.79 -13.12
N ASN A 97 14.23 -5.49 -13.42
CA ASN A 97 15.52 -4.80 -13.41
C ASN A 97 15.64 -3.83 -12.20
N GLY A 98 15.19 -4.28 -11.01
CA GLY A 98 15.10 -3.46 -9.80
C GLY A 98 14.35 -2.15 -10.03
N TYR A 99 13.24 -2.24 -10.76
CA TYR A 99 12.51 -1.13 -11.36
C TYR A 99 11.22 -1.67 -12.01
N ILE A 100 10.13 -0.89 -11.93
CA ILE A 100 8.82 -1.24 -12.48
C ILE A 100 8.41 -0.16 -13.48
N SER A 101 8.38 -0.51 -14.77
CA SER A 101 7.89 0.37 -15.84
C SER A 101 6.36 0.50 -15.76
N ALA A 102 5.85 1.70 -16.12
CA ALA A 102 4.42 1.98 -16.20
C ALA A 102 3.71 1.03 -17.19
N ALA A 103 4.33 0.78 -18.35
CA ALA A 103 3.88 -0.15 -19.38
C ALA A 103 3.70 -1.57 -18.81
N GLU A 104 4.73 -2.11 -18.15
CA GLU A 104 4.70 -3.39 -17.46
C GLU A 104 3.61 -3.44 -16.37
N LEU A 105 3.40 -2.32 -15.65
CA LEU A 105 2.36 -2.18 -14.63
C LEU A 105 0.97 -2.37 -15.24
N ARG A 106 0.72 -1.76 -16.40
CA ARG A 106 -0.53 -1.88 -17.15
C ARG A 106 -0.70 -3.26 -17.79
N HIS A 107 0.40 -3.91 -18.23
CA HIS A 107 0.40 -5.23 -18.84
C HIS A 107 -0.24 -6.28 -17.91
N VAL A 108 0.32 -6.47 -16.71
CA VAL A 108 -0.19 -7.38 -15.69
C VAL A 108 -1.64 -7.06 -15.29
N MET A 109 -2.03 -5.76 -15.24
CA MET A 109 -3.38 -5.31 -14.93
C MET A 109 -4.38 -5.82 -15.99
N THR A 110 -4.07 -5.61 -17.28
CA THR A 110 -4.89 -6.00 -18.42
C THR A 110 -5.04 -7.53 -18.54
N ASN A 111 -3.93 -8.27 -18.30
CA ASN A 111 -3.78 -9.72 -18.44
C ASN A 111 -5.01 -10.53 -18.01
N LEU A 112 -5.52 -10.28 -16.80
CA LEU A 112 -6.67 -10.97 -16.21
C LEU A 112 -7.91 -10.82 -17.11
N GLY A 113 -8.31 -9.57 -17.36
CA GLY A 113 -9.46 -9.17 -18.16
C GLY A 113 -10.02 -7.85 -17.62
N GLU A 114 -9.13 -6.86 -17.41
CA GLU A 114 -9.42 -5.58 -16.77
C GLU A 114 -8.73 -4.49 -17.59
N LYS A 115 -9.31 -4.17 -18.77
CA LYS A 115 -8.82 -3.18 -19.71
C LYS A 115 -9.17 -1.78 -19.19
N LEU A 116 -8.39 -1.32 -18.20
CA LEU A 116 -8.53 -0.06 -17.48
C LEU A 116 -7.71 1.07 -18.14
N THR A 117 -8.05 2.31 -17.77
CA THR A 117 -7.49 3.53 -18.34
C THR A 117 -6.05 3.76 -17.82
N ASP A 118 -5.12 3.99 -18.75
CA ASP A 118 -3.66 4.03 -18.55
C ASP A 118 -3.22 5.27 -17.78
N GLU A 119 -3.80 6.45 -18.09
CA GLU A 119 -3.45 7.74 -17.50
C GLU A 119 -3.53 7.76 -15.96
N GLU A 120 -4.47 7.01 -15.38
CA GLU A 120 -4.67 6.88 -13.93
C GLU A 120 -3.42 6.30 -13.26
N VAL A 121 -2.85 5.24 -13.86
CA VAL A 121 -1.62 4.57 -13.41
C VAL A 121 -0.46 5.56 -13.33
N ASP A 122 -0.29 6.37 -14.39
CA ASP A 122 0.74 7.41 -14.48
C ASP A 122 0.57 8.51 -13.42
N GLU A 123 -0.67 8.86 -13.05
CA GLU A 123 -0.97 9.86 -12.03
C GLU A 123 -0.49 9.41 -10.64
N MET A 124 -0.93 8.23 -10.18
CA MET A 124 -0.56 7.70 -8.86
C MET A 124 0.93 7.36 -8.70
N ILE A 125 1.67 7.19 -9.81
CA ILE A 125 3.13 7.18 -9.81
C ILE A 125 3.66 8.59 -9.46
N ARG A 126 3.18 9.62 -10.16
CA ARG A 126 3.52 11.03 -9.93
C ARG A 126 3.20 11.52 -8.50
N GLU A 127 2.20 10.93 -7.81
CA GLU A 127 1.80 11.31 -6.45
C GLU A 127 2.98 11.37 -5.45
N ALA A 128 3.96 10.45 -5.56
CA ALA A 128 5.17 10.43 -4.72
C ALA A 128 6.42 10.09 -5.55
N ASP A 129 6.46 10.49 -6.84
CA ASP A 129 7.59 10.28 -7.74
C ASP A 129 8.85 10.98 -7.22
N ILE A 130 9.99 10.27 -7.28
CA ILE A 130 11.32 10.73 -6.87
C ILE A 130 12.22 10.86 -8.11
N ASP A 131 12.39 9.76 -8.86
CA ASP A 131 13.31 9.65 -9.99
C ASP A 131 13.04 10.67 -11.11
N GLY A 132 11.77 10.79 -11.55
CA GLY A 132 11.33 11.71 -12.60
C GLY A 132 10.44 11.01 -13.64
N ASP A 133 9.50 10.18 -13.17
CA ASP A 133 8.47 9.51 -13.97
C ASP A 133 9.09 8.76 -15.17
N GLY A 134 9.96 7.79 -14.86
CA GLY A 134 10.65 6.93 -15.82
C GLY A 134 10.31 5.47 -15.53
N GLN A 135 10.88 4.94 -14.43
CA GLN A 135 10.52 3.66 -13.81
C GLN A 135 10.43 3.84 -12.29
N VAL A 136 9.76 2.89 -11.63
CA VAL A 136 9.41 2.96 -10.21
C VAL A 136 10.33 2.02 -9.42
N ASN A 137 11.33 2.59 -8.74
CA ASN A 137 12.37 1.89 -7.97
C ASN A 137 11.80 1.32 -6.66
N TYR A 138 12.65 1.08 -5.65
CA TYR A 138 12.28 0.67 -4.29
C TYR A 138 12.01 1.92 -3.44
N GLU A 139 12.95 2.88 -3.46
CA GLU A 139 12.79 4.22 -2.91
C GLU A 139 11.53 4.94 -3.46
N GLU A 140 11.00 4.53 -4.63
CA GLU A 140 9.77 5.04 -5.23
C GLU A 140 8.56 4.18 -4.77
N PHE A 141 8.59 2.86 -5.04
CA PHE A 141 7.50 1.92 -4.80
C PHE A 141 7.06 1.84 -3.32
N VAL A 142 8.03 1.71 -2.40
CA VAL A 142 7.77 1.70 -0.96
C VAL A 142 7.15 3.04 -0.51
N GLN A 143 7.69 4.17 -1.01
CA GLN A 143 7.26 5.53 -0.65
C GLN A 143 5.80 5.81 -1.08
N MET A 144 5.40 5.40 -2.29
CA MET A 144 4.02 5.39 -2.77
C MET A 144 3.06 4.77 -1.74
N MET A 145 3.42 3.58 -1.25
CA MET A 145 2.66 2.79 -0.29
C MET A 145 2.90 3.21 1.18
N THR A 146 3.88 4.08 1.46
CA THR A 146 4.27 4.54 2.79
C THR A 146 4.65 6.03 2.68
N ALA A 147 3.68 6.88 2.32
CA ALA A 147 3.92 8.29 2.01
C ALA A 147 3.98 9.10 3.31
N LYS A 148 5.20 9.45 3.73
CA LYS A 148 5.52 10.26 4.90
C LYS A 148 6.14 11.58 4.43
N GLY B 1 -17.71 -23.01 2.13
CA GLY B 1 -16.50 -22.66 2.88
C GLY B 1 -15.24 -23.30 2.30
N SER B 2 -14.76 -22.78 1.15
CA SER B 2 -13.58 -23.26 0.44
C SER B 2 -13.06 -22.11 -0.43
N HIS B 3 -12.33 -21.17 0.19
CA HIS B 3 -11.85 -19.91 -0.40
C HIS B 3 -10.33 -19.79 -0.27
N LYS B 4 -9.73 -18.91 -1.09
CA LYS B 4 -8.29 -18.67 -1.18
C LYS B 4 -7.99 -17.16 -1.26
N LYS B 5 -6.76 -16.79 -0.88
CA LYS B 5 -6.29 -15.41 -0.76
C LYS B 5 -4.76 -15.41 -0.80
N THR B 6 -4.19 -15.83 -1.94
CA THR B 6 -2.76 -15.98 -2.16
C THR B 6 -2.04 -14.61 -2.12
N ASP B 7 -0.74 -14.59 -1.78
CA ASP B 7 0.07 -13.37 -1.73
C ASP B 7 -0.02 -12.54 -3.03
N SER B 8 -0.07 -13.23 -4.18
CA SER B 8 -0.30 -12.62 -5.49
C SER B 8 -1.66 -11.89 -5.53
N GLU B 9 -2.77 -12.62 -5.33
CA GLU B 9 -4.13 -12.07 -5.30
C GLU B 9 -4.30 -10.91 -4.30
N VAL B 10 -3.68 -11.00 -3.11
CA VAL B 10 -3.75 -9.96 -2.08
C VAL B 10 -3.15 -8.66 -2.63
N GLN B 11 -1.86 -8.68 -3.01
CA GLN B 11 -1.15 -7.53 -3.57
C GLN B 11 -1.74 -7.05 -4.91
N LEU B 12 -2.33 -7.94 -5.71
CA LEU B 12 -2.89 -7.63 -7.03
C LEU B 12 -4.24 -6.90 -6.89
N GLU B 13 -5.15 -7.40 -6.04
CA GLU B 13 -6.40 -6.70 -5.70
C GLU B 13 -6.13 -5.34 -5.05
N MET B 14 -5.06 -5.21 -4.23
CA MET B 14 -4.58 -3.93 -3.73
C MET B 14 -4.22 -3.01 -4.90
N ILE B 15 -3.33 -3.45 -5.81
CA ILE B 15 -2.83 -2.61 -6.92
C ILE B 15 -3.92 -2.25 -7.94
N THR B 16 -4.93 -3.12 -8.13
CA THR B 16 -6.16 -2.84 -8.87
C THR B 16 -6.92 -1.69 -8.18
N ALA B 17 -7.23 -1.86 -6.90
CA ALA B 17 -7.89 -0.86 -6.05
C ALA B 17 -7.10 0.45 -5.88
N TRP B 18 -5.77 0.41 -6.04
CA TRP B 18 -4.90 1.57 -5.96
C TRP B 18 -5.19 2.55 -7.12
N LYS B 19 -5.56 2.03 -8.30
CA LYS B 19 -6.07 2.80 -9.43
C LYS B 19 -7.48 3.36 -9.15
N LYS B 20 -8.37 2.59 -8.51
CA LYS B 20 -9.75 2.98 -8.22
C LYS B 20 -9.83 4.32 -7.48
N PHE B 21 -8.97 4.55 -6.47
CA PHE B 21 -8.97 5.81 -5.71
C PHE B 21 -8.76 7.02 -6.64
N VAL B 22 -7.86 6.88 -7.64
CA VAL B 22 -7.61 7.88 -8.67
C VAL B 22 -8.91 8.11 -9.46
N GLU B 23 -9.49 7.02 -9.98
CA GLU B 23 -10.75 6.99 -10.72
C GLU B 23 -11.83 7.87 -10.07
N GLU B 24 -12.07 7.68 -8.76
CA GLU B 24 -12.97 8.49 -7.94
C GLU B 24 -12.51 9.95 -7.88
N LYS B 25 -11.27 10.19 -7.42
CA LYS B 25 -10.70 11.52 -7.18
C LYS B 25 -10.09 12.11 -8.47
N LYS B 26 -10.87 12.08 -9.57
CA LYS B 26 -10.64 12.81 -10.82
C LYS B 26 -11.94 13.48 -11.29
N LYS B 27 -13.11 12.85 -11.10
CA LYS B 27 -14.41 13.49 -11.32
C LYS B 27 -14.55 14.68 -10.36
N LYS B 28 -14.31 15.90 -10.87
CA LYS B 28 -14.36 17.15 -10.12
C LYS B 28 -15.76 17.35 -9.54
N GLY C 1 -3.27 27.66 -9.73
CA GLY C 1 -2.25 27.07 -8.84
C GLY C 1 -2.79 25.87 -8.04
N SER C 2 -3.29 24.85 -8.75
CA SER C 2 -3.79 23.60 -8.16
C SER C 2 -2.62 22.61 -8.05
N HIS C 3 -1.79 22.81 -7.02
CA HIS C 3 -0.59 22.03 -6.72
C HIS C 3 -0.46 21.99 -5.19
N LYS C 4 -1.29 21.16 -4.56
CA LYS C 4 -1.46 21.06 -3.11
C LYS C 4 -1.99 19.66 -2.81
N LYS C 5 -1.08 18.69 -2.70
CA LYS C 5 -1.34 17.27 -2.56
C LYS C 5 -0.17 16.66 -1.78
N THR C 6 -0.29 16.68 -0.44
CA THR C 6 0.74 16.23 0.49
C THR C 6 0.72 14.71 0.65
N ASP C 7 1.81 14.18 1.23
CA ASP C 7 2.07 12.77 1.51
C ASP C 7 0.90 12.08 2.24
N SER C 8 0.23 12.79 3.16
CA SER C 8 -0.90 12.31 3.96
C SER C 8 -2.06 11.79 3.09
N GLU C 9 -2.37 12.46 1.97
CA GLU C 9 -3.39 11.99 1.02
C GLU C 9 -2.98 10.64 0.40
N VAL C 10 -1.77 10.56 -0.16
CA VAL C 10 -1.28 9.42 -0.93
C VAL C 10 -1.46 8.09 -0.15
N GLN C 11 -0.99 8.05 1.11
CA GLN C 11 -1.15 6.89 1.99
C GLN C 11 -2.61 6.62 2.37
N LEU C 12 -3.39 7.66 2.71
CA LEU C 12 -4.78 7.52 3.15
C LEU C 12 -5.68 6.94 2.04
N GLU C 13 -5.45 7.34 0.80
CA GLU C 13 -6.08 6.81 -0.39
C GLU C 13 -5.65 5.35 -0.66
N MET C 14 -4.44 4.95 -0.27
CA MET C 14 -3.96 3.55 -0.31
C MET C 14 -4.60 2.70 0.82
N ILE C 15 -4.91 3.29 1.99
CA ILE C 15 -5.72 2.65 3.03
C ILE C 15 -7.14 2.38 2.49
N THR C 16 -7.72 3.34 1.75
CA THR C 16 -8.97 3.16 1.01
C THR C 16 -8.86 2.06 -0.06
N ALA C 17 -7.68 1.90 -0.71
CA ALA C 17 -7.43 0.85 -1.70
C ALA C 17 -7.57 -0.55 -1.07
N TRP C 18 -6.99 -0.77 0.13
CA TRP C 18 -7.22 -1.99 0.90
C TRP C 18 -8.71 -2.21 1.18
N LYS C 19 -9.43 -1.14 1.61
CA LYS C 19 -10.86 -1.17 1.82
C LYS C 19 -11.61 -1.68 0.58
N LYS C 20 -11.21 -1.22 -0.62
CA LYS C 20 -11.79 -1.63 -1.90
C LYS C 20 -11.56 -3.13 -2.15
N PHE C 21 -10.36 -3.67 -1.90
CA PHE C 21 -10.11 -5.12 -1.99
C PHE C 21 -11.13 -5.91 -1.16
N VAL C 22 -11.20 -5.67 0.17
CA VAL C 22 -12.14 -6.34 1.07
C VAL C 22 -13.58 -6.22 0.57
N GLU C 23 -13.97 -5.01 0.11
CA GLU C 23 -15.30 -4.71 -0.42
C GLU C 23 -15.64 -5.57 -1.65
N GLU C 24 -14.71 -5.71 -2.62
CA GLU C 24 -14.88 -6.51 -3.84
C GLU C 24 -15.29 -7.97 -3.56
N LYS C 25 -14.74 -8.58 -2.50
CA LYS C 25 -14.91 -10.00 -2.16
C LYS C 25 -16.40 -10.38 -2.06
N LYS C 26 -17.16 -9.71 -1.18
CA LYS C 26 -18.61 -9.86 -1.03
C LYS C 26 -19.35 -8.77 -1.83
N LYS C 27 -19.14 -7.49 -1.45
CA LYS C 27 -19.68 -6.30 -2.10
C LYS C 27 -21.18 -6.16 -1.77
N LYS C 28 -21.50 -5.98 -0.47
CA LYS C 28 -22.86 -5.86 0.05
C LYS C 28 -23.10 -4.44 0.56
CA CA D . -2.39 2.37 20.69
CA CA E . -0.33 -8.56 18.08
CA CA F . 11.23 -1.44 -15.17
CA CA G . 8.30 6.97 -11.27
N ALA A 1 26.46 -3.87 13.86
CA ALA A 1 27.13 -4.20 12.58
C ALA A 1 26.65 -3.30 11.44
N ASP A 2 27.46 -3.18 10.38
CA ASP A 2 27.22 -2.41 9.17
C ASP A 2 27.40 -0.89 9.40
N GLN A 3 26.60 -0.32 10.33
CA GLN A 3 26.60 1.08 10.70
C GLN A 3 26.15 1.97 9.53
N LEU A 4 24.87 1.85 9.15
CA LEU A 4 24.23 2.69 8.14
C LEU A 4 23.81 4.05 8.71
N THR A 5 23.58 5.03 7.83
CA THR A 5 23.14 6.39 8.17
C THR A 5 21.79 6.36 8.92
N GLU A 6 21.61 7.27 9.88
CA GLU A 6 20.43 7.35 10.74
C GLU A 6 19.14 7.80 10.02
N GLU A 7 19.18 8.04 8.70
CA GLU A 7 18.03 8.41 7.88
C GLU A 7 16.91 7.35 7.98
N GLN A 8 17.22 6.07 7.72
CA GLN A 8 16.24 4.98 7.71
C GLN A 8 15.53 4.83 9.06
N ILE A 9 16.28 4.91 10.18
CA ILE A 9 15.78 4.79 11.54
C ILE A 9 14.71 5.87 11.80
N ALA A 10 15.06 7.14 11.63
CA ALA A 10 14.17 8.28 11.80
C ALA A 10 12.98 8.24 10.82
N GLU A 11 13.22 7.89 9.55
CA GLU A 11 12.23 7.85 8.47
C GLU A 11 11.02 7.00 8.86
N PHE A 12 11.23 5.70 9.05
CA PHE A 12 10.18 4.75 9.43
C PHE A 12 9.63 4.98 10.84
N LYS A 13 10.40 5.59 11.76
CA LYS A 13 9.90 6.00 13.06
C LYS A 13 8.79 7.05 12.89
N GLU A 14 9.07 8.13 12.13
CA GLU A 14 8.09 9.16 11.79
C GLU A 14 6.85 8.56 11.11
N ALA A 15 7.02 7.58 10.20
CA ALA A 15 5.92 6.87 9.56
C ALA A 15 4.96 6.25 10.59
N PHE A 16 5.46 5.36 11.46
CA PHE A 16 4.68 4.67 12.48
C PHE A 16 4.06 5.66 13.49
N SER A 17 4.88 6.54 14.09
CA SER A 17 4.49 7.54 15.08
C SER A 17 3.30 8.40 14.65
N LEU A 18 3.26 8.80 13.36
CA LEU A 18 2.20 9.62 12.78
C LEU A 18 0.83 8.96 12.99
N PHE A 19 0.65 7.71 12.53
CA PHE A 19 -0.56 6.92 12.76
C PHE A 19 -0.77 6.64 14.26
N ASP A 20 0.29 6.18 14.96
CA ASP A 20 0.28 5.82 16.37
C ASP A 20 0.40 7.09 17.22
N LYS A 21 -0.65 7.93 17.23
CA LYS A 21 -0.73 9.13 18.06
C LYS A 21 -0.76 8.79 19.56
N ASP A 22 -1.31 7.61 19.92
CA ASP A 22 -1.30 7.06 21.28
C ASP A 22 0.11 7.03 21.87
N GLY A 23 1.07 6.43 21.14
CA GLY A 23 2.49 6.36 21.54
C GLY A 23 2.92 4.95 21.96
N ASP A 24 2.05 4.20 22.64
CA ASP A 24 2.33 2.87 23.19
C ASP A 24 2.92 1.90 22.16
N GLY A 25 2.39 1.91 20.93
CA GLY A 25 2.83 1.12 19.81
C GLY A 25 1.83 0.00 19.51
N THR A 26 0.64 0.36 19.01
CA THR A 26 -0.37 -0.53 18.45
C THR A 26 -1.17 0.24 17.39
N ILE A 27 -1.46 -0.40 16.25
CA ILE A 27 -2.31 0.12 15.17
C ILE A 27 -3.41 -0.92 14.88
N THR A 28 -4.67 -0.53 15.08
CA THR A 28 -5.85 -1.40 14.98
C THR A 28 -7.03 -0.68 14.30
N THR A 29 -8.17 -1.38 14.25
CA THR A 29 -9.41 -0.97 13.58
C THR A 29 -9.95 0.35 14.12
N LYS A 30 -10.24 0.39 15.43
CA LYS A 30 -10.80 1.52 16.18
C LYS A 30 -10.00 2.80 15.89
N GLU A 31 -8.67 2.74 16.07
CA GLU A 31 -7.75 3.85 15.88
C GLU A 31 -7.82 4.43 14.46
N LEU A 32 -7.61 3.61 13.41
CA LEU A 32 -7.76 4.03 12.01
C LEU A 32 -9.12 4.71 11.77
N GLY A 33 -10.20 4.13 12.29
CA GLY A 33 -11.53 4.70 12.28
C GLY A 33 -11.55 6.14 12.79
N THR A 34 -11.05 6.37 14.02
CA THR A 34 -10.96 7.68 14.67
C THR A 34 -10.26 8.72 13.78
N VAL A 35 -9.09 8.36 13.21
CA VAL A 35 -8.33 9.20 12.29
C VAL A 35 -9.19 9.62 11.08
N MET A 36 -9.94 8.68 10.49
CA MET A 36 -10.85 8.93 9.37
C MET A 36 -12.02 9.87 9.77
N ARG A 37 -12.69 9.63 10.90
CA ARG A 37 -13.77 10.49 11.41
C ARG A 37 -13.29 11.93 11.63
N SER A 38 -12.08 12.13 12.21
CA SER A 38 -11.47 13.43 12.43
C SER A 38 -11.47 14.28 11.15
N LEU A 39 -11.01 13.69 10.04
CA LEU A 39 -10.96 14.30 8.72
C LEU A 39 -12.38 14.46 8.16
N GLY A 40 -13.02 13.36 7.75
CA GLY A 40 -14.42 13.31 7.36
C GLY A 40 -14.71 12.05 6.53
N GLN A 41 -14.62 10.88 7.17
CA GLN A 41 -15.03 9.58 6.66
C GLN A 41 -15.40 8.66 7.83
N ASN A 42 -16.44 7.83 7.66
CA ASN A 42 -16.98 6.91 8.66
C ASN A 42 -16.89 5.46 8.12
N PRO A 43 -15.72 4.79 8.27
CA PRO A 43 -15.46 3.47 7.68
C PRO A 43 -16.13 2.32 8.45
N THR A 44 -16.21 1.15 7.78
CA THR A 44 -16.83 -0.08 8.26
C THR A 44 -15.81 -0.93 9.06
N GLU A 45 -16.23 -1.45 10.22
CA GLU A 45 -15.40 -2.22 11.15
C GLU A 45 -14.88 -3.54 10.55
N ALA A 46 -15.71 -4.25 9.77
CA ALA A 46 -15.36 -5.50 9.09
C ALA A 46 -14.23 -5.30 8.09
N GLU A 47 -14.34 -4.24 7.25
CA GLU A 47 -13.35 -3.86 6.24
C GLU A 47 -12.04 -3.40 6.91
N LEU A 48 -12.13 -2.60 7.98
CA LEU A 48 -11.00 -2.19 8.82
C LEU A 48 -10.22 -3.41 9.36
N GLN A 49 -10.92 -4.46 9.82
CA GLN A 49 -10.32 -5.68 10.36
C GLN A 49 -9.59 -6.46 9.27
N ASP A 50 -10.34 -6.94 8.27
CA ASP A 50 -9.87 -7.88 7.26
C ASP A 50 -8.63 -7.36 6.50
N MET A 51 -8.63 -6.11 6.03
CA MET A 51 -7.53 -5.51 5.28
C MET A 51 -6.17 -5.64 5.99
N ILE A 52 -6.13 -5.35 7.30
CA ILE A 52 -4.95 -5.44 8.16
C ILE A 52 -4.54 -6.91 8.32
N ASN A 53 -5.52 -7.79 8.58
CA ASN A 53 -5.34 -9.20 8.89
C ASN A 53 -4.68 -10.02 7.76
N GLU A 54 -4.82 -9.61 6.48
CA GLU A 54 -4.07 -10.20 5.36
C GLU A 54 -2.57 -9.97 5.55
N VAL A 55 -2.13 -8.71 5.48
CA VAL A 55 -0.74 -8.31 5.44
C VAL A 55 0.02 -8.76 6.71
N ASP A 56 -0.65 -8.74 7.88
CA ASP A 56 -0.12 -9.35 9.10
C ASP A 56 -0.14 -10.88 8.96
N ALA A 57 0.98 -11.53 9.30
CA ALA A 57 1.12 -12.97 9.27
C ALA A 57 0.32 -13.60 10.42
N ASP A 58 0.71 -13.28 11.66
CA ASP A 58 0.11 -13.76 12.90
C ASP A 58 -1.37 -13.36 13.05
N GLY A 59 -1.73 -12.12 12.69
CA GLY A 59 -3.10 -11.64 12.60
C GLY A 59 -3.75 -11.44 13.98
N ASN A 60 -3.25 -10.48 14.76
CA ASN A 60 -3.77 -10.16 16.10
C ASN A 60 -4.55 -8.84 16.15
N GLY A 61 -4.89 -8.24 14.99
CA GLY A 61 -5.63 -6.98 14.89
C GLY A 61 -4.71 -5.78 15.11
N THR A 62 -4.08 -5.71 16.28
CA THR A 62 -3.04 -4.75 16.64
C THR A 62 -1.78 -5.01 15.81
N ILE A 63 -1.10 -3.93 15.38
CA ILE A 63 0.15 -3.98 14.62
C ILE A 63 1.16 -3.12 15.38
N ASP A 64 2.06 -3.79 16.13
CA ASP A 64 3.04 -3.18 17.02
C ASP A 64 4.15 -2.43 16.24
N PHE A 65 5.16 -1.90 16.96
CA PHE A 65 6.35 -1.26 16.40
C PHE A 65 7.00 -2.13 15.30
N PRO A 66 7.66 -3.26 15.64
CA PRO A 66 8.36 -4.11 14.66
C PRO A 66 7.44 -4.58 13.54
N GLU A 67 6.19 -4.98 13.88
CA GLU A 67 5.20 -5.43 12.93
C GLU A 67 4.90 -4.40 11.83
N PHE A 68 4.70 -3.12 12.19
CA PHE A 68 4.38 -2.06 11.22
C PHE A 68 5.59 -1.75 10.32
N LEU A 69 6.78 -1.65 10.92
CA LEU A 69 8.04 -1.45 10.21
C LEU A 69 8.24 -2.55 9.15
N THR A 70 7.92 -3.82 9.48
CA THR A 70 7.90 -4.94 8.53
C THR A 70 6.85 -4.70 7.44
N MET A 71 5.56 -4.64 7.84
CA MET A 71 4.35 -4.47 7.02
C MET A 71 4.59 -3.58 5.79
N MET A 72 5.17 -2.38 5.99
CA MET A 72 5.50 -1.44 4.94
C MET A 72 6.80 -1.85 4.21
N ALA A 73 7.94 -1.85 4.92
CA ALA A 73 9.27 -2.04 4.32
C ALA A 73 9.44 -3.43 3.68
N ARG A 74 9.58 -4.48 4.50
CA ARG A 74 9.89 -5.84 4.05
C ARG A 74 8.64 -6.59 3.55
N LYS A 75 7.57 -6.60 4.35
CA LYS A 75 6.24 -7.18 4.10
C LYS A 75 6.12 -8.55 4.78
N MET A 76 5.04 -8.77 5.55
CA MET A 76 4.65 -10.07 6.12
C MET A 76 5.52 -10.41 7.34
N LYS A 77 4.89 -10.59 8.52
CA LYS A 77 5.58 -10.75 9.81
C LYS A 77 6.16 -12.17 9.94
N ASP A 78 7.30 -12.43 9.29
CA ASP A 78 7.95 -13.74 9.20
C ASP A 78 9.49 -13.59 9.29
N THR A 79 10.22 -14.70 9.13
CA THR A 79 11.68 -14.69 9.01
C THR A 79 12.09 -14.04 7.68
N ASP A 80 11.68 -14.66 6.55
CA ASP A 80 11.94 -14.19 5.20
C ASP A 80 10.85 -13.19 4.80
N SER A 81 10.81 -12.03 5.49
CA SER A 81 9.86 -10.96 5.26
C SER A 81 10.03 -10.39 3.83
N GLU A 82 11.24 -9.92 3.50
CA GLU A 82 11.53 -9.25 2.23
C GLU A 82 11.36 -10.16 0.99
N GLU A 83 11.43 -11.49 1.16
CA GLU A 83 11.13 -12.46 0.10
C GLU A 83 9.67 -12.44 -0.34
N GLU A 84 8.72 -11.95 0.49
CA GLU A 84 7.31 -11.82 0.10
C GLU A 84 7.16 -10.87 -1.10
N ILE A 85 7.70 -9.66 -0.98
CA ILE A 85 7.73 -8.63 -2.03
C ILE A 85 8.41 -9.18 -3.29
N ARG A 86 9.54 -9.88 -3.14
CA ARG A 86 10.23 -10.57 -4.23
C ARG A 86 9.30 -11.58 -4.93
N GLU A 87 8.52 -12.35 -4.16
CA GLU A 87 7.56 -13.34 -4.66
C GLU A 87 6.47 -12.68 -5.52
N ALA A 88 5.92 -11.55 -5.03
CA ALA A 88 4.93 -10.73 -5.73
C ALA A 88 5.51 -10.17 -7.04
N PHE A 89 6.73 -9.64 -6.99
CA PHE A 89 7.44 -8.98 -8.08
C PHE A 89 7.74 -9.93 -9.25
N ARG A 90 8.41 -11.06 -8.97
CA ARG A 90 8.83 -12.03 -10.01
C ARG A 90 7.64 -12.68 -10.72
N VAL A 91 6.51 -12.91 -10.03
CA VAL A 91 5.26 -13.37 -10.60
C VAL A 91 4.63 -12.26 -11.47
N PHE A 92 4.49 -11.04 -10.93
CA PHE A 92 3.89 -9.91 -11.62
C PHE A 92 4.70 -9.53 -12.88
N ASP A 93 5.87 -8.92 -12.66
CA ASP A 93 6.75 -8.39 -13.71
C ASP A 93 7.62 -9.50 -14.32
N LYS A 94 8.19 -9.20 -15.50
CA LYS A 94 9.02 -10.08 -16.31
C LYS A 94 10.53 -9.92 -16.01
N ASP A 95 10.93 -8.88 -15.27
CA ASP A 95 12.33 -8.45 -15.13
C ASP A 95 12.59 -7.80 -13.75
N GLY A 96 12.30 -8.53 -12.65
CA GLY A 96 12.66 -8.13 -11.30
C GLY A 96 11.71 -7.11 -10.65
N ASN A 97 11.11 -6.21 -11.44
CA ASN A 97 10.19 -5.17 -11.00
C ASN A 97 10.92 -4.04 -10.27
N GLY A 98 12.07 -3.60 -10.82
CA GLY A 98 12.96 -2.61 -10.21
C GLY A 98 12.48 -1.20 -10.53
N TYR A 99 12.74 -0.76 -11.77
CA TYR A 99 12.23 0.48 -12.37
C TYR A 99 10.99 0.13 -13.19
N ILE A 100 9.80 0.35 -12.62
CA ILE A 100 8.53 -0.12 -13.15
C ILE A 100 7.92 0.99 -14.02
N SER A 101 8.10 0.89 -15.35
CA SER A 101 7.48 1.79 -16.32
C SER A 101 5.95 1.65 -16.31
N ALA A 102 5.25 2.70 -16.78
CA ALA A 102 3.80 2.71 -16.98
C ALA A 102 3.32 1.52 -17.83
N ALA A 103 4.06 1.21 -18.90
CA ALA A 103 3.83 0.04 -19.75
C ALA A 103 3.97 -1.28 -18.98
N GLU A 104 5.08 -1.47 -18.25
CA GLU A 104 5.35 -2.67 -17.45
C GLU A 104 4.25 -2.90 -16.39
N LEU A 105 3.81 -1.83 -15.71
CA LEU A 105 2.76 -1.85 -14.69
C LEU A 105 1.40 -2.19 -15.34
N ARG A 106 1.08 -1.58 -16.50
CA ARG A 106 -0.10 -1.90 -17.30
C ARG A 106 -0.14 -3.40 -17.67
N HIS A 107 0.96 -3.94 -18.21
CA HIS A 107 1.06 -5.30 -18.75
C HIS A 107 0.55 -6.39 -17.79
N VAL A 108 0.94 -6.34 -16.50
CA VAL A 108 0.47 -7.31 -15.50
C VAL A 108 -1.04 -7.22 -15.25
N MET A 109 -1.60 -6.00 -15.20
CA MET A 109 -3.04 -5.77 -15.05
C MET A 109 -3.81 -6.30 -16.27
N THR A 110 -3.34 -6.01 -17.48
CA THR A 110 -3.88 -6.52 -18.74
C THR A 110 -3.83 -8.07 -18.78
N ASN A 111 -2.71 -8.66 -18.34
CA ASN A 111 -2.49 -10.10 -18.28
C ASN A 111 -3.55 -10.82 -17.43
N LEU A 112 -3.90 -10.28 -16.26
CA LEU A 112 -4.98 -10.75 -15.39
C LEU A 112 -6.28 -10.82 -16.22
N GLY A 113 -6.77 -9.66 -16.65
CA GLY A 113 -7.90 -9.50 -17.55
C GLY A 113 -8.72 -8.27 -17.17
N GLU A 114 -8.23 -7.07 -17.51
CA GLU A 114 -8.86 -5.78 -17.21
C GLU A 114 -8.17 -4.64 -17.98
N LYS A 115 -8.98 -3.78 -18.62
CA LYS A 115 -8.57 -2.76 -19.58
C LYS A 115 -8.86 -1.36 -18.99
N LEU A 116 -8.16 -1.02 -17.91
CA LEU A 116 -8.22 0.27 -17.21
C LEU A 116 -7.12 1.18 -17.75
N THR A 117 -7.45 2.45 -18.03
CA THR A 117 -6.63 3.37 -18.82
C THR A 117 -5.32 3.75 -18.09
N ASP A 118 -4.22 3.82 -18.85
CA ASP A 118 -2.86 4.04 -18.34
C ASP A 118 -2.60 5.49 -17.87
N GLU A 119 -3.54 6.43 -18.05
CA GLU A 119 -3.47 7.76 -17.47
C GLU A 119 -3.57 7.68 -15.94
N GLU A 120 -4.46 6.80 -15.43
CA GLU A 120 -4.64 6.50 -14.01
C GLU A 120 -3.33 5.98 -13.39
N VAL A 121 -2.57 5.16 -14.13
CA VAL A 121 -1.26 4.64 -13.72
C VAL A 121 -0.28 5.81 -13.49
N ASP A 122 -0.14 6.71 -14.48
CA ASP A 122 0.71 7.90 -14.39
C ASP A 122 0.38 8.76 -13.16
N GLU A 123 -0.91 9.01 -12.88
CA GLU A 123 -1.35 9.77 -11.72
C GLU A 123 -0.83 9.15 -10.40
N MET A 124 -1.08 7.85 -10.17
CA MET A 124 -0.66 7.14 -8.95
C MET A 124 0.87 6.89 -8.86
N ILE A 125 1.60 6.99 -9.98
CA ILE A 125 3.07 6.97 -10.01
C ILE A 125 3.60 8.33 -9.54
N ARG A 126 3.28 9.39 -10.29
CA ARG A 126 3.86 10.74 -10.16
C ARG A 126 3.73 11.36 -8.76
N GLU A 127 2.66 11.03 -7.99
CA GLU A 127 2.49 11.49 -6.61
C GLU A 127 3.67 11.13 -5.69
N ALA A 128 4.48 10.11 -6.03
CA ALA A 128 5.74 9.80 -5.38
C ALA A 128 6.70 9.10 -6.37
N ASP A 129 7.01 9.76 -7.50
CA ASP A 129 8.09 9.41 -8.41
C ASP A 129 9.19 10.45 -8.21
N ILE A 130 10.05 10.21 -7.21
CA ILE A 130 11.09 11.10 -6.72
C ILE A 130 12.08 11.48 -7.84
N ASP A 131 12.65 10.50 -8.54
CA ASP A 131 13.56 10.70 -9.66
C ASP A 131 12.87 11.46 -10.81
N GLY A 132 11.71 10.94 -11.27
CA GLY A 132 10.95 11.50 -12.37
C GLY A 132 11.56 11.07 -13.72
N ASP A 133 11.31 9.81 -14.10
CA ASP A 133 11.71 9.22 -15.38
C ASP A 133 10.68 8.18 -15.85
N GLY A 134 9.38 8.46 -15.63
CA GLY A 134 8.24 7.62 -15.97
C GLY A 134 8.31 6.19 -15.41
N GLN A 135 9.02 6.00 -14.28
CA GLN A 135 9.35 4.70 -13.69
C GLN A 135 9.28 4.80 -12.16
N VAL A 136 8.93 3.69 -11.49
CA VAL A 136 8.90 3.55 -10.04
C VAL A 136 10.16 2.80 -9.60
N ASN A 137 11.17 3.52 -9.08
CA ASN A 137 12.37 2.94 -8.48
C ASN A 137 12.03 2.19 -7.18
N TYR A 138 13.00 1.44 -6.64
CA TYR A 138 12.87 0.62 -5.43
C TYR A 138 12.38 1.47 -4.24
N GLU A 139 13.06 2.59 -3.96
CA GLU A 139 12.66 3.59 -2.98
C GLU A 139 11.24 4.12 -3.23
N GLU A 140 10.96 4.54 -4.47
CA GLU A 140 9.67 5.10 -4.88
C GLU A 140 8.51 4.12 -4.63
N PHE A 141 8.77 2.81 -4.80
CA PHE A 141 7.83 1.73 -4.49
C PHE A 141 7.44 1.72 -3.00
N VAL A 142 8.39 2.03 -2.11
CA VAL A 142 8.13 2.18 -0.68
C VAL A 142 7.30 3.45 -0.44
N GLN A 143 7.86 4.63 -0.74
CA GLN A 143 7.30 5.95 -0.45
C GLN A 143 5.86 6.15 -0.96
N MET A 144 5.52 5.62 -2.15
CA MET A 144 4.18 5.75 -2.73
C MET A 144 3.08 5.11 -1.86
N MET A 145 3.41 4.02 -1.16
CA MET A 145 2.56 3.33 -0.18
C MET A 145 2.83 3.81 1.26
N THR A 146 4.01 4.39 1.54
CA THR A 146 4.44 4.87 2.86
C THR A 146 4.73 6.37 2.76
N ALA A 147 3.69 7.19 2.51
CA ALA A 147 3.83 8.62 2.25
C ALA A 147 3.93 9.40 3.57
N LYS A 148 5.12 9.95 3.85
CA LYS A 148 5.44 10.81 4.98
C LYS A 148 5.43 12.28 4.54
N GLY B 1 -11.05 -23.82 -11.31
CA GLY B 1 -10.71 -23.25 -9.99
C GLY B 1 -10.04 -24.28 -9.08
N SER B 2 -8.78 -24.63 -9.38
CA SER B 2 -8.00 -25.63 -8.68
C SER B 2 -7.56 -25.10 -7.30
N HIS B 3 -6.69 -24.08 -7.29
CA HIS B 3 -6.17 -23.43 -6.09
C HIS B 3 -7.10 -22.33 -5.57
N LYS B 4 -6.91 -21.95 -4.30
CA LYS B 4 -7.58 -20.82 -3.64
C LYS B 4 -6.93 -19.48 -4.03
N LYS B 5 -7.55 -18.37 -3.58
CA LYS B 5 -7.10 -17.00 -3.84
C LYS B 5 -5.87 -16.69 -2.97
N THR B 6 -4.67 -16.76 -3.57
CA THR B 6 -3.39 -16.53 -2.92
C THR B 6 -3.14 -15.01 -2.67
N ASP B 7 -1.94 -14.69 -2.15
CA ASP B 7 -1.49 -13.32 -1.91
C ASP B 7 -1.43 -12.49 -3.21
N SER B 8 -1.23 -13.12 -4.37
CA SER B 8 -1.19 -12.44 -5.67
C SER B 8 -2.51 -11.70 -5.94
N GLU B 9 -3.66 -12.38 -5.90
CA GLU B 9 -4.98 -11.78 -6.14
C GLU B 9 -5.28 -10.64 -5.17
N VAL B 10 -4.95 -10.80 -3.87
CA VAL B 10 -5.02 -9.74 -2.86
C VAL B 10 -4.27 -8.49 -3.33
N GLN B 11 -3.01 -8.65 -3.77
CA GLN B 11 -2.14 -7.57 -4.20
C GLN B 11 -2.51 -6.97 -5.58
N LEU B 12 -3.21 -7.73 -6.44
CA LEU B 12 -3.76 -7.23 -7.70
C LEU B 12 -5.00 -6.36 -7.44
N GLU B 13 -5.92 -6.82 -6.58
CA GLU B 13 -7.07 -6.06 -6.11
C GLU B 13 -6.64 -4.76 -5.41
N MET B 14 -5.58 -4.81 -4.59
CA MET B 14 -4.93 -3.65 -3.99
C MET B 14 -4.60 -2.60 -5.05
N ILE B 15 -3.83 -2.98 -6.09
CA ILE B 15 -3.40 -2.09 -7.18
C ILE B 15 -4.60 -1.51 -7.96
N THR B 16 -5.62 -2.33 -8.25
CA THR B 16 -6.84 -1.93 -8.96
C THR B 16 -7.63 -0.89 -8.14
N ALA B 17 -7.72 -1.08 -6.82
CA ALA B 17 -8.37 -0.16 -5.89
C ALA B 17 -7.53 1.11 -5.63
N TRP B 18 -6.20 0.98 -5.60
CA TRP B 18 -5.23 2.07 -5.42
C TRP B 18 -5.29 3.04 -6.61
N LYS B 19 -5.34 2.50 -7.83
CA LYS B 19 -5.67 3.21 -9.07
C LYS B 19 -6.97 4.01 -8.92
N LYS B 20 -8.04 3.36 -8.43
CA LYS B 20 -9.35 3.97 -8.19
C LYS B 20 -9.25 5.19 -7.26
N PHE B 21 -8.55 5.08 -6.11
CA PHE B 21 -8.45 6.16 -5.12
C PHE B 21 -7.95 7.48 -5.75
N VAL B 22 -6.86 7.42 -6.52
CA VAL B 22 -6.29 8.59 -7.20
C VAL B 22 -7.25 9.11 -8.29
N GLU B 23 -7.85 8.22 -9.10
CA GLU B 23 -8.88 8.57 -10.08
C GLU B 23 -10.05 9.34 -9.43
N GLU B 24 -10.48 8.93 -8.24
CA GLU B 24 -11.55 9.56 -7.47
C GLU B 24 -11.11 10.96 -7.01
N LYS B 25 -9.96 11.07 -6.31
CA LYS B 25 -9.40 12.35 -5.82
C LYS B 25 -8.44 12.96 -6.86
N LYS B 26 -8.93 13.16 -8.09
CA LYS B 26 -8.25 13.88 -9.17
C LYS B 26 -9.21 14.00 -10.38
N LYS B 27 -9.49 12.85 -10.99
CA LYS B 27 -10.47 12.60 -12.07
C LYS B 27 -10.26 13.48 -13.32
N LYS B 28 -9.00 13.68 -13.74
CA LYS B 28 -8.61 14.43 -14.94
C LYS B 28 -7.43 13.68 -15.61
N GLY C 1 -6.12 22.37 -3.53
CA GLY C 1 -7.43 22.49 -4.16
C GLY C 1 -8.56 21.92 -3.29
N SER C 2 -8.95 20.66 -3.52
CA SER C 2 -9.99 19.96 -2.78
C SER C 2 -9.45 19.53 -1.42
N HIS C 3 -9.55 20.42 -0.42
CA HIS C 3 -9.02 20.26 0.93
C HIS C 3 -7.51 19.96 0.93
N LYS C 4 -6.78 20.45 -0.09
CA LYS C 4 -5.36 20.19 -0.34
C LYS C 4 -5.07 18.69 -0.59
N LYS C 5 -3.86 18.41 -1.10
CA LYS C 5 -3.27 17.08 -1.25
C LYS C 5 -1.99 17.05 -0.41
N THR C 6 -1.94 16.18 0.62
CA THR C 6 -0.77 15.94 1.46
C THR C 6 -0.42 14.45 1.48
N ASP C 7 0.77 14.13 2.00
CA ASP C 7 1.26 12.77 2.24
C ASP C 7 0.34 11.98 3.18
N SER C 8 -0.23 12.64 4.20
CA SER C 8 -1.25 12.10 5.09
C SER C 8 -2.48 11.66 4.28
N GLU C 9 -3.05 12.55 3.47
CA GLU C 9 -4.24 12.30 2.65
C GLU C 9 -4.00 11.17 1.63
N VAL C 10 -2.85 11.20 0.92
CA VAL C 10 -2.38 10.15 0.02
C VAL C 10 -2.46 8.78 0.71
N GLN C 11 -1.71 8.60 1.82
CA GLN C 11 -1.58 7.32 2.51
C GLN C 11 -2.91 6.83 3.11
N LEU C 12 -3.69 7.74 3.72
CA LEU C 12 -4.97 7.45 4.36
C LEU C 12 -6.02 6.94 3.35
N GLU C 13 -6.13 7.60 2.18
CA GLU C 13 -7.01 7.17 1.09
C GLU C 13 -6.46 5.93 0.35
N MET C 14 -5.14 5.70 0.39
CA MET C 14 -4.50 4.46 -0.01
C MET C 14 -4.87 3.29 0.93
N ILE C 15 -5.16 3.55 2.22
CA ILE C 15 -5.75 2.57 3.13
C ILE C 15 -7.25 2.38 2.83
N THR C 16 -7.97 3.43 2.42
CA THR C 16 -9.36 3.30 1.92
C THR C 16 -9.45 2.39 0.70
N ALA C 17 -8.45 2.45 -0.22
CA ALA C 17 -8.33 1.52 -1.34
C ALA C 17 -8.36 0.06 -0.89
N TRP C 18 -7.68 -0.28 0.21
CA TRP C 18 -7.69 -1.63 0.76
C TRP C 18 -9.12 -2.07 1.13
N LYS C 19 -9.89 -1.22 1.84
CA LYS C 19 -11.27 -1.48 2.21
C LYS C 19 -12.15 -1.76 0.98
N LYS C 20 -11.93 -1.04 -0.14
CA LYS C 20 -12.62 -1.23 -1.41
C LYS C 20 -12.30 -2.60 -2.04
N PHE C 21 -11.02 -3.04 -1.97
CA PHE C 21 -10.56 -4.39 -2.31
C PHE C 21 -11.35 -5.44 -1.51
N VAL C 22 -11.38 -5.30 -0.18
CA VAL C 22 -12.09 -6.21 0.73
C VAL C 22 -13.59 -6.28 0.40
N GLU C 23 -14.23 -5.15 0.09
CA GLU C 23 -15.66 -5.08 -0.24
C GLU C 23 -16.00 -6.04 -1.40
N GLU C 24 -15.20 -5.99 -2.49
CA GLU C 24 -15.32 -6.88 -3.64
C GLU C 24 -15.05 -8.35 -3.26
N LYS C 25 -13.92 -8.63 -2.59
CA LYS C 25 -13.51 -9.99 -2.23
C LYS C 25 -14.34 -10.63 -1.09
N LYS C 26 -15.13 -9.86 -0.33
CA LYS C 26 -16.05 -10.37 0.68
C LYS C 26 -17.10 -11.31 0.04
N LYS C 27 -17.68 -10.89 -1.09
CA LYS C 27 -18.47 -11.75 -1.97
C LYS C 27 -17.58 -12.84 -2.58
N LYS C 28 -18.09 -14.08 -2.63
CA LYS C 28 -17.47 -15.20 -3.34
C LYS C 28 -17.71 -15.03 -4.84
CA CA D . -2.96 2.69 19.96
CA CA E . -0.23 -8.59 15.51
CA CA F . 10.22 -3.33 -14.12
CA CA G . 12.26 6.09 -10.92
N ALA A 1 27.24 -3.30 -1.14
CA ALA A 1 26.12 -2.78 -0.32
C ALA A 1 25.53 -3.88 0.59
N ASP A 2 26.36 -4.42 1.49
CA ASP A 2 25.98 -5.44 2.46
C ASP A 2 25.10 -4.80 3.54
N GLN A 3 25.72 -4.08 4.50
CA GLN A 3 25.03 -3.34 5.56
C GLN A 3 24.42 -2.03 5.05
N LEU A 4 23.51 -1.46 5.85
CA LEU A 4 22.73 -0.27 5.54
C LEU A 4 22.77 0.72 6.72
N THR A 5 22.62 2.01 6.42
CA THR A 5 22.70 3.14 7.35
C THR A 5 21.45 3.19 8.26
N GLU A 6 21.64 3.61 9.51
CA GLU A 6 20.60 3.72 10.55
C GLU A 6 19.46 4.72 10.23
N GLU A 7 19.61 5.56 9.19
CA GLU A 7 18.60 6.50 8.72
C GLU A 7 17.25 5.81 8.50
N GLN A 8 17.27 4.68 7.76
CA GLN A 8 16.10 3.90 7.38
C GLN A 8 15.22 3.51 8.58
N ILE A 9 15.86 3.15 9.71
CA ILE A 9 15.20 2.83 10.99
C ILE A 9 14.44 4.07 11.50
N ALA A 10 15.11 5.23 11.52
CA ALA A 10 14.57 6.51 12.00
C ALA A 10 13.35 6.96 11.19
N GLU A 11 13.36 6.79 9.85
CA GLU A 11 12.22 7.03 8.97
C GLU A 11 11.01 6.19 9.40
N PHE A 12 11.19 4.87 9.56
CA PHE A 12 10.14 3.94 10.00
C PHE A 12 9.61 4.29 11.40
N LYS A 13 10.49 4.65 12.34
CA LYS A 13 10.15 5.05 13.70
C LYS A 13 9.20 6.25 13.70
N GLU A 14 9.53 7.33 12.97
CA GLU A 14 8.70 8.52 12.80
C GLU A 14 7.33 8.12 12.23
N ALA A 15 7.32 7.40 11.09
CA ALA A 15 6.11 7.05 10.35
C ALA A 15 5.11 6.23 11.19
N PHE A 16 5.61 5.29 11.99
CA PHE A 16 4.84 4.53 12.97
C PHE A 16 4.31 5.45 14.09
N SER A 17 5.19 6.28 14.67
CA SER A 17 4.87 7.21 15.76
C SER A 17 3.78 8.23 15.38
N LEU A 18 3.75 8.67 14.12
CA LEU A 18 2.75 9.59 13.56
C LEU A 18 1.33 9.04 13.77
N PHE A 19 1.07 7.82 13.28
CA PHE A 19 -0.18 7.10 13.47
C PHE A 19 -0.43 6.76 14.94
N ASP A 20 0.60 6.28 15.65
CA ASP A 20 0.55 5.94 17.07
C ASP A 20 0.58 7.22 17.92
N LYS A 21 -0.54 7.96 17.90
CA LYS A 21 -0.77 9.18 18.70
C LYS A 21 -0.65 8.88 20.20
N ASP A 22 -1.24 7.76 20.65
CA ASP A 22 -1.25 7.30 22.02
C ASP A 22 0.17 7.12 22.59
N GLY A 23 1.04 6.41 21.87
CA GLY A 23 2.43 6.17 22.26
C GLY A 23 2.74 4.68 22.49
N ASP A 24 1.79 3.92 23.07
CA ASP A 24 1.94 2.51 23.44
C ASP A 24 2.45 1.62 22.29
N GLY A 25 1.88 1.76 21.08
CA GLY A 25 2.37 1.13 19.85
C GLY A 25 1.50 -0.04 19.39
N THR A 26 0.18 0.20 19.26
CA THR A 26 -0.77 -0.70 18.63
C THR A 26 -1.86 0.16 17.98
N ILE A 27 -1.71 0.46 16.68
CA ILE A 27 -2.67 1.24 15.90
C ILE A 27 -3.85 0.32 15.58
N THR A 28 -4.72 0.10 16.56
CA THR A 28 -5.85 -0.83 16.51
C THR A 28 -6.98 -0.27 15.63
N THR A 29 -8.02 -1.09 15.41
CA THR A 29 -9.25 -0.74 14.68
C THR A 29 -9.83 0.60 15.15
N LYS A 30 -10.12 0.72 16.45
CA LYS A 30 -10.66 1.89 17.12
C LYS A 30 -9.87 3.16 16.74
N GLU A 31 -8.53 3.12 16.90
CA GLU A 31 -7.60 4.21 16.65
C GLU A 31 -7.58 4.63 15.17
N LEU A 32 -7.49 3.67 14.24
CA LEU A 32 -7.50 3.91 12.79
C LEU A 32 -8.81 4.63 12.41
N GLY A 33 -9.95 4.11 12.89
CA GLY A 33 -11.28 4.69 12.77
C GLY A 33 -11.33 6.16 13.21
N THR A 34 -10.69 6.51 14.34
CA THR A 34 -10.63 7.87 14.88
C THR A 34 -9.98 8.85 13.90
N VAL A 35 -8.83 8.49 13.30
CA VAL A 35 -8.13 9.33 12.32
C VAL A 35 -9.06 9.65 11.13
N MET A 36 -9.68 8.61 10.54
CA MET A 36 -10.69 8.73 9.49
C MET A 36 -11.87 9.62 9.92
N ARG A 37 -12.38 9.44 11.16
CA ARG A 37 -13.50 10.17 11.74
C ARG A 37 -13.23 11.68 11.79
N SER A 38 -12.09 12.06 12.39
CA SER A 38 -11.62 13.44 12.55
C SER A 38 -11.58 14.17 11.20
N LEU A 39 -10.97 13.53 10.19
CA LEU A 39 -10.89 14.05 8.82
C LEU A 39 -12.27 14.22 8.18
N GLY A 40 -13.15 13.20 8.30
CA GLY A 40 -14.53 13.30 7.81
C GLY A 40 -15.22 11.92 7.81
N GLN A 41 -15.62 11.45 8.99
CA GLN A 41 -16.45 10.25 9.20
C GLN A 41 -15.73 8.94 8.79
N ASN A 42 -16.32 7.79 9.17
CA ASN A 42 -15.81 6.46 8.83
C ASN A 42 -16.95 5.42 8.81
N PRO A 43 -17.05 4.58 7.75
CA PRO A 43 -17.90 3.39 7.66
C PRO A 43 -17.75 2.33 8.78
N THR A 44 -18.00 1.06 8.42
CA THR A 44 -18.11 -0.12 9.28
C THR A 44 -16.76 -0.46 9.97
N GLU A 45 -16.84 -1.17 11.10
CA GLU A 45 -15.73 -1.64 11.93
C GLU A 45 -15.03 -2.87 11.33
N ALA A 46 -15.80 -3.80 10.78
CA ALA A 46 -15.33 -4.97 10.03
C ALA A 46 -14.28 -4.59 8.98
N GLU A 47 -14.59 -3.57 8.16
CA GLU A 47 -13.70 -2.97 7.17
C GLU A 47 -12.35 -2.55 7.81
N LEU A 48 -12.38 -1.78 8.91
CA LEU A 48 -11.17 -1.35 9.64
C LEU A 48 -10.23 -2.53 9.95
N GLN A 49 -10.76 -3.63 10.49
CA GLN A 49 -10.01 -4.83 10.81
C GLN A 49 -9.42 -5.49 9.55
N ASP A 50 -10.27 -5.74 8.54
CA ASP A 50 -9.93 -6.43 7.29
C ASP A 50 -8.74 -5.78 6.57
N MET A 51 -8.72 -4.44 6.47
CA MET A 51 -7.65 -3.67 5.81
C MET A 51 -6.27 -4.00 6.37
N ILE A 52 -6.11 -3.94 7.71
CA ILE A 52 -4.89 -4.24 8.44
C ILE A 52 -4.53 -5.73 8.31
N ASN A 53 -5.53 -6.61 8.51
CA ASN A 53 -5.41 -8.06 8.40
C ASN A 53 -5.34 -8.58 6.95
N GLU A 54 -4.96 -7.72 5.99
CA GLU A 54 -4.41 -8.14 4.71
C GLU A 54 -3.00 -8.70 4.93
N VAL A 55 -2.16 -7.93 5.62
CA VAL A 55 -0.73 -8.17 5.83
C VAL A 55 -0.40 -8.58 7.27
N ASP A 56 -1.31 -8.40 8.24
CA ASP A 56 -1.10 -8.80 9.64
C ASP A 56 -1.06 -10.34 9.70
N ALA A 57 0.15 -10.90 9.68
CA ALA A 57 0.42 -12.33 9.53
C ALA A 57 -0.24 -13.15 10.66
N ASP A 58 0.06 -12.79 11.91
CA ASP A 58 -0.58 -13.29 13.12
C ASP A 58 -2.12 -13.08 13.09
N GLY A 59 -2.57 -11.91 12.60
CA GLY A 59 -3.98 -11.61 12.39
C GLY A 59 -4.73 -11.29 13.69
N ASN A 60 -4.11 -10.49 14.57
CA ASN A 60 -4.69 -10.03 15.83
C ASN A 60 -5.58 -8.79 15.67
N GLY A 61 -5.51 -8.06 14.53
CA GLY A 61 -6.16 -6.77 14.34
C GLY A 61 -5.14 -5.65 14.53
N THR A 62 -4.50 -5.61 15.71
CA THR A 62 -3.43 -4.69 16.06
C THR A 62 -2.23 -4.85 15.11
N ILE A 63 -1.70 -3.72 14.63
CA ILE A 63 -0.46 -3.65 13.87
C ILE A 63 0.65 -3.17 14.83
N ASP A 64 1.51 -4.10 15.27
CA ASP A 64 2.58 -3.84 16.24
C ASP A 64 3.77 -3.11 15.57
N PHE A 65 4.77 -2.73 16.38
CA PHE A 65 5.96 -1.97 15.95
C PHE A 65 6.70 -2.65 14.78
N PRO A 66 7.09 -3.94 14.88
CA PRO A 66 7.72 -4.67 13.78
C PRO A 66 6.79 -4.78 12.56
N GLU A 67 5.52 -5.14 12.79
CA GLU A 67 4.50 -5.44 11.79
C GLU A 67 4.25 -4.26 10.84
N PHE A 68 4.20 -3.02 11.37
CA PHE A 68 3.90 -1.81 10.60
C PHE A 68 5.03 -1.50 9.59
N LEU A 69 6.28 -1.37 10.05
CA LEU A 69 7.42 -1.07 9.19
C LEU A 69 7.67 -2.18 8.15
N THR A 70 7.52 -3.45 8.57
CA THR A 70 7.51 -4.64 7.72
C THR A 70 6.46 -4.52 6.59
N MET A 71 5.24 -4.07 6.93
CA MET A 71 4.09 -3.98 6.02
C MET A 71 4.46 -3.41 4.65
N MET A 72 5.18 -2.28 4.64
CA MET A 72 5.63 -1.56 3.46
C MET A 72 6.96 -2.12 2.93
N ALA A 73 7.95 -2.33 3.82
CA ALA A 73 9.33 -2.64 3.48
C ALA A 73 9.51 -4.10 3.03
N ARG A 74 9.33 -5.09 3.94
CA ARG A 74 9.63 -6.50 3.68
C ARG A 74 8.38 -7.26 3.20
N LYS A 75 7.31 -7.27 4.03
CA LYS A 75 5.97 -7.84 3.81
C LYS A 75 5.76 -9.10 4.66
N MET A 76 4.73 -9.06 5.53
CA MET A 76 4.32 -10.07 6.51
C MET A 76 5.40 -10.36 7.56
N LYS A 77 4.97 -10.61 8.80
CA LYS A 77 5.81 -10.97 9.93
C LYS A 77 6.20 -12.45 9.83
N ASP A 78 7.28 -12.73 9.09
CA ASP A 78 7.85 -14.06 8.89
C ASP A 78 9.39 -13.98 8.87
N THR A 79 10.05 -15.11 8.57
CA THR A 79 11.51 -15.19 8.45
C THR A 79 11.96 -14.48 7.17
N ASP A 80 11.66 -15.07 6.00
CA ASP A 80 11.98 -14.54 4.68
C ASP A 80 10.88 -13.57 4.23
N SER A 81 10.69 -12.48 4.99
CA SER A 81 9.65 -11.48 4.77
C SER A 81 9.76 -10.80 3.40
N GLU A 82 10.97 -10.38 3.01
CA GLU A 82 11.27 -9.67 1.76
C GLU A 82 10.99 -10.49 0.50
N GLU A 83 11.05 -11.82 0.56
CA GLU A 83 10.80 -12.69 -0.60
C GLU A 83 9.39 -12.51 -1.18
N GLU A 84 8.40 -12.16 -0.35
CA GLU A 84 7.01 -11.95 -0.78
C GLU A 84 6.87 -10.72 -1.70
N ILE A 85 7.54 -9.59 -1.37
CA ILE A 85 7.66 -8.43 -2.26
C ILE A 85 8.33 -8.84 -3.58
N ARG A 86 9.54 -9.43 -3.49
CA ARG A 86 10.34 -9.84 -4.64
C ARG A 86 9.61 -10.82 -5.57
N GLU A 87 8.77 -11.71 -5.01
CA GLU A 87 7.93 -12.63 -5.76
C GLU A 87 6.92 -11.85 -6.61
N ALA A 88 6.11 -10.99 -5.99
CA ALA A 88 5.15 -10.12 -6.68
C ALA A 88 5.83 -9.13 -7.64
N PHE A 89 7.10 -8.77 -7.39
CA PHE A 89 7.92 -7.94 -8.26
C PHE A 89 8.26 -8.70 -9.56
N ARG A 90 8.65 -9.97 -9.46
CA ARG A 90 8.88 -10.87 -10.59
C ARG A 90 7.63 -11.07 -11.45
N VAL A 91 6.44 -11.21 -10.83
CA VAL A 91 5.15 -11.30 -11.53
C VAL A 91 4.93 -10.07 -12.42
N PHE A 92 5.19 -8.86 -11.88
CA PHE A 92 4.99 -7.58 -12.57
C PHE A 92 6.06 -7.38 -13.64
N ASP A 93 7.32 -7.21 -13.21
CA ASP A 93 8.46 -6.92 -14.05
C ASP A 93 8.73 -8.10 -15.00
N LYS A 94 8.80 -7.82 -16.31
CA LYS A 94 9.12 -8.80 -17.35
C LYS A 94 10.63 -9.04 -17.51
N ASP A 95 11.49 -8.43 -16.67
CA ASP A 95 12.93 -8.59 -16.66
C ASP A 95 13.48 -8.49 -15.22
N GLY A 96 13.09 -7.43 -14.50
CA GLY A 96 13.43 -7.21 -13.09
C GLY A 96 14.82 -6.61 -12.94
N ASN A 97 14.92 -5.28 -13.05
CA ASN A 97 16.14 -4.49 -12.87
C ASN A 97 16.01 -3.48 -11.71
N GLY A 98 15.19 -3.79 -10.69
CA GLY A 98 14.88 -2.91 -9.56
C GLY A 98 14.30 -1.57 -10.05
N TYR A 99 13.32 -1.64 -10.95
CA TYR A 99 12.80 -0.52 -11.73
C TYR A 99 11.61 -1.02 -12.56
N ILE A 100 10.38 -0.76 -12.10
CA ILE A 100 9.15 -1.19 -12.78
C ILE A 100 8.67 -0.07 -13.73
N SER A 101 8.70 -0.32 -15.05
CA SER A 101 8.15 0.58 -16.05
C SER A 101 6.61 0.60 -15.98
N ALA A 102 6.00 1.76 -16.29
CA ALA A 102 4.55 1.97 -16.35
C ALA A 102 3.84 0.94 -17.25
N ALA A 103 4.49 0.54 -18.37
CA ALA A 103 4.05 -0.55 -19.25
C ALA A 103 3.88 -1.87 -18.47
N GLU A 104 4.89 -2.28 -17.69
CA GLU A 104 4.88 -3.51 -16.90
C GLU A 104 3.72 -3.55 -15.89
N LEU A 105 3.35 -2.41 -15.27
CA LEU A 105 2.17 -2.28 -14.41
C LEU A 105 0.88 -2.48 -15.21
N ARG A 106 0.76 -1.85 -16.39
CA ARG A 106 -0.41 -1.94 -17.25
C ARG A 106 -0.69 -3.40 -17.65
N HIS A 107 0.31 -4.10 -18.21
CA HIS A 107 0.25 -5.49 -18.64
C HIS A 107 -0.33 -6.42 -17.56
N VAL A 108 0.26 -6.45 -16.35
CA VAL A 108 -0.11 -7.36 -15.27
C VAL A 108 -1.57 -7.18 -14.80
N MET A 109 -2.07 -5.94 -14.75
CA MET A 109 -3.46 -5.63 -14.40
C MET A 109 -4.40 -6.08 -15.54
N THR A 110 -4.12 -5.60 -16.77
CA THR A 110 -4.87 -5.89 -17.99
C THR A 110 -5.00 -7.40 -18.26
N ASN A 111 -3.96 -8.19 -17.96
CA ASN A 111 -3.83 -9.63 -18.19
C ASN A 111 -5.09 -10.42 -17.80
N LEU A 112 -5.67 -10.12 -16.64
CA LEU A 112 -6.87 -10.77 -16.12
C LEU A 112 -8.08 -10.45 -17.02
N GLY A 113 -8.37 -9.16 -17.20
CA GLY A 113 -9.42 -8.65 -18.05
C GLY A 113 -9.90 -7.28 -17.53
N GLU A 114 -8.99 -6.30 -17.48
CA GLU A 114 -9.23 -4.96 -16.97
C GLU A 114 -8.67 -3.92 -17.97
N LYS A 115 -9.47 -3.57 -18.99
CA LYS A 115 -9.14 -2.58 -20.00
C LYS A 115 -9.44 -1.17 -19.47
N LEU A 116 -8.61 -0.73 -18.50
CA LEU A 116 -8.68 0.58 -17.85
C LEU A 116 -7.49 1.45 -18.33
N THR A 117 -7.75 2.75 -18.53
CA THR A 117 -6.79 3.71 -19.09
C THR A 117 -5.54 3.87 -18.21
N ASP A 118 -4.38 4.05 -18.86
CA ASP A 118 -3.06 4.10 -18.21
C ASP A 118 -2.81 5.42 -17.44
N GLU A 119 -3.55 6.49 -17.74
CA GLU A 119 -3.45 7.79 -17.08
C GLU A 119 -3.55 7.70 -15.54
N GLU A 120 -4.41 6.81 -15.00
CA GLU A 120 -4.49 6.54 -13.57
C GLU A 120 -3.16 5.98 -13.04
N VAL A 121 -2.58 4.97 -13.72
CA VAL A 121 -1.30 4.35 -13.40
C VAL A 121 -0.20 5.40 -13.24
N ASP A 122 -0.08 6.31 -14.22
CA ASP A 122 0.85 7.42 -14.21
C ASP A 122 0.62 8.35 -13.01
N GLU A 123 -0.66 8.64 -12.67
CA GLU A 123 -1.01 9.57 -11.60
C GLU A 123 -0.54 9.07 -10.23
N MET A 124 -0.95 7.87 -9.79
CA MET A 124 -0.54 7.36 -8.47
C MET A 124 0.96 7.01 -8.34
N ILE A 125 1.71 6.96 -9.45
CA ILE A 125 3.18 6.99 -9.46
C ILE A 125 3.64 8.44 -9.15
N ARG A 126 3.18 9.41 -9.95
CA ARG A 126 3.48 10.84 -9.83
C ARG A 126 3.23 11.41 -8.42
N GLU A 127 2.15 11.00 -7.74
CA GLU A 127 1.77 11.42 -6.39
C GLU A 127 2.91 11.25 -5.35
N ALA A 128 3.80 10.25 -5.52
CA ALA A 128 5.00 10.10 -4.70
C ALA A 128 6.25 9.79 -5.53
N ASP A 129 6.33 10.34 -6.76
CA ASP A 129 7.49 10.18 -7.65
C ASP A 129 8.69 10.99 -7.14
N ILE A 130 9.89 10.40 -7.24
CA ILE A 130 11.17 10.97 -6.83
C ILE A 130 12.09 11.07 -8.06
N ASP A 131 12.36 9.92 -8.70
CA ASP A 131 13.29 9.78 -9.82
C ASP A 131 13.00 10.74 -10.99
N GLY A 132 11.76 10.75 -11.50
CA GLY A 132 11.30 11.65 -12.55
C GLY A 132 10.32 10.96 -13.50
N ASP A 133 9.48 10.06 -12.96
CA ASP A 133 8.41 9.34 -13.66
C ASP A 133 8.94 8.59 -14.89
N GLY A 134 9.92 7.70 -14.68
CA GLY A 134 10.54 6.85 -15.69
C GLY A 134 10.25 5.39 -15.35
N GLN A 135 10.89 4.89 -14.28
CA GLN A 135 10.68 3.56 -13.72
C GLN A 135 10.64 3.65 -12.19
N VAL A 136 9.82 2.80 -11.55
CA VAL A 136 9.60 2.76 -10.11
C VAL A 136 10.70 1.92 -9.45
N ASN A 137 11.76 2.57 -8.94
CA ASN A 137 12.76 1.93 -8.10
C ASN A 137 12.17 1.46 -6.75
N TYR A 138 12.88 0.56 -6.05
CA TYR A 138 12.43 -0.08 -4.81
C TYR A 138 12.10 0.94 -3.72
N GLU A 139 12.95 1.96 -3.55
CA GLU A 139 12.76 3.04 -2.59
C GLU A 139 11.46 3.80 -2.90
N GLU A 140 11.24 4.17 -4.17
CA GLU A 140 9.99 4.76 -4.67
C GLU A 140 8.79 3.84 -4.36
N PHE A 141 8.93 2.52 -4.59
CA PHE A 141 7.92 1.50 -4.34
C PHE A 141 7.47 1.48 -2.86
N VAL A 142 8.41 1.63 -1.91
CA VAL A 142 8.09 1.76 -0.50
C VAL A 142 7.35 3.08 -0.25
N GLN A 143 7.97 4.21 -0.64
CA GLN A 143 7.50 5.58 -0.40
C GLN A 143 6.05 5.86 -0.85
N MET A 144 5.62 5.35 -2.01
CA MET A 144 4.26 5.57 -2.51
C MET A 144 3.18 4.91 -1.64
N MET A 145 3.50 3.78 -0.98
CA MET A 145 2.63 3.08 -0.04
C MET A 145 2.74 3.70 1.37
N THR A 146 3.96 4.04 1.80
CA THR A 146 4.29 4.60 3.11
C THR A 146 3.74 6.03 3.26
N ALA A 147 4.24 6.97 2.43
CA ALA A 147 3.89 8.38 2.34
C ALA A 147 3.38 8.98 3.66
N LYS A 148 4.29 9.09 4.66
CA LYS A 148 4.05 9.65 5.98
C LYS A 148 3.23 8.71 6.88
N GLY B 1 -7.17 -23.44 -15.97
CA GLY B 1 -7.29 -22.10 -15.36
C GLY B 1 -8.00 -22.15 -14.01
N SER B 2 -7.21 -22.12 -12.92
CA SER B 2 -7.67 -22.17 -11.54
C SER B 2 -6.63 -21.49 -10.65
N HIS B 3 -6.91 -20.25 -10.21
CA HIS B 3 -6.02 -19.43 -9.39
C HIS B 3 -6.27 -19.75 -7.90
N LYS B 4 -5.20 -20.15 -7.19
CA LYS B 4 -5.19 -20.35 -5.74
C LYS B 4 -4.89 -19.01 -5.05
N LYS B 5 -5.39 -18.85 -3.81
CA LYS B 5 -5.26 -17.63 -3.03
C LYS B 5 -3.87 -17.57 -2.38
N THR B 6 -2.98 -16.71 -2.91
CA THR B 6 -1.61 -16.52 -2.45
C THR B 6 -1.29 -15.02 -2.26
N ASP B 7 -0.10 -14.72 -1.69
CA ASP B 7 0.43 -13.37 -1.55
C ASP B 7 0.44 -12.60 -2.87
N SER B 8 0.74 -13.29 -3.99
CA SER B 8 0.69 -12.78 -5.36
C SER B 8 -0.69 -12.15 -5.65
N GLU B 9 -1.76 -12.96 -5.44
CA GLU B 9 -3.15 -12.59 -5.70
C GLU B 9 -3.58 -11.42 -4.81
N VAL B 10 -3.25 -11.47 -3.50
CA VAL B 10 -3.54 -10.40 -2.54
C VAL B 10 -2.90 -9.06 -2.97
N GLN B 11 -1.65 -9.09 -3.45
CA GLN B 11 -0.95 -7.90 -3.95
C GLN B 11 -1.66 -7.34 -5.20
N LEU B 12 -2.10 -8.21 -6.11
CA LEU B 12 -2.81 -7.84 -7.33
C LEU B 12 -4.17 -7.18 -7.01
N GLU B 13 -4.95 -7.77 -6.08
CA GLU B 13 -6.19 -7.21 -5.54
C GLU B 13 -5.98 -5.78 -5.00
N MET B 14 -4.90 -5.58 -4.24
CA MET B 14 -4.50 -4.28 -3.69
C MET B 14 -4.20 -3.27 -4.80
N ILE B 15 -3.34 -3.63 -5.77
CA ILE B 15 -2.90 -2.74 -6.86
C ILE B 15 -4.07 -2.30 -7.76
N THR B 16 -5.01 -3.21 -8.04
CA THR B 16 -6.24 -2.93 -8.79
C THR B 16 -7.03 -1.83 -8.07
N ALA B 17 -7.30 -2.04 -6.77
CA ALA B 17 -7.94 -1.08 -5.89
C ALA B 17 -7.13 0.23 -5.68
N TRP B 18 -5.80 0.18 -5.88
CA TRP B 18 -4.92 1.35 -5.84
C TRP B 18 -5.04 2.20 -7.11
N LYS B 19 -5.33 1.59 -8.27
CA LYS B 19 -5.72 2.28 -9.50
C LYS B 19 -7.12 2.92 -9.34
N LYS B 20 -8.08 2.21 -8.73
CA LYS B 20 -9.43 2.68 -8.45
C LYS B 20 -9.51 3.96 -7.61
N PHE B 21 -8.56 4.19 -6.66
CA PHE B 21 -8.58 5.39 -5.83
C PHE B 21 -8.50 6.65 -6.71
N VAL B 22 -7.62 6.64 -7.71
CA VAL B 22 -7.46 7.73 -8.67
C VAL B 22 -8.74 7.90 -9.49
N GLU B 23 -9.29 6.81 -10.05
CA GLU B 23 -10.55 6.80 -10.80
C GLU B 23 -11.68 7.51 -10.03
N GLU B 24 -11.86 7.14 -8.75
CA GLU B 24 -12.79 7.73 -7.79
C GLU B 24 -12.52 9.23 -7.60
N LYS B 25 -11.26 9.61 -7.32
CA LYS B 25 -10.80 11.00 -7.15
C LYS B 25 -11.12 11.87 -8.38
N LYS B 26 -10.89 11.36 -9.60
CA LYS B 26 -11.24 12.01 -10.86
C LYS B 26 -12.76 12.22 -10.95
N LYS B 27 -13.54 11.19 -10.59
CA LYS B 27 -15.00 11.25 -10.46
C LYS B 27 -15.44 12.25 -9.38
N LYS B 28 -16.72 12.62 -9.39
CA LYS B 28 -17.34 13.55 -8.45
C LYS B 28 -18.80 13.10 -8.26
N GLY C 1 0.20 28.20 -4.76
CA GLY C 1 -0.92 28.56 -3.87
C GLY C 1 -2.28 28.49 -4.58
N SER C 2 -2.71 27.26 -4.91
CA SER C 2 -3.99 26.96 -5.56
C SER C 2 -4.47 25.58 -5.10
N HIS C 3 -3.63 24.55 -5.32
CA HIS C 3 -3.87 23.17 -4.91
C HIS C 3 -2.53 22.43 -4.84
N LYS C 4 -2.37 21.55 -3.84
CA LYS C 4 -1.16 20.78 -3.60
C LYS C 4 -1.48 19.42 -2.94
N LYS C 5 -0.60 18.44 -3.16
CA LYS C 5 -0.67 17.11 -2.59
C LYS C 5 0.26 17.03 -1.37
N THR C 6 -0.27 16.56 -0.23
CA THR C 6 0.49 16.18 0.95
C THR C 6 0.70 14.65 0.94
N ASP C 7 1.80 14.17 1.52
CA ASP C 7 2.14 12.74 1.56
C ASP C 7 1.09 11.93 2.34
N SER C 8 0.57 12.48 3.46
CA SER C 8 -0.50 11.89 4.28
C SER C 8 -1.70 11.47 3.43
N GLU C 9 -2.19 12.38 2.56
CA GLU C 9 -3.27 12.15 1.60
C GLU C 9 -3.03 10.89 0.75
N VAL C 10 -1.81 10.71 0.22
CA VAL C 10 -1.48 9.61 -0.69
C VAL C 10 -1.65 8.25 0.01
N GLN C 11 -1.15 8.11 1.25
CA GLN C 11 -1.32 6.91 2.07
C GLN C 11 -2.78 6.76 2.57
N LEU C 12 -3.52 7.85 2.82
CA LEU C 12 -4.93 7.83 3.20
C LEU C 12 -5.79 7.24 2.06
N GLU C 13 -5.47 7.59 0.80
CA GLU C 13 -6.06 7.01 -0.40
C GLU C 13 -5.60 5.54 -0.63
N MET C 14 -4.49 5.13 -0.02
CA MET C 14 -4.00 3.74 -0.02
C MET C 14 -4.67 2.92 1.10
N ILE C 15 -5.18 3.58 2.16
CA ILE C 15 -6.14 3.01 3.11
C ILE C 15 -7.49 2.80 2.40
N THR C 16 -7.94 3.77 1.59
CA THR C 16 -9.12 3.63 0.74
C THR C 16 -8.95 2.47 -0.26
N ALA C 17 -7.73 2.28 -0.82
CA ALA C 17 -7.39 1.14 -1.67
C ALA C 17 -7.53 -0.21 -0.93
N TRP C 18 -7.10 -0.31 0.34
CA TRP C 18 -7.33 -1.50 1.16
C TRP C 18 -8.84 -1.78 1.33
N LYS C 19 -9.64 -0.73 1.61
CA LYS C 19 -11.08 -0.80 1.80
C LYS C 19 -11.79 -1.37 0.55
N LYS C 20 -11.46 -0.83 -0.63
CA LYS C 20 -12.04 -1.16 -1.92
C LYS C 20 -12.00 -2.66 -2.26
N PHE C 21 -10.82 -3.30 -2.21
CA PHE C 21 -10.69 -4.72 -2.56
C PHE C 21 -11.51 -5.62 -1.62
N VAL C 22 -11.48 -5.34 -0.30
CA VAL C 22 -12.25 -6.06 0.71
C VAL C 22 -13.75 -5.99 0.40
N GLU C 23 -14.30 -4.77 0.23
CA GLU C 23 -15.71 -4.50 -0.12
C GLU C 23 -16.20 -5.42 -1.24
N GLU C 24 -15.45 -5.48 -2.36
CA GLU C 24 -15.75 -6.32 -3.51
C GLU C 24 -15.74 -7.81 -3.14
N LYS C 25 -14.61 -8.30 -2.59
CA LYS C 25 -14.36 -9.72 -2.31
C LYS C 25 -15.35 -10.33 -1.31
N LYS C 26 -15.85 -9.55 -0.34
CA LYS C 26 -16.90 -9.93 0.61
C LYS C 26 -18.12 -10.52 -0.12
N LYS C 27 -18.63 -9.84 -1.16
CA LYS C 27 -19.76 -10.28 -1.97
C LYS C 27 -19.33 -11.44 -2.88
N LYS C 28 -19.69 -12.66 -2.49
CA LYS C 28 -19.52 -13.90 -3.25
C LYS C 28 -20.81 -14.72 -3.13
CA CA D . -1.70 2.76 20.20
CA CA E . -0.26 -7.90 16.62
CA CA F . 11.73 -4.36 -15.09
CA CA G . 8.85 6.23 -11.19
N ALA A 1 17.66 -7.66 4.85
CA ALA A 1 18.21 -6.50 4.11
C ALA A 1 19.07 -5.60 5.02
N ASP A 2 20.24 -5.19 4.53
CA ASP A 2 21.19 -4.32 5.24
C ASP A 2 20.71 -2.86 5.22
N GLN A 3 21.28 -2.05 6.13
CA GLN A 3 20.96 -0.64 6.34
C GLN A 3 22.26 0.17 6.36
N LEU A 4 22.43 1.05 5.36
CA LEU A 4 23.63 1.86 5.17
C LEU A 4 23.74 2.97 6.23
N THR A 5 22.69 3.79 6.36
CA THR A 5 22.71 5.06 7.10
C THR A 5 21.53 5.11 8.09
N GLU A 6 21.75 5.77 9.24
CA GLU A 6 20.77 6.01 10.31
C GLU A 6 19.49 6.69 9.79
N GLU A 7 19.60 7.50 8.72
CA GLU A 7 18.54 8.16 7.96
C GLU A 7 17.27 7.29 7.83
N GLN A 8 17.42 6.02 7.42
CA GLN A 8 16.32 5.07 7.28
C GLN A 8 15.50 4.94 8.58
N ILE A 9 16.18 4.67 9.71
CA ILE A 9 15.59 4.61 11.04
C ILE A 9 14.73 5.87 11.31
N ALA A 10 15.28 7.06 11.00
CA ALA A 10 14.63 8.36 11.20
C ALA A 10 13.27 8.46 10.48
N GLU A 11 13.19 8.08 9.20
CA GLU A 11 11.93 8.06 8.44
C GLU A 11 10.94 7.06 9.04
N PHE A 12 11.36 5.80 9.26
CA PHE A 12 10.48 4.73 9.76
C PHE A 12 9.90 5.05 11.15
N LYS A 13 10.68 5.68 12.04
CA LYS A 13 10.19 6.23 13.30
C LYS A 13 9.07 7.25 13.06
N GLU A 14 9.35 8.32 12.30
CA GLU A 14 8.43 9.41 11.97
C GLU A 14 7.11 8.88 11.36
N ALA A 15 7.23 8.02 10.33
CA ALA A 15 6.15 7.40 9.58
C ALA A 15 5.15 6.69 10.50
N PHE A 16 5.65 5.77 11.35
CA PHE A 16 4.87 5.03 12.32
C PHE A 16 4.26 5.94 13.40
N SER A 17 5.04 6.89 13.93
CA SER A 17 4.64 7.79 15.01
C SER A 17 3.55 8.78 14.57
N LEU A 18 3.57 9.22 13.30
CA LEU A 18 2.49 9.97 12.65
C LEU A 18 1.18 9.18 12.75
N PHE A 19 1.23 7.90 12.33
CA PHE A 19 0.10 6.98 12.30
C PHE A 19 -0.46 6.78 13.72
N ASP A 20 0.39 6.31 14.65
CA ASP A 20 0.09 6.10 16.06
C ASP A 20 0.44 7.37 16.85
N LYS A 21 -0.50 8.33 16.90
CA LYS A 21 -0.40 9.55 17.73
C LYS A 21 -0.23 9.21 19.23
N ASP A 22 -0.81 8.09 19.69
CA ASP A 22 -0.81 7.64 21.08
C ASP A 22 0.62 7.57 21.67
N GLY A 23 1.54 6.92 20.95
CA GLY A 23 2.95 6.80 21.33
C GLY A 23 3.36 5.36 21.67
N ASP A 24 2.52 4.61 22.40
CA ASP A 24 2.78 3.25 22.88
C ASP A 24 3.28 2.30 21.79
N GLY A 25 2.67 2.38 20.58
CA GLY A 25 3.05 1.62 19.40
C GLY A 25 2.02 0.54 19.08
N THR A 26 0.81 0.95 18.66
CA THR A 26 -0.27 0.08 18.19
C THR A 26 -1.15 0.84 17.19
N ILE A 27 -1.52 0.18 16.09
CA ILE A 27 -2.51 0.66 15.12
C ILE A 27 -3.60 -0.42 15.04
N THR A 28 -4.85 -0.05 15.35
CA THR A 28 -5.99 -0.96 15.45
C THR A 28 -7.24 -0.36 14.77
N THR A 29 -8.29 -1.17 14.66
CA THR A 29 -9.57 -0.85 14.03
C THR A 29 -10.22 0.41 14.64
N LYS A 30 -10.07 0.60 15.96
CA LYS A 30 -10.58 1.73 16.70
C LYS A 30 -9.82 3.02 16.35
N GLU A 31 -8.48 2.95 16.21
CA GLU A 31 -7.64 4.08 15.80
C GLU A 31 -7.96 4.53 14.37
N LEU A 32 -8.08 3.58 13.42
CA LEU A 32 -8.61 3.85 12.07
C LEU A 32 -10.01 4.46 12.14
N GLY A 33 -10.90 3.90 12.99
CA GLY A 33 -12.24 4.42 13.25
C GLY A 33 -12.23 5.89 13.69
N THR A 34 -11.30 6.26 14.60
CA THR A 34 -11.15 7.61 15.14
C THR A 34 -10.74 8.58 14.02
N VAL A 35 -9.64 8.28 13.30
CA VAL A 35 -9.10 9.11 12.22
C VAL A 35 -10.15 9.36 11.11
N MET A 36 -10.79 8.29 10.62
CA MET A 36 -11.79 8.36 9.55
C MET A 36 -13.05 9.13 9.97
N ARG A 37 -13.62 8.85 11.15
CA ARG A 37 -14.81 9.55 11.66
C ARG A 37 -14.51 11.03 11.96
N SER A 38 -13.33 11.35 12.51
CA SER A 38 -12.84 12.71 12.71
C SER A 38 -12.80 13.49 11.38
N LEU A 39 -12.26 12.87 10.32
CA LEU A 39 -12.23 13.41 8.96
C LEU A 39 -13.66 13.64 8.44
N GLY A 40 -14.47 12.58 8.39
CA GLY A 40 -15.89 12.60 8.09
C GLY A 40 -16.34 11.40 7.24
N GLN A 41 -15.99 10.17 7.68
CA GLN A 41 -16.41 8.91 7.07
C GLN A 41 -16.49 7.83 8.16
N ASN A 42 -17.55 7.01 8.14
CA ASN A 42 -17.82 5.97 9.15
C ASN A 42 -18.11 4.64 8.43
N PRO A 43 -17.07 3.88 8.03
CA PRO A 43 -17.21 2.52 7.51
C PRO A 43 -17.43 1.51 8.66
N THR A 44 -17.40 0.21 8.33
CA THR A 44 -17.69 -0.91 9.23
C THR A 44 -16.55 -1.14 10.25
N GLU A 45 -16.54 -2.32 10.90
CA GLU A 45 -15.53 -2.79 11.84
C GLU A 45 -14.73 -3.94 11.20
N ALA A 46 -15.45 -4.90 10.58
CA ALA A 46 -14.89 -6.08 9.93
C ALA A 46 -13.91 -5.73 8.80
N GLU A 47 -14.28 -4.78 7.93
CA GLU A 47 -13.41 -4.29 6.85
C GLU A 47 -12.15 -3.61 7.41
N LEU A 48 -12.28 -2.80 8.47
CA LEU A 48 -11.14 -2.14 9.12
C LEU A 48 -10.11 -3.15 9.67
N GLN A 49 -10.56 -4.33 10.17
CA GLN A 49 -9.69 -5.42 10.55
C GLN A 49 -8.96 -5.98 9.31
N ASP A 50 -9.73 -6.58 8.40
CA ASP A 50 -9.24 -7.37 7.26
C ASP A 50 -8.33 -6.59 6.31
N MET A 51 -8.61 -5.30 6.07
CA MET A 51 -7.83 -4.44 5.17
C MET A 51 -6.38 -4.26 5.63
N ILE A 52 -6.15 -4.18 6.95
CA ILE A 52 -4.82 -4.08 7.56
C ILE A 52 -4.23 -5.49 7.70
N ASN A 53 -4.95 -6.39 8.42
CA ASN A 53 -4.54 -7.77 8.71
C ASN A 53 -4.29 -8.64 7.46
N GLU A 54 -4.71 -8.18 6.27
CA GLU A 54 -4.20 -8.54 4.95
C GLU A 54 -2.72 -9.00 4.99
N VAL A 55 -1.87 -8.23 5.69
CA VAL A 55 -0.42 -8.42 5.76
C VAL A 55 0.06 -9.00 7.12
N ASP A 56 -0.81 -9.24 8.11
CA ASP A 56 -0.42 -9.84 9.38
C ASP A 56 -0.41 -11.37 9.28
N ALA A 57 0.79 -11.96 9.35
CA ALA A 57 1.03 -13.40 9.44
C ALA A 57 0.42 -13.98 10.71
N ASP A 58 0.78 -13.40 11.88
CA ASP A 58 0.28 -13.76 13.19
C ASP A 58 -1.23 -13.44 13.33
N GLY A 59 -1.63 -12.22 12.98
CA GLY A 59 -3.03 -11.79 12.92
C GLY A 59 -3.72 -11.74 14.28
N ASN A 60 -3.09 -11.07 15.28
CA ASN A 60 -3.73 -10.79 16.56
C ASN A 60 -4.75 -9.65 16.43
N GLY A 61 -4.37 -8.57 15.71
CA GLY A 61 -5.17 -7.38 15.49
C GLY A 61 -4.26 -6.16 15.32
N THR A 62 -3.56 -5.77 16.41
CA THR A 62 -2.70 -4.59 16.47
C THR A 62 -1.46 -4.72 15.56
N ILE A 63 -0.99 -3.58 15.04
CA ILE A 63 0.24 -3.44 14.27
C ILE A 63 1.25 -2.73 15.18
N ASP A 64 2.11 -3.50 15.85
CA ASP A 64 3.20 -2.98 16.67
C ASP A 64 4.31 -2.37 15.79
N PHE A 65 5.34 -1.81 16.44
CA PHE A 65 6.48 -1.16 15.80
C PHE A 65 7.09 -2.02 14.67
N PRO A 66 7.54 -3.26 14.92
CA PRO A 66 8.12 -4.12 13.89
C PRO A 66 7.12 -4.45 12.77
N GLU A 67 5.85 -4.74 13.12
CA GLU A 67 4.80 -5.10 12.16
C GLU A 67 4.57 -4.00 11.11
N PHE A 68 4.54 -2.72 11.51
CA PHE A 68 4.28 -1.60 10.60
C PHE A 68 5.45 -1.39 9.62
N LEU A 69 6.68 -1.29 10.15
CA LEU A 69 7.92 -1.23 9.38
C LEU A 69 7.97 -2.34 8.33
N THR A 70 7.71 -3.59 8.76
CA THR A 70 7.69 -4.79 7.94
C THR A 70 6.64 -4.68 6.82
N MET A 71 5.36 -4.44 7.18
CA MET A 71 4.22 -4.33 6.27
C MET A 71 4.54 -3.51 5.00
N MET A 72 5.16 -2.33 5.20
CA MET A 72 5.57 -1.42 4.14
C MET A 72 6.88 -1.88 3.46
N ALA A 73 7.91 -2.25 4.25
CA ALA A 73 9.23 -2.65 3.76
C ALA A 73 9.23 -4.11 3.26
N ARG A 74 9.46 -5.10 4.13
CA ARG A 74 9.65 -6.49 3.73
C ARG A 74 8.35 -7.16 3.27
N LYS A 75 7.30 -7.14 4.11
CA LYS A 75 5.95 -7.70 3.95
C LYS A 75 5.83 -9.01 4.75
N MET A 76 4.87 -9.04 5.70
CA MET A 76 4.56 -10.12 6.63
C MET A 76 5.65 -10.35 7.70
N LYS A 77 5.24 -10.38 8.97
CA LYS A 77 6.04 -10.58 10.17
C LYS A 77 6.49 -12.05 10.21
N ASP A 78 7.61 -12.36 9.53
CA ASP A 78 8.02 -13.74 9.21
C ASP A 78 9.55 -13.83 9.06
N THR A 79 10.04 -15.01 8.63
CA THR A 79 11.43 -15.32 8.36
C THR A 79 11.85 -14.63 7.05
N ASP A 80 11.55 -15.24 5.89
CA ASP A 80 11.94 -14.76 4.57
C ASP A 80 10.87 -13.77 4.06
N SER A 81 10.76 -12.63 4.76
CA SER A 81 9.71 -11.62 4.61
C SER A 81 9.81 -10.88 3.27
N GLU A 82 11.01 -10.39 2.92
CA GLU A 82 11.25 -9.62 1.69
C GLU A 82 11.02 -10.44 0.41
N GLU A 83 11.18 -11.77 0.47
CA GLU A 83 10.92 -12.70 -0.63
C GLU A 83 9.45 -12.67 -1.11
N GLU A 84 8.52 -12.37 -0.19
CA GLU A 84 7.08 -12.30 -0.47
C GLU A 84 6.76 -11.19 -1.48
N ILE A 85 7.31 -9.99 -1.28
CA ILE A 85 7.28 -8.91 -2.27
C ILE A 85 7.95 -9.38 -3.56
N ARG A 86 9.16 -9.96 -3.50
CA ARG A 86 9.93 -10.43 -4.65
C ARG A 86 9.13 -11.41 -5.53
N GLU A 87 8.28 -12.26 -4.92
CA GLU A 87 7.39 -13.18 -5.61
C GLU A 87 6.36 -12.42 -6.47
N ALA A 88 5.65 -11.44 -5.86
CA ALA A 88 4.78 -10.51 -6.58
C ALA A 88 5.53 -9.66 -7.62
N PHE A 89 6.81 -9.33 -7.35
CA PHE A 89 7.67 -8.50 -8.17
C PHE A 89 8.00 -9.20 -9.50
N ARG A 90 8.38 -10.49 -9.46
CA ARG A 90 8.56 -11.37 -10.62
C ARG A 90 7.36 -11.30 -11.57
N VAL A 91 6.14 -11.41 -11.03
CA VAL A 91 4.88 -11.40 -11.78
C VAL A 91 4.61 -10.01 -12.38
N PHE A 92 4.69 -8.95 -11.55
CA PHE A 92 4.33 -7.59 -11.93
C PHE A 92 5.40 -7.01 -12.86
N ASP A 93 6.63 -6.84 -12.34
CA ASP A 93 7.80 -6.42 -13.10
C ASP A 93 8.33 -7.61 -13.90
N LYS A 94 8.13 -7.59 -15.23
CA LYS A 94 8.65 -8.61 -16.14
C LYS A 94 10.19 -8.67 -16.11
N ASP A 95 10.86 -7.51 -16.00
CA ASP A 95 12.30 -7.40 -15.84
C ASP A 95 12.77 -8.12 -14.56
N GLY A 96 12.37 -7.59 -13.40
CA GLY A 96 12.83 -8.04 -12.09
C GLY A 96 14.25 -7.54 -11.84
N ASN A 97 14.39 -6.21 -11.67
CA ASN A 97 15.68 -5.51 -11.58
C ASN A 97 15.64 -4.26 -10.67
N GLY A 98 14.58 -4.09 -9.85
CA GLY A 98 14.37 -2.90 -9.04
C GLY A 98 13.48 -1.86 -9.73
N TYR A 99 13.65 -1.68 -11.05
CA TYR A 99 12.93 -0.74 -11.89
C TYR A 99 11.68 -1.41 -12.48
N ILE A 100 10.49 -1.07 -11.99
CA ILE A 100 9.22 -1.46 -12.61
C ILE A 100 8.79 -0.33 -13.55
N SER A 101 8.81 -0.58 -14.88
CA SER A 101 8.34 0.39 -15.87
C SER A 101 6.81 0.57 -15.79
N ALA A 102 6.33 1.75 -16.16
CA ALA A 102 4.91 2.10 -16.19
C ALA A 102 4.11 1.15 -17.09
N ALA A 103 4.69 0.77 -18.26
CA ALA A 103 4.15 -0.25 -19.16
C ALA A 103 3.91 -1.57 -18.42
N GLU A 104 4.95 -2.11 -17.76
CA GLU A 104 4.91 -3.37 -17.01
C GLU A 104 3.81 -3.39 -15.93
N LEU A 105 3.56 -2.25 -15.26
CA LEU A 105 2.49 -2.12 -14.27
C LEU A 105 1.10 -2.23 -14.93
N ARG A 106 0.82 -1.47 -15.99
CA ARG A 106 -0.46 -1.59 -16.71
C ARG A 106 -0.62 -2.92 -17.46
N HIS A 107 0.48 -3.61 -17.80
CA HIS A 107 0.47 -4.94 -18.43
C HIS A 107 -0.20 -5.97 -17.50
N VAL A 108 0.31 -6.11 -16.27
CA VAL A 108 -0.16 -7.11 -15.30
C VAL A 108 -1.59 -6.83 -14.81
N MET A 109 -2.04 -5.56 -14.86
CA MET A 109 -3.45 -5.18 -14.66
C MET A 109 -4.30 -5.78 -15.80
N THR A 110 -3.91 -5.53 -17.05
CA THR A 110 -4.56 -6.05 -18.26
C THR A 110 -4.49 -7.59 -18.35
N ASN A 111 -3.44 -8.23 -17.82
CA ASN A 111 -3.26 -9.69 -17.80
C ASN A 111 -4.45 -10.40 -17.16
N LEU A 112 -4.98 -9.86 -16.04
CA LEU A 112 -6.17 -10.34 -15.36
C LEU A 112 -7.36 -10.41 -16.34
N GLY A 113 -7.53 -9.36 -17.17
CA GLY A 113 -8.46 -9.31 -18.30
C GLY A 113 -9.35 -8.07 -18.26
N GLU A 114 -8.75 -6.90 -17.97
CA GLU A 114 -9.45 -5.65 -17.73
C GLU A 114 -8.66 -4.49 -18.37
N LYS A 115 -9.20 -3.90 -19.45
CA LYS A 115 -8.70 -2.68 -20.07
C LYS A 115 -9.29 -1.46 -19.36
N LEU A 116 -8.43 -0.69 -18.67
CA LEU A 116 -8.70 0.65 -18.13
C LEU A 116 -7.49 1.55 -18.43
N THR A 117 -7.72 2.86 -18.52
CA THR A 117 -6.74 3.85 -18.99
C THR A 117 -5.61 4.02 -17.95
N ASP A 118 -4.35 3.98 -18.42
CA ASP A 118 -3.15 3.98 -17.59
C ASP A 118 -2.68 5.39 -17.14
N GLU A 119 -3.50 6.44 -17.36
CA GLU A 119 -3.27 7.80 -16.86
C GLU A 119 -3.28 7.83 -15.32
N GLU A 120 -4.17 7.03 -14.72
CA GLU A 120 -4.31 6.81 -13.29
C GLU A 120 -3.02 6.22 -12.69
N VAL A 121 -2.43 5.21 -13.34
CA VAL A 121 -1.15 4.59 -12.96
C VAL A 121 -0.03 5.64 -12.90
N ASP A 122 0.11 6.44 -13.97
CA ASP A 122 1.13 7.49 -14.06
C ASP A 122 1.03 8.48 -12.89
N GLU A 123 -0.18 8.97 -12.58
CA GLU A 123 -0.44 9.92 -11.50
C GLU A 123 0.14 9.44 -10.17
N MET A 124 -0.34 8.30 -9.63
CA MET A 124 0.10 7.76 -8.33
C MET A 124 1.54 7.25 -8.29
N ILE A 125 2.23 7.11 -9.45
CA ILE A 125 3.68 7.01 -9.50
C ILE A 125 4.26 8.40 -9.15
N ARG A 126 3.96 9.42 -9.97
CA ARG A 126 4.46 10.78 -9.80
C ARG A 126 4.05 11.47 -8.48
N GLU A 127 3.02 10.99 -7.76
CA GLU A 127 2.72 11.42 -6.39
C GLU A 127 3.91 11.19 -5.45
N ALA A 128 4.67 10.09 -5.63
CA ALA A 128 5.89 9.81 -4.89
C ALA A 128 6.92 9.08 -5.79
N ASP A 129 7.41 9.80 -6.81
CA ASP A 129 8.51 9.40 -7.68
C ASP A 129 9.66 10.42 -7.49
N ILE A 130 10.67 10.02 -6.72
CA ILE A 130 11.82 10.84 -6.32
C ILE A 130 12.74 11.12 -7.53
N ASP A 131 13.20 10.04 -8.21
CA ASP A 131 14.21 10.08 -9.25
C ASP A 131 13.74 10.87 -10.49
N GLY A 132 12.67 10.40 -11.15
CA GLY A 132 12.16 10.97 -12.39
C GLY A 132 12.87 10.33 -13.59
N ASP A 133 12.29 9.24 -14.11
CA ASP A 133 12.76 8.52 -15.31
C ASP A 133 11.64 7.78 -16.05
N GLY A 134 10.44 7.64 -15.46
CA GLY A 134 9.37 6.77 -15.91
C GLY A 134 9.17 5.65 -14.90
N GLN A 135 10.16 4.73 -14.83
CA GLN A 135 10.17 3.57 -13.95
C GLN A 135 10.11 3.92 -12.46
N VAL A 136 10.04 2.88 -11.62
CA VAL A 136 9.91 2.97 -10.17
C VAL A 136 11.09 2.19 -9.56
N ASN A 137 12.13 2.89 -9.08
CA ASN A 137 13.28 2.28 -8.38
C ASN A 137 12.85 1.53 -7.10
N TYR A 138 13.81 0.77 -6.56
CA TYR A 138 13.69 -0.05 -5.35
C TYR A 138 13.24 0.80 -4.15
N GLU A 139 13.85 1.99 -3.95
CA GLU A 139 13.49 2.95 -2.90
C GLU A 139 12.11 3.59 -3.17
N GLU A 140 11.85 4.03 -4.41
CA GLU A 140 10.59 4.63 -4.83
C GLU A 140 9.39 3.70 -4.58
N PHE A 141 9.57 2.38 -4.77
CA PHE A 141 8.56 1.35 -4.57
C PHE A 141 8.10 1.25 -3.10
N VAL A 142 9.05 1.27 -2.15
CA VAL A 142 8.78 1.28 -0.71
C VAL A 142 8.09 2.57 -0.31
N GLN A 143 8.70 3.72 -0.62
CA GLN A 143 8.26 5.06 -0.22
C GLN A 143 6.86 5.39 -0.75
N MET A 144 6.53 4.95 -1.98
CA MET A 144 5.20 4.96 -2.59
C MET A 144 4.15 4.35 -1.63
N MET A 145 4.43 3.18 -1.08
CA MET A 145 3.60 2.49 -0.07
C MET A 145 3.36 3.41 1.13
N THR A 146 4.43 3.78 1.85
CA THR A 146 4.40 4.62 3.04
C THR A 146 4.63 6.11 2.68
N ALA A 147 3.81 6.64 1.77
CA ALA A 147 3.90 8.03 1.29
C ALA A 147 3.47 9.02 2.36
N LYS A 148 4.43 9.45 3.20
CA LYS A 148 4.26 10.42 4.28
C LYS A 148 5.48 11.35 4.25
N GLY B 1 -15.36 -18.55 -14.13
CA GLY B 1 -14.50 -19.57 -14.76
C GLY B 1 -13.57 -20.24 -13.74
N SER B 2 -12.55 -19.50 -13.28
CA SER B 2 -11.54 -19.94 -12.31
C SER B 2 -11.45 -18.95 -11.15
N HIS B 3 -11.03 -19.44 -9.98
CA HIS B 3 -10.95 -18.67 -8.73
C HIS B 3 -9.98 -19.35 -7.76
N LYS B 4 -8.96 -18.61 -7.33
CA LYS B 4 -7.88 -19.04 -6.43
C LYS B 4 -7.61 -17.91 -5.45
N LYS B 5 -7.94 -18.12 -4.15
CA LYS B 5 -7.75 -17.15 -3.09
C LYS B 5 -6.28 -17.17 -2.65
N THR B 6 -5.43 -16.42 -3.37
CA THR B 6 -3.98 -16.36 -3.20
C THR B 6 -3.52 -14.91 -2.99
N ASP B 7 -2.29 -14.74 -2.44
CA ASP B 7 -1.63 -13.46 -2.22
C ASP B 7 -1.57 -12.62 -3.50
N SER B 8 -1.24 -13.23 -4.65
CA SER B 8 -1.24 -12.61 -5.97
C SER B 8 -2.61 -11.98 -6.30
N GLU B 9 -3.70 -12.74 -6.10
CA GLU B 9 -5.08 -12.31 -6.33
C GLU B 9 -5.46 -11.11 -5.43
N VAL B 10 -5.20 -11.23 -4.12
CA VAL B 10 -5.41 -10.17 -3.13
C VAL B 10 -4.68 -8.88 -3.53
N GLN B 11 -3.37 -8.98 -3.81
CA GLN B 11 -2.51 -7.87 -4.22
C GLN B 11 -2.93 -7.24 -5.55
N LEU B 12 -3.49 -8.02 -6.49
CA LEU B 12 -4.05 -7.52 -7.75
C LEU B 12 -5.33 -6.71 -7.48
N GLU B 13 -6.28 -7.27 -6.74
CA GLU B 13 -7.50 -6.58 -6.31
C GLU B 13 -7.18 -5.29 -5.52
N MET B 14 -6.08 -5.32 -4.73
CA MET B 14 -5.55 -4.17 -3.99
C MET B 14 -5.03 -3.10 -4.95
N ILE B 15 -4.17 -3.47 -5.92
CA ILE B 15 -3.63 -2.53 -6.91
C ILE B 15 -4.72 -1.94 -7.82
N THR B 16 -5.81 -2.68 -8.07
CA THR B 16 -6.97 -2.24 -8.86
C THR B 16 -7.74 -1.15 -8.08
N ALA B 17 -8.13 -1.43 -6.83
CA ALA B 17 -8.78 -0.46 -5.95
C ALA B 17 -7.87 0.76 -5.67
N TRP B 18 -6.55 0.56 -5.62
CA TRP B 18 -5.56 1.63 -5.53
C TRP B 18 -5.64 2.57 -6.76
N LYS B 19 -6.00 2.02 -7.93
CA LYS B 19 -6.31 2.80 -9.13
C LYS B 19 -7.63 3.59 -8.99
N LYS B 20 -8.65 3.02 -8.32
CA LYS B 20 -9.92 3.69 -8.01
C LYS B 20 -9.71 4.90 -7.09
N PHE B 21 -8.82 4.83 -6.08
CA PHE B 21 -8.42 5.96 -5.23
C PHE B 21 -8.10 7.22 -6.08
N VAL B 22 -7.24 7.06 -7.10
CA VAL B 22 -6.87 8.13 -8.01
C VAL B 22 -8.09 8.66 -8.77
N GLU B 23 -8.90 7.75 -9.34
CA GLU B 23 -10.06 8.06 -10.17
C GLU B 23 -11.09 8.90 -9.40
N GLU B 24 -11.46 8.45 -8.18
CA GLU B 24 -12.33 9.13 -7.23
C GLU B 24 -11.90 10.60 -7.03
N LYS B 25 -10.61 10.82 -6.72
CA LYS B 25 -10.05 12.14 -6.45
C LYS B 25 -9.97 13.01 -7.73
N LYS B 26 -9.70 12.42 -8.89
CA LYS B 26 -9.38 13.10 -10.15
C LYS B 26 -10.27 12.57 -11.29
N LYS B 27 -11.56 12.94 -11.29
CA LYS B 27 -12.53 12.65 -12.35
C LYS B 27 -13.61 13.74 -12.31
N LYS B 28 -13.64 14.61 -13.33
CA LYS B 28 -14.60 15.70 -13.49
C LYS B 28 -15.61 15.32 -14.58
N GLY C 1 6.64 21.82 -7.74
CA GLY C 1 6.34 23.23 -7.48
C GLY C 1 5.31 23.41 -6.36
N SER C 2 4.34 24.32 -6.57
CA SER C 2 3.30 24.68 -5.61
C SER C 2 2.03 23.86 -5.89
N HIS C 3 2.00 22.61 -5.39
CA HIS C 3 0.85 21.71 -5.46
C HIS C 3 -0.17 22.01 -4.34
N LYS C 4 -1.35 21.38 -4.46
CA LYS C 4 -2.44 21.42 -3.47
C LYS C 4 -2.88 19.99 -3.11
N LYS C 5 -1.92 19.09 -2.87
CA LYS C 5 -2.10 17.71 -2.46
C LYS C 5 -1.01 17.34 -1.44
N THR C 6 -1.41 16.83 -0.27
CA THR C 6 -0.50 16.38 0.79
C THR C 6 -0.28 14.86 0.71
N ASP C 7 0.90 14.42 1.19
CA ASP C 7 1.28 13.01 1.27
C ASP C 7 0.36 12.23 2.23
N SER C 8 -0.11 12.87 3.31
CA SER C 8 -1.10 12.30 4.23
C SER C 8 -2.40 11.88 3.50
N GLU C 9 -2.97 12.74 2.65
CA GLU C 9 -4.17 12.46 1.85
C GLU C 9 -3.95 11.26 0.91
N VAL C 10 -2.80 11.20 0.22
CA VAL C 10 -2.42 10.10 -0.67
C VAL C 10 -2.47 8.76 0.08
N GLN C 11 -1.80 8.68 1.25
CA GLN C 11 -1.69 7.48 2.08
C GLN C 11 -3.07 7.07 2.66
N LEU C 12 -3.83 8.04 3.19
CA LEU C 12 -5.13 7.84 3.81
C LEU C 12 -6.16 7.28 2.82
N GLU C 13 -6.25 7.87 1.61
CA GLU C 13 -7.16 7.43 0.56
C GLU C 13 -6.73 6.08 -0.06
N MET C 14 -5.43 5.74 0.00
CA MET C 14 -4.91 4.40 -0.27
C MET C 14 -5.40 3.37 0.77
N ILE C 15 -5.44 3.72 2.06
CA ILE C 15 -6.04 2.89 3.11
C ILE C 15 -7.57 2.76 2.92
N THR C 16 -8.24 3.79 2.36
CA THR C 16 -9.64 3.72 1.93
C THR C 16 -9.80 2.74 0.76
N ALA C 17 -8.83 2.71 -0.17
CA ALA C 17 -8.75 1.75 -1.27
C ALA C 17 -8.50 0.31 -0.78
N TRP C 18 -7.76 0.14 0.34
CA TRP C 18 -7.61 -1.15 1.00
C TRP C 18 -8.98 -1.67 1.47
N LYS C 19 -9.77 -0.82 2.18
CA LYS C 19 -11.15 -1.10 2.56
C LYS C 19 -12.01 -1.53 1.36
N LYS C 20 -11.85 -0.85 0.21
CA LYS C 20 -12.69 -1.03 -0.97
C LYS C 20 -12.56 -2.44 -1.56
N PHE C 21 -11.33 -2.92 -1.85
CA PHE C 21 -11.14 -4.26 -2.41
C PHE C 21 -11.68 -5.36 -1.48
N VAL C 22 -11.51 -5.20 -0.17
CA VAL C 22 -12.08 -6.06 0.86
C VAL C 22 -13.62 -6.10 0.75
N GLU C 23 -14.27 -4.93 0.65
CA GLU C 23 -15.73 -4.79 0.52
C GLU C 23 -16.27 -5.62 -0.67
N GLU C 24 -15.60 -5.55 -1.83
CA GLU C 24 -15.95 -6.28 -3.05
C GLU C 24 -15.83 -7.80 -2.83
N LYS C 25 -14.63 -8.30 -2.48
CA LYS C 25 -14.38 -9.74 -2.30
C LYS C 25 -15.18 -10.37 -1.14
N LYS C 26 -15.72 -9.55 -0.22
CA LYS C 26 -16.59 -9.98 0.87
C LYS C 26 -17.74 -10.85 0.33
N LYS C 27 -18.43 -10.35 -0.72
CA LYS C 27 -19.38 -11.13 -1.51
C LYS C 27 -18.63 -12.12 -2.41
N LYS C 28 -19.21 -13.33 -2.57
CA LYS C 28 -18.63 -14.46 -3.28
C LYS C 28 -18.41 -14.09 -4.77
CA CA D . -2.97 3.20 19.84
CA CA E . -1.46 -8.62 13.96
CA CA F . 12.77 -1.12 -16.07
CA CA G . 11.78 7.44 -11.39
N ALA A 1 27.72 -2.11 1.36
CA ALA A 1 26.72 -3.20 1.31
C ALA A 1 26.09 -3.44 2.69
N ASP A 2 26.90 -3.91 3.65
CA ASP A 2 26.53 -4.10 5.05
C ASP A 2 26.12 -2.76 5.70
N GLN A 3 26.96 -1.73 5.55
CA GLN A 3 26.77 -0.41 6.13
C GLN A 3 25.48 0.26 5.63
N LEU A 4 24.78 0.94 6.54
CA LEU A 4 23.51 1.63 6.30
C LEU A 4 23.43 2.88 7.19
N THR A 5 22.54 3.82 6.81
CA THR A 5 22.45 5.15 7.40
C THR A 5 21.17 5.26 8.26
N GLU A 6 21.30 5.95 9.41
CA GLU A 6 20.26 6.15 10.42
C GLU A 6 19.02 6.88 9.86
N GLU A 7 19.16 7.67 8.78
CA GLU A 7 18.10 8.33 8.03
C GLU A 7 16.91 7.39 7.75
N GLN A 8 17.19 6.13 7.38
CA GLN A 8 16.18 5.10 7.12
C GLN A 8 15.34 4.81 8.38
N ILE A 9 16.01 4.54 9.52
CA ILE A 9 15.39 4.29 10.82
C ILE A 9 14.50 5.48 11.21
N ALA A 10 15.01 6.72 11.08
CA ALA A 10 14.31 7.96 11.35
C ALA A 10 13.00 8.10 10.53
N GLU A 11 13.07 7.78 9.22
CA GLU A 11 11.92 7.83 8.31
C GLU A 11 10.80 6.91 8.81
N PHE A 12 11.09 5.62 9.03
CA PHE A 12 10.13 4.63 9.53
C PHE A 12 9.59 4.95 10.93
N LYS A 13 10.44 5.50 11.81
CA LYS A 13 10.06 5.93 13.16
C LYS A 13 8.94 6.98 13.09
N GLU A 14 9.17 8.07 12.34
CA GLU A 14 8.20 9.13 12.11
C GLU A 14 6.90 8.59 11.50
N ALA A 15 7.00 7.77 10.43
CA ALA A 15 5.88 7.12 9.76
C ALA A 15 5.00 6.35 10.76
N PHE A 16 5.59 5.47 11.57
CA PHE A 16 4.92 4.72 12.64
C PHE A 16 4.19 5.65 13.62
N SER A 17 4.88 6.68 14.12
CA SER A 17 4.34 7.68 15.05
C SER A 17 3.13 8.43 14.47
N LEU A 18 3.08 8.60 13.14
CA LEU A 18 1.97 9.25 12.41
C LEU A 18 0.67 8.44 12.62
N PHE A 19 0.70 7.13 12.32
CA PHE A 19 -0.39 6.19 12.58
C PHE A 19 -0.74 6.16 14.08
N ASP A 20 0.26 5.90 14.92
CA ASP A 20 0.11 5.72 16.36
C ASP A 20 0.21 7.09 17.07
N LYS A 21 -0.87 7.90 16.97
CA LYS A 21 -1.01 9.15 17.72
C LYS A 21 -1.01 8.91 19.24
N ASP A 22 -1.58 7.78 19.69
CA ASP A 22 -1.73 7.37 21.08
C ASP A 22 -0.39 7.40 21.84
N GLY A 23 0.66 6.78 21.26
CA GLY A 23 2.00 6.67 21.85
C GLY A 23 2.31 5.27 22.40
N ASP A 24 1.29 4.43 22.60
CA ASP A 24 1.41 3.04 23.04
C ASP A 24 2.30 2.20 22.12
N GLY A 25 2.14 2.40 20.80
CA GLY A 25 2.85 1.67 19.75
C GLY A 25 2.17 0.33 19.47
N THR A 26 0.84 0.36 19.25
CA THR A 26 0.03 -0.79 18.86
C THR A 26 -1.06 -0.30 17.90
N ILE A 27 -0.72 -0.16 16.60
CA ILE A 27 -1.59 0.30 15.53
C ILE A 27 -2.74 -0.69 15.37
N THR A 28 -3.95 -0.28 15.81
CA THR A 28 -5.15 -1.11 15.86
C THR A 28 -6.27 -0.52 14.99
N THR A 29 -7.38 -1.25 14.88
CA THR A 29 -8.56 -0.92 14.09
C THR A 29 -9.19 0.43 14.52
N LYS A 30 -9.31 0.67 15.84
CA LYS A 30 -9.86 1.88 16.42
C LYS A 30 -9.12 3.14 15.93
N GLU A 31 -7.78 3.16 15.98
CA GLU A 31 -6.94 4.26 15.50
C GLU A 31 -7.10 4.49 13.99
N LEU A 32 -7.10 3.42 13.19
CA LEU A 32 -7.35 3.46 11.74
C LEU A 32 -8.65 4.24 11.46
N GLY A 33 -9.74 3.84 12.15
CA GLY A 33 -11.03 4.51 12.14
C GLY A 33 -10.91 6.01 12.48
N THR A 34 -10.28 6.33 13.62
CA THR A 34 -10.12 7.69 14.15
C THR A 34 -9.52 8.66 13.11
N VAL A 35 -8.46 8.24 12.40
CA VAL A 35 -7.82 9.03 11.34
C VAL A 35 -8.84 9.51 10.30
N MET A 36 -9.62 8.57 9.71
CA MET A 36 -10.64 8.90 8.71
C MET A 36 -11.84 9.65 9.31
N ARG A 37 -12.26 9.31 10.55
CA ARG A 37 -13.38 9.93 11.25
C ARG A 37 -13.13 11.43 11.44
N SER A 38 -11.97 11.79 12.04
CA SER A 38 -11.45 13.15 12.16
C SER A 38 -11.47 13.91 10.82
N LEU A 39 -11.03 13.28 9.72
CA LEU A 39 -11.00 13.87 8.39
C LEU A 39 -12.42 14.20 7.91
N GLY A 40 -13.27 13.16 7.75
CA GLY A 40 -14.70 13.29 7.46
C GLY A 40 -15.23 12.09 6.67
N GLN A 41 -14.88 10.86 7.08
CA GLN A 41 -15.37 9.60 6.51
C GLN A 41 -15.49 8.55 7.63
N ASN A 42 -16.55 7.73 7.57
CA ASN A 42 -16.86 6.71 8.57
C ASN A 42 -16.71 5.30 7.94
N PRO A 43 -15.50 4.69 7.98
CA PRO A 43 -15.27 3.33 7.50
C PRO A 43 -15.91 2.30 8.43
N THR A 44 -16.54 1.27 7.84
CA THR A 44 -17.21 0.17 8.54
C THR A 44 -16.21 -0.70 9.32
N GLU A 45 -16.58 -1.09 10.54
CA GLU A 45 -15.73 -1.83 11.48
C GLU A 45 -15.20 -3.17 10.91
N ALA A 46 -16.06 -3.96 10.25
CA ALA A 46 -15.71 -5.22 9.60
C ALA A 46 -14.54 -5.04 8.62
N GLU A 47 -14.58 -3.97 7.81
CA GLU A 47 -13.55 -3.60 6.85
C GLU A 47 -12.22 -3.30 7.56
N LEU A 48 -12.25 -2.43 8.59
CA LEU A 48 -11.08 -1.97 9.36
C LEU A 48 -10.20 -3.12 9.86
N GLN A 49 -10.78 -4.24 10.32
CA GLN A 49 -10.02 -5.41 10.75
C GLN A 49 -9.30 -6.05 9.56
N ASP A 50 -10.07 -6.65 8.64
CA ASP A 50 -9.59 -7.47 7.54
C ASP A 50 -8.45 -6.82 6.72
N MET A 51 -8.56 -5.52 6.39
CA MET A 51 -7.55 -4.80 5.63
C MET A 51 -6.14 -4.88 6.23
N ILE A 52 -6.02 -4.65 7.55
CA ILE A 52 -4.75 -4.70 8.27
C ILE A 52 -4.32 -6.17 8.46
N ASN A 53 -5.26 -7.06 8.80
CA ASN A 53 -5.00 -8.48 9.09
C ASN A 53 -4.64 -9.32 7.84
N GLU A 54 -4.79 -8.79 6.61
CA GLU A 54 -4.15 -9.34 5.41
C GLU A 54 -2.61 -9.33 5.51
N VAL A 55 -2.03 -8.50 6.38
CA VAL A 55 -0.58 -8.30 6.53
C VAL A 55 -0.10 -8.65 7.96
N ASP A 56 -0.96 -8.58 8.98
CA ASP A 56 -0.63 -8.99 10.35
C ASP A 56 -0.27 -10.48 10.37
N ALA A 57 1.03 -10.80 10.51
CA ALA A 57 1.56 -12.15 10.56
C ALA A 57 0.95 -12.97 11.73
N ASP A 58 0.83 -12.35 12.91
CA ASP A 58 0.15 -12.93 14.07
C ASP A 58 -1.35 -13.15 13.79
N GLY A 59 -2.01 -12.17 13.17
CA GLY A 59 -3.45 -12.15 12.97
C GLY A 59 -4.21 -11.97 14.29
N ASN A 60 -3.79 -10.99 15.11
CA ASN A 60 -4.34 -10.68 16.44
C ASN A 60 -4.91 -9.25 16.52
N GLY A 61 -5.34 -8.67 15.38
CA GLY A 61 -5.85 -7.32 15.30
C GLY A 61 -4.71 -6.31 15.22
N THR A 62 -4.01 -6.11 16.35
CA THR A 62 -2.94 -5.13 16.53
C THR A 62 -1.73 -5.37 15.62
N ILE A 63 -0.99 -4.29 15.32
CA ILE A 63 0.31 -4.29 14.69
C ILE A 63 1.24 -3.39 15.53
N ASP A 64 2.22 -4.01 16.21
CA ASP A 64 3.25 -3.34 17.01
C ASP A 64 4.34 -2.75 16.09
N PHE A 65 5.41 -2.20 16.67
CA PHE A 65 6.51 -1.55 15.94
C PHE A 65 7.23 -2.52 14.97
N PRO A 66 7.72 -3.69 15.41
CA PRO A 66 8.34 -4.71 14.56
C PRO A 66 7.43 -5.17 13.42
N GLU A 67 6.15 -5.43 13.75
CA GLU A 67 5.11 -5.86 12.82
C GLU A 67 4.73 -4.76 11.81
N PHE A 68 4.90 -3.47 12.16
CA PHE A 68 4.72 -2.33 11.25
C PHE A 68 5.88 -2.21 10.26
N LEU A 69 7.13 -2.37 10.74
CA LEU A 69 8.31 -2.46 9.89
C LEU A 69 8.16 -3.61 8.87
N THR A 70 7.65 -4.76 9.33
CA THR A 70 7.22 -5.86 8.46
C THR A 70 6.12 -5.39 7.49
N MET A 71 5.07 -4.71 7.98
CA MET A 71 3.91 -4.30 7.19
C MET A 71 4.31 -3.46 5.98
N MET A 72 4.86 -2.26 6.20
CA MET A 72 5.19 -1.31 5.14
C MET A 72 6.24 -1.86 4.16
N ALA A 73 7.42 -2.25 4.66
CA ALA A 73 8.57 -2.60 3.84
C ALA A 73 8.43 -3.99 3.21
N ARG A 74 8.34 -5.05 4.04
CA ARG A 74 8.36 -6.44 3.62
C ARG A 74 7.05 -6.79 2.89
N LYS A 75 5.91 -6.68 3.59
CA LYS A 75 4.53 -6.72 3.07
C LYS A 75 4.05 -8.16 2.85
N MET A 76 2.87 -8.47 3.41
CA MET A 76 2.12 -9.73 3.38
C MET A 76 2.39 -10.57 4.65
N LYS A 77 1.36 -11.32 5.10
CA LYS A 77 1.26 -11.98 6.40
C LYS A 77 2.13 -13.25 6.51
N ASP A 78 3.45 -13.06 6.46
CA ASP A 78 4.49 -14.06 6.74
C ASP A 78 5.72 -13.37 7.33
N THR A 79 6.59 -14.16 7.98
CA THR A 79 7.81 -13.70 8.65
C THR A 79 8.78 -13.06 7.64
N ASP A 80 9.37 -13.87 6.77
CA ASP A 80 10.40 -13.48 5.81
C ASP A 80 9.73 -13.03 4.50
N SER A 81 8.88 -11.99 4.57
CA SER A 81 8.00 -11.55 3.48
C SER A 81 8.59 -10.44 2.58
N GLU A 82 9.91 -10.22 2.61
CA GLU A 82 10.66 -9.37 1.67
C GLU A 82 10.90 -10.13 0.35
N GLU A 83 11.30 -11.41 0.45
CA GLU A 83 11.36 -12.34 -0.69
C GLU A 83 10.01 -12.46 -1.41
N GLU A 84 8.88 -12.29 -0.69
CA GLU A 84 7.53 -12.31 -1.26
C GLU A 84 7.26 -11.09 -2.16
N ILE A 85 7.89 -9.94 -1.87
CA ILE A 85 7.86 -8.76 -2.75
C ILE A 85 8.76 -8.94 -3.97
N ARG A 86 9.94 -9.59 -3.83
CA ARG A 86 10.78 -9.97 -4.97
C ARG A 86 10.02 -10.93 -5.91
N GLU A 87 9.30 -11.91 -5.33
CA GLU A 87 8.41 -12.83 -6.04
C GLU A 87 7.33 -12.05 -6.79
N ALA A 88 6.60 -11.15 -6.09
CA ALA A 88 5.61 -10.26 -6.69
C ALA A 88 6.18 -9.34 -7.78
N PHE A 89 7.47 -8.96 -7.68
CA PHE A 89 8.17 -8.17 -8.67
C PHE A 89 8.21 -8.92 -10.01
N ARG A 90 8.67 -10.18 -10.03
CA ARG A 90 8.76 -10.97 -11.26
C ARG A 90 7.39 -11.31 -11.87
N VAL A 91 6.32 -11.37 -11.05
CA VAL A 91 4.93 -11.53 -11.50
C VAL A 91 4.47 -10.25 -12.23
N PHE A 92 4.50 -9.09 -11.55
CA PHE A 92 4.07 -7.80 -12.09
C PHE A 92 5.04 -7.33 -13.18
N ASP A 93 6.23 -6.92 -12.77
CA ASP A 93 7.31 -6.39 -13.62
C ASP A 93 7.95 -7.53 -14.42
N LYS A 94 8.11 -7.34 -15.74
CA LYS A 94 8.52 -8.37 -16.68
C LYS A 94 10.04 -8.40 -16.85
N ASP A 95 10.80 -8.41 -15.73
CA ASP A 95 12.26 -8.45 -15.68
C ASP A 95 12.74 -8.55 -14.22
N GLY A 96 12.32 -7.59 -13.36
CA GLY A 96 12.69 -7.51 -11.96
C GLY A 96 14.13 -6.99 -11.79
N ASN A 97 14.33 -5.68 -11.98
CA ASN A 97 15.63 -4.99 -11.85
C ASN A 97 15.58 -3.80 -10.87
N GLY A 98 14.72 -3.86 -9.85
CA GLY A 98 14.45 -2.76 -8.93
C GLY A 98 13.93 -1.51 -9.63
N TYR A 99 13.01 -1.68 -10.60
CA TYR A 99 12.28 -0.64 -11.32
C TYR A 99 11.06 -1.29 -12.00
N ILE A 100 9.87 -0.68 -11.85
CA ILE A 100 8.62 -1.13 -12.47
C ILE A 100 8.10 0.01 -13.35
N SER A 101 8.33 -0.09 -14.68
CA SER A 101 7.88 0.91 -15.65
C SER A 101 6.35 0.96 -15.74
N ALA A 102 5.81 2.09 -16.25
CA ALA A 102 4.40 2.28 -16.52
C ALA A 102 3.86 1.22 -17.50
N ALA A 103 4.59 0.97 -18.60
CA ALA A 103 4.32 -0.09 -19.58
C ALA A 103 4.28 -1.50 -18.95
N GLU A 104 5.12 -1.75 -17.94
CA GLU A 104 5.27 -3.04 -17.26
C GLU A 104 4.23 -3.24 -16.15
N LEU A 105 3.72 -2.14 -15.56
CA LEU A 105 2.66 -2.13 -14.54
C LEU A 105 1.26 -2.21 -15.18
N ARG A 106 1.05 -1.61 -16.36
CA ARG A 106 -0.23 -1.69 -17.09
C ARG A 106 -0.49 -3.11 -17.66
N HIS A 107 0.58 -3.85 -18.03
CA HIS A 107 0.50 -5.21 -18.58
C HIS A 107 -0.20 -6.19 -17.62
N VAL A 108 0.28 -6.30 -16.37
CA VAL A 108 -0.36 -7.11 -15.32
C VAL A 108 -1.85 -6.74 -15.16
N MET A 109 -2.19 -5.44 -15.24
CA MET A 109 -3.58 -4.94 -15.25
C MET A 109 -4.34 -5.31 -16.54
N THR A 110 -3.68 -5.54 -17.69
CA THR A 110 -4.31 -5.95 -18.95
C THR A 110 -4.71 -7.44 -18.91
N ASN A 111 -3.95 -8.31 -18.22
CA ASN A 111 -4.30 -9.72 -18.05
C ASN A 111 -5.64 -9.87 -17.30
N LEU A 112 -5.73 -9.28 -16.10
CA LEU A 112 -6.93 -9.32 -15.26
C LEU A 112 -8.05 -8.40 -15.78
N GLY A 113 -7.70 -7.21 -16.28
CA GLY A 113 -8.62 -6.13 -16.63
C GLY A 113 -9.09 -6.19 -18.09
N GLU A 114 -8.17 -6.38 -19.03
CA GLU A 114 -8.40 -6.43 -20.47
C GLU A 114 -8.87 -5.06 -20.99
N LYS A 115 -7.91 -4.17 -21.27
CA LYS A 115 -8.10 -2.83 -21.86
C LYS A 115 -8.62 -1.86 -20.80
N LEU A 116 -7.70 -1.18 -20.08
CA LEU A 116 -7.97 -0.11 -19.12
C LEU A 116 -7.03 1.08 -19.38
N THR A 117 -7.48 2.30 -19.05
CA THR A 117 -6.72 3.53 -19.20
C THR A 117 -5.67 3.64 -18.08
N ASP A 118 -4.39 3.53 -18.43
CA ASP A 118 -3.25 3.60 -17.50
C ASP A 118 -2.82 5.04 -17.14
N GLU A 119 -3.70 6.04 -17.34
CA GLU A 119 -3.48 7.43 -16.96
C GLU A 119 -3.63 7.62 -15.43
N GLU A 120 -4.57 6.90 -14.80
CA GLU A 120 -4.69 6.82 -13.34
C GLU A 120 -3.43 6.19 -12.73
N VAL A 121 -2.90 5.12 -13.36
CA VAL A 121 -1.66 4.46 -12.95
C VAL A 121 -0.50 5.45 -12.97
N ASP A 122 -0.34 6.19 -14.08
CA ASP A 122 0.67 7.23 -14.25
C ASP A 122 0.56 8.32 -13.16
N GLU A 123 -0.67 8.79 -12.86
CA GLU A 123 -0.94 9.78 -11.81
C GLU A 123 -0.41 9.32 -10.45
N MET A 124 -0.80 8.12 -9.98
CA MET A 124 -0.43 7.61 -8.65
C MET A 124 1.02 7.10 -8.53
N ILE A 125 1.75 6.97 -9.65
CA ILE A 125 3.22 6.91 -9.63
C ILE A 125 3.74 8.32 -9.30
N ARG A 126 3.35 9.33 -10.08
CA ARG A 126 3.71 10.74 -9.92
C ARG A 126 3.33 11.34 -8.54
N GLU A 127 2.33 10.79 -7.83
CA GLU A 127 1.99 11.16 -6.45
C GLU A 127 3.23 11.17 -5.53
N ALA A 128 4.12 10.18 -5.70
CA ALA A 128 5.42 10.13 -5.03
C ALA A 128 6.43 9.43 -5.95
N ASP A 129 6.83 10.13 -7.02
CA ASP A 129 7.89 9.72 -7.93
C ASP A 129 9.15 10.54 -7.59
N ILE A 130 10.04 9.96 -6.76
CA ILE A 130 11.29 10.57 -6.34
C ILE A 130 12.21 10.73 -7.57
N ASP A 131 12.49 9.63 -8.28
CA ASP A 131 13.43 9.59 -9.40
C ASP A 131 12.99 10.50 -10.57
N GLY A 132 11.69 10.47 -10.93
CA GLY A 132 11.13 11.25 -12.02
C GLY A 132 11.59 10.68 -13.37
N ASP A 133 11.15 9.46 -13.67
CA ASP A 133 11.65 8.65 -14.78
C ASP A 133 10.60 7.66 -15.35
N GLY A 134 9.34 7.73 -14.89
CA GLY A 134 8.28 6.80 -15.25
C GLY A 134 8.57 5.35 -14.83
N GLN A 135 9.28 5.16 -13.70
CA GLN A 135 9.55 3.88 -13.06
C GLN A 135 9.29 3.97 -11.55
N VAL A 136 9.41 2.83 -10.84
CA VAL A 136 9.21 2.74 -9.40
C VAL A 136 10.31 1.87 -8.78
N ASN A 137 11.35 2.54 -8.22
CA ASN A 137 12.45 1.92 -7.48
C ASN A 137 11.95 1.26 -6.17
N TYR A 138 12.82 0.51 -5.48
CA TYR A 138 12.51 -0.14 -4.21
C TYR A 138 12.10 0.88 -3.14
N GLU A 139 12.94 1.89 -2.90
CA GLU A 139 12.66 3.00 -1.99
C GLU A 139 11.37 3.73 -2.40
N GLU A 140 11.21 4.05 -3.70
CA GLU A 140 10.05 4.76 -4.22
C GLU A 140 8.74 3.98 -3.95
N PHE A 141 8.75 2.66 -4.19
CA PHE A 141 7.66 1.72 -3.93
C PHE A 141 7.20 1.77 -2.47
N VAL A 142 8.15 1.74 -1.52
CA VAL A 142 7.87 1.88 -0.10
C VAL A 142 7.19 3.24 0.15
N GLN A 143 7.81 4.35 -0.25
CA GLN A 143 7.41 5.71 0.09
C GLN A 143 6.03 6.13 -0.43
N MET A 144 5.57 5.63 -1.59
CA MET A 144 4.22 5.91 -2.10
C MET A 144 3.11 5.33 -1.19
N MET A 145 3.33 4.13 -0.63
CA MET A 145 2.47 3.50 0.37
C MET A 145 2.71 4.10 1.77
N THR A 146 3.98 4.41 2.08
CA THR A 146 4.47 4.92 3.36
C THR A 146 4.74 6.43 3.17
N ALA A 147 3.68 7.19 2.85
CA ALA A 147 3.75 8.59 2.45
C ALA A 147 3.65 9.47 3.70
N LYS A 148 4.74 9.49 4.48
CA LYS A 148 4.84 10.18 5.76
C LYS A 148 4.69 11.71 5.59
N GLY B 1 1.32 -25.69 -8.77
CA GLY B 1 0.00 -26.01 -9.34
C GLY B 1 -1.12 -25.11 -8.81
N SER B 2 -2.37 -25.57 -8.93
CA SER B 2 -3.57 -24.85 -8.51
C SER B 2 -3.57 -24.67 -6.98
N HIS B 3 -3.52 -23.42 -6.50
CA HIS B 3 -3.56 -23.06 -5.09
C HIS B 3 -4.17 -21.67 -4.88
N LYS B 4 -4.67 -21.43 -3.65
CA LYS B 4 -5.50 -20.29 -3.25
C LYS B 4 -4.88 -19.56 -2.04
N LYS B 5 -5.33 -18.32 -1.80
CA LYS B 5 -4.81 -17.41 -0.77
C LYS B 5 -3.31 -17.18 -0.97
N THR B 6 -2.96 -16.55 -2.11
CA THR B 6 -1.58 -16.27 -2.54
C THR B 6 -1.17 -14.84 -2.19
N ASP B 7 0.15 -14.59 -2.15
CA ASP B 7 0.74 -13.25 -2.07
C ASP B 7 0.25 -12.36 -3.22
N SER B 8 0.26 -12.88 -4.45
CA SER B 8 -0.15 -12.21 -5.67
C SER B 8 -1.59 -11.69 -5.57
N GLU B 9 -2.56 -12.60 -5.33
CA GLU B 9 -3.99 -12.30 -5.20
C GLU B 9 -4.28 -11.13 -4.23
N VAL B 10 -3.66 -11.13 -3.04
CA VAL B 10 -3.81 -10.09 -2.03
C VAL B 10 -3.49 -8.70 -2.62
N GLN B 11 -2.25 -8.49 -3.10
CA GLN B 11 -1.81 -7.20 -3.66
C GLN B 11 -2.35 -6.91 -5.07
N LEU B 12 -2.89 -7.92 -5.78
CA LEU B 12 -3.57 -7.78 -7.06
C LEU B 12 -4.92 -7.08 -6.83
N GLU B 13 -5.75 -7.61 -5.93
CA GLU B 13 -6.99 -7.01 -5.48
C GLU B 13 -6.78 -5.57 -4.97
N MET B 14 -5.66 -5.31 -4.28
CA MET B 14 -5.25 -3.99 -3.80
C MET B 14 -5.04 -3.00 -4.97
N ILE B 15 -4.10 -3.30 -5.87
CA ILE B 15 -3.66 -2.40 -6.95
C ILE B 15 -4.84 -2.00 -7.86
N THR B 16 -5.77 -2.93 -8.13
CA THR B 16 -7.02 -2.69 -8.85
C THR B 16 -7.83 -1.56 -8.20
N ALA B 17 -8.07 -1.66 -6.87
CA ALA B 17 -8.77 -0.66 -6.07
C ALA B 17 -7.97 0.65 -5.90
N TRP B 18 -6.64 0.57 -5.87
CA TRP B 18 -5.72 1.71 -5.73
C TRP B 18 -5.79 2.61 -6.98
N LYS B 19 -5.77 2.01 -8.17
CA LYS B 19 -6.06 2.64 -9.45
C LYS B 19 -7.44 3.33 -9.43
N LYS B 20 -8.43 2.73 -8.75
CA LYS B 20 -9.80 3.21 -8.62
C LYS B 20 -9.94 4.43 -7.68
N PHE B 21 -9.06 4.62 -6.67
CA PHE B 21 -9.12 5.82 -5.81
C PHE B 21 -8.95 7.10 -6.65
N VAL B 22 -7.98 7.09 -7.57
CA VAL B 22 -7.66 8.20 -8.46
C VAL B 22 -8.88 8.58 -9.32
N GLU B 23 -9.57 7.58 -9.89
CA GLU B 23 -10.78 7.75 -10.70
C GLU B 23 -11.88 8.49 -9.93
N GLU B 24 -12.01 8.25 -8.62
CA GLU B 24 -12.93 8.97 -7.73
C GLU B 24 -12.41 10.39 -7.45
N LYS B 25 -11.13 10.52 -7.09
CA LYS B 25 -10.45 11.77 -6.76
C LYS B 25 -10.45 12.78 -7.92
N LYS B 26 -10.45 12.30 -9.17
CA LYS B 26 -10.56 13.08 -10.40
C LYS B 26 -11.74 14.07 -10.32
N LYS B 27 -12.93 13.56 -9.98
CA LYS B 27 -14.14 14.34 -9.77
C LYS B 27 -13.95 15.29 -8.57
N LYS B 28 -14.25 16.59 -8.78
CA LYS B 28 -14.25 17.62 -7.74
C LYS B 28 -15.59 17.53 -7.00
N GLY C 1 4.78 27.54 -4.38
CA GLY C 1 3.45 27.15 -4.88
C GLY C 1 3.07 25.73 -4.43
N SER C 2 2.78 25.56 -3.14
CA SER C 2 2.39 24.29 -2.54
C SER C 2 1.49 24.55 -1.32
N HIS C 3 0.45 23.72 -1.17
CA HIS C 3 -0.57 23.81 -0.12
C HIS C 3 -1.29 22.46 -0.02
N LYS C 4 -1.87 22.01 -1.15
CA LYS C 4 -2.60 20.76 -1.32
C LYS C 4 -1.73 19.69 -1.99
N LYS C 5 -2.31 18.50 -2.22
CA LYS C 5 -1.65 17.29 -2.72
C LYS C 5 -0.55 16.85 -1.75
N THR C 6 -0.94 16.59 -0.48
CA THR C 6 -0.04 16.26 0.62
C THR C 6 0.36 14.78 0.60
N ASP C 7 1.47 14.46 1.27
CA ASP C 7 1.96 13.09 1.47
C ASP C 7 0.91 12.25 2.23
N SER C 8 0.39 12.81 3.35
CA SER C 8 -0.68 12.24 4.15
C SER C 8 -1.85 11.72 3.29
N GLU C 9 -2.28 12.51 2.30
CA GLU C 9 -3.37 12.16 1.37
C GLU C 9 -3.12 10.83 0.66
N VAL C 10 -1.88 10.59 0.18
CA VAL C 10 -1.52 9.42 -0.62
C VAL C 10 -1.74 8.12 0.18
N GLN C 11 -1.14 8.01 1.37
CA GLN C 11 -1.28 6.83 2.24
C GLN C 11 -2.72 6.64 2.73
N LEU C 12 -3.43 7.75 3.02
CA LEU C 12 -4.82 7.73 3.48
C LEU C 12 -5.75 7.14 2.40
N GLU C 13 -5.57 7.56 1.14
CA GLU C 13 -6.26 7.05 -0.04
C GLU C 13 -5.82 5.63 -0.44
N MET C 14 -4.66 5.16 0.03
CA MET C 14 -4.18 3.79 -0.10
C MET C 14 -4.88 2.88 0.94
N ILE C 15 -5.18 3.43 2.14
CA ILE C 15 -6.04 2.82 3.15
C ILE C 15 -7.53 2.86 2.72
N THR C 16 -7.94 3.83 1.88
CA THR C 16 -9.25 3.86 1.24
C THR C 16 -9.34 2.73 0.18
N ALA C 17 -8.30 2.60 -0.67
CA ALA C 17 -8.13 1.50 -1.63
C ALA C 17 -8.28 0.12 -0.96
N TRP C 18 -7.72 -0.05 0.23
CA TRP C 18 -7.89 -1.24 1.07
C TRP C 18 -9.38 -1.58 1.26
N LYS C 19 -10.19 -0.61 1.73
CA LYS C 19 -11.61 -0.76 2.00
C LYS C 19 -12.38 -1.28 0.76
N LYS C 20 -12.12 -0.70 -0.43
CA LYS C 20 -12.73 -1.08 -1.70
C LYS C 20 -12.53 -2.58 -2.01
N PHE C 21 -11.28 -3.08 -2.00
CA PHE C 21 -11.00 -4.45 -2.40
C PHE C 21 -11.66 -5.47 -1.45
N VAL C 22 -11.60 -5.21 -0.14
CA VAL C 22 -12.27 -6.01 0.89
C VAL C 22 -13.78 -6.07 0.62
N GLU C 23 -14.42 -4.90 0.40
CA GLU C 23 -15.85 -4.78 0.06
C GLU C 23 -16.25 -5.68 -1.11
N GLU C 24 -15.46 -5.69 -2.21
CA GLU C 24 -15.68 -6.54 -3.37
C GLU C 24 -15.60 -8.03 -3.00
N LYS C 25 -14.48 -8.46 -2.38
CA LYS C 25 -14.19 -9.85 -2.07
C LYS C 25 -15.24 -10.48 -1.11
N LYS C 26 -15.68 -9.71 -0.09
CA LYS C 26 -16.66 -10.11 0.92
C LYS C 26 -17.95 -10.64 0.26
N LYS C 27 -18.51 -9.88 -0.68
CA LYS C 27 -19.69 -10.23 -1.46
C LYS C 27 -19.39 -11.45 -2.35
N LYS C 28 -20.00 -12.59 -2.04
CA LYS C 28 -19.82 -13.86 -2.74
C LYS C 28 -20.92 -14.84 -2.30
CA CA D . -2.66 2.31 20.45
CA CA E . 1.32 -7.68 16.16
CA CA F . 12.37 -1.83 -15.43
CA CA G . 11.96 4.91 -10.22
N ALA A 1 24.87 -3.93 4.86
CA ALA A 1 26.00 -4.77 4.42
C ALA A 1 27.31 -3.98 4.33
N ASP A 2 27.36 -3.00 3.41
CA ASP A 2 28.53 -2.18 3.13
C ASP A 2 28.63 -1.02 4.13
N GLN A 3 27.64 -0.11 4.13
CA GLN A 3 27.59 1.07 4.98
C GLN A 3 26.13 1.31 5.38
N LEU A 4 25.77 0.95 6.62
CA LEU A 4 24.46 1.14 7.21
C LEU A 4 24.32 2.60 7.70
N THR A 5 23.26 3.28 7.25
CA THR A 5 22.98 4.69 7.55
C THR A 5 21.69 4.81 8.38
N GLU A 6 21.66 5.80 9.28
CA GLU A 6 20.55 6.09 10.20
C GLU A 6 19.29 6.66 9.51
N GLU A 7 19.41 7.13 8.26
CA GLU A 7 18.32 7.73 7.48
C GLU A 7 17.08 6.82 7.40
N GLN A 8 17.27 5.53 7.11
CA GLN A 8 16.22 4.51 7.12
C GLN A 8 15.50 4.47 8.47
N ILE A 9 16.27 4.31 9.57
CA ILE A 9 15.78 4.19 10.94
C ILE A 9 14.91 5.40 11.30
N ALA A 10 15.39 6.62 11.03
CA ALA A 10 14.70 7.89 11.27
C ALA A 10 13.34 7.96 10.56
N GLU A 11 13.32 7.70 9.25
CA GLU A 11 12.13 7.74 8.41
C GLU A 11 11.08 6.71 8.83
N PHE A 12 11.49 5.44 9.03
CA PHE A 12 10.63 4.36 9.52
C PHE A 12 10.01 4.68 10.88
N LYS A 13 10.79 5.29 11.80
CA LYS A 13 10.31 5.76 13.10
C LYS A 13 9.17 6.77 12.92
N GLU A 14 9.37 7.83 12.10
CA GLU A 14 8.36 8.85 11.83
C GLU A 14 7.06 8.27 11.23
N ALA A 15 7.17 7.32 10.29
CA ALA A 15 6.03 6.65 9.67
C ALA A 15 5.08 6.03 10.70
N PHE A 16 5.63 5.26 11.64
CA PHE A 16 4.90 4.61 12.73
C PHE A 16 4.40 5.62 13.77
N SER A 17 5.29 6.51 14.26
CA SER A 17 5.02 7.46 15.33
C SER A 17 3.86 8.42 15.02
N LEU A 18 3.83 9.00 13.81
CA LEU A 18 2.81 9.95 13.39
C LEU A 18 1.40 9.31 13.40
N PHE A 19 1.30 8.05 12.94
CA PHE A 19 0.11 7.21 13.07
C PHE A 19 -0.23 6.94 14.54
N ASP A 20 0.75 6.52 15.36
CA ASP A 20 0.59 6.23 16.78
C ASP A 20 0.64 7.53 17.60
N LYS A 21 -0.43 8.33 17.51
CA LYS A 21 -0.65 9.55 18.28
C LYS A 21 -0.79 9.28 19.79
N ASP A 22 -1.26 8.07 20.15
CA ASP A 22 -1.48 7.63 21.53
C ASP A 22 -0.17 7.67 22.32
N GLY A 23 0.83 6.89 21.88
CA GLY A 23 2.15 6.77 22.52
C GLY A 23 2.55 5.32 22.78
N ASP A 24 1.58 4.46 23.17
CA ASP A 24 1.78 3.05 23.51
C ASP A 24 2.56 2.25 22.46
N GLY A 25 2.27 2.47 21.17
CA GLY A 25 2.91 1.79 20.05
C GLY A 25 2.17 0.50 19.67
N THR A 26 0.87 0.61 19.34
CA THR A 26 0.08 -0.42 18.66
C THR A 26 -1.00 0.28 17.82
N ILE A 27 -0.99 0.07 16.50
CA ILE A 27 -1.99 0.57 15.55
C ILE A 27 -3.12 -0.46 15.45
N THR A 28 -4.30 -0.11 15.99
CA THR A 28 -5.51 -0.93 16.00
C THR A 28 -6.64 -0.28 15.17
N THR A 29 -7.77 -0.99 15.08
CA THR A 29 -8.95 -0.65 14.28
C THR A 29 -9.64 0.64 14.77
N LYS A 30 -9.74 0.85 16.09
CA LYS A 30 -10.30 2.07 16.68
C LYS A 30 -9.60 3.32 16.14
N GLU A 31 -8.26 3.38 16.22
CA GLU A 31 -7.46 4.50 15.72
C GLU A 31 -7.71 4.73 14.23
N LEU A 32 -7.67 3.65 13.43
CA LEU A 32 -7.87 3.69 11.97
C LEU A 32 -9.23 4.34 11.63
N GLY A 33 -10.28 3.96 12.38
CA GLY A 33 -11.60 4.58 12.33
C GLY A 33 -11.53 6.07 12.70
N THR A 34 -10.96 6.41 13.87
CA THR A 34 -10.87 7.76 14.43
C THR A 34 -10.20 8.76 13.46
N VAL A 35 -9.09 8.37 12.82
CA VAL A 35 -8.39 9.17 11.81
C VAL A 35 -9.36 9.58 10.69
N MET A 36 -9.93 8.58 10.01
CA MET A 36 -10.92 8.77 8.94
C MET A 36 -12.15 9.56 9.43
N ARG A 37 -12.60 9.34 10.67
CA ARG A 37 -13.78 9.97 11.27
C ARG A 37 -13.56 11.49 11.44
N SER A 38 -12.42 11.88 12.03
CA SER A 38 -11.97 13.26 12.18
C SER A 38 -11.96 13.99 10.82
N LEU A 39 -11.25 13.41 9.83
CA LEU A 39 -11.18 13.90 8.45
C LEU A 39 -12.58 14.13 7.87
N GLY A 40 -13.35 13.05 7.67
CA GLY A 40 -14.77 13.11 7.31
C GLY A 40 -15.24 11.88 6.53
N GLN A 41 -15.02 10.67 7.07
CA GLN A 41 -15.47 9.39 6.54
C GLN A 41 -15.69 8.41 7.71
N ASN A 42 -16.77 7.61 7.66
CA ASN A 42 -17.17 6.68 8.70
C ASN A 42 -17.10 5.24 8.13
N PRO A 43 -15.91 4.60 8.12
CA PRO A 43 -15.71 3.28 7.53
C PRO A 43 -16.36 2.17 8.38
N THR A 44 -16.65 1.03 7.74
CA THR A 44 -17.28 -0.13 8.39
C THR A 44 -16.22 -0.96 9.14
N GLU A 45 -16.44 -1.17 10.44
CA GLU A 45 -15.48 -1.79 11.36
C GLU A 45 -15.04 -3.20 10.95
N ALA A 46 -15.95 -4.00 10.38
CA ALA A 46 -15.67 -5.34 9.85
C ALA A 46 -14.59 -5.28 8.76
N GLU A 47 -14.76 -4.40 7.77
CA GLU A 47 -13.85 -4.25 6.64
C GLU A 47 -12.47 -3.73 7.07
N LEU A 48 -12.41 -2.77 8.01
CA LEU A 48 -11.14 -2.24 8.54
C LEU A 48 -10.20 -3.37 9.01
N GLN A 49 -10.70 -4.26 9.87
CA GLN A 49 -9.94 -5.39 10.41
C GLN A 49 -9.41 -6.31 9.31
N ASP A 50 -10.21 -6.56 8.26
CA ASP A 50 -9.82 -7.43 7.15
C ASP A 50 -8.55 -6.91 6.44
N MET A 51 -8.47 -5.60 6.15
CA MET A 51 -7.28 -4.94 5.60
C MET A 51 -5.99 -5.42 6.29
N ILE A 52 -6.00 -5.38 7.63
CA ILE A 52 -4.89 -5.72 8.51
C ILE A 52 -4.59 -7.23 8.44
N ASN A 53 -5.60 -8.08 8.73
CA ASN A 53 -5.41 -9.53 8.94
C ASN A 53 -4.84 -10.26 7.72
N GLU A 54 -5.26 -9.90 6.49
CA GLU A 54 -4.69 -10.40 5.24
C GLU A 54 -3.14 -10.32 5.24
N VAL A 55 -2.61 -9.16 5.63
CA VAL A 55 -1.18 -8.86 5.66
C VAL A 55 -0.52 -9.51 6.89
N ASP A 56 -1.06 -9.24 8.09
CA ASP A 56 -0.46 -9.60 9.38
C ASP A 56 -0.32 -11.11 9.57
N ALA A 57 0.74 -11.53 10.29
CA ALA A 57 1.09 -12.92 10.55
C ALA A 57 0.21 -13.50 11.66
N ASP A 58 0.42 -13.07 12.92
CA ASP A 58 -0.29 -13.56 14.10
C ASP A 58 -1.81 -13.35 14.05
N GLY A 59 -2.27 -12.24 13.44
CA GLY A 59 -3.67 -11.91 13.27
C GLY A 59 -4.36 -11.60 14.60
N ASN A 60 -3.81 -10.66 15.38
CA ASN A 60 -4.38 -10.18 16.63
C ASN A 60 -5.31 -8.98 16.36
N GLY A 61 -4.74 -7.91 15.77
CA GLY A 61 -5.38 -6.63 15.51
C GLY A 61 -4.81 -5.52 16.42
N THR A 62 -3.51 -5.60 16.72
CA THR A 62 -2.76 -4.69 17.58
C THR A 62 -1.33 -4.60 17.01
N ILE A 63 -1.18 -3.94 15.85
CA ILE A 63 0.04 -3.92 15.05
C ILE A 63 1.08 -3.05 15.75
N ASP A 64 1.98 -3.68 16.51
CA ASP A 64 3.07 -3.05 17.23
C ASP A 64 4.14 -2.50 16.27
N PHE A 65 5.21 -1.91 16.81
CA PHE A 65 6.34 -1.32 16.08
C PHE A 65 6.91 -2.24 14.98
N PRO A 66 7.44 -3.44 15.29
CA PRO A 66 8.02 -4.34 14.29
C PRO A 66 6.96 -4.83 13.30
N GLU A 67 5.74 -5.11 13.77
CA GLU A 67 4.61 -5.56 12.95
C GLU A 67 4.20 -4.53 11.89
N PHE A 68 4.35 -3.23 12.16
CA PHE A 68 4.05 -2.16 11.21
C PHE A 68 5.13 -2.07 10.12
N LEU A 69 6.41 -2.18 10.52
CA LEU A 69 7.53 -2.26 9.58
C LEU A 69 7.48 -3.54 8.74
N THR A 70 6.90 -4.63 9.27
CA THR A 70 6.63 -5.86 8.54
C THR A 70 5.56 -5.59 7.49
N MET A 71 4.36 -5.17 7.92
CA MET A 71 3.24 -4.72 7.10
C MET A 71 3.70 -3.87 5.89
N MET A 72 4.50 -2.82 6.15
CA MET A 72 5.05 -1.93 5.13
C MET A 72 6.09 -2.66 4.26
N ALA A 73 7.27 -2.95 4.80
CA ALA A 73 8.45 -3.36 4.03
C ALA A 73 8.41 -4.82 3.57
N ARG A 74 8.13 -5.76 4.49
CA ARG A 74 8.22 -7.19 4.23
C ARG A 74 6.94 -7.70 3.53
N LYS A 75 5.80 -7.63 4.23
CA LYS A 75 4.45 -7.86 3.70
C LYS A 75 4.12 -9.37 3.57
N MET A 76 2.86 -9.72 3.86
CA MET A 76 2.28 -11.08 3.87
C MET A 76 2.69 -11.87 5.12
N LYS A 77 1.79 -12.75 5.57
CA LYS A 77 1.91 -13.64 6.72
C LYS A 77 3.06 -14.66 6.55
N ASP A 78 4.29 -14.20 6.80
CA ASP A 78 5.54 -14.97 6.74
C ASP A 78 6.63 -14.26 7.57
N THR A 79 7.66 -15.02 7.94
CA THR A 79 8.79 -14.60 8.77
C THR A 79 9.65 -13.52 8.07
N ASP A 80 10.74 -13.93 7.38
CA ASP A 80 11.72 -13.05 6.76
C ASP A 80 11.26 -12.62 5.36
N SER A 81 10.17 -11.84 5.32
CA SER A 81 9.42 -11.50 4.11
C SER A 81 9.98 -10.28 3.35
N GLU A 82 11.26 -9.89 3.55
CA GLU A 82 11.97 -8.96 2.68
C GLU A 82 11.89 -9.42 1.21
N GLU A 83 12.07 -10.72 0.97
CA GLU A 83 11.97 -11.38 -0.33
C GLU A 83 10.55 -11.34 -0.94
N GLU A 84 9.47 -11.34 -0.13
CA GLU A 84 8.09 -11.45 -0.62
C GLU A 84 7.68 -10.33 -1.60
N ILE A 85 8.16 -9.09 -1.41
CA ILE A 85 8.01 -8.02 -2.38
C ILE A 85 8.69 -8.39 -3.71
N ARG A 86 9.96 -8.84 -3.65
CA ARG A 86 10.74 -9.29 -4.81
C ARG A 86 10.04 -10.44 -5.58
N GLU A 87 9.43 -11.39 -4.86
CA GLU A 87 8.71 -12.54 -5.41
C GLU A 87 7.39 -12.13 -6.07
N ALA A 88 6.61 -11.24 -5.42
CA ALA A 88 5.41 -10.65 -6.00
C ALA A 88 5.72 -9.87 -7.29
N PHE A 89 6.80 -9.08 -7.28
CA PHE A 89 7.28 -8.29 -8.42
C PHE A 89 7.63 -9.18 -9.62
N ARG A 90 8.54 -10.16 -9.45
CA ARG A 90 9.04 -11.02 -10.53
C ARG A 90 7.95 -11.91 -11.14
N VAL A 91 6.84 -12.17 -10.41
CA VAL A 91 5.62 -12.78 -10.94
C VAL A 91 4.86 -11.77 -11.82
N PHE A 92 4.60 -10.54 -11.31
CA PHE A 92 3.85 -9.51 -12.01
C PHE A 92 4.60 -9.06 -13.27
N ASP A 93 5.71 -8.34 -13.10
CA ASP A 93 6.62 -7.91 -14.16
C ASP A 93 7.52 -9.08 -14.61
N LYS A 94 8.01 -9.00 -15.85
CA LYS A 94 8.73 -10.07 -16.53
C LYS A 94 10.24 -10.11 -16.21
N ASP A 95 10.78 -9.14 -15.44
CA ASP A 95 12.22 -8.99 -15.25
C ASP A 95 12.56 -8.28 -13.92
N GLY A 96 12.15 -8.88 -12.79
CA GLY A 96 12.55 -8.46 -11.45
C GLY A 96 11.77 -7.25 -10.92
N ASN A 97 11.55 -6.24 -11.77
CA ASN A 97 10.80 -5.00 -11.50
C ASN A 97 11.61 -3.98 -10.69
N GLY A 98 12.93 -3.90 -10.93
CA GLY A 98 13.81 -2.87 -10.38
C GLY A 98 13.31 -1.46 -10.70
N TYR A 99 12.78 -1.26 -11.92
CA TYR A 99 12.13 -0.05 -12.40
C TYR A 99 10.73 -0.41 -12.90
N ILE A 100 9.68 0.16 -12.29
CA ILE A 100 8.28 -0.12 -12.63
C ILE A 100 7.80 0.97 -13.60
N SER A 101 7.94 0.73 -14.91
CA SER A 101 7.49 1.66 -15.96
C SER A 101 5.96 1.64 -16.09
N ALA A 102 5.39 2.74 -16.61
CA ALA A 102 3.96 2.90 -16.86
C ALA A 102 3.42 1.80 -17.78
N ALA A 103 4.15 1.46 -18.85
CA ALA A 103 3.87 0.35 -19.75
C ALA A 103 3.89 -0.99 -19.00
N GLU A 104 5.00 -1.33 -18.33
CA GLU A 104 5.20 -2.58 -17.57
C GLU A 104 4.08 -2.82 -16.54
N LEU A 105 3.66 -1.77 -15.83
CA LEU A 105 2.59 -1.82 -14.84
C LEU A 105 1.23 -2.01 -15.55
N ARG A 106 0.95 -1.23 -16.61
CA ARG A 106 -0.27 -1.37 -17.39
C ARG A 106 -0.40 -2.76 -18.05
N HIS A 107 0.72 -3.43 -18.38
CA HIS A 107 0.72 -4.81 -18.87
C HIS A 107 0.07 -5.76 -17.86
N VAL A 108 0.56 -5.83 -16.60
CA VAL A 108 -0.08 -6.66 -15.57
C VAL A 108 -1.55 -6.28 -15.33
N MET A 109 -1.93 -5.00 -15.46
CA MET A 109 -3.34 -4.57 -15.48
C MET A 109 -4.11 -5.18 -16.66
N THR A 110 -3.49 -5.32 -17.84
CA THR A 110 -4.10 -5.93 -19.03
C THR A 110 -4.37 -7.43 -18.81
N ASN A 111 -3.49 -8.15 -18.10
CA ASN A 111 -3.69 -9.57 -17.77
C ASN A 111 -4.98 -9.77 -16.96
N LEU A 112 -5.06 -9.15 -15.77
CA LEU A 112 -6.20 -9.26 -14.86
C LEU A 112 -7.48 -8.57 -15.37
N GLY A 113 -7.35 -7.47 -16.11
CA GLY A 113 -8.43 -6.52 -16.41
C GLY A 113 -8.82 -6.49 -17.89
N GLU A 114 -7.83 -6.28 -18.79
CA GLU A 114 -7.97 -6.16 -20.25
C GLU A 114 -8.43 -4.75 -20.64
N LYS A 115 -7.56 -4.00 -21.34
CA LYS A 115 -7.77 -2.64 -21.87
C LYS A 115 -8.04 -1.63 -20.74
N LEU A 116 -6.98 -0.98 -20.24
CA LEU A 116 -7.03 0.06 -19.23
C LEU A 116 -6.18 1.25 -19.68
N THR A 117 -6.76 2.45 -19.66
CA THR A 117 -6.06 3.69 -19.99
C THR A 117 -5.03 3.99 -18.90
N ASP A 118 -3.77 4.25 -19.29
CA ASP A 118 -2.66 4.50 -18.38
C ASP A 118 -2.61 5.97 -17.90
N GLU A 119 -3.78 6.61 -17.73
CA GLU A 119 -3.90 7.98 -17.21
C GLU A 119 -4.08 7.96 -15.69
N GLU A 120 -4.89 7.02 -15.17
CA GLU A 120 -5.08 6.78 -13.74
C GLU A 120 -3.75 6.40 -13.06
N VAL A 121 -3.06 5.39 -13.61
CA VAL A 121 -1.79 4.89 -13.09
C VAL A 121 -0.71 5.98 -13.03
N ASP A 122 -0.64 6.86 -14.05
CA ASP A 122 0.26 8.02 -14.10
C ASP A 122 0.11 8.92 -12.86
N GLU A 123 -1.13 9.24 -12.46
CA GLU A 123 -1.41 10.05 -11.28
C GLU A 123 -0.79 9.41 -10.03
N MET A 124 -1.24 8.20 -9.64
CA MET A 124 -0.81 7.51 -8.43
C MET A 124 0.66 7.04 -8.44
N ILE A 125 1.33 7.04 -9.60
CA ILE A 125 2.78 6.97 -9.70
C ILE A 125 3.37 8.32 -9.23
N ARG A 126 3.01 9.42 -9.92
CA ARG A 126 3.50 10.77 -9.66
C ARG A 126 2.99 11.39 -8.35
N GLU A 127 2.13 10.70 -7.58
CA GLU A 127 1.88 11.00 -6.17
C GLU A 127 3.18 10.91 -5.36
N ALA A 128 4.08 9.96 -5.69
CA ALA A 128 5.42 9.87 -5.13
C ALA A 128 6.37 9.20 -6.12
N ASP A 129 6.66 9.88 -7.25
CA ASP A 129 7.71 9.54 -8.20
C ASP A 129 8.87 10.55 -7.98
N ILE A 130 9.64 10.32 -6.91
CA ILE A 130 10.70 11.20 -6.40
C ILE A 130 11.77 11.47 -7.46
N ASP A 131 12.41 10.42 -7.99
CA ASP A 131 13.45 10.51 -9.03
C ASP A 131 12.90 11.17 -10.30
N GLY A 132 11.83 10.60 -10.87
CA GLY A 132 11.17 11.12 -12.07
C GLY A 132 11.99 10.79 -13.33
N ASP A 133 11.82 9.57 -13.85
CA ASP A 133 12.37 9.12 -15.14
C ASP A 133 11.34 8.25 -15.90
N GLY A 134 10.04 8.54 -15.72
CA GLY A 134 8.92 7.77 -16.27
C GLY A 134 8.78 6.36 -15.66
N GLN A 135 9.38 6.11 -14.49
CA GLN A 135 9.37 4.81 -13.79
C GLN A 135 9.31 5.02 -12.27
N VAL A 136 9.30 3.92 -11.50
CA VAL A 136 9.37 3.92 -10.03
C VAL A 136 10.43 2.89 -9.62
N ASN A 137 11.52 3.35 -8.99
CA ASN A 137 12.57 2.49 -8.44
C ASN A 137 12.11 1.78 -7.16
N TYR A 138 12.89 0.81 -6.67
CA TYR A 138 12.64 0.08 -5.43
C TYR A 138 12.40 1.03 -4.25
N GLU A 139 13.32 1.97 -4.01
CA GLU A 139 13.23 2.97 -2.95
C GLU A 139 11.92 3.76 -3.01
N GLU A 140 11.56 4.25 -4.21
CA GLU A 140 10.37 5.04 -4.47
C GLU A 140 9.09 4.24 -4.18
N PHE A 141 9.03 2.98 -4.61
CA PHE A 141 7.88 2.10 -4.43
C PHE A 141 7.61 1.84 -2.93
N VAL A 142 8.66 1.47 -2.17
CA VAL A 142 8.57 1.30 -0.71
C VAL A 142 8.07 2.61 -0.08
N GLN A 143 8.76 3.74 -0.35
CA GLN A 143 8.38 5.06 0.14
C GLN A 143 7.35 5.71 -0.78
N MET A 144 6.20 5.04 -0.93
CA MET A 144 4.99 5.51 -1.62
C MET A 144 3.79 4.83 -0.96
N MET A 145 3.82 3.49 -0.92
CA MET A 145 3.03 2.69 0.00
C MET A 145 3.37 3.01 1.46
N THR A 146 4.61 3.46 1.74
CA THR A 146 5.05 4.06 3.00
C THR A 146 5.35 5.55 2.77
N ALA A 147 4.41 6.29 2.16
CA ALA A 147 4.51 7.74 2.01
C ALA A 147 4.16 8.41 3.34
N LYS A 148 5.18 8.85 4.08
CA LYS A 148 5.01 9.55 5.36
C LYS A 148 6.28 10.37 5.66
N GLY B 1 -12.32 -23.48 -4.28
CA GLY B 1 -12.33 -22.33 -5.21
C GLY B 1 -11.34 -21.25 -4.78
N SER B 2 -11.86 -20.09 -4.35
CA SER B 2 -11.08 -18.94 -3.90
C SER B 2 -10.85 -19.00 -2.37
N HIS B 3 -10.31 -20.14 -1.90
CA HIS B 3 -9.92 -20.37 -0.51
C HIS B 3 -8.52 -19.80 -0.23
N LYS B 4 -7.57 -20.04 -1.14
CA LYS B 4 -6.17 -19.65 -1.02
C LYS B 4 -6.01 -18.12 -1.15
N LYS B 5 -4.94 -17.57 -0.53
CA LYS B 5 -4.73 -16.14 -0.34
C LYS B 5 -3.23 -15.85 -0.23
N THR B 6 -2.55 -15.76 -1.39
CA THR B 6 -1.09 -15.59 -1.49
C THR B 6 -0.66 -14.12 -1.38
N ASP B 7 0.66 -13.88 -1.40
CA ASP B 7 1.27 -12.56 -1.49
C ASP B 7 0.84 -11.84 -2.78
N SER B 8 0.95 -12.54 -3.92
CA SER B 8 0.57 -12.07 -5.24
C SER B 8 -0.93 -11.70 -5.32
N GLU B 9 -1.82 -12.58 -4.85
CA GLU B 9 -3.28 -12.40 -4.85
C GLU B 9 -3.73 -11.17 -4.03
N VAL B 10 -3.21 -11.00 -2.80
CA VAL B 10 -3.47 -9.81 -1.97
C VAL B 10 -3.03 -8.53 -2.72
N GLN B 11 -1.83 -8.52 -3.29
CA GLN B 11 -1.27 -7.39 -4.04
C GLN B 11 -2.05 -7.09 -5.34
N LEU B 12 -2.65 -8.10 -5.97
CA LEU B 12 -3.53 -7.97 -7.14
C LEU B 12 -4.77 -7.16 -6.73
N GLU B 13 -5.48 -7.58 -5.68
CA GLU B 13 -6.63 -6.90 -5.08
C GLU B 13 -6.30 -5.45 -4.69
N MET B 14 -5.18 -5.22 -4.00
CA MET B 14 -4.69 -3.91 -3.58
C MET B 14 -4.56 -2.96 -4.78
N ILE B 15 -3.63 -3.27 -5.70
CA ILE B 15 -3.21 -2.36 -6.77
C ILE B 15 -4.36 -2.03 -7.76
N THR B 16 -5.31 -2.96 -7.95
CA THR B 16 -6.55 -2.75 -8.70
C THR B 16 -7.43 -1.70 -8.01
N ALA B 17 -7.70 -1.89 -6.70
CA ALA B 17 -8.48 -0.95 -5.89
C ALA B 17 -7.78 0.41 -5.67
N TRP B 18 -6.45 0.45 -5.81
CA TRP B 18 -5.62 1.66 -5.77
C TRP B 18 -5.88 2.51 -7.02
N LYS B 19 -6.03 1.87 -8.18
CA LYS B 19 -6.47 2.48 -9.45
C LYS B 19 -7.86 3.13 -9.30
N LYS B 20 -8.76 2.51 -8.52
CA LYS B 20 -10.09 3.01 -8.16
C LYS B 20 -10.02 4.34 -7.37
N PHE B 21 -9.02 4.53 -6.50
CA PHE B 21 -8.83 5.78 -5.74
C PHE B 21 -8.71 6.98 -6.68
N VAL B 22 -7.86 6.87 -7.73
CA VAL B 22 -7.70 7.92 -8.74
C VAL B 22 -9.01 8.22 -9.48
N GLU B 23 -9.92 7.22 -9.62
CA GLU B 23 -11.25 7.41 -10.17
C GLU B 23 -12.11 8.32 -9.26
N GLU B 24 -11.97 8.19 -7.92
CA GLU B 24 -12.56 9.12 -6.95
C GLU B 24 -11.91 10.51 -7.05
N LYS B 25 -10.59 10.57 -7.25
CA LYS B 25 -9.83 11.80 -7.46
C LYS B 25 -10.30 12.56 -8.73
N LYS B 26 -10.76 11.82 -9.76
CA LYS B 26 -11.37 12.37 -10.98
C LYS B 26 -12.64 13.20 -10.72
N LYS B 27 -13.29 13.07 -9.55
CA LYS B 27 -14.44 13.87 -9.13
C LYS B 27 -13.97 15.23 -8.59
N LYS B 28 -14.85 16.25 -8.66
CA LYS B 28 -14.58 17.61 -8.19
C LYS B 28 -15.54 17.95 -7.03
N GLY C 1 0.83 26.22 2.40
CA GLY C 1 1.95 25.36 1.96
C GLY C 1 1.60 23.86 2.08
N SER C 2 1.62 23.34 3.31
CA SER C 2 1.28 21.97 3.65
C SER C 2 -0.24 21.86 3.88
N HIS C 3 -0.98 21.43 2.84
CA HIS C 3 -2.43 21.27 2.86
C HIS C 3 -2.87 20.27 1.77
N LYS C 4 -2.51 20.52 0.51
CA LYS C 4 -2.81 19.71 -0.67
C LYS C 4 -1.52 19.12 -1.24
N LYS C 5 -1.62 17.92 -1.83
CA LYS C 5 -0.51 17.12 -2.36
C LYS C 5 0.56 16.92 -1.26
N THR C 6 0.17 16.19 -0.21
CA THR C 6 0.99 15.86 0.97
C THR C 6 1.27 14.35 1.00
N ASP C 7 2.38 13.95 1.62
CA ASP C 7 2.79 12.56 1.80
C ASP C 7 1.71 11.72 2.51
N SER C 8 1.06 12.29 3.53
CA SER C 8 -0.01 11.66 4.31
C SER C 8 -1.16 11.17 3.42
N GLU C 9 -1.65 12.02 2.49
CA GLU C 9 -2.73 11.70 1.55
C GLU C 9 -2.42 10.44 0.72
N VAL C 10 -1.18 10.31 0.20
CA VAL C 10 -0.78 9.22 -0.67
C VAL C 10 -1.01 7.84 0.01
N GLN C 11 -0.48 7.67 1.23
CA GLN C 11 -0.60 6.44 2.01
C GLN C 11 -2.05 6.21 2.47
N LEU C 12 -2.75 7.26 2.94
CA LEU C 12 -4.14 7.18 3.42
C LEU C 12 -5.12 6.78 2.30
N GLU C 13 -4.90 7.24 1.06
CA GLU C 13 -5.64 6.85 -0.14
C GLU C 13 -5.37 5.38 -0.53
N MET C 14 -4.15 4.86 -0.29
CA MET C 14 -3.82 3.44 -0.45
C MET C 14 -4.54 2.59 0.63
N ILE C 15 -4.73 3.14 1.84
CA ILE C 15 -5.46 2.48 2.92
C ILE C 15 -6.99 2.55 2.69
N THR C 16 -7.49 3.60 2.00
CA THR C 16 -8.85 3.65 1.45
C THR C 16 -9.03 2.54 0.40
N ALA C 17 -8.03 2.35 -0.48
CA ALA C 17 -8.00 1.28 -1.48
C ALA C 17 -8.10 -0.11 -0.86
N TRP C 18 -7.41 -0.35 0.29
CA TRP C 18 -7.49 -1.60 1.04
C TRP C 18 -8.95 -1.96 1.36
N LYS C 19 -9.65 -1.04 2.05
CA LYS C 19 -11.07 -1.11 2.38
C LYS C 19 -11.92 -1.44 1.14
N LYS C 20 -11.69 -0.72 0.04
CA LYS C 20 -12.42 -0.86 -1.23
C LYS C 20 -12.27 -2.25 -1.87
N PHE C 21 -11.08 -2.88 -1.81
CA PHE C 21 -10.90 -4.25 -2.31
C PHE C 21 -11.70 -5.25 -1.47
N VAL C 22 -11.68 -5.10 -0.14
CA VAL C 22 -12.46 -5.92 0.80
C VAL C 22 -13.97 -5.80 0.50
N GLU C 23 -14.49 -4.58 0.28
CA GLU C 23 -15.87 -4.28 -0.06
C GLU C 23 -16.38 -5.18 -1.21
N GLU C 24 -15.60 -5.30 -2.28
CA GLU C 24 -15.86 -6.15 -3.44
C GLU C 24 -15.70 -7.64 -3.08
N LYS C 25 -14.48 -8.02 -2.64
CA LYS C 25 -14.04 -9.39 -2.33
C LYS C 25 -14.98 -10.14 -1.37
N LYS C 26 -15.66 -9.41 -0.46
CA LYS C 26 -16.75 -9.87 0.39
C LYS C 26 -17.75 -10.76 -0.36
N LYS C 27 -18.17 -10.32 -1.56
CA LYS C 27 -19.10 -11.05 -2.43
C LYS C 27 -18.36 -12.23 -3.08
N LYS C 28 -18.92 -13.44 -2.94
CA LYS C 28 -18.35 -14.69 -3.44
C LYS C 28 -19.41 -15.80 -3.48
CA CA D . -3.92 2.64 21.07
CA CA E . -1.26 -7.86 15.78
CA CA F . 11.99 -3.81 -14.72
CA CA G . 11.67 7.50 -11.22
N ALA A 1 27.25 -5.20 4.99
CA ALA A 1 26.39 -4.10 5.45
C ALA A 1 26.84 -2.74 4.89
N ASP A 2 25.88 -1.83 4.71
CA ASP A 2 26.09 -0.50 4.13
C ASP A 2 24.92 0.44 4.50
N GLN A 3 25.14 1.75 4.34
CA GLN A 3 24.25 2.82 4.79
C GLN A 3 24.04 2.78 6.31
N LEU A 4 25.09 3.14 7.07
CA LEU A 4 25.08 3.25 8.53
C LEU A 4 24.84 4.72 8.91
N THR A 5 23.57 5.15 8.93
CA THR A 5 23.14 6.53 9.16
C THR A 5 21.85 6.55 10.01
N GLU A 6 21.81 7.39 11.06
CA GLU A 6 20.72 7.47 12.03
C GLU A 6 19.41 8.07 11.46
N GLU A 7 19.45 8.69 10.27
CA GLU A 7 18.29 9.22 9.57
C GLU A 7 17.15 8.19 9.44
N GLN A 8 17.47 6.93 9.10
CA GLN A 8 16.52 5.84 8.96
C GLN A 8 15.71 5.60 10.23
N ILE A 9 16.40 5.50 11.39
CA ILE A 9 15.81 5.27 12.71
C ILE A 9 14.71 6.32 12.99
N ALA A 10 15.07 7.61 12.88
CA ALA A 10 14.16 8.74 13.06
C ALA A 10 12.98 8.69 12.07
N GLU A 11 13.26 8.45 10.78
CA GLU A 11 12.28 8.45 9.70
C GLU A 11 11.14 7.44 9.95
N PHE A 12 11.48 6.18 10.22
CA PHE A 12 10.52 5.11 10.52
C PHE A 12 9.77 5.36 11.84
N LYS A 13 10.48 5.84 12.88
CA LYS A 13 9.90 6.22 14.16
C LYS A 13 8.80 7.28 13.98
N GLU A 14 9.07 8.35 13.21
CA GLU A 14 8.14 9.44 12.92
C GLU A 14 6.92 8.95 12.14
N ALA A 15 7.13 8.16 11.07
CA ALA A 15 6.08 7.55 10.25
C ALA A 15 5.11 6.71 11.09
N PHE A 16 5.64 5.85 11.98
CA PHE A 16 4.86 5.03 12.89
C PHE A 16 4.10 5.87 13.92
N SER A 17 4.80 6.81 14.60
CA SER A 17 4.27 7.68 15.65
C SER A 17 3.05 8.49 15.18
N LEU A 18 3.04 8.92 13.90
CA LEU A 18 1.92 9.61 13.26
C LEU A 18 0.63 8.80 13.42
N PHE A 19 0.66 7.51 13.04
CA PHE A 19 -0.42 6.53 13.21
C PHE A 19 -0.66 6.19 14.68
N ASP A 20 0.41 6.03 15.47
CA ASP A 20 0.39 5.63 16.89
C ASP A 20 0.25 6.90 17.76
N LYS A 21 -0.91 7.55 17.71
CA LYS A 21 -1.25 8.77 18.44
C LYS A 21 -1.14 8.58 19.96
N ASP A 22 -1.70 7.48 20.50
CA ASP A 22 -1.74 7.19 21.93
C ASP A 22 -0.34 7.11 22.54
N GLY A 23 0.61 6.48 21.83
CA GLY A 23 1.98 6.26 22.27
C GLY A 23 2.27 4.81 22.71
N ASP A 24 1.23 4.00 22.92
CA ASP A 24 1.30 2.63 23.43
C ASP A 24 2.26 1.73 22.64
N GLY A 25 2.11 1.69 21.30
CA GLY A 25 2.92 0.90 20.38
C GLY A 25 2.10 -0.06 19.50
N THR A 26 0.77 0.12 19.41
CA THR A 26 -0.15 -0.64 18.56
C THR A 26 -1.19 0.30 17.92
N ILE A 27 -1.71 -0.06 16.74
CA ILE A 27 -2.84 0.60 16.10
C ILE A 27 -3.92 -0.45 15.81
N THR A 28 -4.95 -0.52 16.66
CA THR A 28 -6.13 -1.37 16.48
C THR A 28 -7.16 -0.69 15.55
N THR A 29 -8.29 -1.38 15.34
CA THR A 29 -9.40 -0.92 14.51
C THR A 29 -9.92 0.45 14.97
N LYS A 30 -10.16 0.59 16.28
CA LYS A 30 -10.73 1.78 16.92
C LYS A 30 -9.90 3.04 16.59
N GLU A 31 -8.57 2.98 16.83
CA GLU A 31 -7.65 4.08 16.57
C GLU A 31 -7.58 4.43 15.07
N LEU A 32 -7.49 3.43 14.18
CA LEU A 32 -7.47 3.63 12.72
C LEU A 32 -8.72 4.43 12.29
N GLY A 33 -9.90 4.00 12.77
CA GLY A 33 -11.17 4.68 12.60
C GLY A 33 -11.13 6.16 13.03
N THR A 34 -10.57 6.44 14.21
CA THR A 34 -10.44 7.79 14.79
C THR A 34 -9.71 8.75 13.84
N VAL A 35 -8.60 8.32 13.21
CA VAL A 35 -7.81 9.12 12.28
C VAL A 35 -8.67 9.62 11.11
N MET A 36 -9.44 8.71 10.47
CA MET A 36 -10.34 9.06 9.38
C MET A 36 -11.53 9.91 9.87
N ARG A 37 -12.09 9.63 11.06
CA ARG A 37 -13.23 10.36 11.63
C ARG A 37 -12.86 11.84 11.86
N SER A 38 -11.69 12.09 12.46
CA SER A 38 -11.09 13.41 12.65
C SER A 38 -10.96 14.19 11.32
N LEU A 39 -10.55 13.51 10.23
CA LEU A 39 -10.44 14.08 8.90
C LEU A 39 -11.83 14.43 8.35
N GLY A 40 -12.68 13.41 8.12
CA GLY A 40 -14.10 13.57 7.83
C GLY A 40 -14.70 12.36 7.09
N GLN A 41 -14.35 11.13 7.49
CA GLN A 41 -14.90 9.88 6.98
C GLN A 41 -15.00 8.84 8.10
N ASN A 42 -16.07 8.03 8.11
CA ASN A 42 -16.36 7.05 9.14
C ASN A 42 -16.39 5.65 8.51
N PRO A 43 -15.22 4.99 8.35
CA PRO A 43 -15.11 3.65 7.78
C PRO A 43 -15.68 2.59 8.73
N THR A 44 -16.09 1.43 8.18
CA THR A 44 -16.72 0.32 8.88
C THR A 44 -15.67 -0.49 9.67
N GLU A 45 -15.94 -0.74 10.96
CA GLU A 45 -15.05 -1.45 11.88
C GLU A 45 -14.68 -2.87 11.41
N ALA A 46 -15.62 -3.60 10.79
CA ALA A 46 -15.39 -4.92 10.21
C ALA A 46 -14.29 -4.88 9.13
N GLU A 47 -14.38 -3.90 8.21
CA GLU A 47 -13.38 -3.72 7.17
C GLU A 47 -12.01 -3.34 7.76
N LEU A 48 -11.96 -2.35 8.65
CA LEU A 48 -10.73 -1.88 9.32
C LEU A 48 -9.84 -3.03 9.85
N GLN A 49 -10.44 -4.12 10.37
CA GLN A 49 -9.70 -5.29 10.81
C GLN A 49 -9.03 -5.99 9.63
N ASP A 50 -9.84 -6.48 8.67
CA ASP A 50 -9.40 -7.30 7.55
C ASP A 50 -8.36 -6.56 6.69
N MET A 51 -8.64 -5.31 6.29
CA MET A 51 -7.73 -4.35 5.64
C MET A 51 -6.28 -4.48 6.15
N ILE A 52 -6.10 -4.44 7.49
CA ILE A 52 -4.82 -4.59 8.16
C ILE A 52 -4.36 -6.06 8.13
N ASN A 53 -5.24 -6.98 8.54
CA ASN A 53 -4.97 -8.41 8.72
C ASN A 53 -4.67 -9.18 7.42
N GLU A 54 -4.86 -8.58 6.23
CA GLU A 54 -4.23 -8.99 4.97
C GLU A 54 -2.73 -9.25 5.18
N VAL A 55 -2.05 -8.27 5.81
CA VAL A 55 -0.60 -8.26 6.00
C VAL A 55 -0.30 -8.38 7.50
N ASP A 56 -0.63 -9.55 8.08
CA ASP A 56 -0.39 -9.90 9.47
C ASP A 56 -0.47 -11.42 9.61
N ALA A 57 0.69 -12.08 9.78
CA ALA A 57 0.80 -13.53 9.84
C ALA A 57 -0.05 -14.13 10.98
N ASP A 58 0.09 -13.59 12.19
CA ASP A 58 -0.69 -13.97 13.37
C ASP A 58 -2.15 -13.49 13.24
N GLY A 59 -2.33 -12.20 12.90
CA GLY A 59 -3.63 -11.56 12.68
C GLY A 59 -4.50 -11.54 13.93
N ASN A 60 -4.00 -10.93 15.02
CA ASN A 60 -4.73 -10.79 16.29
C ASN A 60 -5.90 -9.81 16.17
N GLY A 61 -5.65 -8.64 15.57
CA GLY A 61 -6.54 -7.49 15.46
C GLY A 61 -5.86 -6.19 15.89
N THR A 62 -4.52 -6.12 15.73
CA THR A 62 -3.64 -5.00 16.04
C THR A 62 -2.51 -4.96 15.00
N ILE A 63 -1.61 -3.98 15.12
CA ILE A 63 -0.38 -3.93 14.32
C ILE A 63 0.71 -3.27 15.17
N ASP A 64 1.57 -4.10 15.80
CA ASP A 64 2.65 -3.66 16.68
C ASP A 64 3.78 -2.97 15.88
N PHE A 65 4.77 -2.37 16.57
CA PHE A 65 5.86 -1.64 15.93
C PHE A 65 6.58 -2.46 14.85
N PRO A 66 7.03 -3.71 15.12
CA PRO A 66 7.66 -4.57 14.12
C PRO A 66 6.74 -4.86 12.93
N GLU A 67 5.46 -5.18 13.22
CA GLU A 67 4.44 -5.58 12.25
C GLU A 67 4.10 -4.47 11.24
N PHE A 68 4.07 -3.20 11.69
CA PHE A 68 3.81 -2.05 10.84
C PHE A 68 5.03 -1.75 9.96
N LEU A 69 6.22 -1.69 10.56
CA LEU A 69 7.53 -1.64 9.89
C LEU A 69 7.63 -2.68 8.75
N THR A 70 7.23 -3.92 9.04
CA THR A 70 7.17 -5.02 8.08
C THR A 70 6.17 -4.70 6.96
N MET A 71 4.89 -4.48 7.30
CA MET A 71 3.79 -4.18 6.37
C MET A 71 4.17 -3.11 5.34
N MET A 72 4.84 -2.03 5.78
CA MET A 72 5.34 -0.97 4.94
C MET A 72 6.47 -1.46 4.02
N ALA A 73 7.53 -2.06 4.59
CA ALA A 73 8.75 -2.47 3.88
C ALA A 73 8.74 -3.95 3.50
N ARG A 74 9.18 -4.85 4.40
CA ARG A 74 9.51 -6.24 4.09
C ARG A 74 8.29 -7.04 3.58
N LYS A 75 7.14 -6.92 4.26
CA LYS A 75 5.81 -7.39 3.86
C LYS A 75 5.50 -8.76 4.50
N MET A 76 4.52 -8.80 5.41
CA MET A 76 3.99 -9.99 6.09
C MET A 76 4.97 -10.50 7.17
N LYS A 77 4.48 -10.72 8.41
CA LYS A 77 5.30 -11.02 9.58
C LYS A 77 5.81 -12.47 9.56
N ASP A 78 6.96 -12.70 8.89
CA ASP A 78 7.61 -14.01 8.77
C ASP A 78 9.14 -13.83 8.86
N THR A 79 9.91 -14.89 8.52
CA THR A 79 11.37 -14.86 8.51
C THR A 79 11.87 -14.15 7.24
N ASP A 80 11.78 -14.82 6.08
CA ASP A 80 12.25 -14.33 4.80
C ASP A 80 11.15 -13.46 4.14
N SER A 81 10.72 -12.42 4.85
CA SER A 81 9.60 -11.55 4.50
C SER A 81 9.89 -10.71 3.25
N GLU A 82 11.07 -10.09 3.17
CA GLU A 82 11.53 -9.29 2.03
C GLU A 82 11.52 -10.08 0.71
N GLU A 83 11.76 -11.40 0.77
CA GLU A 83 11.74 -12.30 -0.38
C GLU A 83 10.32 -12.54 -0.92
N GLU A 84 9.27 -12.37 -0.09
CA GLU A 84 7.87 -12.42 -0.51
C GLU A 84 7.52 -11.28 -1.47
N ILE A 85 7.98 -10.05 -1.17
CA ILE A 85 7.93 -8.92 -2.11
C ILE A 85 8.68 -9.28 -3.38
N ARG A 86 9.98 -9.65 -3.29
CA ARG A 86 10.84 -9.87 -4.45
C ARG A 86 10.27 -10.95 -5.40
N GLU A 87 9.67 -12.02 -4.85
CA GLU A 87 8.96 -13.04 -5.62
C GLU A 87 7.76 -12.45 -6.38
N ALA A 88 6.92 -11.66 -5.69
CA ALA A 88 5.78 -10.95 -6.28
C ALA A 88 6.18 -9.77 -7.20
N PHE A 89 7.41 -9.25 -7.07
CA PHE A 89 7.92 -8.06 -7.74
C PHE A 89 8.06 -8.32 -9.25
N ARG A 90 8.68 -9.45 -9.61
CA ARG A 90 8.90 -9.90 -10.98
C ARG A 90 7.61 -10.25 -11.72
N VAL A 91 6.56 -10.70 -11.01
CA VAL A 91 5.22 -10.95 -11.56
C VAL A 91 4.66 -9.66 -12.20
N PHE A 92 4.83 -8.52 -11.51
CA PHE A 92 4.45 -7.19 -11.98
C PHE A 92 5.48 -6.68 -13.02
N ASP A 93 6.78 -6.81 -12.70
CA ASP A 93 7.92 -6.26 -13.43
C ASP A 93 8.54 -7.33 -14.31
N LYS A 94 8.23 -7.34 -15.62
CA LYS A 94 8.74 -8.31 -16.60
C LYS A 94 10.28 -8.45 -16.54
N ASP A 95 10.98 -7.33 -16.36
CA ASP A 95 12.43 -7.25 -16.13
C ASP A 95 12.79 -7.86 -14.77
N GLY A 96 12.26 -7.28 -13.66
CA GLY A 96 12.57 -7.66 -12.29
C GLY A 96 13.96 -7.12 -11.90
N ASN A 97 14.09 -5.79 -11.80
CA ASN A 97 15.37 -5.10 -11.73
C ASN A 97 15.30 -3.80 -10.89
N GLY A 98 14.44 -3.75 -9.86
CA GLY A 98 14.25 -2.55 -9.04
C GLY A 98 13.30 -1.54 -9.69
N TYR A 99 13.48 -1.25 -11.00
CA TYR A 99 12.68 -0.32 -11.78
C TYR A 99 11.52 -1.06 -12.45
N ILE A 100 10.27 -0.71 -12.08
CA ILE A 100 9.06 -1.16 -12.76
C ILE A 100 8.56 0.00 -13.65
N SER A 101 8.65 -0.15 -14.98
CA SER A 101 8.18 0.86 -15.93
C SER A 101 6.66 0.92 -15.99
N ALA A 102 6.11 2.05 -16.44
CA ALA A 102 4.68 2.29 -16.63
C ALA A 102 4.02 1.21 -17.51
N ALA A 103 4.70 0.79 -18.58
CA ALA A 103 4.28 -0.27 -19.49
C ALA A 103 4.11 -1.61 -18.74
N GLU A 104 5.17 -2.06 -18.04
CA GLU A 104 5.16 -3.30 -17.27
C GLU A 104 4.06 -3.33 -16.21
N LEU A 105 3.88 -2.20 -15.48
CA LEU A 105 2.83 -2.02 -14.49
C LEU A 105 1.42 -2.03 -15.12
N ARG A 106 1.28 -1.55 -16.37
CA ARG A 106 0.06 -1.60 -17.16
C ARG A 106 -0.28 -3.05 -17.58
N HIS A 107 0.72 -3.82 -18.04
CA HIS A 107 0.56 -5.19 -18.52
C HIS A 107 -0.09 -6.10 -17.47
N VAL A 108 0.47 -6.14 -16.25
CA VAL A 108 -0.03 -6.96 -15.14
C VAL A 108 -1.52 -6.71 -14.84
N MET A 109 -2.01 -5.47 -14.97
CA MET A 109 -3.43 -5.13 -14.84
C MET A 109 -4.22 -5.64 -16.05
N THR A 110 -3.75 -5.37 -17.27
CA THR A 110 -4.36 -5.79 -18.54
C THR A 110 -4.61 -7.31 -18.60
N ASN A 111 -3.75 -8.13 -17.97
CA ASN A 111 -3.96 -9.58 -17.84
C ASN A 111 -5.30 -9.92 -17.16
N LEU A 112 -5.60 -9.27 -16.02
CA LEU A 112 -6.83 -9.48 -15.25
C LEU A 112 -7.99 -8.72 -15.90
N GLY A 113 -7.90 -7.38 -15.93
CA GLY A 113 -8.95 -6.46 -16.36
C GLY A 113 -9.22 -6.54 -17.88
N GLU A 114 -8.18 -6.27 -18.69
CA GLU A 114 -8.20 -6.29 -20.15
C GLU A 114 -8.85 -5.02 -20.72
N LYS A 115 -8.04 -4.14 -21.33
CA LYS A 115 -8.44 -2.91 -22.01
C LYS A 115 -8.96 -1.88 -20.99
N LEU A 116 -8.03 -1.17 -20.32
CA LEU A 116 -8.31 -0.08 -19.39
C LEU A 116 -7.33 1.08 -19.62
N THR A 117 -7.77 2.31 -19.35
CA THR A 117 -6.95 3.52 -19.44
C THR A 117 -5.91 3.54 -18.31
N ASP A 118 -4.63 3.56 -18.68
CA ASP A 118 -3.48 3.58 -17.76
C ASP A 118 -3.01 5.00 -17.39
N GLU A 119 -3.78 6.05 -17.73
CA GLU A 119 -3.54 7.43 -17.31
C GLU A 119 -3.61 7.56 -15.78
N GLU A 120 -4.52 6.82 -15.14
CA GLU A 120 -4.60 6.67 -13.69
C GLU A 120 -3.27 6.13 -13.15
N VAL A 121 -2.84 4.94 -13.62
CA VAL A 121 -1.60 4.27 -13.22
C VAL A 121 -0.41 5.25 -13.24
N ASP A 122 -0.26 6.01 -14.33
CA ASP A 122 0.75 7.06 -14.47
C ASP A 122 0.64 8.12 -13.37
N GLU A 123 -0.58 8.61 -13.05
CA GLU A 123 -0.81 9.54 -11.95
C GLU A 123 -0.37 8.97 -10.60
N MET A 124 -0.75 7.73 -10.26
CA MET A 124 -0.36 7.10 -8.99
C MET A 124 1.17 6.95 -8.84
N ILE A 125 1.88 6.65 -9.94
CA ILE A 125 3.35 6.71 -9.99
C ILE A 125 3.80 8.14 -9.66
N ARG A 126 3.31 9.15 -10.40
CA ARG A 126 3.66 10.56 -10.28
C ARG A 126 3.38 11.17 -8.89
N GLU A 127 2.42 10.62 -8.12
CA GLU A 127 2.19 10.96 -6.71
C GLU A 127 3.47 10.79 -5.86
N ALA A 128 4.28 9.75 -6.13
CA ALA A 128 5.53 9.49 -5.43
C ALA A 128 6.56 8.82 -6.36
N ASP A 129 6.97 9.54 -7.42
CA ASP A 129 8.09 9.21 -8.29
C ASP A 129 9.14 10.30 -8.11
N ILE A 130 10.08 10.08 -7.18
CA ILE A 130 11.11 11.03 -6.76
C ILE A 130 12.03 11.39 -7.93
N ASP A 131 12.70 10.38 -8.52
CA ASP A 131 13.64 10.55 -9.63
C ASP A 131 12.94 11.14 -10.87
N GLY A 132 11.87 10.48 -11.35
CA GLY A 132 11.09 10.91 -12.50
C GLY A 132 11.77 10.50 -13.80
N ASP A 133 11.53 9.25 -14.25
CA ASP A 133 12.02 8.70 -15.51
C ASP A 133 11.13 7.53 -15.98
N GLY A 134 9.80 7.72 -15.92
CA GLY A 134 8.77 6.75 -16.29
C GLY A 134 8.94 5.37 -15.63
N GLN A 135 9.48 5.31 -14.41
CA GLN A 135 9.85 4.08 -13.72
C GLN A 135 9.69 4.25 -12.20
N VAL A 136 9.64 3.10 -11.50
CA VAL A 136 9.41 3.00 -10.05
C VAL A 136 10.59 2.25 -9.43
N ASN A 137 11.63 2.98 -8.98
CA ASN A 137 12.77 2.45 -8.24
C ASN A 137 12.34 1.79 -6.90
N TYR A 138 13.25 1.08 -6.24
CA TYR A 138 13.08 0.57 -4.88
C TYR A 138 12.62 1.66 -3.89
N GLU A 139 13.30 2.83 -3.92
CA GLU A 139 12.98 4.01 -3.11
C GLU A 139 11.70 4.75 -3.58
N GLU A 140 10.89 4.14 -4.46
CA GLU A 140 9.61 4.66 -4.95
C GLU A 140 8.50 3.61 -4.76
N PHE A 141 8.78 2.32 -5.01
CA PHE A 141 7.85 1.21 -4.81
C PHE A 141 7.41 1.14 -3.34
N VAL A 142 8.37 1.25 -2.42
CA VAL A 142 8.17 1.34 -0.99
C VAL A 142 7.47 2.66 -0.65
N GLN A 143 8.06 3.80 -1.06
CA GLN A 143 7.60 5.16 -0.74
C GLN A 143 6.14 5.44 -1.16
N MET A 144 5.67 4.84 -2.26
CA MET A 144 4.29 4.87 -2.71
C MET A 144 3.36 4.35 -1.62
N MET A 145 3.56 3.09 -1.18
CA MET A 145 2.81 2.45 -0.11
C MET A 145 3.15 3.00 1.29
N THR A 146 4.30 3.69 1.44
CA THR A 146 4.81 4.25 2.69
C THR A 146 5.08 5.74 2.46
N ALA A 147 4.01 6.51 2.22
CA ALA A 147 4.07 7.95 1.96
C ALA A 147 3.75 8.71 3.26
N LYS A 148 4.74 8.74 4.17
CA LYS A 148 4.63 9.32 5.50
C LYS A 148 4.45 10.84 5.45
N GLY B 1 -2.43 -24.98 -14.27
CA GLY B 1 -3.28 -26.11 -13.87
C GLY B 1 -3.99 -25.84 -12.54
N SER B 2 -3.44 -26.36 -11.43
CA SER B 2 -3.95 -26.22 -10.07
C SER B 2 -3.37 -24.95 -9.45
N HIS B 3 -4.22 -23.93 -9.21
CA HIS B 3 -3.86 -22.62 -8.67
C HIS B 3 -4.80 -22.22 -7.52
N LYS B 4 -4.35 -21.28 -6.68
CA LYS B 4 -5.04 -20.84 -5.48
C LYS B 4 -4.64 -19.40 -5.11
N LYS B 5 -5.45 -18.76 -4.25
CA LYS B 5 -5.25 -17.39 -3.78
C LYS B 5 -4.07 -17.29 -2.82
N THR B 6 -3.23 -16.25 -3.00
CA THR B 6 -2.01 -15.99 -2.23
C THR B 6 -1.83 -14.47 -2.01
N ASP B 7 -0.64 -14.09 -1.51
CA ASP B 7 -0.16 -12.71 -1.42
C ASP B 7 -0.26 -11.97 -2.77
N SER B 8 -0.09 -12.69 -3.90
CA SER B 8 -0.27 -12.18 -5.26
C SER B 8 -1.65 -11.54 -5.42
N GLU B 9 -2.72 -12.32 -5.23
CA GLU B 9 -4.10 -11.87 -5.36
C GLU B 9 -4.42 -10.70 -4.41
N VAL B 10 -3.88 -10.69 -3.18
CA VAL B 10 -4.02 -9.60 -2.23
C VAL B 10 -3.55 -8.27 -2.85
N GLN B 11 -2.29 -8.23 -3.35
CA GLN B 11 -1.69 -7.01 -3.91
C GLN B 11 -2.21 -6.65 -5.32
N LEU B 12 -2.69 -7.63 -6.11
CA LEU B 12 -3.37 -7.39 -7.38
C LEU B 12 -4.72 -6.70 -7.16
N GLU B 13 -5.55 -7.23 -6.26
CA GLU B 13 -6.81 -6.60 -5.81
C GLU B 13 -6.57 -5.20 -5.22
N MET B 14 -5.45 -5.00 -4.50
CA MET B 14 -5.04 -3.69 -4.00
C MET B 14 -4.78 -2.73 -5.16
N ILE B 15 -3.90 -3.10 -6.11
CA ILE B 15 -3.48 -2.23 -7.21
C ILE B 15 -4.64 -1.86 -8.16
N THR B 16 -5.63 -2.75 -8.30
CA THR B 16 -6.90 -2.48 -8.98
C THR B 16 -7.66 -1.35 -8.25
N ALA B 17 -7.84 -1.51 -6.93
CA ALA B 17 -8.46 -0.52 -6.04
C ALA B 17 -7.63 0.77 -5.89
N TRP B 18 -6.32 0.71 -6.13
CA TRP B 18 -5.39 1.84 -6.11
C TRP B 18 -5.63 2.75 -7.32
N LYS B 19 -5.92 2.14 -8.48
CA LYS B 19 -6.43 2.82 -9.67
C LYS B 19 -7.81 3.43 -9.41
N LYS B 20 -8.68 2.68 -8.70
CA LYS B 20 -10.03 3.08 -8.35
C LYS B 20 -10.06 4.36 -7.50
N PHE B 21 -9.06 4.60 -6.62
CA PHE B 21 -9.01 5.82 -5.81
C PHE B 21 -8.94 7.07 -6.69
N VAL B 22 -8.09 7.04 -7.74
CA VAL B 22 -7.95 8.13 -8.70
C VAL B 22 -9.28 8.39 -9.43
N GLU B 23 -10.01 7.33 -9.81
CA GLU B 23 -11.36 7.45 -10.38
C GLU B 23 -12.29 8.20 -9.41
N GLU B 24 -12.35 7.81 -8.14
CA GLU B 24 -13.24 8.42 -7.15
C GLU B 24 -12.99 9.93 -7.02
N LYS B 25 -11.73 10.37 -6.81
CA LYS B 25 -11.39 11.79 -6.70
C LYS B 25 -11.50 12.56 -8.03
N LYS B 26 -11.33 11.88 -9.17
CA LYS B 26 -11.22 12.48 -10.50
C LYS B 26 -11.68 11.46 -11.55
N LYS B 27 -12.99 11.45 -11.87
CA LYS B 27 -13.61 10.57 -12.85
C LYS B 27 -13.84 11.34 -14.15
N LYS B 28 -12.77 11.92 -14.71
CA LYS B 28 -12.80 12.82 -15.86
C LYS B 28 -12.93 12.01 -17.16
N GLY C 1 1.76 25.82 -11.06
CA GLY C 1 2.08 26.93 -10.14
C GLY C 1 1.87 26.54 -8.68
N SER C 2 0.65 26.75 -8.17
CA SER C 2 0.25 26.47 -6.78
C SER C 2 -0.06 24.98 -6.61
N HIS C 3 0.98 24.14 -6.69
CA HIS C 3 0.91 22.69 -6.53
C HIS C 3 1.28 22.33 -5.09
N LYS C 4 0.26 22.04 -4.27
CA LYS C 4 0.38 21.56 -2.90
C LYS C 4 -0.26 20.15 -2.81
N LYS C 5 0.57 19.14 -2.56
CA LYS C 5 0.20 17.72 -2.51
C LYS C 5 0.97 17.07 -1.37
N THR C 6 0.29 16.73 -0.26
CA THR C 6 0.90 16.09 0.90
C THR C 6 1.06 14.58 0.66
N ASP C 7 2.08 13.98 1.31
CA ASP C 7 2.33 12.55 1.33
C ASP C 7 1.23 11.79 2.09
N SER C 8 0.69 12.39 3.17
CA SER C 8 -0.40 11.86 3.99
C SER C 8 -1.57 11.36 3.13
N GLU C 9 -2.06 12.21 2.21
CA GLU C 9 -3.14 11.90 1.27
C GLU C 9 -2.89 10.59 0.51
N VAL C 10 -1.69 10.40 -0.05
CA VAL C 10 -1.33 9.25 -0.88
C VAL C 10 -1.48 7.94 -0.09
N GLN C 11 -0.85 7.85 1.09
CA GLN C 11 -0.90 6.68 1.97
C GLN C 11 -2.35 6.40 2.41
N LEU C 12 -3.06 7.42 2.89
CA LEU C 12 -4.46 7.34 3.32
C LEU C 12 -5.38 6.79 2.20
N GLU C 13 -5.19 7.23 0.94
CA GLU C 13 -5.89 6.73 -0.24
C GLU C 13 -5.51 5.28 -0.61
N MET C 14 -4.33 4.80 -0.20
CA MET C 14 -3.93 3.39 -0.31
C MET C 14 -4.64 2.53 0.76
N ILE C 15 -4.92 3.09 1.94
CA ILE C 15 -5.76 2.44 2.95
C ILE C 15 -7.22 2.38 2.47
N THR C 16 -7.72 3.44 1.82
CA THR C 16 -9.02 3.43 1.13
C THR C 16 -9.06 2.31 0.08
N ALA C 17 -7.97 2.09 -0.67
CA ALA C 17 -7.84 1.02 -1.65
C ALA C 17 -7.97 -0.38 -1.03
N TRP C 18 -7.40 -0.62 0.17
CA TRP C 18 -7.61 -1.86 0.92
C TRP C 18 -9.10 -2.10 1.23
N LYS C 19 -9.81 -1.07 1.71
CA LYS C 19 -11.24 -1.15 2.04
C LYS C 19 -12.09 -1.64 0.86
N LYS C 20 -11.83 -1.13 -0.35
CA LYS C 20 -12.48 -1.56 -1.59
C LYS C 20 -12.22 -3.04 -1.90
N PHE C 21 -10.99 -3.55 -1.67
CA PHE C 21 -10.68 -4.98 -1.79
C PHE C 21 -11.56 -5.81 -0.84
N VAL C 22 -11.62 -5.43 0.45
CA VAL C 22 -12.46 -6.13 1.44
C VAL C 22 -13.94 -6.13 1.02
N GLU C 23 -14.47 -4.98 0.59
CA GLU C 23 -15.82 -4.81 0.05
C GLU C 23 -16.10 -5.82 -1.07
N GLU C 24 -15.25 -5.83 -2.12
CA GLU C 24 -15.37 -6.69 -3.30
C GLU C 24 -15.44 -8.17 -2.90
N LYS C 25 -14.47 -8.65 -2.10
CA LYS C 25 -14.39 -10.04 -1.65
C LYS C 25 -15.50 -10.44 -0.66
N LYS C 26 -16.16 -9.47 0.02
CA LYS C 26 -17.23 -9.73 1.00
C LYS C 26 -18.33 -10.63 0.43
N LYS C 27 -18.89 -10.27 -0.75
CA LYS C 27 -19.85 -11.10 -1.46
C LYS C 27 -19.18 -12.41 -1.92
N LYS C 28 -19.77 -13.56 -1.59
CA LYS C 28 -19.28 -14.88 -1.93
C LYS C 28 -20.47 -15.85 -1.94
CA CA D . -1.25 4.36 19.57
CA CA E . -1.35 -8.36 15.52
CA CA F . 11.66 -0.83 -15.95
CA CA G . 12.66 5.68 -10.74
N ALA A 1 20.25 -8.23 4.89
CA ALA A 1 19.78 -6.87 5.27
C ALA A 1 20.95 -5.91 5.49
N ASP A 2 20.83 -4.68 4.96
CA ASP A 2 21.82 -3.61 5.03
C ASP A 2 21.14 -2.26 4.83
N GLN A 3 21.65 -1.22 5.51
CA GLN A 3 21.21 0.18 5.38
C GLN A 3 22.44 1.09 5.35
N LEU A 4 22.43 2.10 4.46
CA LEU A 4 23.53 3.03 4.24
C LEU A 4 23.68 4.02 5.40
N THR A 5 22.57 4.66 5.80
CA THR A 5 22.54 5.72 6.82
C THR A 5 21.25 5.61 7.67
N GLU A 6 21.25 6.31 8.81
CA GLU A 6 20.16 6.39 9.78
C GLU A 6 18.91 7.09 9.24
N GLU A 7 19.03 7.90 8.16
CA GLU A 7 17.94 8.64 7.53
C GLU A 7 16.72 7.75 7.22
N GLN A 8 16.96 6.55 6.65
CA GLN A 8 15.93 5.55 6.35
C GLN A 8 15.25 5.04 7.64
N ILE A 9 16.03 4.74 8.69
CA ILE A 9 15.51 4.30 9.99
C ILE A 9 14.55 5.36 10.57
N ALA A 10 14.97 6.64 10.53
CA ALA A 10 14.18 7.79 10.97
C ALA A 10 12.88 7.97 10.16
N GLU A 11 12.92 7.71 8.84
CA GLU A 11 11.77 7.77 7.95
C GLU A 11 10.67 6.80 8.43
N PHE A 12 11.03 5.52 8.63
CA PHE A 12 10.13 4.50 9.15
C PHE A 12 9.66 4.78 10.59
N LYS A 13 10.52 5.34 11.45
CA LYS A 13 10.15 5.76 12.80
C LYS A 13 8.99 6.78 12.75
N GLU A 14 9.17 7.84 11.92
CA GLU A 14 8.18 8.87 11.63
C GLU A 14 6.87 8.27 11.08
N ALA A 15 6.98 7.31 10.14
CA ALA A 15 5.84 6.65 9.51
C ALA A 15 4.88 6.04 10.55
N PHE A 16 5.43 5.37 11.58
CA PHE A 16 4.67 4.85 12.72
C PHE A 16 4.13 5.98 13.60
N SER A 17 4.99 6.94 13.97
CA SER A 17 4.72 7.99 14.95
C SER A 17 3.40 8.76 14.67
N LEU A 18 3.22 9.27 13.44
CA LEU A 18 2.04 10.06 13.06
C LEU A 18 0.73 9.25 13.11
N PHE A 19 0.76 7.95 12.81
CA PHE A 19 -0.37 7.04 12.99
C PHE A 19 -0.63 6.79 14.49
N ASP A 20 0.40 6.33 15.22
CA ASP A 20 0.38 6.06 16.64
C ASP A 20 0.62 7.37 17.41
N LYS A 21 -0.35 8.28 17.37
CA LYS A 21 -0.39 9.51 18.17
C LYS A 21 -0.29 9.19 19.67
N ASP A 22 -0.99 8.15 20.11
CA ASP A 22 -1.08 7.68 21.49
C ASP A 22 0.30 7.51 22.15
N GLY A 23 1.22 6.80 21.48
CA GLY A 23 2.60 6.61 21.91
C GLY A 23 2.89 5.16 22.32
N ASP A 24 2.01 4.55 23.12
CA ASP A 24 2.14 3.19 23.66
C ASP A 24 2.59 2.14 22.63
N GLY A 25 2.07 2.22 21.39
CA GLY A 25 2.52 1.44 20.25
C GLY A 25 1.49 0.38 19.86
N THR A 26 0.36 0.82 19.29
CA THR A 26 -0.65 -0.02 18.64
C THR A 26 -1.36 0.83 17.56
N ILE A 27 -1.72 0.19 16.44
CA ILE A 27 -2.57 0.75 15.38
C ILE A 27 -3.65 -0.30 15.10
N THR A 28 -4.70 -0.30 15.93
CA THR A 28 -5.86 -1.18 15.82
C THR A 28 -6.91 -0.62 14.84
N THR A 29 -8.00 -1.37 14.65
CA THR A 29 -9.13 -1.03 13.77
C THR A 29 -9.75 0.31 14.18
N LYS A 30 -10.16 0.43 15.46
CA LYS A 30 -10.71 1.64 16.07
C LYS A 30 -9.85 2.88 15.79
N GLU A 31 -8.53 2.80 16.09
CA GLU A 31 -7.59 3.89 15.91
C GLU A 31 -7.53 4.35 14.46
N LEU A 32 -7.38 3.40 13.51
CA LEU A 32 -7.40 3.65 12.07
C LEU A 32 -8.69 4.39 11.67
N GLY A 33 -9.85 3.85 12.11
CA GLY A 33 -11.16 4.47 11.97
C GLY A 33 -11.15 5.95 12.34
N THR A 34 -10.63 6.28 13.55
CA THR A 34 -10.49 7.63 14.08
C THR A 34 -9.62 8.52 13.16
N VAL A 35 -8.47 8.04 12.67
CA VAL A 35 -7.57 8.78 11.78
C VAL A 35 -8.35 9.30 10.56
N MET A 36 -9.05 8.40 9.87
CA MET A 36 -9.89 8.71 8.72
C MET A 36 -11.06 9.63 9.08
N ARG A 37 -11.77 9.36 10.19
CA ARG A 37 -12.97 10.09 10.61
C ARG A 37 -12.67 11.58 10.84
N SER A 38 -11.63 11.87 11.63
CA SER A 38 -11.08 13.20 11.90
C SER A 38 -10.90 14.03 10.62
N LEU A 39 -10.33 13.42 9.57
CA LEU A 39 -10.06 14.04 8.28
C LEU A 39 -11.38 14.19 7.49
N GLY A 40 -12.03 13.06 7.13
CA GLY A 40 -13.39 13.05 6.60
C GLY A 40 -13.71 11.77 5.81
N GLN A 41 -13.54 10.58 6.42
CA GLN A 41 -13.98 9.28 5.90
C GLN A 41 -14.28 8.34 7.08
N ASN A 42 -15.44 7.67 7.07
CA ASN A 42 -15.86 6.73 8.12
C ASN A 42 -15.87 5.29 7.56
N PRO A 43 -14.77 4.52 7.69
CA PRO A 43 -14.73 3.12 7.29
C PRO A 43 -15.45 2.21 8.31
N THR A 44 -15.92 1.05 7.85
CA THR A 44 -16.62 0.04 8.64
C THR A 44 -15.60 -0.88 9.35
N GLU A 45 -15.95 -1.36 10.55
CA GLU A 45 -15.09 -2.16 11.42
C GLU A 45 -14.89 -3.59 10.89
N ALA A 46 -15.97 -4.21 10.36
CA ALA A 46 -15.94 -5.50 9.65
C ALA A 46 -14.88 -5.50 8.54
N GLU A 47 -14.89 -4.45 7.69
CA GLU A 47 -13.89 -4.22 6.65
C GLU A 47 -12.49 -4.08 7.26
N LEU A 48 -12.31 -3.13 8.22
CA LEU A 48 -11.04 -2.80 8.87
C LEU A 48 -10.23 -4.03 9.32
N GLN A 49 -10.88 -5.05 9.92
CA GLN A 49 -10.22 -6.27 10.37
C GLN A 49 -9.43 -6.92 9.21
N ASP A 50 -10.12 -7.26 8.11
CA ASP A 50 -9.53 -7.85 6.91
C ASP A 50 -8.43 -6.97 6.31
N MET A 51 -8.74 -5.68 6.04
CA MET A 51 -7.87 -4.68 5.42
C MET A 51 -6.42 -4.77 5.92
N ILE A 52 -6.25 -4.75 7.25
CA ILE A 52 -4.96 -4.75 7.94
C ILE A 52 -4.43 -6.19 8.09
N ASN A 53 -5.27 -7.13 8.55
CA ASN A 53 -4.91 -8.51 8.86
C ASN A 53 -4.25 -9.28 7.69
N GLU A 54 -4.62 -8.97 6.44
CA GLU A 54 -4.03 -9.57 5.23
C GLU A 54 -2.51 -9.39 5.09
N VAL A 55 -1.87 -8.52 5.90
CA VAL A 55 -0.42 -8.38 6.01
C VAL A 55 0.10 -8.76 7.41
N ASP A 56 -0.75 -8.74 8.45
CA ASP A 56 -0.38 -9.16 9.80
C ASP A 56 -0.06 -10.66 9.81
N ALA A 57 1.22 -11.01 10.09
CA ALA A 57 1.73 -12.37 10.08
C ALA A 57 0.98 -13.27 11.09
N ASP A 58 1.00 -12.87 12.37
CA ASP A 58 0.36 -13.60 13.47
C ASP A 58 -1.18 -13.43 13.45
N GLY A 59 -1.66 -12.20 13.21
CA GLY A 59 -3.07 -11.89 13.09
C GLY A 59 -3.82 -11.92 14.43
N ASN A 60 -3.37 -11.12 15.42
CA ASN A 60 -4.11 -10.89 16.67
C ASN A 60 -5.14 -9.76 16.46
N GLY A 61 -4.68 -8.59 16.00
CA GLY A 61 -5.50 -7.44 15.62
C GLY A 61 -5.05 -6.11 16.26
N THR A 62 -3.76 -5.98 16.62
CA THR A 62 -3.13 -4.72 17.05
C THR A 62 -1.74 -4.64 16.42
N ILE A 63 -1.53 -3.67 15.53
CA ILE A 63 -0.29 -3.48 14.78
C ILE A 63 0.64 -2.57 15.60
N ASP A 64 1.51 -3.20 16.41
CA ASP A 64 2.54 -2.57 17.22
C ASP A 64 3.67 -1.98 16.34
N PHE A 65 4.76 -1.50 16.97
CA PHE A 65 5.91 -0.92 16.28
C PHE A 65 6.55 -1.93 15.31
N PRO A 66 6.95 -3.14 15.76
CA PRO A 66 7.49 -4.20 14.90
C PRO A 66 6.55 -4.58 13.76
N GLU A 67 5.25 -4.68 14.06
CA GLU A 67 4.20 -5.09 13.13
C GLU A 67 4.02 -4.07 11.98
N PHE A 68 4.05 -2.77 12.29
CA PHE A 68 3.95 -1.70 11.30
C PHE A 68 5.21 -1.63 10.43
N LEU A 69 6.40 -1.71 11.04
CA LEU A 69 7.69 -1.81 10.34
C LEU A 69 7.67 -2.96 9.32
N THR A 70 7.13 -4.13 9.71
CA THR A 70 6.89 -5.25 8.81
C THR A 70 5.97 -4.84 7.65
N MET A 71 4.78 -4.29 7.97
CA MET A 71 3.76 -3.89 7.00
C MET A 71 4.29 -2.96 5.91
N MET A 72 5.03 -1.91 6.32
CA MET A 72 5.58 -0.86 5.48
C MET A 72 6.78 -1.36 4.66
N ALA A 73 7.83 -1.84 5.33
CA ALA A 73 9.09 -2.21 4.71
C ALA A 73 8.98 -3.56 3.99
N ARG A 74 8.76 -4.65 4.75
CA ARG A 74 8.81 -6.01 4.25
C ARG A 74 7.55 -6.39 3.44
N LYS A 75 6.38 -6.48 4.10
CA LYS A 75 5.04 -6.55 3.51
C LYS A 75 4.66 -7.96 3.01
N MET A 76 3.36 -8.30 3.14
CA MET A 76 2.75 -9.63 3.00
C MET A 76 2.88 -10.41 4.31
N LYS A 77 1.82 -11.14 4.71
CA LYS A 77 1.75 -11.97 5.92
C LYS A 77 2.73 -13.16 5.84
N ASP A 78 3.92 -12.99 6.44
CA ASP A 78 4.99 -14.00 6.51
C ASP A 78 6.03 -13.58 7.57
N THR A 79 6.97 -14.48 7.89
CA THR A 79 8.12 -14.19 8.75
C THR A 79 9.17 -13.39 7.95
N ASP A 80 9.74 -14.00 6.91
CA ASP A 80 10.74 -13.40 6.01
C ASP A 80 10.03 -12.66 4.86
N SER A 81 9.19 -11.67 5.23
CA SER A 81 8.31 -10.94 4.33
C SER A 81 9.02 -10.08 3.27
N GLU A 82 10.31 -9.73 3.49
CA GLU A 82 11.10 -8.93 2.55
C GLU A 82 11.30 -9.67 1.22
N GLU A 83 11.70 -10.95 1.28
CA GLU A 83 11.84 -11.82 0.11
C GLU A 83 10.50 -12.07 -0.59
N GLU A 84 9.39 -12.20 0.16
CA GLU A 84 8.07 -12.48 -0.38
C GLU A 84 7.61 -11.43 -1.40
N ILE A 85 7.95 -10.15 -1.20
CA ILE A 85 7.71 -9.09 -2.18
C ILE A 85 8.57 -9.29 -3.43
N ARG A 86 9.86 -9.62 -3.30
CA ARG A 86 10.72 -9.94 -4.43
C ARG A 86 10.22 -11.15 -5.25
N GLU A 87 9.58 -12.13 -4.60
CA GLU A 87 8.96 -13.29 -5.27
C GLU A 87 7.68 -12.86 -6.01
N ALA A 88 6.75 -12.18 -5.32
CA ALA A 88 5.49 -11.70 -5.90
C ALA A 88 5.72 -10.73 -7.06
N PHE A 89 6.79 -9.92 -6.99
CA PHE A 89 7.31 -9.09 -8.07
C PHE A 89 7.68 -9.95 -9.29
N ARG A 90 8.42 -11.06 -9.08
CA ARG A 90 8.81 -12.02 -10.11
C ARG A 90 7.59 -12.69 -10.78
N VAL A 91 6.55 -13.03 -10.00
CA VAL A 91 5.30 -13.60 -10.51
C VAL A 91 4.54 -12.56 -11.35
N PHE A 92 4.17 -11.43 -10.74
CA PHE A 92 3.32 -10.39 -11.31
C PHE A 92 4.04 -9.71 -12.50
N ASP A 93 5.07 -8.91 -12.22
CA ASP A 93 5.92 -8.27 -13.23
C ASP A 93 6.94 -9.27 -13.80
N LYS A 94 7.40 -9.01 -15.02
CA LYS A 94 8.25 -9.90 -15.81
C LYS A 94 9.75 -9.82 -15.44
N ASP A 95 10.18 -8.76 -14.73
CA ASP A 95 11.60 -8.42 -14.55
C ASP A 95 11.89 -7.94 -13.10
N GLY A 96 11.42 -8.71 -12.11
CA GLY A 96 11.65 -8.44 -10.68
C GLY A 96 11.05 -7.13 -10.15
N ASN A 97 10.21 -6.44 -10.95
CA ASN A 97 9.48 -5.23 -10.60
C ASN A 97 10.38 -4.16 -9.96
N GLY A 98 11.54 -3.90 -10.57
CA GLY A 98 12.56 -3.00 -10.04
C GLY A 98 12.27 -1.55 -10.41
N TYR A 99 12.42 -1.22 -11.71
CA TYR A 99 12.13 0.08 -12.30
C TYR A 99 10.84 -0.07 -13.10
N ILE A 100 9.69 0.18 -12.45
CA ILE A 100 8.36 -0.13 -12.96
C ILE A 100 7.79 1.12 -13.66
N SER A 101 7.85 1.16 -15.00
CA SER A 101 7.19 2.20 -15.79
C SER A 101 5.65 2.03 -15.78
N ALA A 102 4.94 3.08 -16.18
CA ALA A 102 3.49 3.07 -16.41
C ALA A 102 3.09 1.98 -17.42
N ALA A 103 3.85 1.80 -18.49
CA ALA A 103 3.68 0.76 -19.51
C ALA A 103 3.73 -0.65 -18.89
N GLU A 104 4.76 -0.92 -18.07
CA GLU A 104 4.98 -2.20 -17.38
C GLU A 104 3.80 -2.53 -16.44
N LEU A 105 3.32 -1.56 -15.65
CA LEU A 105 2.15 -1.71 -14.77
C LEU A 105 0.88 -1.99 -15.58
N ARG A 106 0.66 -1.25 -16.69
CA ARG A 106 -0.52 -1.42 -17.55
C ARG A 106 -0.54 -2.81 -18.21
N HIS A 107 0.61 -3.30 -18.67
CA HIS A 107 0.76 -4.57 -19.38
C HIS A 107 0.17 -5.74 -18.57
N VAL A 108 0.58 -5.87 -17.30
CA VAL A 108 0.13 -6.94 -16.40
C VAL A 108 -1.36 -6.79 -15.99
N MET A 109 -1.84 -5.56 -15.78
CA MET A 109 -3.27 -5.27 -15.55
C MET A 109 -4.12 -5.77 -16.72
N THR A 110 -3.75 -5.38 -17.94
CA THR A 110 -4.37 -5.80 -19.20
C THR A 110 -4.30 -7.33 -19.40
N ASN A 111 -3.14 -7.94 -19.12
CA ASN A 111 -2.88 -9.38 -19.30
C ASN A 111 -3.95 -10.25 -18.62
N LEU A 112 -4.37 -9.89 -17.40
CA LEU A 112 -5.50 -10.50 -16.71
C LEU A 112 -6.76 -10.37 -17.59
N GLY A 113 -7.25 -9.13 -17.78
CA GLY A 113 -8.49 -8.85 -18.48
C GLY A 113 -8.86 -7.36 -18.39
N GLU A 114 -8.75 -6.77 -17.19
CA GLU A 114 -9.21 -5.42 -16.88
C GLU A 114 -8.37 -4.37 -17.62
N LYS A 115 -8.98 -3.72 -18.64
CA LYS A 115 -8.40 -2.62 -19.40
C LYS A 115 -8.93 -1.29 -18.84
N LEU A 116 -8.09 -0.56 -18.10
CA LEU A 116 -8.34 0.82 -17.68
C LEU A 116 -7.17 1.71 -18.13
N THR A 117 -7.43 3.02 -18.26
CA THR A 117 -6.51 4.01 -18.81
C THR A 117 -5.40 4.34 -17.80
N ASP A 118 -4.13 4.15 -18.20
CA ASP A 118 -2.94 4.30 -17.35
C ASP A 118 -2.59 5.75 -16.97
N GLU A 119 -3.40 6.75 -17.36
CA GLU A 119 -3.30 8.11 -16.84
C GLU A 119 -3.52 8.13 -15.31
N GLU A 120 -4.41 7.24 -14.82
CA GLU A 120 -4.72 7.05 -13.41
C GLU A 120 -3.51 6.44 -12.65
N VAL A 121 -2.74 5.55 -13.31
CA VAL A 121 -1.48 5.00 -12.80
C VAL A 121 -0.40 6.09 -12.70
N ASP A 122 -0.17 6.81 -13.81
CA ASP A 122 0.83 7.85 -13.96
C ASP A 122 0.78 8.89 -12.81
N GLU A 123 -0.43 9.34 -12.43
CA GLU A 123 -0.67 10.26 -11.32
C GLU A 123 -0.07 9.73 -10.00
N MET A 124 -0.53 8.56 -9.54
CA MET A 124 -0.14 7.97 -8.26
C MET A 124 1.30 7.42 -8.22
N ILE A 125 1.94 7.20 -9.39
CA ILE A 125 3.40 7.08 -9.48
C ILE A 125 4.02 8.43 -9.11
N ARG A 126 3.62 9.50 -9.83
CA ARG A 126 4.13 10.87 -9.67
C ARG A 126 3.85 11.51 -8.29
N GLU A 127 2.95 10.94 -7.47
CA GLU A 127 2.82 11.30 -6.06
C GLU A 127 4.16 11.20 -5.32
N ALA A 128 4.99 10.19 -5.64
CA ALA A 128 6.34 10.01 -5.10
C ALA A 128 7.24 9.33 -6.14
N ASP A 129 7.53 10.04 -7.25
CA ASP A 129 8.50 9.64 -8.26
C ASP A 129 9.76 10.50 -8.05
N ILE A 130 10.66 10.01 -7.18
CA ILE A 130 11.93 10.67 -6.82
C ILE A 130 12.80 10.85 -8.08
N ASP A 131 12.97 9.78 -8.88
CA ASP A 131 13.68 9.80 -10.16
C ASP A 131 13.10 10.86 -11.14
N GLY A 132 11.79 11.14 -11.07
CA GLY A 132 11.16 12.27 -11.75
C GLY A 132 10.99 12.02 -13.25
N ASP A 133 10.02 11.16 -13.60
CA ASP A 133 9.69 10.76 -14.96
C ASP A 133 8.27 10.18 -14.96
N GLY A 134 8.13 8.86 -15.15
CA GLY A 134 6.90 8.10 -14.93
C GLY A 134 7.24 6.65 -14.58
N GLN A 135 8.20 6.46 -13.65
CA GLN A 135 8.73 5.17 -13.21
C GLN A 135 8.72 5.05 -11.69
N VAL A 136 8.93 3.82 -11.19
CA VAL A 136 8.94 3.47 -9.77
C VAL A 136 10.19 2.63 -9.49
N ASN A 137 11.20 3.23 -8.82
CA ASN A 137 12.36 2.55 -8.26
C ASN A 137 11.95 1.72 -7.01
N TYR A 138 12.88 0.94 -6.44
CA TYR A 138 12.66 0.18 -5.21
C TYR A 138 12.20 1.09 -4.05
N GLU A 139 13.02 2.08 -3.66
CA GLU A 139 12.68 3.06 -2.63
C GLU A 139 11.37 3.80 -2.91
N GLU A 140 11.09 4.14 -4.18
CA GLU A 140 9.86 4.80 -4.59
C GLU A 140 8.62 3.94 -4.28
N PHE A 141 8.64 2.63 -4.62
CA PHE A 141 7.57 1.69 -4.31
C PHE A 141 7.25 1.67 -2.81
N VAL A 142 8.29 1.53 -1.97
CA VAL A 142 8.17 1.57 -0.51
C VAL A 142 7.50 2.89 -0.07
N GLN A 143 7.99 4.04 -0.57
CA GLN A 143 7.51 5.38 -0.21
C GLN A 143 6.05 5.63 -0.64
N MET A 144 5.63 5.13 -1.81
CA MET A 144 4.25 5.17 -2.30
C MET A 144 3.31 4.54 -1.26
N MET A 145 3.64 3.32 -0.81
CA MET A 145 2.89 2.58 0.20
C MET A 145 3.10 3.10 1.64
N THR A 146 4.20 3.85 1.90
CA THR A 146 4.59 4.38 3.20
C THR A 146 4.82 5.89 3.06
N ALA A 147 3.77 6.62 2.66
CA ALA A 147 3.85 8.03 2.32
C ALA A 147 3.68 8.88 3.59
N LYS A 148 4.81 9.20 4.25
CA LYS A 148 4.85 10.02 5.45
C LYS A 148 6.11 10.91 5.42
N GLY B 1 -6.15 -25.70 -6.97
CA GLY B 1 -6.12 -25.65 -8.44
C GLY B 1 -4.83 -24.99 -8.95
N SER B 2 -4.89 -23.67 -9.20
CA SER B 2 -3.77 -22.85 -9.65
C SER B 2 -4.08 -21.38 -9.37
N HIS B 3 -4.70 -20.68 -10.32
CA HIS B 3 -5.06 -19.27 -10.24
C HIS B 3 -6.33 -19.10 -9.38
N LYS B 4 -6.15 -18.78 -8.09
CA LYS B 4 -7.21 -18.57 -7.11
C LYS B 4 -6.82 -17.45 -6.13
N LYS B 5 -7.56 -17.30 -5.02
CA LYS B 5 -7.35 -16.26 -4.00
C LYS B 5 -6.10 -16.54 -3.16
N THR B 6 -4.93 -16.19 -3.71
CA THR B 6 -3.61 -16.30 -3.10
C THR B 6 -3.04 -14.90 -2.77
N ASP B 7 -1.89 -14.86 -2.09
CA ASP B 7 -1.17 -13.64 -1.73
C ASP B 7 -0.83 -12.78 -2.96
N SER B 8 -0.51 -13.42 -4.10
CA SER B 8 -0.33 -12.75 -5.39
C SER B 8 -1.62 -12.03 -5.85
N GLU B 9 -2.80 -12.69 -5.70
CA GLU B 9 -4.10 -12.10 -6.02
C GLU B 9 -4.44 -10.93 -5.08
N VAL B 10 -4.08 -11.02 -3.80
CA VAL B 10 -4.32 -9.95 -2.83
C VAL B 10 -3.66 -8.64 -3.29
N GLN B 11 -2.36 -8.65 -3.66
CA GLN B 11 -1.66 -7.47 -4.15
C GLN B 11 -2.09 -7.03 -5.56
N LEU B 12 -2.67 -7.93 -6.37
CA LEU B 12 -3.31 -7.62 -7.65
C LEU B 12 -4.57 -6.78 -7.40
N GLU B 13 -5.52 -7.30 -6.62
CA GLU B 13 -6.74 -6.60 -6.22
C GLU B 13 -6.43 -5.29 -5.50
N MET B 14 -5.32 -5.23 -4.74
CA MET B 14 -4.84 -4.02 -4.08
C MET B 14 -4.48 -2.95 -5.11
N ILE B 15 -3.54 -3.23 -6.03
CA ILE B 15 -3.04 -2.26 -6.99
C ILE B 15 -4.13 -1.80 -7.98
N THR B 16 -5.11 -2.66 -8.26
CA THR B 16 -6.34 -2.32 -8.98
C THR B 16 -7.16 -1.31 -8.17
N ALA B 17 -7.42 -1.62 -6.89
CA ALA B 17 -8.12 -0.74 -5.96
C ALA B 17 -7.37 0.58 -5.67
N TRP B 18 -6.05 0.61 -5.89
CA TRP B 18 -5.20 1.79 -5.78
C TRP B 18 -5.49 2.75 -6.95
N LYS B 19 -5.59 2.22 -8.16
CA LYS B 19 -6.02 2.91 -9.38
C LYS B 19 -7.45 3.45 -9.25
N LYS B 20 -8.34 2.69 -8.58
CA LYS B 20 -9.71 3.09 -8.27
C LYS B 20 -9.79 4.33 -7.35
N PHE B 21 -8.79 4.57 -6.48
CA PHE B 21 -8.76 5.78 -5.65
C PHE B 21 -8.62 7.02 -6.55
N VAL B 22 -7.64 7.01 -7.48
CA VAL B 22 -7.39 8.07 -8.45
C VAL B 22 -8.60 8.29 -9.36
N GLU B 23 -9.29 7.21 -9.78
CA GLU B 23 -10.54 7.27 -10.53
C GLU B 23 -11.58 8.11 -9.76
N GLU B 24 -11.92 7.67 -8.53
CA GLU B 24 -12.94 8.30 -7.68
C GLU B 24 -12.62 9.77 -7.43
N LYS B 25 -11.45 10.04 -6.84
CA LYS B 25 -10.96 11.36 -6.45
C LYS B 25 -10.80 12.30 -7.66
N LYS B 26 -10.18 11.83 -8.74
CA LYS B 26 -9.67 12.64 -9.85
C LYS B 26 -10.34 12.21 -11.17
N LYS B 27 -11.59 12.63 -11.39
CA LYS B 27 -12.36 12.37 -12.60
C LYS B 27 -13.59 13.31 -12.62
N LYS B 28 -13.40 14.55 -13.09
CA LYS B 28 -14.47 15.53 -13.33
C LYS B 28 -14.92 15.40 -14.78
N GLY C 1 1.81 23.77 -8.07
CA GLY C 1 1.03 23.06 -7.03
C GLY C 1 0.28 24.03 -6.11
N SER C 2 -0.85 24.57 -6.60
CA SER C 2 -1.72 25.49 -5.88
C SER C 2 -2.28 24.85 -4.60
N HIS C 3 -2.94 23.69 -4.74
CA HIS C 3 -3.43 22.88 -3.62
C HIS C 3 -2.24 22.20 -2.92
N LYS C 4 -2.00 22.55 -1.64
CA LYS C 4 -0.95 22.01 -0.79
C LYS C 4 -1.28 20.55 -0.45
N LYS C 5 -0.58 19.60 -1.10
CA LYS C 5 -0.94 18.18 -1.14
C LYS C 5 0.09 17.35 -0.37
N THR C 6 -0.18 17.08 0.91
CA THR C 6 0.73 16.43 1.86
C THR C 6 0.84 14.91 1.61
N ASP C 7 1.89 14.29 2.17
CA ASP C 7 2.15 12.86 2.17
C ASP C 7 1.05 12.06 2.89
N SER C 8 0.43 12.64 3.93
CA SER C 8 -0.71 12.08 4.68
C SER C 8 -1.77 11.50 3.74
N GLU C 9 -2.25 12.34 2.80
CA GLU C 9 -3.26 12.03 1.78
C GLU C 9 -2.92 10.76 0.97
N VAL C 10 -1.67 10.63 0.53
CA VAL C 10 -1.21 9.54 -0.34
C VAL C 10 -1.38 8.17 0.33
N GLN C 11 -1.02 8.08 1.63
CA GLN C 11 -1.17 6.87 2.44
C GLN C 11 -2.64 6.63 2.82
N LEU C 12 -3.38 7.69 3.19
CA LEU C 12 -4.81 7.62 3.53
C LEU C 12 -5.64 7.01 2.39
N GLU C 13 -5.44 7.48 1.15
CA GLU C 13 -6.12 7.02 -0.05
C GLU C 13 -5.66 5.61 -0.49
N MET C 14 -4.45 5.19 -0.10
CA MET C 14 -3.97 3.82 -0.23
C MET C 14 -4.65 2.87 0.78
N ILE C 15 -5.17 3.38 1.91
CA ILE C 15 -5.99 2.62 2.85
C ILE C 15 -7.46 2.61 2.40
N THR C 16 -7.95 3.66 1.73
CA THR C 16 -9.23 3.64 1.02
C THR C 16 -9.23 2.51 -0.03
N ALA C 17 -8.12 2.36 -0.77
CA ALA C 17 -7.88 1.24 -1.69
C ALA C 17 -7.94 -0.12 -1.00
N TRP C 18 -7.38 -0.26 0.22
CA TRP C 18 -7.48 -1.48 1.01
C TRP C 18 -8.95 -1.85 1.27
N LYS C 19 -9.76 -0.88 1.74
CA LYS C 19 -11.20 -1.02 1.93
C LYS C 19 -11.90 -1.49 0.65
N LYS C 20 -11.60 -0.88 -0.50
CA LYS C 20 -12.16 -1.24 -1.81
C LYS C 20 -11.92 -2.73 -2.15
N PHE C 21 -10.68 -3.24 -2.07
CA PHE C 21 -10.39 -4.63 -2.44
C PHE C 21 -11.18 -5.63 -1.57
N VAL C 22 -11.21 -5.43 -0.25
CA VAL C 22 -11.96 -6.24 0.71
C VAL C 22 -13.47 -6.21 0.39
N GLU C 23 -14.04 -5.02 0.14
CA GLU C 23 -15.44 -4.79 -0.19
C GLU C 23 -15.89 -5.65 -1.38
N GLU C 24 -15.08 -5.70 -2.45
CA GLU C 24 -15.29 -6.54 -3.62
C GLU C 24 -15.11 -8.03 -3.31
N LYS C 25 -14.07 -8.39 -2.52
CA LYS C 25 -13.68 -9.76 -2.22
C LYS C 25 -14.80 -10.53 -1.47
N LYS C 26 -15.45 -9.88 -0.49
CA LYS C 26 -16.59 -10.43 0.25
C LYS C 26 -17.75 -10.82 -0.67
N LYS C 27 -18.09 -9.98 -1.66
CA LYS C 27 -19.14 -10.26 -2.64
C LYS C 27 -18.76 -11.50 -3.47
N LYS C 28 -19.69 -12.46 -3.59
CA LYS C 28 -19.42 -13.84 -4.00
C LYS C 28 -18.93 -13.92 -5.45
CA CA D . -1.96 3.23 20.48
CA CA E . 0.01 -7.88 15.09
CA CA F . 9.96 -3.20 -13.33
CA CA G . 11.75 5.37 -10.90
N ALA A 1 18.77 1.80 3.45
CA ALA A 1 19.49 1.34 2.26
C ALA A 1 20.97 1.06 2.55
N ASP A 2 21.23 0.12 3.49
CA ASP A 2 22.55 -0.28 3.98
C ASP A 2 23.35 0.95 4.46
N GLN A 3 22.90 1.54 5.58
CA GLN A 3 23.40 2.78 6.15
C GLN A 3 23.47 2.66 7.68
N LEU A 4 24.61 3.05 8.27
CA LEU A 4 24.85 3.04 9.71
C LEU A 4 24.22 4.26 10.40
N THR A 5 24.22 5.42 9.73
CA THR A 5 23.76 6.70 10.27
C THR A 5 22.27 6.69 10.69
N GLU A 6 21.91 7.65 11.55
CA GLU A 6 20.63 7.75 12.23
C GLU A 6 19.45 8.14 11.31
N GLU A 7 19.70 8.49 10.04
CA GLU A 7 18.66 8.92 9.10
C GLU A 7 17.57 7.85 8.91
N GLN A 8 17.98 6.57 8.77
CA GLN A 8 17.09 5.41 8.67
C GLN A 8 16.19 5.29 9.91
N ILE A 9 16.80 5.26 11.11
CA ILE A 9 16.12 5.11 12.39
C ILE A 9 15.12 6.26 12.62
N ALA A 10 15.55 7.51 12.36
CA ALA A 10 14.73 8.71 12.47
C ALA A 10 13.51 8.64 11.56
N GLU A 11 13.70 8.48 10.24
CA GLU A 11 12.63 8.41 9.24
C GLU A 11 11.59 7.35 9.60
N PHE A 12 12.04 6.10 9.85
CA PHE A 12 11.19 4.95 10.15
C PHE A 12 10.38 5.18 11.43
N LYS A 13 10.97 5.78 12.47
CA LYS A 13 10.29 6.16 13.71
C LYS A 13 9.18 7.17 13.41
N GLU A 14 9.53 8.33 12.84
CA GLU A 14 8.63 9.42 12.45
C GLU A 14 7.41 8.91 11.66
N ALA A 15 7.64 8.03 10.66
CA ALA A 15 6.61 7.43 9.82
C ALA A 15 5.56 6.70 10.66
N PHE A 16 5.99 5.72 11.48
CA PHE A 16 5.11 4.94 12.34
C PHE A 16 4.45 5.79 13.44
N SER A 17 5.17 6.78 13.99
CA SER A 17 4.70 7.69 15.04
C SER A 17 3.47 8.49 14.58
N LEU A 18 3.45 8.94 13.31
CA LEU A 18 2.30 9.56 12.65
C LEU A 18 1.06 8.65 12.75
N PHE A 19 1.24 7.36 12.40
CA PHE A 19 0.23 6.31 12.53
C PHE A 19 -0.17 6.08 14.00
N ASP A 20 0.83 6.05 14.90
CA ASP A 20 0.76 5.69 16.31
C ASP A 20 0.59 6.97 17.15
N LYS A 21 -0.57 7.63 17.01
CA LYS A 21 -0.83 8.95 17.59
C LYS A 21 -0.71 8.96 19.12
N ASP A 22 -1.29 7.96 19.80
CA ASP A 22 -1.22 7.80 21.26
C ASP A 22 0.23 7.72 21.75
N GLY A 23 1.05 6.87 21.12
CA GLY A 23 2.44 6.62 21.50
C GLY A 23 2.67 5.22 22.07
N ASP A 24 1.61 4.53 22.53
CA ASP A 24 1.69 3.25 23.25
C ASP A 24 2.37 2.12 22.46
N GLY A 25 2.27 2.11 21.12
CA GLY A 25 2.91 1.11 20.25
C GLY A 25 1.89 0.35 19.41
N THR A 26 0.89 -0.27 20.05
CA THR A 26 -0.20 -0.97 19.37
C THR A 26 -1.13 0.04 18.65
N ILE A 27 -1.59 -0.32 17.44
CA ILE A 27 -2.60 0.42 16.69
C ILE A 27 -3.70 -0.57 16.30
N THR A 28 -4.91 -0.38 16.84
CA THR A 28 -6.09 -1.19 16.60
C THR A 28 -7.09 -0.46 15.67
N THR A 29 -8.16 -1.17 15.31
CA THR A 29 -9.27 -0.69 14.48
C THR A 29 -9.94 0.57 15.06
N LYS A 30 -9.95 0.72 16.40
CA LYS A 30 -10.51 1.85 17.12
C LYS A 30 -9.80 3.15 16.71
N GLU A 31 -8.45 3.15 16.78
CA GLU A 31 -7.60 4.26 16.36
C GLU A 31 -7.76 4.53 14.85
N LEU A 32 -7.64 3.48 14.03
CA LEU A 32 -7.77 3.52 12.57
C LEU A 32 -9.09 4.20 12.14
N GLY A 33 -10.20 3.81 12.77
CA GLY A 33 -11.52 4.39 12.58
C GLY A 33 -11.56 5.88 12.98
N THR A 34 -11.08 6.22 14.19
CA THR A 34 -11.08 7.58 14.72
C THR A 34 -10.42 8.60 13.78
N VAL A 35 -9.28 8.25 13.14
CA VAL A 35 -8.59 9.10 12.17
C VAL A 35 -9.56 9.55 11.06
N MET A 36 -10.15 8.57 10.34
CA MET A 36 -11.17 8.77 9.31
C MET A 36 -12.38 9.56 9.83
N ARG A 37 -12.85 9.23 11.04
CA ARG A 37 -14.00 9.85 11.71
C ARG A 37 -13.80 11.36 11.90
N SER A 38 -12.62 11.78 12.36
CA SER A 38 -12.25 13.18 12.59
C SER A 38 -12.20 13.95 11.27
N LEU A 39 -11.50 13.40 10.26
CA LEU A 39 -11.36 13.98 8.92
C LEU A 39 -12.74 14.25 8.27
N GLY A 40 -13.59 13.22 8.19
CA GLY A 40 -14.98 13.35 7.76
C GLY A 40 -15.45 12.16 6.92
N GLN A 41 -15.41 10.95 7.50
CA GLN A 41 -15.98 9.73 6.93
C GLN A 41 -16.08 8.64 8.01
N ASN A 42 -17.13 7.80 7.89
CA ASN A 42 -17.54 6.79 8.87
C ASN A 42 -17.34 5.38 8.28
N PRO A 43 -16.11 4.81 8.32
CA PRO A 43 -15.82 3.47 7.81
C PRO A 43 -16.43 2.39 8.71
N THR A 44 -16.73 1.22 8.11
CA THR A 44 -17.34 0.08 8.78
C THR A 44 -16.27 -0.81 9.43
N GLU A 45 -16.55 -1.27 10.65
CA GLU A 45 -15.60 -1.95 11.55
C GLU A 45 -15.06 -3.29 11.01
N ALA A 46 -15.91 -4.07 10.31
CA ALA A 46 -15.52 -5.32 9.67
C ALA A 46 -14.34 -5.12 8.71
N GLU A 47 -14.44 -4.11 7.84
CA GLU A 47 -13.43 -3.76 6.85
C GLU A 47 -12.12 -3.31 7.54
N LEU A 48 -12.19 -2.38 8.51
CA LEU A 48 -11.06 -1.88 9.29
C LEU A 48 -10.12 -3.01 9.78
N GLN A 49 -10.69 -4.09 10.32
CA GLN A 49 -9.96 -5.25 10.82
C GLN A 49 -9.23 -5.97 9.67
N ASP A 50 -9.98 -6.36 8.64
CA ASP A 50 -9.52 -7.07 7.45
C ASP A 50 -8.35 -6.37 6.76
N MET A 51 -8.45 -5.04 6.51
CA MET A 51 -7.41 -4.23 5.88
C MET A 51 -6.02 -4.49 6.47
N ILE A 52 -5.91 -4.47 7.81
CA ILE A 52 -4.65 -4.75 8.52
C ILE A 52 -4.26 -6.22 8.33
N ASN A 53 -5.18 -7.17 8.64
CA ASN A 53 -4.94 -8.62 8.65
C ASN A 53 -4.21 -9.14 7.40
N GLU A 54 -4.67 -8.74 6.20
CA GLU A 54 -4.12 -9.16 4.91
C GLU A 54 -2.61 -8.93 4.83
N VAL A 55 -2.18 -7.67 4.88
CA VAL A 55 -0.78 -7.26 4.77
C VAL A 55 0.04 -7.78 5.98
N ASP A 56 -0.53 -7.67 7.19
CA ASP A 56 0.10 -8.07 8.46
C ASP A 56 0.54 -9.54 8.45
N ALA A 57 1.74 -9.76 9.00
CA ALA A 57 2.35 -11.06 9.26
C ALA A 57 1.47 -11.89 10.22
N ASP A 58 1.17 -11.35 11.40
CA ASP A 58 0.45 -12.02 12.48
C ASP A 58 -1.03 -12.23 12.10
N GLY A 59 -1.75 -11.12 11.89
CA GLY A 59 -3.18 -11.10 11.58
C GLY A 59 -4.00 -11.24 12.86
N ASN A 60 -4.09 -10.15 13.64
CA ASN A 60 -4.78 -10.14 14.94
C ASN A 60 -5.29 -8.74 15.35
N GLY A 61 -5.67 -7.89 14.38
CA GLY A 61 -6.27 -6.59 14.63
C GLY A 61 -5.23 -5.51 14.95
N THR A 62 -4.49 -5.68 16.08
CA THR A 62 -3.44 -4.77 16.52
C THR A 62 -2.20 -4.82 15.60
N ILE A 63 -1.31 -3.82 15.71
CA ILE A 63 -0.02 -3.80 15.04
C ILE A 63 0.98 -2.96 15.85
N ASP A 64 2.10 -3.56 16.26
CA ASP A 64 3.19 -2.92 17.00
C ASP A 64 4.21 -2.26 16.05
N PHE A 65 5.28 -1.69 16.63
CA PHE A 65 6.43 -1.13 15.92
C PHE A 65 7.04 -2.12 14.91
N PRO A 66 7.72 -3.20 15.35
CA PRO A 66 8.41 -4.14 14.46
C PRO A 66 7.46 -4.84 13.47
N GLU A 67 6.24 -5.16 13.91
CA GLU A 67 5.20 -5.78 13.09
C GLU A 67 4.77 -4.86 11.93
N PHE A 68 4.73 -3.52 12.15
CA PHE A 68 4.44 -2.55 11.10
C PHE A 68 5.61 -2.41 10.13
N LEU A 69 6.86 -2.37 10.62
CA LEU A 69 8.06 -2.40 9.79
C LEU A 69 8.06 -3.60 8.83
N THR A 70 7.58 -4.77 9.30
CA THR A 70 7.31 -5.94 8.47
C THR A 70 6.27 -5.59 7.39
N MET A 71 5.03 -5.19 7.78
CA MET A 71 3.95 -4.82 6.86
C MET A 71 4.42 -4.01 5.64
N MET A 72 5.15 -2.91 5.89
CA MET A 72 5.62 -1.99 4.87
C MET A 72 6.71 -2.63 3.99
N ALA A 73 7.84 -3.04 4.59
CA ALA A 73 9.04 -3.45 3.86
C ALA A 73 9.02 -4.94 3.53
N ARG A 74 9.14 -5.80 4.56
CA ARG A 74 9.38 -7.24 4.41
C ARG A 74 8.09 -7.97 4.01
N LYS A 75 7.08 -7.97 4.89
CA LYS A 75 5.69 -8.37 4.64
C LYS A 75 5.53 -9.90 4.65
N MET A 76 4.52 -10.41 5.37
CA MET A 76 4.20 -11.82 5.53
C MET A 76 5.12 -12.46 6.59
N LYS A 77 4.57 -13.40 7.39
CA LYS A 77 5.25 -14.17 8.42
C LYS A 77 6.27 -15.16 7.80
N ASP A 78 7.41 -14.63 7.34
CA ASP A 78 8.57 -15.39 6.88
C ASP A 78 9.85 -14.60 7.23
N THR A 79 10.95 -15.32 7.51
CA THR A 79 12.22 -14.77 7.97
C THR A 79 12.75 -13.68 7.03
N ASP A 80 13.15 -14.07 5.80
CA ASP A 80 13.53 -13.17 4.72
C ASP A 80 12.31 -13.01 3.80
N SER A 81 11.83 -11.77 3.63
CA SER A 81 10.65 -11.46 2.81
C SER A 81 10.86 -10.25 1.88
N GLU A 82 12.10 -9.77 1.71
CA GLU A 82 12.47 -8.99 0.52
C GLU A 82 12.42 -9.87 -0.75
N GLU A 83 12.70 -11.18 -0.59
CA GLU A 83 12.51 -12.22 -1.59
C GLU A 83 11.02 -12.49 -1.88
N GLU A 84 10.13 -12.35 -0.88
CA GLU A 84 8.68 -12.44 -1.06
C GLU A 84 8.18 -11.28 -1.93
N ILE A 85 8.69 -10.05 -1.69
CA ILE A 85 8.46 -8.88 -2.53
C ILE A 85 9.08 -9.05 -3.92
N ARG A 86 10.29 -9.65 -4.03
CA ARG A 86 10.92 -9.97 -5.32
C ARG A 86 10.03 -10.89 -6.17
N GLU A 87 9.33 -11.84 -5.52
CA GLU A 87 8.37 -12.74 -6.15
C GLU A 87 7.16 -11.94 -6.67
N ALA A 88 6.58 -11.06 -5.84
CA ALA A 88 5.52 -10.13 -6.25
C ALA A 88 5.92 -9.26 -7.45
N PHE A 89 7.18 -8.77 -7.47
CA PHE A 89 7.77 -8.01 -8.56
C PHE A 89 7.80 -8.84 -9.87
N ARG A 90 8.33 -10.06 -9.86
CA ARG A 90 8.48 -10.86 -11.09
C ARG A 90 7.13 -11.27 -11.73
N VAL A 91 6.06 -11.38 -10.94
CA VAL A 91 4.69 -11.61 -11.42
C VAL A 91 4.12 -10.34 -12.06
N PHE A 92 4.21 -9.20 -11.35
CA PHE A 92 3.59 -7.94 -11.75
C PHE A 92 4.39 -7.35 -12.91
N ASP A 93 5.64 -6.95 -12.61
CA ASP A 93 6.61 -6.44 -13.55
C ASP A 93 7.29 -7.60 -14.29
N LYS A 94 7.47 -7.46 -15.61
CA LYS A 94 8.08 -8.49 -16.46
C LYS A 94 9.61 -8.58 -16.31
N ASP A 95 10.27 -7.54 -15.76
CA ASP A 95 11.71 -7.53 -15.50
C ASP A 95 12.00 -8.03 -14.08
N GLY A 96 11.49 -7.32 -13.07
CA GLY A 96 11.69 -7.62 -11.66
C GLY A 96 13.14 -7.35 -11.24
N ASN A 97 13.53 -6.06 -11.16
CA ASN A 97 14.91 -5.60 -10.99
C ASN A 97 14.98 -4.33 -10.13
N GLY A 98 14.09 -4.20 -9.12
CA GLY A 98 13.94 -2.99 -8.32
C GLY A 98 13.58 -1.77 -9.18
N TYR A 99 12.59 -1.93 -10.06
CA TYR A 99 12.05 -0.94 -10.99
C TYR A 99 10.79 -1.53 -11.62
N ILE A 100 9.68 -0.76 -11.65
CA ILE A 100 8.40 -1.16 -12.23
C ILE A 100 7.92 -0.04 -13.15
N SER A 101 7.98 -0.27 -14.48
CA SER A 101 7.49 0.64 -15.50
C SER A 101 5.94 0.68 -15.51
N ALA A 102 5.39 1.82 -15.93
CA ALA A 102 3.96 2.04 -16.08
C ALA A 102 3.32 1.09 -17.11
N ALA A 103 4.02 0.85 -18.23
CA ALA A 103 3.60 -0.09 -19.28
C ALA A 103 3.48 -1.52 -18.76
N GLU A 104 4.47 -1.98 -17.97
CA GLU A 104 4.48 -3.30 -17.34
C GLU A 104 3.34 -3.44 -16.30
N LEU A 105 2.99 -2.35 -15.59
CA LEU A 105 1.81 -2.28 -14.72
C LEU A 105 0.51 -2.39 -15.53
N ARG A 106 0.40 -1.66 -16.65
CA ARG A 106 -0.74 -1.75 -17.57
C ARG A 106 -0.95 -3.19 -18.08
N HIS A 107 0.13 -3.95 -18.29
CA HIS A 107 0.10 -5.31 -18.81
C HIS A 107 -0.65 -6.25 -17.86
N VAL A 108 -0.17 -6.42 -16.61
CA VAL A 108 -0.79 -7.29 -15.60
C VAL A 108 -2.29 -6.99 -15.37
N MET A 109 -2.71 -5.72 -15.46
CA MET A 109 -4.12 -5.32 -15.42
C MET A 109 -4.89 -5.98 -16.59
N THR A 110 -4.40 -5.78 -17.83
CA THR A 110 -4.98 -6.27 -19.07
C THR A 110 -5.05 -7.81 -19.15
N ASN A 111 -4.05 -8.52 -18.61
CA ASN A 111 -3.97 -9.99 -18.61
C ASN A 111 -5.26 -10.64 -18.07
N LEU A 112 -5.86 -10.07 -17.02
CA LEU A 112 -7.17 -10.48 -16.51
C LEU A 112 -8.26 -10.18 -17.54
N GLY A 113 -8.43 -8.90 -17.91
CA GLY A 113 -9.37 -8.43 -18.92
C GLY A 113 -10.09 -7.18 -18.40
N GLU A 114 -9.33 -6.12 -18.14
CA GLU A 114 -9.81 -4.84 -17.60
C GLU A 114 -9.10 -3.73 -18.38
N LYS A 115 -9.63 -3.40 -19.58
CA LYS A 115 -9.11 -2.35 -20.45
C LYS A 115 -9.57 -1.00 -19.89
N LEU A 116 -8.75 -0.42 -19.01
CA LEU A 116 -8.92 0.90 -18.41
C LEU A 116 -7.65 1.72 -18.64
N THR A 117 -7.81 3.01 -18.90
CA THR A 117 -6.74 3.96 -19.27
C THR A 117 -5.70 4.07 -18.15
N ASP A 118 -4.42 3.89 -18.50
CA ASP A 118 -3.27 3.93 -17.59
C ASP A 118 -2.84 5.36 -17.21
N GLU A 119 -3.64 6.38 -17.54
CA GLU A 119 -3.46 7.75 -17.06
C GLU A 119 -3.54 7.79 -15.52
N GLU A 120 -4.49 7.05 -14.93
CA GLU A 120 -4.57 6.84 -13.48
C GLU A 120 -3.26 6.29 -12.90
N VAL A 121 -2.62 5.31 -13.58
CA VAL A 121 -1.36 4.69 -13.17
C VAL A 121 -0.24 5.75 -13.10
N ASP A 122 -0.05 6.50 -14.20
CA ASP A 122 0.97 7.53 -14.32
C ASP A 122 0.83 8.62 -13.23
N GLU A 123 -0.41 9.00 -12.88
CA GLU A 123 -0.70 9.92 -11.78
C GLU A 123 -0.17 9.39 -10.44
N MET A 124 -0.64 8.21 -9.97
CA MET A 124 -0.25 7.66 -8.68
C MET A 124 1.24 7.27 -8.58
N ILE A 125 1.90 6.98 -9.70
CA ILE A 125 3.36 6.91 -9.75
C ILE A 125 3.93 8.29 -9.40
N ARG A 126 3.63 9.33 -10.19
CA ARG A 126 4.13 10.70 -10.03
C ARG A 126 3.76 11.36 -8.68
N GLU A 127 2.67 10.93 -8.00
CA GLU A 127 2.33 11.36 -6.65
C GLU A 127 3.43 10.98 -5.63
N ALA A 128 4.15 9.88 -5.85
CA ALA A 128 5.36 9.49 -5.10
C ALA A 128 6.35 8.78 -6.04
N ASP A 129 7.08 9.56 -6.85
CA ASP A 129 8.20 9.13 -7.69
C ASP A 129 9.29 10.19 -7.56
N ILE A 130 10.36 9.89 -6.81
CA ILE A 130 11.45 10.80 -6.49
C ILE A 130 12.35 10.99 -7.72
N ASP A 131 12.89 9.89 -8.26
CA ASP A 131 13.84 9.90 -9.37
C ASP A 131 13.27 10.58 -10.62
N GLY A 132 12.04 10.22 -11.02
CA GLY A 132 11.33 10.80 -12.16
C GLY A 132 11.85 10.23 -13.47
N ASP A 133 11.55 8.95 -13.73
CA ASP A 133 11.90 8.21 -14.95
C ASP A 133 10.81 7.19 -15.33
N GLY A 134 9.53 7.51 -15.07
CA GLY A 134 8.37 6.68 -15.36
C GLY A 134 8.44 5.26 -14.79
N GLN A 135 9.15 5.08 -13.66
CA GLN A 135 9.43 3.80 -13.02
C GLN A 135 9.33 3.94 -11.50
N VAL A 136 9.30 2.80 -10.79
CA VAL A 136 9.12 2.72 -9.34
C VAL A 136 10.15 1.74 -8.77
N ASN A 137 11.29 2.25 -8.27
CA ASN A 137 12.29 1.48 -7.53
C ASN A 137 11.83 1.24 -6.08
N TYR A 138 12.70 0.63 -5.25
CA TYR A 138 12.43 0.36 -3.84
C TYR A 138 12.22 1.65 -3.03
N GLU A 139 13.07 2.67 -3.25
CA GLU A 139 12.96 3.99 -2.63
C GLU A 139 11.66 4.76 -2.96
N GLU A 140 10.81 4.22 -3.86
CA GLU A 140 9.52 4.78 -4.23
C GLU A 140 8.39 3.80 -3.88
N PHE A 141 8.58 2.50 -4.13
CA PHE A 141 7.64 1.42 -3.87
C PHE A 141 7.26 1.38 -2.39
N VAL A 142 8.25 1.33 -1.49
CA VAL A 142 8.04 1.37 -0.04
C VAL A 142 7.48 2.74 0.39
N GLN A 143 8.06 3.83 -0.13
CA GLN A 143 7.69 5.22 0.16
C GLN A 143 6.22 5.55 -0.14
N MET A 144 5.63 4.94 -1.19
CA MET A 144 4.20 5.04 -1.52
C MET A 144 3.33 4.64 -0.33
N MET A 145 3.48 3.40 0.15
CA MET A 145 2.74 2.87 1.29
C MET A 145 3.16 3.53 2.62
N THR A 146 4.39 4.06 2.71
CA THR A 146 4.96 4.71 3.88
C THR A 146 5.28 6.17 3.54
N ALA A 147 4.25 6.99 3.24
CA ALA A 147 4.42 8.36 2.76
C ALA A 147 4.44 9.34 3.95
N LYS A 148 5.65 9.66 4.43
CA LYS A 148 5.90 10.59 5.54
C LYS A 148 5.82 12.02 5.00
N GLY B 1 1.02 -18.75 -12.61
CA GLY B 1 -0.41 -18.84 -12.92
C GLY B 1 -1.05 -20.09 -12.31
N SER B 2 -1.56 -19.96 -11.08
CA SER B 2 -2.21 -21.03 -10.32
C SER B 2 -3.29 -20.42 -9.42
N HIS B 3 -4.49 -21.02 -9.42
CA HIS B 3 -5.70 -20.47 -8.81
C HIS B 3 -5.76 -20.80 -7.31
N LYS B 4 -4.85 -20.20 -6.53
CA LYS B 4 -4.82 -20.20 -5.08
C LYS B 4 -4.67 -18.75 -4.60
N LYS B 5 -5.37 -18.39 -3.53
CA LYS B 5 -5.49 -17.02 -3.00
C LYS B 5 -4.28 -16.72 -2.11
N THR B 6 -3.14 -16.40 -2.75
CA THR B 6 -1.85 -16.12 -2.13
C THR B 6 -1.52 -14.61 -2.16
N ASP B 7 -0.31 -14.27 -1.67
CA ASP B 7 0.23 -12.91 -1.59
C ASP B 7 0.10 -12.11 -2.89
N SER B 8 0.26 -12.78 -4.04
CA SER B 8 0.09 -12.20 -5.38
C SER B 8 -1.30 -11.57 -5.54
N GLU B 9 -2.37 -12.36 -5.33
CA GLU B 9 -3.77 -11.91 -5.41
C GLU B 9 -4.05 -10.74 -4.46
N VAL B 10 -3.60 -10.82 -3.20
CA VAL B 10 -3.72 -9.77 -2.18
C VAL B 10 -3.18 -8.44 -2.71
N GLN B 11 -1.90 -8.41 -3.10
CA GLN B 11 -1.23 -7.22 -3.61
C GLN B 11 -1.73 -6.76 -4.99
N LEU B 12 -2.33 -7.66 -5.80
CA LEU B 12 -2.88 -7.34 -7.11
C LEU B 12 -4.17 -6.53 -6.92
N GLU B 13 -5.10 -7.05 -6.12
CA GLU B 13 -6.35 -6.38 -5.75
C GLU B 13 -6.11 -5.04 -5.06
N MET B 14 -5.05 -4.92 -4.23
CA MET B 14 -4.62 -3.65 -3.65
C MET B 14 -4.27 -2.65 -4.77
N ILE B 15 -3.30 -2.98 -5.64
CA ILE B 15 -2.80 -2.05 -6.64
C ILE B 15 -3.82 -1.72 -7.74
N THR B 16 -4.79 -2.63 -8.00
CA THR B 16 -5.99 -2.39 -8.80
C THR B 16 -6.87 -1.33 -8.13
N ALA B 17 -7.18 -1.52 -6.84
CA ALA B 17 -7.93 -0.57 -6.01
C ALA B 17 -7.21 0.78 -5.84
N TRP B 18 -5.86 0.79 -5.90
CA TRP B 18 -5.02 1.97 -5.84
C TRP B 18 -5.23 2.82 -7.10
N LYS B 19 -5.34 2.18 -8.29
CA LYS B 19 -5.77 2.83 -9.53
C LYS B 19 -7.18 3.42 -9.40
N LYS B 20 -8.12 2.66 -8.80
CA LYS B 20 -9.50 3.08 -8.56
C LYS B 20 -9.61 4.29 -7.61
N PHE B 21 -8.66 4.48 -6.66
CA PHE B 21 -8.62 5.69 -5.83
C PHE B 21 -8.52 6.94 -6.72
N VAL B 22 -7.60 6.93 -7.70
CA VAL B 22 -7.40 8.02 -8.64
C VAL B 22 -8.62 8.17 -9.56
N GLU B 23 -9.17 7.07 -10.09
CA GLU B 23 -10.40 7.08 -10.90
C GLU B 23 -11.49 7.92 -10.21
N GLU B 24 -11.75 7.62 -8.92
CA GLU B 24 -12.69 8.37 -8.10
C GLU B 24 -12.22 9.84 -7.95
N LYS B 25 -11.04 10.04 -7.38
CA LYS B 25 -10.40 11.34 -7.16
C LYS B 25 -9.74 11.85 -8.46
N LYS B 26 -10.53 12.03 -9.53
CA LYS B 26 -10.15 12.62 -10.81
C LYS B 26 -11.41 12.87 -11.65
N LYS B 27 -12.28 11.86 -11.78
CA LYS B 27 -13.65 12.01 -12.29
C LYS B 27 -14.54 12.53 -11.13
N LYS B 28 -14.34 13.80 -10.75
CA LYS B 28 -15.14 14.54 -9.76
C LYS B 28 -15.05 16.04 -10.09
N GLY C 1 -6.04 29.35 -3.29
CA GLY C 1 -5.96 28.96 -1.87
C GLY C 1 -5.45 27.52 -1.70
N SER C 2 -6.36 26.54 -1.82
CA SER C 2 -6.08 25.12 -1.62
C SER C 2 -5.29 24.56 -2.81
N HIS C 3 -4.00 24.26 -2.59
CA HIS C 3 -3.07 23.73 -3.58
C HIS C 3 -2.06 22.78 -2.90
N LYS C 4 -1.12 22.24 -3.69
CA LYS C 4 -0.17 21.19 -3.30
C LYS C 4 -0.90 19.84 -3.11
N LYS C 5 -0.26 18.89 -2.40
CA LYS C 5 -0.82 17.60 -2.02
C LYS C 5 0.07 17.03 -0.89
N THR C 6 -0.52 16.77 0.29
CA THR C 6 0.22 16.23 1.44
C THR C 6 0.49 14.73 1.24
N ASP C 7 1.64 14.26 1.74
CA ASP C 7 2.04 12.86 1.75
C ASP C 7 0.99 11.98 2.47
N SER C 8 0.45 12.49 3.58
CA SER C 8 -0.63 11.89 4.35
C SER C 8 -1.86 11.57 3.48
N GLU C 9 -2.24 12.49 2.58
CA GLU C 9 -3.40 12.35 1.68
C GLU C 9 -3.28 11.09 0.81
N VAL C 10 -2.13 10.93 0.14
CA VAL C 10 -1.82 9.81 -0.74
C VAL C 10 -1.90 8.48 0.04
N GLN C 11 -1.29 8.42 1.23
CA GLN C 11 -1.30 7.25 2.13
C GLN C 11 -2.73 6.91 2.62
N LEU C 12 -3.55 7.92 2.93
CA LEU C 12 -4.95 7.75 3.35
C LEU C 12 -5.75 7.02 2.26
N GLU C 13 -5.58 7.43 0.99
CA GLU C 13 -6.18 6.79 -0.16
C GLU C 13 -5.60 5.39 -0.45
N MET C 14 -4.39 5.07 0.04
CA MET C 14 -3.83 3.71 0.00
C MET C 14 -4.50 2.81 1.05
N ILE C 15 -4.91 3.36 2.22
CA ILE C 15 -5.76 2.64 3.18
C ILE C 15 -7.13 2.39 2.54
N THR C 16 -7.71 3.41 1.88
CA THR C 16 -8.93 3.28 1.09
C THR C 16 -8.79 2.22 -0.02
N ALA C 17 -7.60 2.05 -0.62
CA ALA C 17 -7.34 0.98 -1.60
C ALA C 17 -7.58 -0.41 -1.00
N TRP C 18 -7.04 -0.68 0.19
CA TRP C 18 -7.30 -1.91 0.95
C TRP C 18 -8.82 -2.14 1.18
N LYS C 19 -9.57 -1.09 1.55
CA LYS C 19 -11.00 -1.14 1.82
C LYS C 19 -11.79 -1.73 0.64
N LYS C 20 -11.45 -1.31 -0.60
CA LYS C 20 -12.12 -1.75 -1.81
C LYS C 20 -11.92 -3.26 -2.05
N PHE C 21 -10.71 -3.80 -1.81
CA PHE C 21 -10.42 -5.23 -1.93
C PHE C 21 -11.34 -6.07 -1.04
N VAL C 22 -11.42 -5.74 0.27
CA VAL C 22 -12.26 -6.48 1.21
C VAL C 22 -13.74 -6.52 0.74
N GLU C 23 -14.25 -5.41 0.18
CA GLU C 23 -15.58 -5.37 -0.44
C GLU C 23 -15.63 -6.31 -1.65
N GLU C 24 -14.77 -6.12 -2.67
CA GLU C 24 -14.66 -6.97 -3.88
C GLU C 24 -14.66 -8.48 -3.56
N LYS C 25 -14.04 -8.87 -2.42
CA LYS C 25 -13.99 -10.25 -1.94
C LYS C 25 -15.40 -10.86 -1.74
N LYS C 26 -16.39 -10.04 -1.33
CA LYS C 26 -17.81 -10.36 -1.25
C LYS C 26 -18.59 -9.52 -2.28
N LYS C 27 -18.96 -8.28 -1.92
CA LYS C 27 -19.70 -7.33 -2.73
C LYS C 27 -18.89 -6.91 -3.97
N LYS C 28 -19.30 -7.39 -5.16
CA LYS C 28 -18.68 -7.04 -6.43
C LYS C 28 -19.72 -7.12 -7.56
CA CA D . -1.04 4.08 19.32
CA CA E . 0.12 -7.83 14.47
CA CA F . 10.92 -2.06 -14.93
CA CA G . 12.19 5.02 -9.98
N ALA A 1 26.92 -1.53 -4.26
CA ALA A 1 27.66 -0.91 -3.13
C ALA A 1 27.06 -1.35 -1.79
N ASP A 2 27.76 -2.23 -1.07
CA ASP A 2 27.34 -2.80 0.21
C ASP A 2 27.46 -1.75 1.33
N GLN A 3 26.42 -0.93 1.49
CA GLN A 3 26.32 0.13 2.49
C GLN A 3 24.86 0.50 2.75
N LEU A 4 24.62 1.08 3.94
CA LEU A 4 23.31 1.51 4.44
C LEU A 4 23.50 2.44 5.65
N THR A 5 22.59 3.41 5.81
CA THR A 5 22.64 4.45 6.82
C THR A 5 21.34 4.49 7.66
N GLU A 6 21.40 5.23 8.78
CA GLU A 6 20.35 5.34 9.78
C GLU A 6 19.21 6.28 9.36
N GLU A 7 19.30 6.94 8.19
CA GLU A 7 18.24 7.74 7.59
C GLU A 7 16.97 6.89 7.38
N GLN A 8 17.13 5.65 6.87
CA GLN A 8 16.06 4.67 6.72
C GLN A 8 15.32 4.41 8.04
N ILE A 9 16.06 4.10 9.12
CA ILE A 9 15.51 3.84 10.45
C ILE A 9 14.64 5.02 10.89
N ALA A 10 15.18 6.24 10.83
CA ALA A 10 14.48 7.49 11.12
C ALA A 10 13.23 7.71 10.25
N GLU A 11 13.28 7.36 8.95
CA GLU A 11 12.16 7.51 8.02
C GLU A 11 10.95 6.68 8.45
N PHE A 12 11.16 5.40 8.76
CA PHE A 12 10.12 4.48 9.23
C PHE A 12 9.60 4.88 10.62
N LYS A 13 10.50 5.34 11.50
CA LYS A 13 10.18 5.87 12.84
C LYS A 13 9.15 7.02 12.74
N GLU A 14 9.45 8.01 11.90
CA GLU A 14 8.59 9.16 11.59
C GLU A 14 7.24 8.72 11.00
N ALA A 15 7.24 7.83 10.01
CA ALA A 15 6.05 7.30 9.35
C ALA A 15 5.07 6.65 10.36
N PHE A 16 5.57 5.76 11.22
CA PHE A 16 4.81 5.13 12.30
C PHE A 16 4.27 6.16 13.30
N SER A 17 5.13 7.09 13.74
CA SER A 17 4.80 8.14 14.70
C SER A 17 3.64 9.03 14.21
N LEU A 18 3.61 9.37 12.91
CA LEU A 18 2.54 10.13 12.25
C LEU A 18 1.18 9.47 12.47
N PHE A 19 1.07 8.15 12.19
CA PHE A 19 -0.11 7.32 12.39
C PHE A 19 -0.54 7.29 13.87
N ASP A 20 0.43 7.07 14.79
CA ASP A 20 0.18 7.01 16.22
C ASP A 20 0.31 8.41 16.83
N LYS A 21 -0.70 9.26 16.60
CA LYS A 21 -0.90 10.52 17.32
C LYS A 21 -0.96 10.27 18.84
N ASP A 22 -1.57 9.15 19.25
CA ASP A 22 -1.66 8.67 20.63
C ASP A 22 -0.28 8.55 21.28
N GLY A 23 0.70 7.97 20.56
CA GLY A 23 2.07 7.75 21.03
C GLY A 23 2.32 6.35 21.59
N ASP A 24 1.26 5.61 21.98
CA ASP A 24 1.33 4.26 22.53
C ASP A 24 1.99 3.27 21.55
N GLY A 25 1.65 3.37 20.26
CA GLY A 25 2.26 2.60 19.18
C GLY A 25 1.55 1.27 18.97
N THR A 26 0.25 1.32 18.61
CA THR A 26 -0.60 0.15 18.40
C THR A 26 -1.70 0.53 17.40
N ILE A 27 -1.40 0.46 16.09
CA ILE A 27 -2.34 0.83 15.02
C ILE A 27 -3.33 -0.33 14.81
N THR A 28 -4.42 -0.32 15.60
CA THR A 28 -5.52 -1.28 15.51
C THR A 28 -6.66 -0.74 14.62
N THR A 29 -7.69 -1.56 14.41
CA THR A 29 -8.89 -1.26 13.62
C THR A 29 -9.60 0.00 14.15
N LYS A 30 -9.94 0.01 15.45
CA LYS A 30 -10.72 1.06 16.11
C LYS A 30 -10.03 2.43 16.04
N GLU A 31 -8.71 2.48 16.27
CA GLU A 31 -7.87 3.66 16.11
C GLU A 31 -8.00 4.22 14.68
N LEU A 32 -7.82 3.36 13.66
CA LEU A 32 -7.95 3.73 12.25
C LEU A 32 -9.35 4.30 11.94
N GLY A 33 -10.39 3.66 12.47
CA GLY A 33 -11.77 4.13 12.40
C GLY A 33 -11.92 5.58 12.86
N THR A 34 -11.30 5.94 14.01
CA THR A 34 -11.31 7.29 14.56
C THR A 34 -10.60 8.29 13.63
N VAL A 35 -9.42 7.93 13.08
CA VAL A 35 -8.69 8.79 12.15
C VAL A 35 -9.55 9.13 10.92
N MET A 36 -10.14 8.11 10.26
CA MET A 36 -11.06 8.29 9.15
C MET A 36 -12.26 9.18 9.53
N ARG A 37 -12.88 8.91 10.69
CA ARG A 37 -14.06 9.63 11.19
C ARG A 37 -13.78 11.12 11.42
N SER A 38 -12.64 11.44 12.04
CA SER A 38 -12.17 12.80 12.32
C SER A 38 -11.90 13.60 11.03
N LEU A 39 -11.61 12.93 9.91
CA LEU A 39 -11.38 13.53 8.60
C LEU A 39 -12.71 13.63 7.84
N GLY A 40 -13.26 12.51 7.34
CA GLY A 40 -14.59 12.47 6.74
C GLY A 40 -14.93 11.18 6.00
N GLN A 41 -14.73 10.01 6.63
CA GLN A 41 -15.21 8.69 6.17
C GLN A 41 -15.57 7.84 7.39
N ASN A 42 -16.61 6.99 7.27
CA ASN A 42 -17.13 6.13 8.32
C ASN A 42 -17.26 4.68 7.82
N PRO A 43 -16.15 3.93 7.70
CA PRO A 43 -16.14 2.54 7.29
C PRO A 43 -16.58 1.59 8.41
N THR A 44 -17.04 0.38 8.04
CA THR A 44 -17.36 -0.71 8.98
C THR A 44 -16.08 -1.43 9.44
N GLU A 45 -16.22 -2.26 10.49
CA GLU A 45 -15.16 -3.03 11.12
C GLU A 45 -14.58 -4.10 10.18
N ALA A 46 -15.43 -4.79 9.40
CA ALA A 46 -15.06 -5.86 8.48
C ALA A 46 -13.93 -5.42 7.54
N GLU A 47 -14.16 -4.38 6.71
CA GLU A 47 -13.19 -3.83 5.77
C GLU A 47 -11.90 -3.33 6.46
N LEU A 48 -12.00 -2.80 7.69
CA LEU A 48 -10.85 -2.41 8.52
C LEU A 48 -10.03 -3.62 9.01
N GLN A 49 -10.69 -4.71 9.43
CA GLN A 49 -10.06 -5.88 10.03
C GLN A 49 -9.35 -6.75 8.99
N ASP A 50 -10.09 -7.24 7.97
CA ASP A 50 -9.61 -8.16 6.95
C ASP A 50 -8.31 -7.68 6.29
N MET A 51 -8.30 -6.44 5.77
CA MET A 51 -7.14 -5.84 5.10
C MET A 51 -5.85 -5.93 5.93
N ILE A 52 -5.94 -5.70 7.24
CA ILE A 52 -4.81 -5.73 8.19
C ILE A 52 -4.30 -7.16 8.38
N ASN A 53 -5.20 -8.11 8.71
CA ASN A 53 -4.86 -9.51 8.96
C ASN A 53 -4.29 -10.23 7.71
N GLU A 54 -4.75 -9.85 6.49
CA GLU A 54 -4.16 -10.27 5.22
C GLU A 54 -2.65 -9.99 5.16
N VAL A 55 -2.18 -8.90 5.79
CA VAL A 55 -0.79 -8.43 5.77
C VAL A 55 -0.03 -8.86 7.04
N ASP A 56 -0.69 -8.85 8.21
CA ASP A 56 -0.09 -9.13 9.52
C ASP A 56 0.22 -10.64 9.65
N ALA A 57 1.47 -10.96 9.99
CA ALA A 57 1.99 -12.32 10.17
C ALA A 57 1.18 -13.10 11.23
N ASP A 58 1.31 -12.69 12.50
CA ASP A 58 0.60 -13.23 13.66
C ASP A 58 -0.92 -12.97 13.54
N GLY A 59 -1.31 -11.73 13.23
CA GLY A 59 -2.69 -11.34 13.02
C GLY A 59 -3.51 -11.36 14.32
N ASN A 60 -3.09 -10.57 15.32
CA ASN A 60 -3.83 -10.35 16.56
C ASN A 60 -4.95 -9.33 16.33
N GLY A 61 -4.58 -8.15 15.81
CA GLY A 61 -5.45 -7.00 15.62
C GLY A 61 -4.62 -5.72 15.60
N THR A 62 -3.92 -5.45 16.72
CA THR A 62 -2.92 -4.39 16.87
C THR A 62 -1.78 -4.51 15.84
N ILE A 63 -1.03 -3.42 15.65
CA ILE A 63 0.18 -3.35 14.84
C ILE A 63 1.19 -2.51 15.62
N ASP A 64 2.11 -3.19 16.32
CA ASP A 64 3.20 -2.57 17.09
C ASP A 64 4.27 -2.00 16.15
N PHE A 65 5.32 -1.36 16.70
CA PHE A 65 6.38 -0.72 15.92
C PHE A 65 7.02 -1.67 14.90
N PRO A 66 7.53 -2.86 15.27
CA PRO A 66 8.09 -3.83 14.33
C PRO A 66 7.10 -4.26 13.24
N GLU A 67 5.84 -4.50 13.64
CA GLU A 67 4.76 -4.94 12.76
C GLU A 67 4.43 -3.90 11.67
N PHE A 68 4.57 -2.59 11.94
CA PHE A 68 4.38 -1.54 10.94
C PHE A 68 5.51 -1.54 9.91
N LEU A 69 6.77 -1.67 10.35
CA LEU A 69 7.93 -1.85 9.46
C LEU A 69 7.76 -3.11 8.59
N THR A 70 7.14 -4.17 9.12
CA THR A 70 6.78 -5.37 8.37
C THR A 70 5.73 -5.01 7.30
N MET A 71 4.55 -4.52 7.69
CA MET A 71 3.45 -4.10 6.81
C MET A 71 3.95 -3.24 5.62
N MET A 72 4.81 -2.25 5.91
CA MET A 72 5.36 -1.31 4.94
C MET A 72 6.43 -1.98 4.06
N ALA A 73 7.60 -2.29 4.63
CA ALA A 73 8.79 -2.67 3.88
C ALA A 73 8.73 -4.11 3.37
N ARG A 74 8.67 -5.09 4.29
CA ARG A 74 8.73 -6.52 3.97
C ARG A 74 7.44 -6.97 3.26
N LYS A 75 6.29 -6.86 3.96
CA LYS A 75 4.91 -6.93 3.44
C LYS A 75 4.49 -8.38 3.11
N MET A 76 3.27 -8.75 3.53
CA MET A 76 2.58 -10.04 3.38
C MET A 76 2.61 -10.82 4.72
N LYS A 77 1.59 -11.65 4.98
CA LYS A 77 1.44 -12.45 6.21
C LYS A 77 2.40 -13.65 6.24
N ASP A 78 3.71 -13.41 6.41
CA ASP A 78 4.74 -14.44 6.55
C ASP A 78 5.80 -14.00 7.58
N THR A 79 6.83 -14.85 7.75
CA THR A 79 8.02 -14.54 8.53
C THR A 79 8.94 -13.65 7.68
N ASP A 80 9.60 -14.24 6.69
CA ASP A 80 10.51 -13.59 5.74
C ASP A 80 9.67 -13.04 4.57
N SER A 81 8.75 -12.12 4.87
CA SER A 81 7.70 -11.67 3.94
C SER A 81 8.26 -10.97 2.69
N GLU A 82 9.43 -10.33 2.82
CA GLU A 82 10.24 -9.79 1.73
C GLU A 82 10.44 -10.79 0.57
N GLU A 83 10.66 -12.08 0.85
CA GLU A 83 10.84 -13.13 -0.15
C GLU A 83 9.58 -13.33 -1.00
N GLU A 84 8.41 -13.46 -0.35
CA GLU A 84 7.11 -13.65 -1.00
C GLU A 84 6.72 -12.43 -1.88
N ILE A 85 7.19 -11.23 -1.52
CA ILE A 85 7.04 -10.00 -2.31
C ILE A 85 8.07 -9.94 -3.45
N ARG A 86 9.30 -10.43 -3.24
CA ARG A 86 10.28 -10.63 -4.31
C ARG A 86 9.69 -11.54 -5.40
N GLU A 87 9.04 -12.64 -4.98
CA GLU A 87 8.28 -13.56 -5.82
C GLU A 87 7.15 -12.82 -6.55
N ALA A 88 6.29 -12.09 -5.81
CA ALA A 88 5.19 -11.30 -6.38
C ALA A 88 5.65 -10.30 -7.44
N PHE A 89 6.79 -9.61 -7.23
CA PHE A 89 7.40 -8.70 -8.20
C PHE A 89 7.80 -9.46 -9.47
N ARG A 90 8.43 -10.64 -9.34
CA ARG A 90 8.80 -11.50 -10.46
C ARG A 90 7.57 -12.03 -11.24
N VAL A 91 6.38 -12.12 -10.62
CA VAL A 91 5.11 -12.42 -11.32
C VAL A 91 4.61 -11.18 -12.08
N PHE A 92 4.41 -10.05 -11.37
CA PHE A 92 3.79 -8.83 -11.88
C PHE A 92 4.66 -8.20 -12.97
N ASP A 93 5.90 -7.86 -12.58
CA ASP A 93 6.91 -7.17 -13.38
C ASP A 93 7.60 -8.17 -14.32
N LYS A 94 8.04 -7.70 -15.50
CA LYS A 94 8.66 -8.53 -16.53
C LYS A 94 10.20 -8.44 -16.46
N ASP A 95 10.77 -8.49 -15.25
CA ASP A 95 12.21 -8.39 -14.99
C ASP A 95 12.55 -8.71 -13.52
N GLY A 96 11.97 -7.95 -12.57
CA GLY A 96 12.34 -7.97 -11.16
C GLY A 96 11.74 -6.75 -10.45
N ASN A 97 12.58 -5.89 -9.86
CA ASN A 97 12.14 -4.69 -9.15
C ASN A 97 13.23 -3.60 -9.24
N GLY A 98 13.59 -3.22 -10.48
CA GLY A 98 14.63 -2.27 -10.82
C GLY A 98 14.04 -0.94 -11.30
N TYR A 99 13.19 -1.02 -12.34
CA TYR A 99 12.47 0.11 -12.94
C TYR A 99 11.10 -0.39 -13.41
N ILE A 100 10.06 -0.27 -12.56
CA ILE A 100 8.70 -0.69 -12.88
C ILE A 100 8.06 0.39 -13.75
N SER A 101 8.15 0.23 -15.08
CA SER A 101 7.55 1.12 -16.06
C SER A 101 6.02 1.02 -16.00
N ALA A 102 5.32 2.10 -16.37
CA ALA A 102 3.86 2.20 -16.42
C ALA A 102 3.22 1.01 -17.16
N ALA A 103 3.81 0.61 -18.30
CA ALA A 103 3.45 -0.56 -19.09
C ALA A 103 3.35 -1.86 -18.27
N GLU A 104 4.32 -2.12 -17.38
CA GLU A 104 4.39 -3.35 -16.58
C GLU A 104 3.14 -3.55 -15.70
N LEU A 105 2.58 -2.46 -15.14
CA LEU A 105 1.31 -2.48 -14.42
C LEU A 105 0.15 -2.71 -15.39
N ARG A 106 0.09 -1.91 -16.48
CA ARG A 106 -0.97 -1.94 -17.49
C ARG A 106 -1.18 -3.36 -18.05
N HIS A 107 -0.10 -4.12 -18.27
CA HIS A 107 -0.13 -5.52 -18.69
C HIS A 107 -0.92 -6.36 -17.68
N VAL A 108 -0.53 -6.36 -16.39
CA VAL A 108 -1.22 -7.06 -15.31
C VAL A 108 -2.74 -6.76 -15.30
N MET A 109 -3.15 -5.51 -15.54
CA MET A 109 -4.56 -5.12 -15.64
C MET A 109 -5.23 -5.77 -16.86
N THR A 110 -4.59 -5.68 -18.04
CA THR A 110 -5.07 -6.21 -19.31
C THR A 110 -5.26 -7.74 -19.27
N ASN A 111 -4.32 -8.49 -18.67
CA ASN A 111 -4.37 -9.94 -18.47
C ASN A 111 -5.70 -10.39 -17.84
N LEU A 112 -6.18 -9.68 -16.82
CA LEU A 112 -7.49 -9.89 -16.20
C LEU A 112 -8.60 -9.59 -17.21
N GLY A 113 -8.52 -8.44 -17.89
CA GLY A 113 -9.53 -7.92 -18.82
C GLY A 113 -9.71 -6.41 -18.66
N GLU A 114 -9.59 -5.90 -17.43
CA GLU A 114 -9.73 -4.48 -17.07
C GLU A 114 -8.74 -3.61 -17.84
N LYS A 115 -9.27 -2.61 -18.56
CA LYS A 115 -8.52 -1.65 -19.36
C LYS A 115 -9.04 -0.24 -19.01
N LEU A 116 -8.68 0.24 -17.82
CA LEU A 116 -8.92 1.59 -17.35
C LEU A 116 -7.78 2.51 -17.82
N THR A 117 -8.03 3.84 -17.87
CA THR A 117 -7.05 4.83 -18.35
C THR A 117 -5.79 4.83 -17.47
N ASP A 118 -4.64 4.54 -18.11
CA ASP A 118 -3.32 4.39 -17.50
C ASP A 118 -2.79 5.67 -16.81
N GLU A 119 -3.41 6.84 -17.05
CA GLU A 119 -3.04 8.11 -16.44
C GLU A 119 -3.16 8.09 -14.91
N GLU A 120 -4.15 7.34 -14.36
CA GLU A 120 -4.27 7.12 -12.93
C GLU A 120 -3.04 6.42 -12.33
N VAL A 121 -2.47 5.41 -13.04
CA VAL A 121 -1.24 4.73 -12.64
C VAL A 121 -0.07 5.73 -12.61
N ASP A 122 0.11 6.49 -13.70
CA ASP A 122 1.15 7.50 -13.86
C ASP A 122 1.10 8.56 -12.75
N GLU A 123 -0.10 8.97 -12.33
CA GLU A 123 -0.34 9.92 -11.23
C GLU A 123 0.19 9.36 -9.90
N MET A 124 -0.25 8.15 -9.48
CA MET A 124 0.23 7.51 -8.24
C MET A 124 1.65 6.91 -8.33
N ILE A 125 2.32 6.98 -9.50
CA ILE A 125 3.77 6.85 -9.60
C ILE A 125 4.40 8.21 -9.24
N ARG A 126 3.94 9.30 -9.88
CA ARG A 126 4.39 10.68 -9.68
C ARG A 126 4.25 11.22 -8.24
N GLU A 127 3.32 10.69 -7.42
CA GLU A 127 3.06 11.16 -6.05
C GLU A 127 4.33 11.22 -5.17
N ALA A 128 5.26 10.27 -5.37
CA ALA A 128 6.51 10.15 -4.64
C ALA A 128 7.53 9.42 -5.53
N ASP A 129 7.89 10.07 -6.65
CA ASP A 129 8.82 9.55 -7.64
C ASP A 129 10.22 10.12 -7.38
N ILE A 130 10.99 9.42 -6.55
CA ILE A 130 12.35 9.77 -6.15
C ILE A 130 13.30 9.88 -7.36
N ASP A 131 13.22 8.94 -8.32
CA ASP A 131 14.02 8.93 -9.56
C ASP A 131 13.79 10.21 -10.39
N GLY A 132 12.53 10.43 -10.81
CA GLY A 132 12.05 11.64 -11.48
C GLY A 132 11.61 11.33 -12.91
N ASP A 133 10.62 10.44 -13.06
CA ASP A 133 10.17 9.89 -14.35
C ASP A 133 8.78 9.24 -14.18
N GLY A 134 8.52 8.15 -14.92
CA GLY A 134 7.33 7.31 -14.82
C GLY A 134 7.70 5.84 -14.56
N GLN A 135 8.74 5.63 -13.74
CA GLN A 135 9.27 4.33 -13.30
C GLN A 135 9.36 4.32 -11.76
N VAL A 136 9.56 3.14 -11.17
CA VAL A 136 9.60 2.92 -9.73
C VAL A 136 10.74 1.95 -9.37
N ASN A 137 11.64 2.38 -8.47
CA ASN A 137 12.75 1.60 -7.91
C ASN A 137 12.31 0.89 -6.61
N TYR A 138 13.28 0.30 -5.88
CA TYR A 138 13.06 -0.37 -4.60
C TYR A 138 12.61 0.63 -3.53
N GLU A 139 13.49 1.59 -3.21
CA GLU A 139 13.24 2.67 -2.27
C GLU A 139 12.41 3.77 -2.98
N GLU A 140 11.23 3.38 -3.47
CA GLU A 140 10.32 4.20 -4.27
C GLU A 140 8.92 3.53 -4.30
N PHE A 141 8.86 2.21 -4.52
CA PHE A 141 7.67 1.39 -4.33
C PHE A 141 7.23 1.42 -2.86
N VAL A 142 8.18 1.19 -1.93
CA VAL A 142 7.96 1.35 -0.49
C VAL A 142 7.54 2.79 -0.19
N GLN A 143 8.28 3.79 -0.70
CA GLN A 143 8.05 5.22 -0.44
C GLN A 143 6.64 5.68 -0.87
N MET A 144 6.14 5.20 -2.02
CA MET A 144 4.78 5.42 -2.51
C MET A 144 3.75 4.92 -1.49
N MET A 145 3.87 3.64 -1.08
CA MET A 145 3.03 3.02 -0.05
C MET A 145 3.34 3.53 1.39
N THR A 146 4.43 4.29 1.59
CA THR A 146 4.89 4.82 2.87
C THR A 146 5.20 6.32 2.68
N ALA A 147 4.16 7.10 2.33
CA ALA A 147 4.31 8.49 1.90
C ALA A 147 4.47 9.41 3.11
N LYS A 148 5.65 10.04 3.23
CA LYS A 148 5.93 11.12 4.16
C LYS A 148 7.03 12.01 3.58
N GLY B 1 -15.75 -23.87 3.61
CA GLY B 1 -14.51 -24.11 4.37
C GLY B 1 -13.37 -24.56 3.46
N SER B 2 -12.86 -23.63 2.65
CA SER B 2 -11.79 -23.84 1.69
C SER B 2 -11.03 -22.52 1.52
N HIS B 3 -10.06 -22.28 2.42
CA HIS B 3 -9.19 -21.09 2.41
C HIS B 3 -8.41 -21.02 1.10
N LYS B 4 -8.49 -19.88 0.40
CA LYS B 4 -7.89 -19.67 -0.92
C LYS B 4 -7.58 -18.18 -1.10
N LYS B 5 -6.45 -17.72 -0.54
CA LYS B 5 -5.97 -16.33 -0.59
C LYS B 5 -4.46 -16.34 -0.89
N THR B 6 -4.11 -16.53 -2.18
CA THR B 6 -2.72 -16.56 -2.64
C THR B 6 -2.08 -15.15 -2.60
N ASP B 7 -0.77 -15.09 -2.30
CA ASP B 7 0.01 -13.86 -2.13
C ASP B 7 -0.20 -12.89 -3.32
N SER B 8 -0.03 -13.42 -4.54
CA SER B 8 -0.14 -12.69 -5.81
C SER B 8 -1.50 -11.98 -5.95
N GLU B 9 -2.61 -12.72 -5.80
CA GLU B 9 -3.98 -12.21 -5.93
C GLU B 9 -4.30 -11.08 -4.95
N VAL B 10 -3.86 -11.18 -3.68
CA VAL B 10 -4.11 -10.19 -2.63
C VAL B 10 -3.48 -8.84 -3.01
N GLN B 11 -2.17 -8.81 -3.31
CA GLN B 11 -1.45 -7.61 -3.75
C GLN B 11 -2.03 -7.04 -5.06
N LEU B 12 -2.38 -7.91 -6.02
CA LEU B 12 -3.02 -7.56 -7.28
C LEU B 12 -4.34 -6.79 -7.02
N GLU B 13 -5.19 -7.29 -6.11
CA GLU B 13 -6.39 -6.64 -5.64
C GLU B 13 -6.11 -5.26 -5.02
N MET B 14 -5.06 -5.13 -4.18
CA MET B 14 -4.66 -3.84 -3.62
C MET B 14 -4.40 -2.80 -4.71
N ILE B 15 -3.46 -3.06 -5.65
CA ILE B 15 -3.09 -2.10 -6.69
C ILE B 15 -4.24 -1.76 -7.65
N THR B 16 -5.15 -2.72 -7.93
CA THR B 16 -6.37 -2.48 -8.70
C THR B 16 -7.25 -1.41 -8.01
N ALA B 17 -7.56 -1.62 -6.72
CA ALA B 17 -8.30 -0.67 -5.88
C ALA B 17 -7.53 0.64 -5.65
N TRP B 18 -6.20 0.63 -5.74
CA TRP B 18 -5.33 1.79 -5.60
C TRP B 18 -5.52 2.76 -6.79
N LYS B 19 -5.67 2.20 -8.00
CA LYS B 19 -6.03 2.94 -9.20
C LYS B 19 -7.45 3.55 -9.09
N LYS B 20 -8.42 2.82 -8.52
CA LYS B 20 -9.78 3.29 -8.28
C LYS B 20 -9.83 4.52 -7.35
N PHE B 21 -8.94 4.62 -6.34
CA PHE B 21 -8.87 5.81 -5.48
C PHE B 21 -8.55 7.05 -6.31
N VAL B 22 -7.51 6.96 -7.15
CA VAL B 22 -7.03 8.06 -7.99
C VAL B 22 -8.10 8.51 -8.99
N GLU B 23 -8.88 7.57 -9.56
CA GLU B 23 -10.04 7.87 -10.37
C GLU B 23 -11.05 8.70 -9.55
N GLU B 24 -11.61 8.11 -8.48
CA GLU B 24 -12.58 8.73 -7.58
C GLU B 24 -12.18 10.16 -7.16
N LYS B 25 -10.91 10.36 -6.78
CA LYS B 25 -10.37 11.64 -6.31
C LYS B 25 -10.20 12.62 -7.49
N LYS B 26 -9.50 12.19 -8.54
CA LYS B 26 -9.16 12.94 -9.75
C LYS B 26 -9.79 12.25 -10.97
N LYS B 27 -11.08 12.56 -11.23
CA LYS B 27 -11.80 12.24 -12.45
C LYS B 27 -13.03 13.15 -12.46
N LYS B 28 -12.87 14.35 -13.06
CA LYS B 28 -13.82 15.46 -13.02
C LYS B 28 -14.19 15.93 -14.43
N GLY C 1 -3.23 30.89 -4.10
CA GLY C 1 -3.35 29.43 -4.34
C GLY C 1 -4.71 28.86 -3.96
N SER C 2 -4.96 27.61 -4.38
CA SER C 2 -6.24 26.91 -4.25
C SER C 2 -6.16 25.88 -3.12
N HIS C 3 -5.23 24.93 -3.23
CA HIS C 3 -4.98 23.87 -2.25
C HIS C 3 -3.53 23.34 -2.38
N LYS C 4 -3.13 22.45 -1.47
CA LYS C 4 -1.80 21.85 -1.41
C LYS C 4 -1.93 20.41 -0.89
N LYS C 5 -1.33 19.45 -1.62
CA LYS C 5 -1.41 18.02 -1.36
C LYS C 5 -0.41 17.62 -0.26
N THR C 6 -0.93 17.05 0.84
CA THR C 6 -0.14 16.48 1.94
C THR C 6 0.16 15.00 1.68
N ASP C 7 1.31 14.53 2.15
CA ASP C 7 1.69 13.12 2.17
C ASP C 7 0.76 12.28 3.06
N SER C 8 0.22 12.87 4.14
CA SER C 8 -0.77 12.26 5.02
C SER C 8 -1.97 11.74 4.22
N GLU C 9 -2.57 12.59 3.38
CA GLU C 9 -3.70 12.26 2.51
C GLU C 9 -3.34 11.19 1.47
N VAL C 10 -2.14 11.25 0.85
CA VAL C 10 -1.67 10.22 -0.09
C VAL C 10 -1.74 8.83 0.56
N GLN C 11 -1.15 8.66 1.74
CA GLN C 11 -1.10 7.39 2.46
C GLN C 11 -2.43 7.05 3.17
N LEU C 12 -3.28 8.04 3.46
CA LEU C 12 -4.65 7.82 3.93
C LEU C 12 -5.47 7.14 2.82
N GLU C 13 -5.38 7.64 1.58
CA GLU C 13 -6.08 7.14 0.41
C GLU C 13 -5.59 5.77 -0.08
N MET C 14 -4.36 5.37 0.32
CA MET C 14 -3.89 3.99 0.20
C MET C 14 -4.72 3.05 1.09
N ILE C 15 -5.11 3.50 2.29
CA ILE C 15 -5.99 2.77 3.20
C ILE C 15 -7.43 2.70 2.65
N THR C 16 -7.92 3.78 2.01
CA THR C 16 -9.19 3.77 1.26
C THR C 16 -9.19 2.63 0.22
N ALA C 17 -8.09 2.48 -0.54
CA ALA C 17 -7.91 1.40 -1.50
C ALA C 17 -7.90 0.01 -0.84
N TRP C 18 -7.18 -0.14 0.29
CA TRP C 18 -7.16 -1.36 1.09
C TRP C 18 -8.58 -1.84 1.44
N LYS C 19 -9.42 -0.94 1.96
CA LYS C 19 -10.83 -1.20 2.26
C LYS C 19 -11.63 -1.57 1.00
N LYS C 20 -11.46 -0.81 -0.10
CA LYS C 20 -12.26 -0.91 -1.33
C LYS C 20 -12.12 -2.30 -1.98
N PHE C 21 -10.89 -2.86 -2.06
CA PHE C 21 -10.67 -4.21 -2.57
C PHE C 21 -11.42 -5.27 -1.72
N VAL C 22 -11.42 -5.12 -0.38
CA VAL C 22 -12.09 -6.06 0.51
C VAL C 22 -13.60 -6.08 0.27
N GLU C 23 -14.23 -4.94 -0.06
CA GLU C 23 -15.65 -4.89 -0.43
C GLU C 23 -15.92 -5.77 -1.66
N GLU C 24 -15.12 -5.64 -2.73
CA GLU C 24 -15.19 -6.50 -3.92
C GLU C 24 -15.04 -7.98 -3.54
N LYS C 25 -13.95 -8.30 -2.81
CA LYS C 25 -13.59 -9.63 -2.33
C LYS C 25 -14.71 -10.28 -1.49
N LYS C 26 -15.45 -9.50 -0.69
CA LYS C 26 -16.47 -9.97 0.24
C LYS C 26 -17.55 -10.80 -0.47
N LYS C 27 -18.11 -10.26 -1.58
CA LYS C 27 -19.05 -10.97 -2.44
C LYS C 27 -18.35 -12.15 -3.14
N LYS C 28 -19.14 -13.20 -3.46
CA LYS C 28 -18.71 -14.43 -4.11
C LYS C 28 -17.92 -15.32 -3.14
CA CA D . -1.50 3.86 19.59
CA CA E . -0.54 -7.85 16.49
CA CA F . 10.97 -3.56 -12.30
CA CA G . 12.17 5.03 -10.91
N ALA A 1 19.83 -7.54 10.74
CA ALA A 1 19.98 -6.85 9.44
C ALA A 1 21.05 -5.75 9.50
N ASP A 2 20.82 -4.72 10.33
CA ASP A 2 21.67 -3.55 10.53
C ASP A 2 21.74 -2.69 9.24
N GLN A 3 20.97 -1.59 9.21
CA GLN A 3 20.87 -0.67 8.07
C GLN A 3 22.14 0.17 7.92
N LEU A 4 22.37 0.68 6.69
CA LEU A 4 23.47 1.57 6.35
C LEU A 4 23.42 2.85 7.20
N THR A 5 22.23 3.47 7.30
CA THR A 5 21.98 4.73 8.01
C THR A 5 20.80 4.59 9.00
N GLU A 6 20.83 5.43 10.04
CA GLU A 6 19.73 5.60 11.00
C GLU A 6 18.62 6.53 10.47
N GLU A 7 18.77 7.12 9.27
CA GLU A 7 17.73 7.89 8.59
C GLU A 7 16.47 7.05 8.36
N GLN A 8 16.63 5.77 7.98
CA GLN A 8 15.57 4.77 7.88
C GLN A 8 14.76 4.68 9.19
N ILE A 9 15.44 4.45 10.32
CA ILE A 9 14.83 4.27 11.63
C ILE A 9 14.04 5.53 12.04
N ALA A 10 14.66 6.72 11.93
CA ALA A 10 14.03 8.02 12.18
C ALA A 10 12.76 8.23 11.35
N GLU A 11 12.81 7.89 10.05
CA GLU A 11 11.69 7.99 9.12
C GLU A 11 10.52 7.11 9.57
N PHE A 12 10.78 5.84 9.93
CA PHE A 12 9.79 4.89 10.39
C PHE A 12 9.16 5.27 11.75
N LYS A 13 9.94 5.85 12.67
CA LYS A 13 9.42 6.40 13.93
C LYS A 13 8.42 7.53 13.64
N GLU A 14 8.81 8.52 12.84
CA GLU A 14 7.96 9.64 12.40
C GLU A 14 6.65 9.13 11.76
N ALA A 15 6.74 8.15 10.86
CA ALA A 15 5.61 7.54 10.17
C ALA A 15 4.63 6.86 11.14
N PHE A 16 5.13 5.98 12.01
CA PHE A 16 4.34 5.22 12.98
C PHE A 16 3.66 6.14 14.00
N SER A 17 4.42 7.07 14.58
CA SER A 17 3.95 8.04 15.57
C SER A 17 2.80 8.93 15.04
N LEU A 18 2.76 9.20 13.73
CA LEU A 18 1.68 9.96 13.08
C LEU A 18 0.31 9.32 13.34
N PHE A 19 0.18 8.00 13.12
CA PHE A 19 -1.02 7.19 13.41
C PHE A 19 -1.23 6.98 14.91
N ASP A 20 -0.18 6.49 15.59
CA ASP A 20 -0.18 6.18 17.02
C ASP A 20 -0.08 7.50 17.81
N LYS A 21 -1.21 8.23 17.93
CA LYS A 21 -1.36 9.41 18.76
C LYS A 21 -1.03 9.09 20.23
N ASP A 22 -1.54 7.95 20.72
CA ASP A 22 -1.24 7.43 22.05
C ASP A 22 0.27 7.16 22.22
N GLY A 23 0.89 6.49 21.22
CA GLY A 23 2.30 6.17 21.20
C GLY A 23 2.68 4.95 22.06
N ASP A 24 1.70 4.20 22.60
CA ASP A 24 1.92 2.96 23.33
C ASP A 24 2.50 1.88 22.40
N GLY A 25 1.94 1.78 21.18
CA GLY A 25 2.40 0.93 20.09
C GLY A 25 1.33 -0.07 19.68
N THR A 26 0.17 0.41 19.20
CA THR A 26 -0.95 -0.39 18.69
C THR A 26 -1.73 0.43 17.66
N ILE A 27 -1.90 -0.12 16.44
CA ILE A 27 -2.80 0.37 15.40
C ILE A 27 -3.88 -0.70 15.21
N THR A 28 -5.14 -0.39 15.57
CA THR A 28 -6.29 -1.30 15.45
C THR A 28 -7.50 -0.60 14.81
N THR A 29 -8.63 -1.33 14.76
CA THR A 29 -9.91 -0.91 14.19
C THR A 29 -10.41 0.40 14.81
N LYS A 30 -10.45 0.47 16.16
CA LYS A 30 -10.88 1.64 16.92
C LYS A 30 -10.03 2.88 16.59
N GLU A 31 -8.69 2.73 16.49
CA GLU A 31 -7.76 3.81 16.16
C GLU A 31 -8.00 4.34 14.74
N LEU A 32 -7.98 3.45 13.72
CA LEU A 32 -8.25 3.83 12.32
C LEU A 32 -9.64 4.49 12.19
N GLY A 33 -10.64 3.99 12.93
CA GLY A 33 -11.97 4.58 13.05
C GLY A 33 -11.91 6.07 13.47
N THR A 34 -11.10 6.39 14.50
CA THR A 34 -10.88 7.75 14.99
C THR A 34 -10.27 8.63 13.89
N VAL A 35 -9.18 8.19 13.25
CA VAL A 35 -8.48 8.93 12.21
C VAL A 35 -9.42 9.28 11.04
N MET A 36 -10.08 8.26 10.47
CA MET A 36 -11.02 8.42 9.36
C MET A 36 -12.18 9.37 9.72
N ARG A 37 -12.83 9.19 10.88
CA ARG A 37 -13.98 9.96 11.32
C ARG A 37 -13.61 11.42 11.66
N SER A 38 -12.48 11.63 12.35
CA SER A 38 -11.97 12.97 12.71
C SER A 38 -11.75 13.85 11.46
N LEU A 39 -11.30 13.24 10.35
CA LEU A 39 -11.22 13.88 9.04
C LEU A 39 -12.63 14.10 8.49
N GLY A 40 -13.41 13.04 8.31
CA GLY A 40 -14.83 13.10 7.94
C GLY A 40 -15.27 11.92 7.07
N GLN A 41 -15.01 10.68 7.51
CA GLN A 41 -15.44 9.44 6.85
C GLN A 41 -15.69 8.37 7.92
N ASN A 42 -16.81 7.65 7.81
CA ASN A 42 -17.27 6.63 8.76
C ASN A 42 -17.14 5.23 8.13
N PRO A 43 -15.99 4.53 8.30
CA PRO A 43 -15.76 3.21 7.73
C PRO A 43 -16.46 2.10 8.54
N THR A 44 -16.56 0.89 7.96
CA THR A 44 -17.09 -0.32 8.58
C THR A 44 -15.97 -1.04 9.35
N GLU A 45 -16.28 -1.44 10.61
CA GLU A 45 -15.38 -2.17 11.51
C GLU A 45 -14.78 -3.41 10.85
N ALA A 46 -15.67 -4.28 10.29
CA ALA A 46 -15.31 -5.55 9.65
C ALA A 46 -14.23 -5.37 8.58
N GLU A 47 -14.34 -4.31 7.78
CA GLU A 47 -13.35 -3.92 6.78
C GLU A 47 -12.03 -3.50 7.44
N LEU A 48 -12.05 -2.54 8.39
CA LEU A 48 -10.85 -2.07 9.09
C LEU A 48 -9.97 -3.20 9.64
N GLN A 49 -10.57 -4.30 10.11
CA GLN A 49 -9.86 -5.50 10.55
C GLN A 49 -9.01 -6.04 9.40
N ASP A 50 -9.66 -6.58 8.35
CA ASP A 50 -9.04 -7.23 7.20
C ASP A 50 -8.01 -6.34 6.49
N MET A 51 -8.33 -5.05 6.31
CA MET A 51 -7.53 -4.03 5.63
C MET A 51 -6.05 -4.07 6.06
N ILE A 52 -5.80 -3.99 7.38
CA ILE A 52 -4.45 -4.05 7.96
C ILE A 52 -4.02 -5.51 8.21
N ASN A 53 -4.92 -6.31 8.83
CA ASN A 53 -4.69 -7.67 9.29
C ASN A 53 -4.23 -8.64 8.18
N GLU A 54 -4.60 -8.38 6.91
CA GLU A 54 -4.18 -9.14 5.73
C GLU A 54 -2.67 -9.39 5.71
N VAL A 55 -1.86 -8.33 5.82
CA VAL A 55 -0.40 -8.41 5.81
C VAL A 55 0.15 -9.14 7.04
N ASP A 56 -0.47 -8.93 8.23
CA ASP A 56 -0.05 -9.51 9.50
C ASP A 56 -0.17 -11.05 9.46
N ALA A 57 0.96 -11.75 9.68
CA ALA A 57 1.03 -13.21 9.66
C ALA A 57 0.22 -13.81 10.81
N ASP A 58 0.59 -13.47 12.06
CA ASP A 58 -0.08 -13.92 13.29
C ASP A 58 -1.57 -13.52 13.32
N GLY A 59 -1.88 -12.27 12.94
CA GLY A 59 -3.23 -11.74 12.85
C GLY A 59 -3.81 -11.43 14.23
N ASN A 60 -3.16 -10.52 14.98
CA ASN A 60 -3.59 -10.11 16.33
C ASN A 60 -4.59 -8.94 16.32
N GLY A 61 -4.70 -8.17 15.22
CA GLY A 61 -5.57 -6.99 15.13
C GLY A 61 -4.85 -5.73 15.59
N THR A 62 -4.10 -5.83 16.70
CA THR A 62 -3.15 -4.83 17.18
C THR A 62 -1.87 -4.94 16.33
N ILE A 63 -1.66 -3.97 15.43
CA ILE A 63 -0.49 -3.87 14.57
C ILE A 63 0.51 -2.95 15.27
N ASP A 64 1.40 -3.59 16.05
CA ASP A 64 2.36 -2.96 16.95
C ASP A 64 3.52 -2.28 16.18
N PHE A 65 4.50 -1.75 16.93
CA PHE A 65 5.70 -1.09 16.37
C PHE A 65 6.45 -2.00 15.39
N PRO A 66 6.78 -3.26 15.77
CA PRO A 66 7.37 -4.25 14.87
C PRO A 66 6.50 -4.50 13.63
N GLU A 67 5.20 -4.70 13.82
CA GLU A 67 4.24 -5.07 12.76
C GLU A 67 4.14 -3.99 11.68
N PHE A 68 4.17 -2.69 12.03
CA PHE A 68 4.07 -1.59 11.08
C PHE A 68 5.37 -1.47 10.24
N LEU A 69 6.53 -1.37 10.92
CA LEU A 69 7.86 -1.37 10.31
C LEU A 69 8.06 -2.58 9.38
N THR A 70 7.53 -3.76 9.76
CA THR A 70 7.50 -4.94 8.90
C THR A 70 6.58 -4.65 7.71
N MET A 71 5.24 -4.61 7.92
CA MET A 71 4.18 -4.38 6.93
C MET A 71 4.58 -3.47 5.77
N MET A 72 5.11 -2.29 6.10
CA MET A 72 5.53 -1.25 5.17
C MET A 72 6.79 -1.68 4.39
N ALA A 73 7.93 -1.87 5.06
CA ALA A 73 9.22 -2.13 4.42
C ALA A 73 9.38 -3.60 3.96
N ARG A 74 9.43 -4.54 4.91
CA ARG A 74 9.66 -5.97 4.69
C ARG A 74 8.42 -6.61 4.04
N LYS A 75 7.28 -6.49 4.71
CA LYS A 75 5.95 -7.03 4.40
C LYS A 75 5.81 -8.46 4.94
N MET A 76 4.93 -8.63 5.93
CA MET A 76 4.57 -9.91 6.57
C MET A 76 5.71 -10.44 7.44
N LYS A 77 5.38 -10.92 8.65
CA LYS A 77 6.35 -11.34 9.65
C LYS A 77 6.79 -12.80 9.38
N ASP A 78 7.83 -12.93 8.54
CA ASP A 78 8.60 -14.15 8.27
C ASP A 78 10.09 -13.78 8.19
N THR A 79 10.94 -14.75 7.78
CA THR A 79 12.38 -14.56 7.62
C THR A 79 12.69 -13.79 6.33
N ASP A 80 12.50 -14.45 5.17
CA ASP A 80 12.81 -13.93 3.85
C ASP A 80 11.64 -13.08 3.33
N SER A 81 11.34 -12.01 4.09
CA SER A 81 10.20 -11.11 3.89
C SER A 81 10.44 -10.12 2.74
N GLU A 82 11.63 -9.48 2.70
CA GLU A 82 12.05 -8.67 1.54
C GLU A 82 12.07 -9.48 0.24
N GLU A 83 12.41 -10.78 0.32
CA GLU A 83 12.40 -11.73 -0.79
C GLU A 83 10.99 -11.86 -1.40
N GLU A 84 9.95 -11.88 -0.55
CA GLU A 84 8.55 -11.93 -0.96
C GLU A 84 8.15 -10.76 -1.88
N ILE A 85 8.66 -9.55 -1.62
CA ILE A 85 8.45 -8.37 -2.47
C ILE A 85 9.08 -8.59 -3.87
N ARG A 86 10.32 -9.12 -3.92
CA ARG A 86 11.05 -9.40 -5.15
C ARG A 86 10.31 -10.42 -6.03
N GLU A 87 9.72 -11.47 -5.43
CA GLU A 87 8.82 -12.41 -6.10
C GLU A 87 7.62 -11.69 -6.71
N ALA A 88 6.85 -10.96 -5.89
CA ALA A 88 5.67 -10.20 -6.30
C ALA A 88 5.96 -9.25 -7.47
N PHE A 89 7.11 -8.56 -7.46
CA PHE A 89 7.59 -7.71 -8.54
C PHE A 89 7.75 -8.52 -9.84
N ARG A 90 8.52 -9.62 -9.81
CA ARG A 90 8.81 -10.44 -10.99
C ARG A 90 7.57 -11.08 -11.62
N VAL A 91 6.52 -11.36 -10.83
CA VAL A 91 5.23 -11.83 -11.33
C VAL A 91 4.52 -10.70 -12.10
N PHE A 92 4.42 -9.50 -11.51
CA PHE A 92 3.69 -8.37 -12.08
C PHE A 92 4.49 -7.78 -13.25
N ASP A 93 5.63 -7.15 -12.94
CA ASP A 93 6.58 -6.57 -13.88
C ASP A 93 7.22 -7.67 -14.73
N LYS A 94 7.49 -7.39 -16.02
CA LYS A 94 8.07 -8.33 -16.97
C LYS A 94 9.61 -8.25 -16.97
N ASP A 95 10.22 -8.07 -15.78
CA ASP A 95 11.66 -8.10 -15.52
C ASP A 95 11.89 -8.57 -14.08
N GLY A 96 11.41 -7.77 -13.10
CA GLY A 96 11.57 -8.03 -11.68
C GLY A 96 13.01 -7.74 -11.22
N ASN A 97 13.40 -6.47 -11.27
CA ASN A 97 14.73 -5.98 -10.89
C ASN A 97 14.63 -4.71 -10.04
N GLY A 98 13.53 -4.55 -9.26
CA GLY A 98 13.19 -3.32 -8.55
C GLY A 98 12.39 -2.37 -9.42
N TYR A 99 12.93 -2.00 -10.59
CA TYR A 99 12.33 -1.11 -11.58
C TYR A 99 11.05 -1.73 -12.14
N ILE A 100 9.91 -1.00 -12.07
CA ILE A 100 8.61 -1.39 -12.60
C ILE A 100 8.09 -0.25 -13.48
N SER A 101 8.14 -0.42 -14.81
CA SER A 101 7.64 0.53 -15.80
C SER A 101 6.09 0.59 -15.78
N ALA A 102 5.53 1.76 -16.10
CA ALA A 102 4.09 2.01 -16.20
C ALA A 102 3.40 1.06 -17.20
N ALA A 103 4.02 0.86 -18.38
CA ALA A 103 3.52 -0.04 -19.42
C ALA A 103 3.43 -1.49 -18.95
N GLU A 104 4.49 -2.00 -18.28
CA GLU A 104 4.55 -3.33 -17.69
C GLU A 104 3.47 -3.49 -16.59
N LEU A 105 3.24 -2.43 -15.81
CA LEU A 105 2.19 -2.34 -14.78
C LEU A 105 0.80 -2.50 -15.42
N ARG A 106 0.53 -1.76 -16.51
CA ARG A 106 -0.72 -1.83 -17.26
C ARG A 106 -0.94 -3.24 -17.83
N HIS A 107 0.10 -3.87 -18.40
CA HIS A 107 0.04 -5.16 -19.08
C HIS A 107 -0.54 -6.26 -18.18
N VAL A 108 -0.02 -6.43 -16.95
CA VAL A 108 -0.53 -7.42 -16.00
C VAL A 108 -1.98 -7.15 -15.61
N MET A 109 -2.39 -5.88 -15.43
CA MET A 109 -3.78 -5.50 -15.14
C MET A 109 -4.71 -5.85 -16.31
N THR A 110 -4.30 -5.56 -17.55
CA THR A 110 -5.02 -5.87 -18.78
C THR A 110 -5.21 -7.38 -18.96
N ASN A 111 -4.18 -8.17 -18.64
CA ASN A 111 -4.09 -9.61 -18.88
C ASN A 111 -5.31 -10.40 -18.37
N LEU A 112 -5.86 -10.06 -17.20
CA LEU A 112 -7.01 -10.74 -16.61
C LEU A 112 -8.28 -10.46 -17.44
N GLY A 113 -8.72 -9.20 -17.47
CA GLY A 113 -9.88 -8.77 -18.26
C GLY A 113 -10.47 -7.47 -17.74
N GLU A 114 -9.74 -6.34 -17.93
CA GLU A 114 -10.20 -4.99 -17.59
C GLU A 114 -9.43 -3.96 -18.42
N LYS A 115 -10.12 -2.90 -18.88
CA LYS A 115 -9.60 -1.87 -19.77
C LYS A 115 -9.88 -0.50 -19.16
N LEU A 116 -9.01 -0.07 -18.23
CA LEU A 116 -9.05 1.21 -17.54
C LEU A 116 -7.78 2.01 -17.89
N THR A 117 -7.94 3.30 -18.21
CA THR A 117 -6.88 4.17 -18.75
C THR A 117 -5.75 4.36 -17.74
N ASP A 118 -4.50 4.11 -18.16
CA ASP A 118 -3.29 4.13 -17.34
C ASP A 118 -2.78 5.55 -16.99
N GLU A 119 -3.59 6.61 -17.19
CA GLU A 119 -3.30 7.96 -16.75
C GLU A 119 -3.29 8.05 -15.21
N GLU A 120 -4.20 7.33 -14.53
CA GLU A 120 -4.21 7.15 -13.09
C GLU A 120 -2.92 6.44 -12.61
N VAL A 121 -2.56 5.33 -13.26
CA VAL A 121 -1.33 4.57 -12.99
C VAL A 121 -0.12 5.51 -12.99
N ASP A 122 0.06 6.29 -14.07
CA ASP A 122 1.09 7.31 -14.19
C ASP A 122 1.08 8.31 -13.02
N GLU A 123 -0.09 8.84 -12.62
CA GLU A 123 -0.21 9.78 -11.51
C GLU A 123 0.35 9.20 -10.20
N MET A 124 -0.10 7.99 -9.80
CA MET A 124 0.36 7.33 -8.58
C MET A 124 1.77 6.70 -8.68
N ILE A 125 2.46 6.86 -9.81
CA ILE A 125 3.92 6.74 -9.91
C ILE A 125 4.52 8.11 -9.57
N ARG A 126 4.10 9.16 -10.32
CA ARG A 126 4.56 10.54 -10.19
C ARG A 126 4.52 11.09 -8.75
N GLU A 127 3.55 10.66 -7.92
CA GLU A 127 3.41 11.07 -6.52
C GLU A 127 4.71 11.00 -5.71
N ALA A 128 5.58 10.02 -5.98
CA ALA A 128 6.96 9.97 -5.49
C ALA A 128 7.87 9.25 -6.50
N ASP A 129 7.92 9.78 -7.74
CA ASP A 129 8.82 9.34 -8.79
C ASP A 129 10.12 10.14 -8.69
N ILE A 130 11.14 9.57 -8.04
CA ILE A 130 12.45 10.19 -7.82
C ILE A 130 13.22 10.35 -9.14
N ASP A 131 13.28 9.30 -9.98
CA ASP A 131 14.04 9.26 -11.23
C ASP A 131 13.68 10.42 -12.19
N GLY A 132 12.38 10.57 -12.52
CA GLY A 132 11.88 11.54 -13.48
C GLY A 132 11.53 10.85 -14.80
N ASP A 133 10.53 9.97 -14.75
CA ASP A 133 10.05 9.11 -15.82
C ASP A 133 8.71 8.46 -15.42
N GLY A 134 8.35 7.33 -16.05
CA GLY A 134 7.21 6.48 -15.70
C GLY A 134 7.70 5.10 -15.24
N GLN A 135 8.49 5.07 -14.16
CA GLN A 135 9.13 3.87 -13.59
C GLN A 135 9.06 3.91 -12.06
N VAL A 136 9.24 2.74 -11.41
CA VAL A 136 9.13 2.59 -9.95
C VAL A 136 10.26 1.67 -9.46
N ASN A 137 11.31 2.25 -8.85
CA ASN A 137 12.43 1.52 -8.25
C ASN A 137 12.04 0.90 -6.88
N TYR A 138 13.00 0.28 -6.19
CA TYR A 138 12.85 -0.25 -4.83
C TYR A 138 12.39 0.87 -3.87
N GLU A 139 13.22 1.92 -3.73
CA GLU A 139 12.97 3.06 -2.86
C GLU A 139 11.64 3.76 -3.20
N GLU A 140 11.36 4.00 -4.50
CA GLU A 140 10.14 4.66 -4.95
C GLU A 140 8.89 3.90 -4.49
N PHE A 141 8.84 2.58 -4.72
CA PHE A 141 7.78 1.69 -4.27
C PHE A 141 7.46 1.87 -2.78
N VAL A 142 8.50 1.90 -1.93
CA VAL A 142 8.39 2.16 -0.50
C VAL A 142 7.76 3.55 -0.28
N GLN A 143 8.38 4.62 -0.77
CA GLN A 143 7.97 6.01 -0.56
C GLN A 143 6.52 6.31 -1.01
N MET A 144 5.99 5.62 -2.04
CA MET A 144 4.59 5.72 -2.45
C MET A 144 3.65 5.09 -1.40
N MET A 145 3.82 3.80 -1.08
CA MET A 145 3.00 3.07 -0.11
C MET A 145 3.31 3.42 1.35
N THR A 146 4.36 4.21 1.61
CA THR A 146 4.80 4.66 2.92
C THR A 146 5.23 6.13 2.75
N ALA A 147 4.25 6.99 2.39
CA ALA A 147 4.44 8.40 2.12
C ALA A 147 4.35 9.17 3.44
N LYS A 148 5.53 9.48 4.02
CA LYS A 148 5.77 10.22 5.26
C LYS A 148 5.84 9.26 6.47
N GLY B 1 0.84 -25.45 4.08
CA GLY B 1 -0.38 -26.05 3.50
C GLY B 1 -1.62 -25.17 3.71
N SER B 2 -1.83 -24.21 2.79
CA SER B 2 -2.95 -23.28 2.82
C SER B 2 -3.21 -22.73 1.41
N HIS B 3 -4.49 -22.70 1.01
CA HIS B 3 -4.99 -22.05 -0.19
C HIS B 3 -6.06 -20.99 0.17
N LYS B 4 -5.86 -20.28 1.29
CA LYS B 4 -6.70 -19.19 1.76
C LYS B 4 -6.15 -17.88 1.19
N LYS B 5 -6.37 -17.67 -0.12
CA LYS B 5 -5.90 -16.54 -0.94
C LYS B 5 -4.37 -16.56 -1.13
N THR B 6 -3.89 -15.93 -2.22
CA THR B 6 -2.47 -15.85 -2.59
C THR B 6 -1.97 -14.41 -2.46
N ASP B 7 -0.73 -14.24 -2.00
CA ASP B 7 -0.01 -12.96 -1.93
C ASP B 7 -0.14 -12.18 -3.24
N SER B 8 0.07 -12.85 -4.38
CA SER B 8 -0.03 -12.28 -5.72
C SER B 8 -1.41 -11.65 -5.96
N GLU B 9 -2.49 -12.44 -5.88
CA GLU B 9 -3.84 -12.00 -6.20
C GLU B 9 -4.32 -10.88 -5.26
N VAL B 10 -4.10 -11.03 -3.95
CA VAL B 10 -4.38 -10.03 -2.91
C VAL B 10 -3.76 -8.67 -3.29
N GLN B 11 -2.44 -8.65 -3.58
CA GLN B 11 -1.70 -7.45 -3.98
C GLN B 11 -2.16 -6.90 -5.35
N LEU B 12 -2.74 -7.74 -6.23
CA LEU B 12 -3.22 -7.35 -7.54
C LEU B 12 -4.57 -6.62 -7.45
N GLU B 13 -5.54 -7.17 -6.68
CA GLU B 13 -6.76 -6.46 -6.31
C GLU B 13 -6.44 -5.13 -5.60
N MET B 14 -5.39 -5.11 -4.77
CA MET B 14 -4.89 -3.89 -4.14
C MET B 14 -4.40 -2.87 -5.19
N ILE B 15 -3.63 -3.31 -6.20
CA ILE B 15 -3.12 -2.44 -7.27
C ILE B 15 -4.26 -1.83 -8.10
N THR B 16 -5.29 -2.65 -8.41
CA THR B 16 -6.50 -2.23 -9.11
C THR B 16 -7.23 -1.15 -8.29
N ALA B 17 -7.49 -1.42 -7.01
CA ALA B 17 -8.12 -0.47 -6.08
C ALA B 17 -7.34 0.84 -5.92
N TRP B 18 -6.00 0.75 -5.86
CA TRP B 18 -5.10 1.90 -5.73
C TRP B 18 -5.26 2.85 -6.92
N LYS B 19 -5.41 2.28 -8.13
CA LYS B 19 -5.69 2.96 -9.39
C LYS B 19 -7.09 3.63 -9.36
N LYS B 20 -8.11 2.95 -8.80
CA LYS B 20 -9.49 3.47 -8.69
C LYS B 20 -9.60 4.71 -7.80
N PHE B 21 -8.83 4.79 -6.68
CA PHE B 21 -8.89 5.96 -5.79
C PHE B 21 -8.52 7.24 -6.56
N VAL B 22 -7.44 7.18 -7.36
CA VAL B 22 -7.02 8.28 -8.22
C VAL B 22 -8.14 8.65 -9.20
N GLU B 23 -8.75 7.65 -9.88
CA GLU B 23 -9.83 7.84 -10.84
C GLU B 23 -10.94 8.76 -10.27
N GLU B 24 -11.40 8.48 -9.04
CA GLU B 24 -12.36 9.27 -8.30
C GLU B 24 -11.80 10.66 -7.96
N LYS B 25 -10.70 10.70 -7.16
CA LYS B 25 -10.12 11.90 -6.57
C LYS B 25 -9.69 12.93 -7.64
N LYS B 26 -8.78 12.52 -8.52
CA LYS B 26 -8.19 13.32 -9.60
C LYS B 26 -9.25 14.15 -10.33
N LYS B 27 -10.35 13.48 -10.73
CA LYS B 27 -11.54 14.09 -11.27
C LYS B 27 -12.41 14.63 -10.13
N LYS B 28 -11.97 15.76 -9.55
CA LYS B 28 -12.55 16.43 -8.40
C LYS B 28 -13.91 17.09 -8.71
N GLY C 1 -5.33 27.83 -3.69
CA GLY C 1 -4.98 26.93 -2.58
C GLY C 1 -6.21 26.31 -1.92
N SER C 2 -7.02 25.59 -2.72
CA SER C 2 -8.23 24.91 -2.28
C SER C 2 -7.87 23.70 -1.39
N HIS C 3 -7.19 22.70 -1.97
CA HIS C 3 -6.70 21.50 -1.30
C HIS C 3 -5.20 21.36 -1.61
N LYS C 4 -4.35 21.64 -0.61
CA LYS C 4 -2.91 21.49 -0.68
C LYS C 4 -2.57 20.00 -0.52
N LYS C 5 -2.01 19.37 -1.57
CA LYS C 5 -1.74 17.94 -1.66
C LYS C 5 -0.65 17.53 -0.66
N THR C 6 -0.91 16.53 0.19
CA THR C 6 0.03 15.99 1.20
C THR C 6 0.34 14.52 0.96
N ASP C 7 1.51 14.08 1.45
CA ASP C 7 1.94 12.70 1.57
C ASP C 7 1.01 11.91 2.52
N SER C 8 0.54 12.54 3.61
CA SER C 8 -0.42 11.99 4.56
C SER C 8 -1.73 11.60 3.86
N GLU C 9 -2.33 12.55 3.10
CA GLU C 9 -3.52 12.34 2.30
C GLU C 9 -3.37 11.15 1.34
N VAL C 10 -2.28 11.11 0.57
CA VAL C 10 -1.97 10.02 -0.35
C VAL C 10 -1.95 8.65 0.35
N GLN C 11 -1.28 8.54 1.51
CA GLN C 11 -1.12 7.31 2.27
C GLN C 11 -2.45 6.85 2.90
N LEU C 12 -3.27 7.80 3.39
CA LEU C 12 -4.65 7.58 3.87
C LEU C 12 -5.51 6.93 2.78
N GLU C 13 -5.44 7.46 1.55
CA GLU C 13 -6.20 6.98 0.39
C GLU C 13 -5.66 5.64 -0.15
N MET C 14 -4.37 5.35 0.06
CA MET C 14 -3.77 4.04 -0.21
C MET C 14 -4.28 2.99 0.80
N ILE C 15 -4.62 3.39 2.05
CA ILE C 15 -5.38 2.57 2.99
C ILE C 15 -6.85 2.44 2.54
N THR C 16 -7.49 3.49 2.02
CA THR C 16 -8.85 3.42 1.46
C THR C 16 -8.95 2.35 0.35
N ALA C 17 -7.91 2.23 -0.49
CA ALA C 17 -7.78 1.19 -1.51
C ALA C 17 -7.84 -0.24 -0.93
N TRP C 18 -7.44 -0.42 0.34
CA TRP C 18 -7.48 -1.71 1.02
C TRP C 18 -8.92 -2.17 1.26
N LYS C 19 -9.82 -1.24 1.62
CA LYS C 19 -11.25 -1.49 1.79
C LYS C 19 -11.85 -2.15 0.54
N LYS C 20 -11.50 -1.65 -0.65
CA LYS C 20 -12.00 -2.14 -1.94
C LYS C 20 -11.62 -3.60 -2.21
N PHE C 21 -10.33 -4.00 -2.06
CA PHE C 21 -9.95 -5.40 -2.31
C PHE C 21 -10.66 -6.38 -1.38
N VAL C 22 -10.77 -6.03 -0.08
CA VAL C 22 -11.50 -6.81 0.92
C VAL C 22 -12.97 -6.97 0.50
N GLU C 23 -13.64 -5.85 0.21
CA GLU C 23 -15.04 -5.78 -0.21
C GLU C 23 -15.31 -6.69 -1.42
N GLU C 24 -14.57 -6.51 -2.52
CA GLU C 24 -14.65 -7.32 -3.74
C GLU C 24 -14.49 -8.82 -3.44
N LYS C 25 -13.43 -9.21 -2.71
CA LYS C 25 -13.11 -10.59 -2.36
C LYS C 25 -14.15 -11.26 -1.44
N LYS C 26 -14.80 -10.51 -0.53
CA LYS C 26 -15.75 -11.04 0.46
C LYS C 26 -16.87 -11.84 -0.22
N LYS C 27 -17.61 -11.22 -1.14
CA LYS C 27 -18.58 -11.90 -1.99
C LYS C 27 -17.83 -12.77 -3.01
N LYS C 28 -18.25 -14.03 -3.16
CA LYS C 28 -17.63 -15.03 -4.02
C LYS C 28 -18.70 -16.02 -4.48
CA CA D . -1.13 3.91 19.60
CA CA E . 0.39 -8.46 15.47
CA CA F . 11.34 -2.66 -15.58
CA CA G . 11.77 5.06 -11.37
N ALA A 1 32.70 0.04 11.52
CA ALA A 1 31.73 -0.90 12.12
C ALA A 1 30.28 -0.40 11.99
N ASP A 2 29.89 -0.01 10.78
CA ASP A 2 28.55 0.50 10.43
C ASP A 2 28.43 0.61 8.90
N GLN A 3 27.22 0.37 8.39
CA GLN A 3 26.87 0.48 6.97
C GLN A 3 25.42 0.97 6.81
N LEU A 4 25.18 1.78 5.76
CA LEU A 4 23.95 2.52 5.48
C LEU A 4 23.69 3.65 6.49
N THR A 5 23.04 4.72 6.01
CA THR A 5 22.73 5.92 6.78
C THR A 5 21.51 5.71 7.70
N GLU A 6 21.48 6.46 8.81
CA GLU A 6 20.41 6.48 9.81
C GLU A 6 19.15 7.23 9.32
N GLU A 7 19.26 8.05 8.26
CA GLU A 7 18.15 8.76 7.63
C GLU A 7 16.98 7.81 7.31
N GLN A 8 17.31 6.63 6.74
CA GLN A 8 16.38 5.54 6.46
C GLN A 8 15.49 5.22 7.69
N ILE A 9 16.12 5.01 8.85
CA ILE A 9 15.48 4.66 10.12
C ILE A 9 14.60 5.83 10.62
N ALA A 10 15.13 7.06 10.59
CA ALA A 10 14.42 8.29 10.96
C ALA A 10 13.09 8.47 10.20
N GLU A 11 13.05 8.12 8.91
CA GLU A 11 11.84 8.20 8.07
C GLU A 11 10.78 7.20 8.53
N PHE A 12 11.15 5.95 8.84
CA PHE A 12 10.24 4.92 9.36
C PHE A 12 9.70 5.30 10.76
N LYS A 13 10.55 5.82 11.64
CA LYS A 13 10.15 6.36 12.95
C LYS A 13 9.08 7.44 12.79
N GLU A 14 9.34 8.44 11.93
CA GLU A 14 8.43 9.55 11.63
C GLU A 14 7.11 9.03 11.05
N ALA A 15 7.17 8.14 10.05
CA ALA A 15 6.01 7.50 9.43
C ALA A 15 5.11 6.81 10.47
N PHE A 16 5.70 6.00 11.35
CA PHE A 16 5.02 5.27 12.42
C PHE A 16 4.28 6.24 13.37
N SER A 17 4.94 7.32 13.81
CA SER A 17 4.43 8.29 14.77
C SER A 17 3.13 8.98 14.32
N LEU A 18 3.01 9.27 13.01
CA LEU A 18 1.83 9.91 12.40
C LEU A 18 0.54 9.12 12.67
N PHE A 19 0.56 7.80 12.45
CA PHE A 19 -0.56 6.91 12.75
C PHE A 19 -0.65 6.64 14.25
N ASP A 20 0.49 6.31 14.90
CA ASP A 20 0.60 6.04 16.33
C ASP A 20 0.62 7.37 17.12
N LYS A 21 -0.55 8.04 17.19
CA LYS A 21 -0.77 9.28 17.92
C LYS A 21 -0.73 9.06 19.44
N ASP A 22 -1.37 7.99 19.93
CA ASP A 22 -1.48 7.66 21.35
C ASP A 22 -0.10 7.55 22.01
N GLY A 23 0.82 6.77 21.40
CA GLY A 23 2.16 6.54 21.90
C GLY A 23 2.40 5.08 22.30
N ASP A 24 1.35 4.36 22.74
CA ASP A 24 1.38 2.97 23.20
C ASP A 24 2.16 2.00 22.30
N GLY A 25 2.07 2.17 20.96
CA GLY A 25 2.81 1.39 19.98
C GLY A 25 1.96 0.32 19.27
N THR A 26 0.65 0.56 19.12
CA THR A 26 -0.29 -0.29 18.38
C THR A 26 -1.27 0.63 17.63
N ILE A 27 -1.49 0.36 16.33
CA ILE A 27 -2.40 1.11 15.46
C ILE A 27 -3.58 0.18 15.14
N THR A 28 -4.55 0.11 16.06
CA THR A 28 -5.66 -0.86 16.03
C THR A 28 -6.79 -0.42 15.08
N THR A 29 -7.80 -1.30 14.89
CA THR A 29 -8.93 -1.13 14.00
C THR A 29 -9.85 0.04 14.42
N LYS A 30 -10.13 0.17 15.73
CA LYS A 30 -10.91 1.26 16.32
C LYS A 30 -10.22 2.61 16.05
N GLU A 31 -8.92 2.70 16.32
CA GLU A 31 -8.05 3.84 16.05
C GLU A 31 -8.03 4.20 14.55
N LEU A 32 -7.95 3.19 13.66
CA LEU A 32 -8.04 3.37 12.21
C LEU A 32 -9.36 4.06 11.84
N GLY A 33 -10.49 3.55 12.39
CA GLY A 33 -11.82 4.10 12.23
C GLY A 33 -11.89 5.60 12.57
N THR A 34 -11.34 6.00 13.72
CA THR A 34 -11.31 7.38 14.21
C THR A 34 -10.69 8.37 13.20
N VAL A 35 -9.68 7.95 12.43
CA VAL A 35 -9.04 8.75 11.39
C VAL A 35 -10.03 9.05 10.24
N MET A 36 -10.69 8.02 9.69
CA MET A 36 -11.73 8.17 8.67
C MET A 36 -12.90 9.05 9.18
N ARG A 37 -13.37 8.80 10.41
CA ARG A 37 -14.39 9.59 11.11
C ARG A 37 -14.05 11.08 11.11
N SER A 38 -12.83 11.44 11.54
CA SER A 38 -12.33 12.81 11.65
C SER A 38 -12.51 13.59 10.34
N LEU A 39 -12.05 13.01 9.22
CA LEU A 39 -12.23 13.57 7.88
C LEU A 39 -13.73 13.72 7.57
N GLY A 40 -14.44 12.59 7.45
CA GLY A 40 -15.89 12.54 7.27
C GLY A 40 -16.33 11.29 6.51
N GLN A 41 -15.91 10.10 7.01
CA GLN A 41 -16.33 8.79 6.50
C GLN A 41 -16.49 7.83 7.69
N ASN A 42 -17.58 7.04 7.69
CA ASN A 42 -17.93 6.08 8.74
C ASN A 42 -17.82 4.66 8.17
N PRO A 43 -16.64 4.01 8.25
CA PRO A 43 -16.45 2.64 7.78
C PRO A 43 -17.05 1.61 8.76
N THR A 44 -16.93 0.31 8.41
CA THR A 44 -17.32 -0.82 9.25
C THR A 44 -16.21 -1.13 10.29
N GLU A 45 -16.19 -2.35 10.81
CA GLU A 45 -15.19 -2.90 11.74
C GLU A 45 -14.52 -4.15 11.14
N ALA A 46 -15.33 -5.04 10.52
CA ALA A 46 -14.87 -6.26 9.85
C ALA A 46 -13.78 -5.98 8.80
N GLU A 47 -14.00 -4.97 7.93
CA GLU A 47 -13.06 -4.59 6.89
C GLU A 47 -11.74 -4.06 7.48
N LEU A 48 -11.82 -3.20 8.51
CA LEU A 48 -10.65 -2.62 9.17
C LEU A 48 -9.68 -3.68 9.70
N GLN A 49 -10.20 -4.80 10.25
CA GLN A 49 -9.38 -5.94 10.64
C GLN A 49 -8.78 -6.64 9.41
N ASP A 50 -9.61 -6.99 8.41
CA ASP A 50 -9.18 -7.72 7.20
C ASP A 50 -8.01 -7.03 6.49
N MET A 51 -8.09 -5.71 6.27
CA MET A 51 -7.06 -4.84 5.71
C MET A 51 -5.67 -5.13 6.30
N ILE A 52 -5.56 -5.00 7.63
CA ILE A 52 -4.33 -5.18 8.41
C ILE A 52 -3.89 -6.66 8.41
N ASN A 53 -4.84 -7.58 8.66
CA ASN A 53 -4.60 -9.01 8.88
C ASN A 53 -4.17 -9.79 7.61
N GLU A 54 -4.03 -9.14 6.44
CA GLU A 54 -3.37 -9.71 5.28
C GLU A 54 -1.89 -9.98 5.62
N VAL A 55 -1.16 -8.93 6.02
CA VAL A 55 0.24 -8.96 6.40
C VAL A 55 0.43 -9.66 7.75
N ASP A 56 -0.27 -9.16 8.77
CA ASP A 56 -0.11 -9.57 10.17
C ASP A 56 -0.46 -11.06 10.33
N ALA A 57 0.58 -11.90 10.38
CA ALA A 57 0.50 -13.36 10.41
C ALA A 57 -0.33 -13.87 11.60
N ASP A 58 0.04 -13.44 12.82
CA ASP A 58 -0.69 -13.73 14.06
C ASP A 58 -2.13 -13.20 14.00
N GLY A 59 -2.31 -11.98 13.49
CA GLY A 59 -3.60 -11.33 13.25
C GLY A 59 -4.38 -11.04 14.53
N ASN A 60 -3.72 -10.39 15.50
CA ASN A 60 -4.34 -9.98 16.78
C ASN A 60 -5.13 -8.66 16.67
N GLY A 61 -5.50 -8.22 15.45
CA GLY A 61 -6.17 -6.94 15.20
C GLY A 61 -5.18 -5.78 15.26
N THR A 62 -4.41 -5.69 16.36
CA THR A 62 -3.31 -4.77 16.56
C THR A 62 -2.18 -5.04 15.54
N ILE A 63 -1.59 -3.96 15.01
CA ILE A 63 -0.36 -4.00 14.22
C ILE A 63 0.70 -3.14 14.92
N ASP A 64 1.61 -3.82 15.65
CA ASP A 64 2.59 -3.25 16.57
C ASP A 64 3.69 -2.46 15.83
N PHE A 65 4.74 -2.01 16.54
CA PHE A 65 5.83 -1.21 15.99
C PHE A 65 6.60 -1.94 14.87
N PRO A 66 7.31 -3.06 15.12
CA PRO A 66 8.05 -3.78 14.08
C PRO A 66 7.13 -4.39 13.02
N GLU A 67 5.92 -4.84 13.41
CA GLU A 67 4.91 -5.36 12.50
C GLU A 67 4.47 -4.31 11.47
N PHE A 68 4.28 -3.05 11.91
CA PHE A 68 4.00 -1.91 11.02
C PHE A 68 5.19 -1.64 10.08
N LEU A 69 6.44 -1.65 10.60
CA LEU A 69 7.65 -1.54 9.78
C LEU A 69 7.76 -2.68 8.74
N THR A 70 7.20 -3.88 9.03
CA THR A 70 7.05 -4.95 8.03
C THR A 70 6.09 -4.47 6.93
N MET A 71 4.83 -4.15 7.31
CA MET A 71 3.79 -3.65 6.41
C MET A 71 4.26 -2.49 5.51
N MET A 72 5.07 -1.57 6.04
CA MET A 72 5.65 -0.45 5.30
C MET A 72 6.74 -0.92 4.34
N ALA A 73 7.81 -1.55 4.86
CA ALA A 73 9.03 -1.87 4.11
C ALA A 73 8.91 -3.22 3.39
N ARG A 74 9.01 -4.33 4.14
CA ARG A 74 9.20 -5.67 3.58
C ARG A 74 7.87 -6.26 3.08
N LYS A 75 6.92 -6.45 4.02
CA LYS A 75 5.52 -6.80 3.80
C LYS A 75 5.30 -8.28 3.47
N MET A 76 4.34 -8.91 4.16
CA MET A 76 3.82 -10.28 4.01
C MET A 76 4.73 -11.30 4.71
N LYS A 77 4.34 -11.74 5.92
CA LYS A 77 5.01 -12.72 6.78
C LYS A 77 6.22 -12.09 7.49
N ASP A 78 6.22 -12.08 8.83
CA ASP A 78 7.21 -11.42 9.67
C ASP A 78 8.52 -12.23 9.83
N THR A 79 9.02 -12.80 8.73
CA THR A 79 10.36 -13.39 8.59
C THR A 79 10.88 -13.05 7.19
N ASP A 80 10.53 -13.87 6.18
CA ASP A 80 10.82 -13.65 4.76
C ASP A 80 9.62 -12.93 4.15
N SER A 81 9.81 -11.65 3.80
CA SER A 81 8.78 -10.71 3.36
C SER A 81 9.23 -9.98 2.09
N GLU A 82 10.45 -9.44 2.08
CA GLU A 82 11.06 -8.88 0.88
C GLU A 82 11.06 -9.90 -0.28
N GLU A 83 11.28 -11.18 0.02
CA GLU A 83 11.16 -12.30 -0.91
C GLU A 83 9.77 -12.33 -1.57
N GLU A 84 8.69 -12.32 -0.77
CA GLU A 84 7.31 -12.37 -1.27
C GLU A 84 7.01 -11.27 -2.29
N ILE A 85 7.49 -10.04 -2.02
CA ILE A 85 7.32 -8.88 -2.90
C ILE A 85 8.19 -8.99 -4.16
N ARG A 86 9.38 -9.61 -4.10
CA ARG A 86 10.18 -9.96 -5.28
C ARG A 86 9.48 -11.00 -6.16
N GLU A 87 8.89 -12.06 -5.59
CA GLU A 87 8.03 -12.99 -6.33
C GLU A 87 6.95 -12.21 -7.09
N ALA A 88 6.22 -11.32 -6.39
CA ALA A 88 5.19 -10.46 -6.96
C ALA A 88 5.70 -9.52 -8.08
N PHE A 89 6.95 -9.02 -7.99
CA PHE A 89 7.56 -8.19 -9.03
C PHE A 89 7.74 -8.99 -10.33
N ARG A 90 8.31 -10.20 -10.27
CA ARG A 90 8.49 -11.06 -11.44
C ARG A 90 7.17 -11.37 -12.16
N VAL A 91 6.05 -11.50 -11.41
CA VAL A 91 4.70 -11.62 -11.97
C VAL A 91 4.28 -10.32 -12.66
N PHE A 92 4.37 -9.17 -11.94
CA PHE A 92 3.93 -7.86 -12.41
C PHE A 92 4.86 -7.37 -13.54
N ASP A 93 6.02 -6.82 -13.16
CA ASP A 93 7.05 -6.33 -14.06
C ASP A 93 7.79 -7.51 -14.69
N LYS A 94 7.89 -7.51 -16.03
CA LYS A 94 8.42 -8.62 -16.82
C LYS A 94 9.93 -8.80 -16.59
N ASP A 95 10.69 -7.71 -16.45
CA ASP A 95 12.13 -7.73 -16.15
C ASP A 95 12.36 -8.19 -14.70
N GLY A 96 11.81 -7.45 -13.73
CA GLY A 96 12.00 -7.68 -12.30
C GLY A 96 13.42 -7.31 -11.88
N ASN A 97 13.77 -6.03 -12.03
CA ASN A 97 15.09 -5.46 -11.75
C ASN A 97 14.98 -4.30 -10.74
N GLY A 98 14.15 -4.47 -9.69
CA GLY A 98 13.86 -3.44 -8.69
C GLY A 98 12.88 -2.41 -9.25
N TYR A 99 13.33 -1.64 -10.25
CA TYR A 99 12.57 -0.71 -11.06
C TYR A 99 11.32 -1.38 -11.65
N ILE A 100 10.14 -0.78 -11.45
CA ILE A 100 8.86 -1.20 -12.03
C ILE A 100 8.47 -0.16 -13.08
N SER A 101 8.63 -0.50 -14.36
CA SER A 101 8.26 0.36 -15.50
C SER A 101 6.73 0.45 -15.64
N ALA A 102 6.26 1.63 -16.05
CA ALA A 102 4.85 1.96 -16.29
C ALA A 102 4.22 1.06 -17.37
N ALA A 103 4.92 0.87 -18.51
CA ALA A 103 4.50 0.00 -19.60
C ALA A 103 4.32 -1.46 -19.14
N GLU A 104 5.25 -1.96 -18.32
CA GLU A 104 5.22 -3.29 -17.72
C GLU A 104 4.14 -3.44 -16.62
N LEU A 105 3.67 -2.33 -16.01
CA LEU A 105 2.56 -2.33 -15.06
C LEU A 105 1.22 -2.52 -15.79
N ARG A 106 0.90 -1.63 -16.74
CA ARG A 106 -0.34 -1.67 -17.52
C ARG A 106 -0.58 -2.99 -18.29
N HIS A 107 0.47 -3.79 -18.54
CA HIS A 107 0.34 -5.17 -19.02
C HIS A 107 -0.43 -6.02 -18.00
N VAL A 108 0.12 -6.21 -16.79
CA VAL A 108 -0.47 -7.07 -15.75
C VAL A 108 -1.89 -6.62 -15.34
N MET A 109 -2.21 -5.31 -15.41
CA MET A 109 -3.57 -4.81 -15.23
C MET A 109 -4.52 -5.44 -16.25
N THR A 110 -4.12 -5.45 -17.54
CA THR A 110 -4.90 -6.00 -18.65
C THR A 110 -4.99 -7.54 -18.61
N ASN A 111 -3.96 -8.25 -18.09
CA ASN A 111 -3.94 -9.72 -17.98
C ASN A 111 -5.11 -10.28 -17.16
N LEU A 112 -5.62 -9.55 -16.15
CA LEU A 112 -6.86 -9.88 -15.43
C LEU A 112 -8.08 -9.81 -16.36
N GLY A 113 -8.14 -8.78 -17.22
CA GLY A 113 -9.27 -8.43 -18.08
C GLY A 113 -9.99 -7.21 -17.50
N GLU A 114 -9.23 -6.16 -17.18
CA GLU A 114 -9.70 -4.93 -16.56
C GLU A 114 -8.98 -3.76 -17.27
N LYS A 115 -9.51 -3.40 -18.45
CA LYS A 115 -8.95 -2.38 -19.34
C LYS A 115 -9.42 -0.98 -18.89
N LEU A 116 -8.85 -0.51 -17.77
CA LEU A 116 -9.03 0.84 -17.26
C LEU A 116 -7.89 1.74 -17.79
N THR A 117 -8.09 3.06 -17.68
CA THR A 117 -7.16 4.11 -18.15
C THR A 117 -5.76 3.93 -17.55
N ASP A 118 -4.73 3.97 -18.41
CA ASP A 118 -3.32 3.88 -18.06
C ASP A 118 -2.78 5.14 -17.37
N GLU A 119 -3.39 6.32 -17.63
CA GLU A 119 -3.07 7.57 -16.93
C GLU A 119 -3.31 7.49 -15.41
N GLU A 120 -4.20 6.61 -14.94
CA GLU A 120 -4.43 6.34 -13.53
C GLU A 120 -3.18 5.72 -12.89
N VAL A 121 -2.56 4.73 -13.55
CA VAL A 121 -1.29 4.13 -13.17
C VAL A 121 -0.20 5.21 -13.05
N ASP A 122 -0.08 6.08 -14.07
CA ASP A 122 0.91 7.16 -14.10
C ASP A 122 0.72 8.18 -12.96
N GLU A 123 -0.53 8.53 -12.60
CA GLU A 123 -0.87 9.42 -11.50
C GLU A 123 -0.23 8.97 -10.17
N MET A 124 -0.51 7.72 -9.77
CA MET A 124 0.04 7.03 -8.59
C MET A 124 1.56 7.22 -8.48
N ILE A 125 2.27 6.92 -9.58
CA ILE A 125 3.72 7.00 -9.70
C ILE A 125 4.16 8.45 -9.48
N ARG A 126 3.72 9.37 -10.34
CA ARG A 126 4.10 10.78 -10.37
C ARG A 126 3.84 11.53 -9.04
N GLU A 127 2.80 11.14 -8.28
CA GLU A 127 2.54 11.63 -6.92
C GLU A 127 3.73 11.40 -5.98
N ALA A 128 4.42 10.25 -6.10
CA ALA A 128 5.63 9.92 -5.32
C ALA A 128 6.65 9.16 -6.18
N ASP A 129 7.31 9.87 -7.10
CA ASP A 129 8.44 9.41 -7.91
C ASP A 129 9.58 10.41 -7.72
N ILE A 130 10.60 10.02 -6.94
CA ILE A 130 11.70 10.87 -6.50
C ILE A 130 12.74 11.05 -7.63
N ASP A 131 13.28 9.94 -8.17
CA ASP A 131 14.29 9.95 -9.23
C ASP A 131 13.74 10.60 -10.51
N GLY A 132 12.66 10.03 -11.06
CA GLY A 132 12.01 10.51 -12.28
C GLY A 132 12.73 9.97 -13.52
N ASP A 133 12.36 8.77 -13.96
CA ASP A 133 12.83 8.14 -15.19
C ASP A 133 11.78 7.20 -15.81
N GLY A 134 10.49 7.45 -15.55
CA GLY A 134 9.36 6.64 -16.00
C GLY A 134 9.34 5.23 -15.40
N GLN A 135 9.75 5.10 -14.13
CA GLN A 135 9.78 3.82 -13.39
C GLN A 135 9.50 4.06 -11.89
N VAL A 136 9.55 2.98 -11.10
CA VAL A 136 9.38 2.98 -9.65
C VAL A 136 10.49 2.11 -9.05
N ASN A 137 11.57 2.74 -8.58
CA ASN A 137 12.68 2.10 -7.86
C ASN A 137 12.20 1.43 -6.55
N TYR A 138 13.07 0.68 -5.87
CA TYR A 138 12.83 0.16 -4.51
C TYR A 138 12.52 1.31 -3.54
N GLU A 139 13.37 2.36 -3.53
CA GLU A 139 13.20 3.57 -2.72
C GLU A 139 12.01 4.45 -3.16
N GLU A 140 11.19 4.01 -4.12
CA GLU A 140 9.94 4.63 -4.55
C GLU A 140 8.75 3.68 -4.29
N PHE A 141 8.96 2.35 -4.45
CA PHE A 141 7.95 1.32 -4.28
C PHE A 141 7.57 1.19 -2.80
N VAL A 142 8.57 1.23 -1.90
CA VAL A 142 8.36 1.37 -0.47
C VAL A 142 7.73 2.74 -0.17
N GLN A 143 8.33 3.83 -0.66
CA GLN A 143 8.04 5.19 -0.21
C GLN A 143 6.66 5.72 -0.65
N MET A 144 6.11 5.27 -1.79
CA MET A 144 4.76 5.61 -2.24
C MET A 144 3.68 4.99 -1.34
N MET A 145 3.93 3.77 -0.83
CA MET A 145 3.11 3.09 0.16
C MET A 145 3.35 3.63 1.58
N THR A 146 4.57 4.12 1.86
CA THR A 146 5.00 4.70 3.14
C THR A 146 5.20 6.21 2.94
N ALA A 147 4.18 6.90 2.41
CA ALA A 147 4.25 8.31 2.06
C ALA A 147 4.05 9.16 3.31
N LYS A 148 5.13 9.86 3.73
CA LYS A 148 5.29 10.53 5.01
C LYS A 148 5.43 9.49 6.13
N GLY B 1 -6.82 -21.66 -14.60
CA GLY B 1 -7.90 -22.40 -13.94
C GLY B 1 -8.70 -21.54 -12.97
N SER B 2 -8.10 -21.22 -11.81
CA SER B 2 -8.70 -20.41 -10.75
C SER B 2 -7.62 -19.69 -9.94
N HIS B 3 -8.02 -18.60 -9.27
CA HIS B 3 -7.14 -17.68 -8.54
C HIS B 3 -6.98 -18.17 -7.10
N LYS B 4 -5.80 -18.70 -6.77
CA LYS B 4 -5.40 -19.09 -5.41
C LYS B 4 -5.08 -17.82 -4.60
N LYS B 5 -5.45 -17.80 -3.31
CA LYS B 5 -5.35 -16.64 -2.43
C LYS B 5 -3.90 -16.50 -1.93
N THR B 6 -3.06 -15.86 -2.75
CA THR B 6 -1.62 -15.68 -2.55
C THR B 6 -1.28 -14.19 -2.38
N ASP B 7 0.00 -13.91 -2.08
CA ASP B 7 0.57 -12.55 -2.00
C ASP B 7 0.22 -11.75 -3.26
N SER B 8 0.52 -12.31 -4.44
CA SER B 8 0.14 -11.78 -5.75
C SER B 8 -1.35 -11.42 -5.82
N GLU B 9 -2.25 -12.37 -5.50
CA GLU B 9 -3.71 -12.19 -5.58
C GLU B 9 -4.17 -11.01 -4.70
N VAL B 10 -3.73 -10.98 -3.43
CA VAL B 10 -4.02 -9.91 -2.48
C VAL B 10 -3.65 -8.54 -3.06
N GLN B 11 -2.41 -8.36 -3.55
CA GLN B 11 -1.96 -7.09 -4.11
C GLN B 11 -2.47 -6.82 -5.54
N LEU B 12 -3.04 -7.81 -6.25
CA LEU B 12 -3.81 -7.61 -7.49
C LEU B 12 -5.17 -6.94 -7.20
N GLU B 13 -5.75 -7.14 -6.00
CA GLU B 13 -6.94 -6.44 -5.53
C GLU B 13 -6.59 -5.02 -5.05
N MET B 14 -5.46 -4.87 -4.33
CA MET B 14 -4.91 -3.58 -3.89
C MET B 14 -4.75 -2.63 -5.08
N ILE B 15 -3.88 -3.01 -6.03
CA ILE B 15 -3.48 -2.20 -7.18
C ILE B 15 -4.67 -1.79 -8.06
N THR B 16 -5.67 -2.68 -8.22
CA THR B 16 -6.93 -2.39 -8.90
C THR B 16 -7.74 -1.34 -8.13
N ALA B 17 -7.98 -1.59 -6.83
CA ALA B 17 -8.68 -0.69 -5.91
C ALA B 17 -7.99 0.68 -5.75
N TRP B 18 -6.68 0.75 -6.04
CA TRP B 18 -5.85 1.96 -5.96
C TRP B 18 -6.37 3.02 -6.95
N LYS B 19 -6.70 2.62 -8.19
CA LYS B 19 -7.38 3.45 -9.18
C LYS B 19 -8.72 4.01 -8.64
N LYS B 20 -9.49 3.20 -7.90
CA LYS B 20 -10.80 3.59 -7.37
C LYS B 20 -10.74 4.84 -6.46
N PHE B 21 -9.59 5.09 -5.80
CA PHE B 21 -9.34 6.33 -5.07
C PHE B 21 -8.90 7.44 -6.04
N VAL B 22 -7.87 7.16 -6.86
CA VAL B 22 -7.16 8.13 -7.70
C VAL B 22 -8.09 8.78 -8.73
N GLU B 23 -8.79 7.96 -9.53
CA GLU B 23 -9.76 8.35 -10.55
C GLU B 23 -10.83 9.28 -9.96
N GLU B 24 -11.52 8.82 -8.90
CA GLU B 24 -12.53 9.55 -8.16
C GLU B 24 -12.04 10.94 -7.71
N LYS B 25 -10.92 11.00 -6.97
CA LYS B 25 -10.34 12.21 -6.40
C LYS B 25 -9.94 13.23 -7.48
N LYS B 26 -9.22 12.78 -8.52
CA LYS B 26 -8.75 13.58 -9.65
C LYS B 26 -9.91 14.30 -10.35
N LYS B 27 -11.08 13.64 -10.48
CA LYS B 27 -12.33 14.30 -10.85
C LYS B 27 -12.93 14.97 -9.60
N LYS B 28 -12.37 16.15 -9.24
CA LYS B 28 -12.75 16.95 -8.08
C LYS B 28 -14.10 17.63 -8.37
N GLY C 1 -9.39 26.72 -0.42
CA GLY C 1 -8.53 26.44 -1.58
C GLY C 1 -7.47 25.38 -1.30
N SER C 2 -6.95 24.75 -2.37
CA SER C 2 -5.87 23.76 -2.29
C SER C 2 -5.18 23.60 -3.66
N HIS C 3 -3.88 23.31 -3.63
CA HIS C 3 -3.05 22.98 -4.78
C HIS C 3 -1.98 21.94 -4.38
N LYS C 4 -1.21 22.23 -3.33
CA LYS C 4 -0.08 21.41 -2.88
C LYS C 4 -0.58 20.12 -2.20
N LYS C 5 -0.17 18.97 -2.76
CA LYS C 5 -0.46 17.63 -2.22
C LYS C 5 0.49 17.32 -1.05
N THR C 6 -0.06 16.92 0.11
CA THR C 6 0.70 16.38 1.23
C THR C 6 0.82 14.85 1.08
N ASP C 7 1.99 14.30 1.45
CA ASP C 7 2.31 12.88 1.37
C ASP C 7 1.47 12.02 2.33
N SER C 8 0.93 12.61 3.41
CA SER C 8 0.01 11.97 4.33
C SER C 8 -1.27 11.48 3.62
N GLU C 9 -1.82 12.29 2.71
CA GLU C 9 -2.97 11.95 1.88
C GLU C 9 -2.70 10.72 1.01
N VAL C 10 -1.53 10.65 0.34
CA VAL C 10 -1.14 9.53 -0.52
C VAL C 10 -1.25 8.19 0.22
N GLN C 11 -0.65 8.07 1.42
CA GLN C 11 -0.71 6.86 2.25
C GLN C 11 -2.13 6.61 2.79
N LEU C 12 -2.81 7.64 3.31
CA LEU C 12 -4.16 7.54 3.88
C LEU C 12 -5.17 7.00 2.86
N GLU C 13 -5.16 7.54 1.64
CA GLU C 13 -6.02 7.12 0.53
C GLU C 13 -5.61 5.76 -0.05
N MET C 14 -4.35 5.34 0.13
CA MET C 14 -3.88 4.00 -0.21
C MET C 14 -4.39 2.97 0.82
N ILE C 15 -4.46 3.35 2.11
CA ILE C 15 -5.16 2.59 3.16
C ILE C 15 -6.67 2.54 2.88
N THR C 16 -7.29 3.62 2.35
CA THR C 16 -8.68 3.60 1.89
C THR C 16 -8.87 2.54 0.79
N ALA C 17 -7.95 2.48 -0.18
CA ALA C 17 -7.95 1.48 -1.26
C ALA C 17 -7.89 0.04 -0.73
N TRP C 18 -7.37 -0.20 0.50
CA TRP C 18 -7.42 -1.50 1.15
C TRP C 18 -8.86 -1.86 1.56
N LYS C 19 -9.56 -0.94 2.26
CA LYS C 19 -10.97 -1.09 2.62
C LYS C 19 -11.80 -1.41 1.37
N LYS C 20 -11.56 -0.65 0.29
CA LYS C 20 -12.19 -0.82 -1.02
C LYS C 20 -11.86 -2.20 -1.63
N PHE C 21 -10.63 -2.72 -1.46
CA PHE C 21 -10.25 -4.09 -1.85
C PHE C 21 -11.19 -5.10 -1.17
N VAL C 22 -11.27 -5.06 0.18
CA VAL C 22 -12.06 -6.01 0.96
C VAL C 22 -13.54 -5.94 0.54
N GLU C 23 -14.11 -4.73 0.42
CA GLU C 23 -15.51 -4.49 0.05
C GLU C 23 -15.96 -5.31 -1.17
N GLU C 24 -15.12 -5.40 -2.21
CA GLU C 24 -15.37 -6.22 -3.40
C GLU C 24 -15.32 -7.72 -3.07
N LYS C 25 -14.19 -8.19 -2.53
CA LYS C 25 -13.90 -9.62 -2.30
C LYS C 25 -14.75 -10.26 -1.19
N LYS C 26 -15.31 -9.45 -0.27
CA LYS C 26 -16.19 -9.84 0.84
C LYS C 26 -17.38 -10.71 0.34
N LYS C 27 -18.06 -10.25 -0.72
CA LYS C 27 -19.07 -11.03 -1.45
C LYS C 27 -18.41 -12.25 -2.13
N LYS C 28 -19.14 -13.38 -2.19
CA LYS C 28 -18.68 -14.62 -2.81
C LYS C 28 -18.60 -14.44 -4.34
CA CA D . -1.46 4.64 18.72
CA CA E . -0.13 -8.08 17.17
CA CA F . 11.47 -2.06 -15.23
CA CA G . 11.76 6.80 -11.21
N ALA A 1 24.31 -2.76 15.97
CA ALA A 1 24.60 -1.93 14.79
C ALA A 1 25.95 -1.21 14.91
N ASP A 2 26.65 -1.06 13.78
CA ASP A 2 27.92 -0.36 13.63
C ASP A 2 27.80 0.65 12.48
N GLN A 3 27.33 0.19 11.31
CA GLN A 3 27.08 0.98 10.11
C GLN A 3 25.67 1.62 10.14
N LEU A 4 25.40 2.48 9.16
CA LEU A 4 24.12 3.15 8.89
C LEU A 4 23.80 4.22 9.96
N THR A 5 23.84 5.50 9.56
CA THR A 5 23.63 6.67 10.42
C THR A 5 22.22 6.70 11.05
N GLU A 6 22.09 7.46 12.14
CA GLU A 6 20.90 7.55 12.98
C GLU A 6 19.74 8.38 12.36
N GLU A 7 19.85 8.83 11.10
CA GLU A 7 18.78 9.49 10.37
C GLU A 7 17.66 8.49 10.05
N GLN A 8 18.03 7.33 9.46
CA GLN A 8 17.13 6.29 9.00
C GLN A 8 16.21 5.78 10.12
N ILE A 9 16.77 5.39 11.27
CA ILE A 9 16.03 4.90 12.42
C ILE A 9 15.05 5.95 12.97
N ALA A 10 15.46 7.24 13.02
CA ALA A 10 14.61 8.36 13.39
C ALA A 10 13.42 8.53 12.42
N GLU A 11 13.66 8.40 11.11
CA GLU A 11 12.64 8.49 10.06
C GLU A 11 11.63 7.34 10.13
N PHE A 12 12.08 6.09 10.37
CA PHE A 12 11.21 4.93 10.57
C PHE A 12 10.36 5.10 11.85
N LYS A 13 10.97 5.58 12.94
CA LYS A 13 10.30 5.89 14.19
C LYS A 13 9.17 6.91 13.97
N GLU A 14 9.48 8.01 13.27
CA GLU A 14 8.55 9.09 12.92
C GLU A 14 7.39 8.61 12.03
N ALA A 15 7.69 7.80 10.99
CA ALA A 15 6.71 7.27 10.05
C ALA A 15 5.57 6.54 10.77
N PHE A 16 5.91 5.65 11.71
CA PHE A 16 4.97 4.97 12.60
C PHE A 16 4.22 5.95 13.51
N SER A 17 4.96 6.86 14.17
CA SER A 17 4.47 7.83 15.16
C SER A 17 3.31 8.70 14.65
N LEU A 18 3.27 9.00 13.34
CA LEU A 18 2.20 9.79 12.72
C LEU A 18 0.83 9.14 12.96
N PHE A 19 0.70 7.87 12.58
CA PHE A 19 -0.50 7.05 12.73
C PHE A 19 -0.75 6.70 14.20
N ASP A 20 0.30 6.34 14.95
CA ASP A 20 0.25 6.04 16.37
C ASP A 20 0.36 7.35 17.17
N LYS A 21 -0.73 8.13 17.18
CA LYS A 21 -0.88 9.40 17.91
C LYS A 21 -0.78 9.20 19.43
N ASP A 22 -1.39 8.12 19.97
CA ASP A 22 -1.43 7.81 21.40
C ASP A 22 -0.03 7.77 22.01
N GLY A 23 0.87 6.96 21.45
CA GLY A 23 2.20 6.67 22.00
C GLY A 23 2.38 5.19 22.34
N ASP A 24 1.29 4.50 22.73
CA ASP A 24 1.26 3.09 23.15
C ASP A 24 1.96 2.12 22.18
N GLY A 25 1.90 2.39 20.88
CA GLY A 25 2.55 1.62 19.83
C GLY A 25 1.71 0.42 19.38
N THR A 26 0.41 0.63 19.14
CA THR A 26 -0.54 -0.37 18.66
C THR A 26 -1.66 0.35 17.89
N ILE A 27 -1.59 0.38 16.55
CA ILE A 27 -2.56 1.04 15.68
C ILE A 27 -3.75 0.10 15.46
N THR A 28 -4.67 0.03 16.45
CA THR A 28 -5.86 -0.82 16.43
C THR A 28 -6.88 -0.35 15.37
N THR A 29 -7.90 -1.19 15.16
CA THR A 29 -9.02 -0.95 14.24
C THR A 29 -9.76 0.36 14.54
N LYS A 30 -10.07 0.64 15.83
CA LYS A 30 -10.70 1.89 16.23
C LYS A 30 -9.93 3.12 15.69
N GLU A 31 -8.60 3.13 15.81
CA GLU A 31 -7.76 4.27 15.46
C GLU A 31 -7.88 4.65 13.97
N LEU A 32 -7.77 3.68 13.06
CA LEU A 32 -8.02 3.88 11.62
C LEU A 32 -9.42 4.47 11.37
N GLY A 33 -10.45 3.95 12.07
CA GLY A 33 -11.80 4.48 12.05
C GLY A 33 -11.84 5.96 12.42
N THR A 34 -11.26 6.32 13.58
CA THR A 34 -11.21 7.66 14.16
C THR A 34 -10.55 8.67 13.22
N VAL A 35 -9.36 8.34 12.67
CA VAL A 35 -8.62 9.17 11.71
C VAL A 35 -9.53 9.54 10.53
N MET A 36 -10.15 8.53 9.89
CA MET A 36 -11.11 8.71 8.80
C MET A 36 -12.32 9.56 9.22
N ARG A 37 -12.90 9.31 10.41
CA ARG A 37 -14.09 10.00 10.91
C ARG A 37 -13.84 11.50 11.12
N SER A 38 -12.70 11.86 11.75
CA SER A 38 -12.25 13.24 11.96
C SER A 38 -12.23 14.03 10.64
N LEU A 39 -11.55 13.49 9.61
CA LEU A 39 -11.50 14.06 8.26
C LEU A 39 -12.93 14.19 7.68
N GLY A 40 -13.62 13.06 7.49
CA GLY A 40 -15.04 13.01 7.17
C GLY A 40 -15.42 11.79 6.33
N GLN A 41 -15.04 10.58 6.77
CA GLN A 41 -15.42 9.29 6.20
C GLN A 41 -15.69 8.30 7.34
N ASN A 42 -16.78 7.52 7.25
CA ASN A 42 -17.22 6.57 8.28
C ASN A 42 -17.08 5.13 7.76
N PRO A 43 -15.93 4.47 7.94
CA PRO A 43 -15.71 3.09 7.50
C PRO A 43 -16.35 2.09 8.47
N THR A 44 -16.67 0.89 7.98
CA THR A 44 -17.25 -0.22 8.74
C THR A 44 -16.13 -1.06 9.37
N GLU A 45 -16.22 -1.33 10.68
CA GLU A 45 -15.17 -1.95 11.48
C GLU A 45 -14.72 -3.33 10.96
N ALA A 46 -15.66 -4.17 10.49
CA ALA A 46 -15.41 -5.48 9.89
C ALA A 46 -14.29 -5.45 8.84
N GLU A 47 -14.29 -4.42 7.98
CA GLU A 47 -13.28 -4.22 6.95
C GLU A 47 -11.93 -3.82 7.57
N LEU A 48 -11.92 -2.85 8.51
CA LEU A 48 -10.70 -2.36 9.18
C LEU A 48 -9.80 -3.48 9.73
N GLN A 49 -10.40 -4.58 10.23
CA GLN A 49 -9.71 -5.77 10.71
C GLN A 49 -8.92 -6.46 9.59
N ASP A 50 -9.61 -6.85 8.51
CA ASP A 50 -9.04 -7.57 7.36
C ASP A 50 -8.01 -6.71 6.61
N MET A 51 -8.28 -5.41 6.47
CA MET A 51 -7.40 -4.37 5.93
C MET A 51 -5.99 -4.41 6.54
N ILE A 52 -5.88 -4.71 7.84
CA ILE A 52 -4.61 -4.90 8.55
C ILE A 52 -4.14 -6.36 8.38
N ASN A 53 -5.02 -7.32 8.71
CA ASN A 53 -4.70 -8.74 8.89
C ASN A 53 -4.38 -9.50 7.59
N GLU A 54 -4.57 -8.89 6.41
CA GLU A 54 -4.03 -9.37 5.14
C GLU A 54 -2.52 -9.68 5.21
N VAL A 55 -1.76 -8.86 5.94
CA VAL A 55 -0.32 -8.99 6.14
C VAL A 55 0.00 -9.69 7.47
N ASP A 56 -0.59 -9.20 8.58
CA ASP A 56 -0.28 -9.61 9.95
C ASP A 56 -0.32 -11.14 10.10
N ALA A 57 0.81 -11.75 10.48
CA ALA A 57 0.95 -13.20 10.67
C ALA A 57 0.03 -13.70 11.79
N ASP A 58 0.22 -13.19 13.02
CA ASP A 58 -0.55 -13.57 14.20
C ASP A 58 -1.99 -13.04 14.11
N GLY A 59 -2.16 -11.73 13.87
CA GLY A 59 -3.45 -11.09 13.56
C GLY A 59 -4.49 -11.20 14.69
N ASN A 60 -4.08 -10.96 15.95
CA ASN A 60 -5.01 -10.79 17.07
C ASN A 60 -5.85 -9.51 16.88
N GLY A 61 -5.19 -8.41 16.50
CA GLY A 61 -5.81 -7.12 16.20
C GLY A 61 -4.74 -6.05 16.01
N THR A 62 -4.02 -5.75 17.11
CA THR A 62 -2.96 -4.74 17.18
C THR A 62 -1.85 -5.00 16.15
N ILE A 63 -1.45 -3.96 15.41
CA ILE A 63 -0.29 -3.95 14.53
C ILE A 63 0.79 -3.10 15.22
N ASP A 64 1.76 -3.77 15.88
CA ASP A 64 2.77 -3.14 16.73
C ASP A 64 3.85 -2.42 15.90
N PHE A 65 4.94 -1.95 16.55
CA PHE A 65 6.01 -1.19 15.90
C PHE A 65 6.67 -1.99 14.76
N PRO A 66 7.22 -3.19 15.02
CA PRO A 66 7.85 -4.04 14.02
C PRO A 66 6.84 -4.48 12.94
N GLU A 67 5.61 -4.83 13.36
CA GLU A 67 4.55 -5.36 12.52
C GLU A 67 4.02 -4.31 11.52
N PHE A 68 3.93 -3.03 11.93
CA PHE A 68 3.58 -1.94 11.03
C PHE A 68 4.70 -1.76 10.00
N LEU A 69 5.96 -1.69 10.46
CA LEU A 69 7.15 -1.66 9.60
C LEU A 69 7.26 -2.87 8.67
N THR A 70 6.56 -3.99 8.93
CA THR A 70 6.41 -5.09 7.98
C THR A 70 5.54 -4.59 6.80
N MET A 71 4.27 -4.24 7.06
CA MET A 71 3.34 -3.67 6.07
C MET A 71 4.01 -2.58 5.20
N MET A 72 4.79 -1.69 5.82
CA MET A 72 5.51 -0.62 5.15
C MET A 72 6.61 -1.19 4.24
N ALA A 73 7.63 -1.85 4.83
CA ALA A 73 8.84 -2.28 4.15
C ALA A 73 8.74 -3.72 3.59
N ARG A 74 8.74 -4.74 4.47
CA ARG A 74 8.84 -6.14 4.08
C ARG A 74 7.56 -6.61 3.36
N LYS A 75 6.45 -6.68 4.10
CA LYS A 75 5.08 -6.93 3.65
C LYS A 75 4.79 -8.40 3.30
N MET A 76 3.59 -8.85 3.69
CA MET A 76 3.05 -10.20 3.60
C MET A 76 3.89 -11.21 4.41
N LYS A 77 3.31 -11.73 5.50
CA LYS A 77 3.95 -12.63 6.47
C LYS A 77 4.94 -11.85 7.35
N ASP A 78 5.34 -12.43 8.50
CA ASP A 78 6.27 -11.83 9.45
C ASP A 78 7.54 -12.69 9.62
N THR A 79 8.01 -13.32 8.51
CA THR A 79 9.25 -14.08 8.43
C THR A 79 9.88 -13.84 7.06
N ASP A 80 9.75 -14.80 6.12
CA ASP A 80 10.10 -14.65 4.72
C ASP A 80 9.03 -13.78 4.07
N SER A 81 9.41 -12.57 3.62
CA SER A 81 8.50 -11.46 3.35
C SER A 81 9.04 -10.57 2.23
N GLU A 82 10.35 -10.29 2.20
CA GLU A 82 11.04 -9.67 1.07
C GLU A 82 11.03 -10.62 -0.14
N GLU A 83 11.30 -11.91 0.09
CA GLU A 83 11.23 -12.99 -0.91
C GLU A 83 9.83 -13.12 -1.50
N GLU A 84 8.78 -12.98 -0.66
CA GLU A 84 7.38 -12.98 -1.09
C GLU A 84 7.15 -11.87 -2.12
N ILE A 85 7.37 -10.60 -1.75
CA ILE A 85 7.24 -9.44 -2.64
C ILE A 85 8.13 -9.57 -3.90
N ARG A 86 9.29 -10.22 -3.80
CA ARG A 86 10.17 -10.46 -4.95
C ARG A 86 9.53 -11.36 -6.02
N GLU A 87 8.73 -12.36 -5.61
CA GLU A 87 7.90 -13.17 -6.51
C GLU A 87 6.96 -12.26 -7.30
N ALA A 88 6.10 -11.50 -6.59
CA ALA A 88 5.15 -10.55 -7.17
C ALA A 88 5.79 -9.50 -8.08
N PHE A 89 7.04 -9.08 -7.78
CA PHE A 89 7.85 -8.20 -8.65
C PHE A 89 7.94 -8.78 -10.06
N ARG A 90 8.37 -10.05 -10.20
CA ARG A 90 8.53 -10.72 -11.50
C ARG A 90 7.18 -10.92 -12.21
N VAL A 91 6.11 -11.27 -11.47
CA VAL A 91 4.75 -11.39 -11.97
C VAL A 91 4.27 -10.06 -12.60
N PHE A 92 4.43 -8.94 -11.89
CA PHE A 92 4.00 -7.61 -12.31
C PHE A 92 4.97 -7.09 -13.40
N ASP A 93 6.19 -6.73 -12.99
CA ASP A 93 7.27 -6.21 -13.82
C ASP A 93 7.92 -7.36 -14.60
N LYS A 94 7.84 -7.31 -15.94
CA LYS A 94 8.22 -8.40 -16.84
C LYS A 94 9.74 -8.42 -17.08
N ASP A 95 10.51 -8.55 -16.00
CA ASP A 95 11.97 -8.48 -15.93
C ASP A 95 12.40 -8.66 -14.47
N GLY A 96 11.95 -7.77 -13.58
CA GLY A 96 12.29 -7.77 -12.17
C GLY A 96 13.74 -7.31 -11.96
N ASN A 97 14.01 -6.03 -12.23
CA ASN A 97 15.32 -5.38 -12.07
C ASN A 97 15.25 -4.17 -11.11
N GLY A 98 14.22 -4.10 -10.25
CA GLY A 98 13.95 -2.96 -9.38
C GLY A 98 13.68 -1.68 -10.18
N TYR A 99 12.73 -1.73 -11.14
CA TYR A 99 12.21 -0.59 -11.90
C TYR A 99 10.88 -1.01 -12.54
N ILE A 100 9.75 -0.53 -12.00
CA ILE A 100 8.40 -0.88 -12.44
C ILE A 100 7.88 0.27 -13.30
N SER A 101 8.01 0.16 -14.64
CA SER A 101 7.53 1.17 -15.59
C SER A 101 6.00 1.21 -15.64
N ALA A 102 5.44 2.33 -16.14
CA ALA A 102 4.01 2.51 -16.36
C ALA A 102 3.42 1.39 -17.24
N ALA A 103 4.04 1.14 -18.41
CA ALA A 103 3.64 0.09 -19.35
C ALA A 103 3.66 -1.31 -18.70
N GLU A 104 4.75 -1.64 -17.99
CA GLU A 104 4.94 -2.90 -17.27
C GLU A 104 3.90 -3.09 -16.15
N LEU A 105 3.45 -2.00 -15.51
CA LEU A 105 2.33 -1.98 -14.57
C LEU A 105 0.97 -2.12 -15.27
N ARG A 106 0.81 -1.62 -16.51
CA ARG A 106 -0.41 -1.76 -17.30
C ARG A 106 -0.65 -3.23 -17.71
N HIS A 107 0.41 -3.96 -18.09
CA HIS A 107 0.34 -5.37 -18.50
C HIS A 107 -0.41 -6.24 -17.49
N VAL A 108 -0.02 -6.21 -16.20
CA VAL A 108 -0.69 -6.98 -15.14
C VAL A 108 -2.17 -6.62 -14.96
N MET A 109 -2.57 -5.36 -15.20
CA MET A 109 -3.98 -4.94 -15.19
C MET A 109 -4.75 -5.61 -16.35
N THR A 110 -4.25 -5.41 -17.58
CA THR A 110 -4.85 -5.85 -18.85
C THR A 110 -4.90 -7.38 -18.99
N ASN A 111 -3.94 -8.11 -18.40
CA ASN A 111 -3.90 -9.57 -18.31
C ASN A 111 -5.26 -10.16 -17.88
N LEU A 112 -5.88 -9.58 -16.84
CA LEU A 112 -7.19 -9.94 -16.33
C LEU A 112 -8.28 -9.75 -17.39
N GLY A 113 -8.31 -8.55 -17.99
CA GLY A 113 -9.30 -8.12 -18.98
C GLY A 113 -9.94 -6.81 -18.50
N GLU A 114 -9.10 -5.79 -18.24
CA GLU A 114 -9.49 -4.51 -17.67
C GLU A 114 -8.91 -3.39 -18.55
N LYS A 115 -9.64 -3.05 -19.62
CA LYS A 115 -9.33 -1.94 -20.52
C LYS A 115 -9.86 -0.63 -19.91
N LEU A 116 -9.17 -0.17 -18.87
CA LEU A 116 -9.38 1.11 -18.18
C LEU A 116 -8.22 2.06 -18.53
N THR A 117 -8.50 3.38 -18.53
CA THR A 117 -7.53 4.42 -18.93
C THR A 117 -6.33 4.44 -17.96
N ASP A 118 -5.12 4.16 -18.48
CA ASP A 118 -3.88 4.02 -17.70
C ASP A 118 -3.35 5.35 -17.13
N GLU A 119 -3.92 6.51 -17.50
CA GLU A 119 -3.57 7.81 -16.95
C GLU A 119 -3.65 7.84 -15.42
N GLU A 120 -4.66 7.18 -14.82
CA GLU A 120 -4.75 6.95 -13.37
C GLU A 120 -3.44 6.38 -12.80
N VAL A 121 -2.90 5.31 -13.40
CA VAL A 121 -1.66 4.66 -12.99
C VAL A 121 -0.49 5.67 -12.97
N ASP A 122 -0.34 6.44 -14.05
CA ASP A 122 0.69 7.48 -14.21
C ASP A 122 0.63 8.54 -13.09
N GLU A 123 -0.57 9.00 -12.72
CA GLU A 123 -0.78 9.97 -11.65
C GLU A 123 -0.27 9.42 -10.31
N MET A 124 -0.79 8.25 -9.85
CA MET A 124 -0.42 7.66 -8.56
C MET A 124 1.03 7.14 -8.49
N ILE A 125 1.66 6.84 -9.62
CA ILE A 125 3.12 6.67 -9.71
C ILE A 125 3.77 8.02 -9.32
N ARG A 126 3.47 9.09 -10.08
CA ARG A 126 4.02 10.44 -9.90
C ARG A 126 3.71 11.09 -8.54
N GLU A 127 2.66 10.64 -7.82
CA GLU A 127 2.39 11.04 -6.44
C GLU A 127 3.54 10.69 -5.49
N ALA A 128 4.40 9.70 -5.84
CA ALA A 128 5.69 9.47 -5.19
C ALA A 128 6.65 8.75 -6.14
N ASP A 129 7.01 9.39 -7.27
CA ASP A 129 8.08 8.99 -8.17
C ASP A 129 9.26 9.94 -7.93
N ILE A 130 10.08 9.61 -6.92
CA ILE A 130 11.18 10.43 -6.41
C ILE A 130 12.27 10.63 -7.48
N ASP A 131 12.84 9.52 -7.99
CA ASP A 131 13.84 9.53 -9.05
C ASP A 131 13.31 10.24 -10.31
N GLY A 132 12.16 9.78 -10.83
CA GLY A 132 11.46 10.41 -11.94
C GLY A 132 12.11 10.08 -13.28
N ASP A 133 11.91 8.85 -13.76
CA ASP A 133 12.26 8.42 -15.12
C ASP A 133 11.23 7.41 -15.64
N GLY A 134 9.93 7.68 -15.42
CA GLY A 134 8.81 6.84 -15.83
C GLY A 134 8.70 5.50 -15.08
N GLN A 135 9.52 5.26 -14.04
CA GLN A 135 9.68 3.99 -13.35
C GLN A 135 9.47 4.17 -11.83
N VAL A 136 9.58 3.06 -11.07
CA VAL A 136 9.51 3.03 -9.62
C VAL A 136 10.57 2.04 -9.11
N ASN A 137 11.70 2.56 -8.62
CA ASN A 137 12.80 1.81 -8.03
C ASN A 137 12.37 1.21 -6.67
N TYR A 138 13.22 0.35 -6.09
CA TYR A 138 12.94 -0.41 -4.88
C TYR A 138 12.61 0.51 -3.70
N GLU A 139 13.46 1.51 -3.43
CA GLU A 139 13.24 2.56 -2.43
C GLU A 139 11.90 3.29 -2.66
N GLU A 140 11.63 3.71 -3.91
CA GLU A 140 10.44 4.47 -4.30
C GLU A 140 9.15 3.68 -4.01
N PHE A 141 9.14 2.39 -4.35
CA PHE A 141 8.03 1.46 -4.15
C PHE A 141 7.63 1.39 -2.67
N VAL A 142 8.61 1.16 -1.78
CA VAL A 142 8.41 1.12 -0.33
C VAL A 142 7.87 2.47 0.17
N GLN A 143 8.62 3.56 -0.09
CA GLN A 143 8.35 4.89 0.43
C GLN A 143 7.08 5.55 -0.13
N MET A 144 6.55 5.08 -1.27
CA MET A 144 5.25 5.46 -1.81
C MET A 144 4.11 4.87 -0.98
N MET A 145 4.23 3.60 -0.56
CA MET A 145 3.35 2.97 0.40
C MET A 145 3.54 3.54 1.83
N THR A 146 4.72 4.10 2.14
CA THR A 146 5.06 4.73 3.43
C THR A 146 5.16 6.25 3.22
N ALA A 147 4.13 6.89 2.64
CA ALA A 147 4.21 8.29 2.19
C ALA A 147 4.15 9.27 3.36
N LYS A 148 5.36 9.67 3.83
CA LYS A 148 5.62 10.90 4.57
C LYS A 148 6.58 11.78 3.74
N GLY B 1 -10.37 -28.36 -1.84
CA GLY B 1 -10.91 -27.83 -0.58
C GLY B 1 -10.42 -26.41 -0.28
N SER B 2 -9.19 -26.30 0.25
CA SER B 2 -8.52 -25.04 0.59
C SER B 2 -8.12 -24.25 -0.67
N HIS B 3 -7.76 -22.97 -0.48
CA HIS B 3 -7.30 -22.05 -1.53
C HIS B 3 -6.02 -21.31 -1.11
N LYS B 4 -5.28 -20.82 -2.12
CA LYS B 4 -3.97 -20.19 -1.99
C LYS B 4 -4.14 -18.67 -1.83
N LYS B 5 -3.42 -18.08 -0.86
CA LYS B 5 -3.42 -16.66 -0.57
C LYS B 5 -1.99 -16.12 -0.75
N THR B 6 -1.47 -16.23 -1.97
CA THR B 6 -0.16 -15.71 -2.37
C THR B 6 -0.12 -14.18 -2.28
N ASP B 7 1.03 -13.62 -1.91
CA ASP B 7 1.27 -12.18 -1.83
C ASP B 7 0.95 -11.46 -3.15
N SER B 8 1.24 -12.12 -4.29
CA SER B 8 0.90 -11.68 -5.64
C SER B 8 -0.60 -11.37 -5.78
N GLU B 9 -1.46 -12.30 -5.34
CA GLU B 9 -2.92 -12.17 -5.37
C GLU B 9 -3.40 -10.97 -4.54
N VAL B 10 -2.91 -10.86 -3.29
CA VAL B 10 -3.23 -9.77 -2.37
C VAL B 10 -2.90 -8.42 -3.01
N GLN B 11 -1.65 -8.22 -3.43
CA GLN B 11 -1.18 -6.99 -4.05
C GLN B 11 -1.85 -6.70 -5.41
N LEU B 12 -2.27 -7.75 -6.16
CA LEU B 12 -3.03 -7.62 -7.40
C LEU B 12 -4.41 -7.00 -7.15
N GLU B 13 -5.08 -7.37 -6.05
CA GLU B 13 -6.32 -6.73 -5.62
C GLU B 13 -6.06 -5.28 -5.15
N MET B 14 -5.03 -5.05 -4.30
CA MET B 14 -4.70 -3.74 -3.76
C MET B 14 -4.41 -2.72 -4.88
N ILE B 15 -3.56 -3.06 -5.85
CA ILE B 15 -3.12 -2.15 -6.93
C ILE B 15 -4.31 -1.70 -7.80
N THR B 16 -5.26 -2.61 -8.07
CA THR B 16 -6.51 -2.35 -8.80
C THR B 16 -7.42 -1.42 -7.98
N ALA B 17 -7.63 -1.74 -6.69
CA ALA B 17 -8.36 -0.93 -5.72
C ALA B 17 -7.73 0.46 -5.48
N TRP B 18 -6.43 0.60 -5.74
CA TRP B 18 -5.65 1.82 -5.62
C TRP B 18 -5.80 2.68 -6.89
N LYS B 19 -5.92 2.06 -8.08
CA LYS B 19 -6.28 2.74 -9.32
C LYS B 19 -7.67 3.40 -9.21
N LYS B 20 -8.66 2.66 -8.64
CA LYS B 20 -10.00 3.14 -8.34
C LYS B 20 -10.01 4.47 -7.57
N PHE B 21 -9.12 4.60 -6.56
CA PHE B 21 -9.03 5.81 -5.72
C PHE B 21 -8.74 7.06 -6.57
N VAL B 22 -7.78 6.96 -7.51
CA VAL B 22 -7.44 8.05 -8.43
C VAL B 22 -8.65 8.44 -9.29
N GLU B 23 -9.42 7.44 -9.75
CA GLU B 23 -10.67 7.62 -10.46
C GLU B 23 -11.67 8.46 -9.66
N GLU B 24 -11.85 8.21 -8.36
CA GLU B 24 -12.76 8.95 -7.48
C GLU B 24 -12.41 10.45 -7.45
N LYS B 25 -11.16 10.81 -7.11
CA LYS B 25 -10.68 12.19 -7.14
C LYS B 25 -10.70 12.82 -8.56
N LYS B 26 -10.67 12.00 -9.63
CA LYS B 26 -10.90 12.44 -11.02
C LYS B 26 -12.34 12.11 -11.44
N LYS B 27 -13.32 12.63 -10.69
CA LYS B 27 -14.75 12.70 -11.01
C LYS B 27 -15.30 14.03 -10.48
N LYS B 28 -16.22 14.65 -11.25
CA LYS B 28 -16.89 15.90 -10.93
C LYS B 28 -18.24 16.00 -11.64
N GLY C 1 -10.85 15.47 0.04
CA GLY C 1 -11.45 16.73 -0.41
C GLY C 1 -11.11 17.88 0.54
N SER C 2 -9.92 18.49 0.35
CA SER C 2 -9.40 19.59 1.14
C SER C 2 -8.58 20.54 0.25
N HIS C 3 -8.26 21.73 0.79
CA HIS C 3 -7.44 22.75 0.15
C HIS C 3 -5.93 22.49 0.29
N LYS C 4 -5.51 21.21 0.39
CA LYS C 4 -4.11 20.83 0.59
C LYS C 4 -3.91 19.36 0.19
N LYS C 5 -2.85 19.09 -0.58
CA LYS C 5 -2.44 17.75 -1.03
C LYS C 5 -1.09 17.43 -0.40
N THR C 6 -1.01 16.35 0.38
CA THR C 6 0.18 15.93 1.14
C THR C 6 0.53 14.46 0.89
N ASP C 7 1.74 14.06 1.31
CA ASP C 7 2.20 12.68 1.37
C ASP C 7 1.25 11.82 2.24
N SER C 8 0.92 12.32 3.44
CA SER C 8 -0.02 11.71 4.38
C SER C 8 -1.38 11.36 3.72
N GLU C 9 -1.91 12.26 2.88
CA GLU C 9 -3.15 12.07 2.12
C GLU C 9 -3.03 10.86 1.16
N VAL C 10 -1.91 10.73 0.44
CA VAL C 10 -1.64 9.62 -0.47
C VAL C 10 -1.61 8.28 0.29
N GLN C 11 -0.99 8.23 1.48
CA GLN C 11 -0.95 7.04 2.34
C GLN C 11 -2.35 6.67 2.86
N LEU C 12 -3.14 7.66 3.32
CA LEU C 12 -4.54 7.49 3.75
C LEU C 12 -5.38 6.82 2.65
N GLU C 13 -5.25 7.29 1.40
CA GLU C 13 -5.92 6.76 0.22
C GLU C 13 -5.46 5.33 -0.14
N MET C 14 -4.25 4.92 0.27
CA MET C 14 -3.74 3.56 0.09
C MET C 14 -4.30 2.59 1.16
N ILE C 15 -4.62 3.10 2.37
CA ILE C 15 -5.42 2.40 3.37
C ILE C 15 -6.86 2.23 2.86
N THR C 16 -7.47 3.30 2.32
CA THR C 16 -8.75 3.26 1.61
C THR C 16 -8.75 2.21 0.48
N ALA C 17 -7.64 2.06 -0.25
CA ALA C 17 -7.47 1.02 -1.27
C ALA C 17 -7.62 -0.39 -0.68
N TRP C 18 -7.10 -0.64 0.54
CA TRP C 18 -7.35 -1.87 1.27
C TRP C 18 -8.87 -2.08 1.49
N LYS C 19 -9.59 -1.03 1.92
CA LYS C 19 -11.04 -1.08 2.15
C LYS C 19 -11.79 -1.50 0.88
N LYS C 20 -11.54 -0.83 -0.25
CA LYS C 20 -12.03 -1.20 -1.57
C LYS C 20 -11.76 -2.69 -1.89
N PHE C 21 -10.53 -3.17 -1.64
CA PHE C 21 -10.10 -4.56 -1.83
C PHE C 21 -10.97 -5.54 -1.03
N VAL C 22 -11.09 -5.35 0.28
CA VAL C 22 -11.91 -6.20 1.15
C VAL C 22 -13.39 -6.19 0.72
N GLU C 23 -13.92 -5.02 0.32
CA GLU C 23 -15.28 -4.86 -0.22
C GLU C 23 -15.50 -5.54 -1.59
N GLU C 24 -14.49 -6.21 -2.18
CA GLU C 24 -14.64 -7.06 -3.37
C GLU C 24 -14.58 -8.53 -2.94
N LYS C 25 -13.51 -8.94 -2.26
CA LYS C 25 -13.24 -10.32 -1.87
C LYS C 25 -14.29 -10.86 -0.89
N LYS C 26 -14.59 -10.09 0.16
CA LYS C 26 -15.55 -10.44 1.21
C LYS C 26 -16.92 -9.81 0.91
N LYS C 27 -17.47 -10.09 -0.28
CA LYS C 27 -18.85 -9.77 -0.68
C LYS C 27 -19.81 -10.89 -0.24
N LYS C 28 -21.10 -10.56 -0.15
CA LYS C 28 -22.16 -11.43 0.34
C LYS C 28 -22.46 -12.52 -0.71
CA CA D . -2.54 3.80 19.24
CA CA E . -2.13 -8.78 15.46
CA CA F . 12.17 -1.12 -16.11
CA CA G . 11.82 6.36 -11.18
#